data_7LL2
#
_entry.id   7LL2
#
_cell.length_a   1.00
_cell.length_b   1.00
_cell.length_c   1.00
_cell.angle_alpha   90.00
_cell.angle_beta   90.00
_cell.angle_gamma   90.00
#
_symmetry.space_group_name_H-M   'P 1'
#
loop_
_entity.id
_entity.type
_entity.pdbx_description
1 polymer 'Envelope glycoprotein gp120'
2 polymer 'Envelope glycoprotein gp41'
3 polymer 'VRC33.01 Fab Heavy chain'
4 polymer 'VRC33.01 Fab Light chain'
5 branched beta-D-mannopyranose-(1-4)-2-acetamido-2-deoxy-beta-D-glucopyranose-(1-4)-2-acetamido-2-deoxy-beta-D-glucopyranose
6 branched 2-acetamido-2-deoxy-beta-D-glucopyranose-(1-4)-2-acetamido-2-deoxy-beta-D-glucopyranose
7 branched alpha-D-mannopyranose-(1-3)-[alpha-D-mannopyranose-(1-6)]beta-D-mannopyranose-(1-4)-2-acetamido-2-deoxy-beta-D-glucopyranose-(1-4)-2-acetamido-2-deoxy-beta-D-glucopyranose
8 branched alpha-D-mannopyranose-(1-3)-[alpha-D-mannopyranose-(1-6)]alpha-D-mannopyranose-(1-6)-[alpha-D-mannopyranose-(1-3)]beta-D-mannopyranose-(1-4)-2-acetamido-2-deoxy-beta-D-glucopyranose-(1-4)-2-acetamido-2-deoxy-beta-D-glucopyranose
9 non-polymer 2-acetamido-2-deoxy-beta-D-glucopyranose
#
loop_
_entity_poly.entity_id
_entity_poly.type
_entity_poly.pdbx_seq_one_letter_code
_entity_poly.pdbx_strand_id
1 'polypeptide(L)'
;AENLWVTVYYGVPVWKDAETTLFCASDAKAYETEKHNVWATHACVPTDPNPQEIHLENVTEEFNMWKNNMVEQMHTDIIS
LWDQSLKPCVKLTPLCVTLQCTNVTNNITDDMRGELKNCSFNMTTELRDKKQKVYSLFYRLDVVQINENQGNRSNNSNKE
YRLINCNTSACTQACPKVSFEPIPIHYCAPAGFAILKCKDKKFNGTGPCPSVSTVQCTHGIKPVVSTQLLLNGSLAEEEV
MIRSENITNNAKNILVQFNTPVQINCTRPNNNTRKSIRIGPGQAFYATGDIIGDIRQAHCNVSKATWNETLGKVVKQLRK
HFGNNTIIRFANSSGGDLEVTTHSFNCGGEFFYCNTSGLFNSTWISNTSVQGSNSTGSNDSITLPCRIKQIINMWQRIGQ
CMYAPPIQGVIRCVSNITGLILTRDGGSTNSTTETFRPGGGDMRDNWRSELYKYKVVKIEPLGVAPTRCKRRV
;
A,C,E
2 'polypeptide(L)'
;AVGIGAVFLGFLGAAGSTMGAASMTLTVQARNLLSGIVQQQSNLLRAIEAQQHLLKLTVWGIKQLQARVLAVERYLRDQQ
LLGIWGCSGKLICCTNVPWNSSWSNRNLSEIWDNMTWLQWDKEISNYTQIIYGLLEESQNQQEKNEQDLLALD
;
B,D,F
3 'polypeptide(L)'
;QVQLQQWGAGLLKPSETLSLTCALYGRSLNGNYWSWIRQSPGKGLEWIGEINHSGSTYFNPSFKSRVAMSVDTSKSQFSL
KLNSVTAADTGIYFCARGKRYSASYSNYFGVWGQGTQVTVSSASTKGPSVFPLAPSSKSTSGGTAALGCLVKDYFPEPVT
VSWNSGALTSGVHTFPAVLQSSGLYSLSSVVTVPSSSLGTQTYICNVNHKPSNTKVDKKVEPKSC
;
H,I,K
4 'polypeptide(L)'
;DIQMTQSPSTLSASVGDRVDITCRASQSISRWLAWYQQKPGKAPKVLIYEASLLANGVPSRFSGHFNGRESATDFTLTIS
SLQPDDVATYYCQHYMADPRFGQGTKLEIKRTVAAPSVFIFPPSDEQLKSGTASVVCLLNNFYPREAKVQWKVDNALQSG
NSQESVTEQDSKDSTYSLSSTLTLSKADYEKHKVYACEVTHQGLSSPVTKSFNRGEC
;
L,J,M
#
loop_
_chem_comp.id
_chem_comp.type
_chem_comp.name
_chem_comp.formula
BMA D-saccharide, beta linking beta-D-mannopyranose 'C6 H12 O6'
MAN D-saccharide, alpha linking alpha-D-mannopyranose 'C6 H12 O6'
NAG D-saccharide, beta linking 2-acetamido-2-deoxy-beta-D-glucopyranose 'C8 H15 N O6'
#
# COMPACT_ATOMS: atom_id res chain seq x y z
N ALA A 1 22.34 49.25 -49.31
CA ALA A 1 23.23 48.13 -48.92
C ALA A 1 22.44 46.98 -48.31
N GLU A 2 23.00 45.76 -48.34
CA GLU A 2 22.41 44.56 -47.74
C GLU A 2 22.58 44.55 -46.20
N ASN A 3 22.02 45.54 -45.52
CA ASN A 3 22.03 45.56 -44.06
C ASN A 3 21.27 44.35 -43.54
N LEU A 4 21.84 43.65 -42.57
CA LEU A 4 21.29 42.39 -42.06
C LEU A 4 20.62 42.61 -40.71
N TRP A 5 19.44 42.02 -40.58
CA TRP A 5 18.53 42.13 -39.45
C TRP A 5 18.17 40.75 -39.00
N VAL A 6 18.19 40.52 -37.69
CA VAL A 6 17.82 39.21 -37.18
C VAL A 6 16.35 38.98 -37.46
N THR A 7 15.98 37.79 -37.89
CA THR A 7 14.58 37.39 -38.08
C THR A 7 14.36 36.05 -37.43
N VAL A 8 13.22 35.87 -36.78
CA VAL A 8 12.89 34.65 -36.05
C VAL A 8 12.05 33.73 -36.92
N TYR A 9 12.30 32.44 -36.82
CA TYR A 9 11.51 31.39 -37.43
C TYR A 9 11.08 30.44 -36.33
N TYR A 10 9.83 30.00 -36.37
CA TYR A 10 9.28 29.03 -35.43
C TYR A 10 8.74 27.83 -36.19
N GLY A 11 8.85 26.64 -35.61
CA GLY A 11 8.67 25.39 -36.35
C GLY A 11 9.88 25.01 -37.22
N VAL A 12 11.07 25.49 -36.91
CA VAL A 12 12.30 25.15 -37.62
C VAL A 12 12.57 23.65 -37.50
N PRO A 13 12.96 22.93 -38.57
CA PRO A 13 13.36 21.53 -38.48
C PRO A 13 14.76 21.38 -37.87
N VAL A 14 14.85 21.33 -36.55
CA VAL A 14 16.12 21.07 -35.83
C VAL A 14 15.88 20.41 -34.48
N TRP A 15 16.83 19.62 -33.99
CA TRP A 15 16.71 18.82 -32.76
C TRP A 15 18.05 18.67 -32.04
N LYS A 16 18.00 18.18 -30.80
CA LYS A 16 19.16 17.84 -29.97
C LYS A 16 18.92 16.53 -29.22
N ASP A 17 19.97 15.84 -28.82
CA ASP A 17 19.85 14.58 -28.08
C ASP A 17 19.35 14.84 -26.65
N ALA A 18 18.50 13.96 -26.11
CA ALA A 18 17.94 14.16 -24.77
C ALA A 18 17.54 12.88 -24.06
N GLU A 19 17.49 12.93 -22.73
CA GLU A 19 16.80 11.96 -21.90
C GLU A 19 15.34 12.39 -21.72
N THR A 20 14.38 11.50 -21.98
CA THR A 20 12.95 11.77 -21.83
C THR A 20 12.20 10.50 -21.52
N THR A 21 11.09 10.56 -20.79
CA THR A 21 10.33 9.36 -20.45
C THR A 21 9.48 8.90 -21.63
N LEU A 22 9.87 7.81 -22.27
CA LEU A 22 9.01 7.13 -23.24
C LEU A 22 7.83 6.47 -22.54
N PHE A 23 6.77 6.17 -23.28
CA PHE A 23 5.59 5.46 -22.78
C PHE A 23 5.31 4.24 -23.65
N CYS A 24 4.79 3.17 -23.05
CA CYS A 24 4.48 1.96 -23.79
C CYS A 24 3.23 2.13 -24.64
N ALA A 25 3.10 1.34 -25.69
CA ALA A 25 1.82 1.02 -26.31
C ALA A 25 1.73 -0.48 -26.59
N SER A 26 0.56 -1.08 -26.41
CA SER A 26 0.36 -2.53 -26.44
C SER A 26 -0.61 -2.94 -27.54
N ASP A 27 -0.47 -4.13 -28.11
CA ASP A 27 -1.33 -4.60 -29.21
C ASP A 27 -2.83 -4.46 -28.88
N ALA A 28 -3.54 -3.67 -29.67
CA ALA A 28 -4.97 -3.43 -29.49
C ALA A 28 -5.84 -4.70 -29.52
N LYS A 29 -5.40 -5.79 -30.15
CA LYS A 29 -6.11 -7.09 -30.07
C LYS A 29 -5.87 -7.75 -28.70
N ALA A 30 -4.61 -7.95 -28.31
CA ALA A 30 -4.26 -8.47 -27.00
C ALA A 30 -4.84 -7.63 -25.84
N TYR A 31 -5.00 -6.32 -26.01
CA TYR A 31 -5.61 -5.41 -25.03
C TYR A 31 -6.97 -5.90 -24.51
N GLU A 32 -7.74 -6.62 -25.33
CA GLU A 32 -9.04 -7.18 -24.93
C GLU A 32 -8.95 -8.33 -23.92
N THR A 33 -7.76 -8.88 -23.67
CA THR A 33 -7.54 -9.90 -22.64
C THR A 33 -7.65 -9.34 -21.22
N GLU A 34 -7.94 -10.21 -20.26
CA GLU A 34 -8.23 -9.91 -18.86
C GLU A 34 -7.10 -9.16 -18.12
N LYS A 35 -7.47 -8.34 -17.13
CA LYS A 35 -6.58 -7.37 -16.44
C LYS A 35 -5.34 -8.02 -15.84
N HIS A 36 -4.22 -7.29 -15.89
CA HIS A 36 -2.91 -7.65 -15.30
C HIS A 36 -2.32 -9.00 -15.79
N ASN A 37 -2.90 -9.66 -16.79
CA ASN A 37 -2.59 -11.07 -17.09
C ASN A 37 -1.16 -11.38 -17.55
N VAL A 38 -0.40 -10.41 -18.08
CA VAL A 38 0.98 -10.61 -18.55
C VAL A 38 1.88 -9.42 -18.21
N TRP A 39 1.65 -8.30 -18.89
CA TRP A 39 2.49 -7.10 -18.92
C TRP A 39 1.61 -5.88 -19.25
N ALA A 40 0.78 -5.47 -18.28
CA ALA A 40 -0.12 -4.30 -18.41
C ALA A 40 -1.04 -4.34 -19.64
N THR A 41 -1.63 -5.50 -19.97
CA THR A 41 -2.48 -5.66 -21.17
C THR A 41 -3.60 -4.62 -21.26
N HIS A 42 -4.18 -4.31 -20.10
CA HIS A 42 -5.30 -3.41 -19.87
C HIS A 42 -4.84 -1.96 -19.63
N ALA A 43 -3.72 -1.78 -18.91
CA ALA A 43 -3.27 -0.46 -18.47
C ALA A 43 -2.34 0.25 -19.49
N CYS A 44 -1.59 -0.48 -20.31
CA CYS A 44 -0.79 0.11 -21.38
C CYS A 44 -1.67 0.49 -22.58
N VAL A 45 -1.66 1.77 -22.99
CA VAL A 45 -2.50 2.29 -24.10
C VAL A 45 -2.42 1.42 -25.37
N PRO A 46 -3.54 1.11 -26.04
CA PRO A 46 -3.54 0.27 -27.22
C PRO A 46 -2.88 0.94 -28.44
N THR A 47 -2.25 0.12 -29.29
CA THR A 47 -1.39 0.52 -30.41
C THR A 47 -1.99 1.52 -31.39
N ASP A 48 -1.18 2.48 -31.82
CA ASP A 48 -1.36 3.17 -33.09
C ASP A 48 -1.20 2.14 -34.24
N PRO A 49 -2.15 2.01 -35.17
CA PRO A 49 -2.13 0.96 -36.20
C PRO A 49 -0.95 1.02 -37.19
N ASN A 50 -0.17 2.09 -37.27
CA ASN A 50 0.99 2.18 -38.16
C ASN A 50 2.22 2.83 -37.50
N PRO A 51 3.45 2.33 -37.73
CA PRO A 51 4.66 3.13 -37.56
C PRO A 51 4.71 4.15 -38.71
N GLN A 52 4.40 5.41 -38.44
CA GLN A 52 4.23 6.44 -39.47
C GLN A 52 5.58 7.05 -39.88
N GLU A 53 6.53 6.22 -40.29
CA GLU A 53 7.89 6.69 -40.49
C GLU A 53 8.07 7.59 -41.73
N ILE A 54 9.01 8.53 -41.64
CA ILE A 54 9.42 9.41 -42.73
C ILE A 54 10.92 9.29 -42.93
N HIS A 55 11.38 8.90 -44.12
CA HIS A 55 12.82 8.88 -44.40
C HIS A 55 13.34 10.31 -44.44
N LEU A 56 14.33 10.62 -43.60
CA LEU A 56 14.94 11.94 -43.57
C LEU A 56 16.07 11.96 -44.58
N GLU A 57 15.88 12.61 -45.71
CA GLU A 57 16.90 12.68 -46.75
C GLU A 57 18.15 13.44 -46.28
N ASN A 58 19.30 13.12 -46.84
CA ASN A 58 20.61 13.77 -46.68
C ASN A 58 21.22 13.82 -45.28
N VAL A 59 20.44 13.65 -44.21
CA VAL A 59 20.95 13.76 -42.83
C VAL A 59 21.81 12.55 -42.45
N THR A 60 22.84 12.78 -41.64
CA THR A 60 23.71 11.77 -41.04
C THR A 60 23.77 11.99 -39.53
N GLU A 61 23.62 10.93 -38.75
CA GLU A 61 23.35 11.04 -37.31
C GLU A 61 24.21 10.05 -36.51
N GLU A 62 24.70 10.46 -35.34
CA GLU A 62 25.60 9.64 -34.52
C GLU A 62 24.80 8.74 -33.58
N PHE A 63 24.57 7.49 -33.98
CA PHE A 63 23.94 6.49 -33.12
C PHE A 63 24.98 5.82 -32.20
N ASN A 64 24.57 5.40 -31.01
CA ASN A 64 25.40 4.67 -30.07
C ASN A 64 24.54 3.74 -29.21
N MET A 65 24.68 2.43 -29.36
CA MET A 65 23.86 1.46 -28.61
C MET A 65 24.28 1.31 -27.15
N TRP A 66 25.58 1.34 -26.86
CA TRP A 66 26.10 1.06 -25.52
C TRP A 66 25.69 2.11 -24.51
N LYS A 67 25.66 3.38 -24.92
CA LYS A 67 25.21 4.52 -24.12
C LYS A 67 23.69 4.71 -24.11
N ASN A 68 22.90 3.87 -24.80
CA ASN A 68 21.51 4.19 -25.07
C ASN A 68 20.63 4.13 -23.82
N ASN A 69 20.28 5.29 -23.28
CA ASN A 69 19.44 5.43 -22.09
C ASN A 69 18.08 4.75 -22.22
N MET A 70 17.58 4.56 -23.45
CA MET A 70 16.31 3.90 -23.73
C MET A 70 16.23 2.49 -23.11
N VAL A 71 17.36 1.79 -23.01
CA VAL A 71 17.46 0.47 -22.37
C VAL A 71 17.14 0.53 -20.87
N GLU A 72 17.60 1.56 -20.16
CA GLU A 72 17.37 1.68 -18.72
C GLU A 72 15.90 1.85 -18.39
N GLN A 73 15.17 2.58 -19.23
CA GLN A 73 13.73 2.72 -19.09
C GLN A 73 13.07 1.35 -19.22
N MET A 74 13.47 0.57 -20.23
CA MET A 74 12.89 -0.76 -20.41
C MET A 74 13.18 -1.66 -19.23
N HIS A 75 14.43 -1.69 -18.76
CA HIS A 75 14.79 -2.50 -17.60
C HIS A 75 13.99 -2.11 -16.34
N THR A 76 13.89 -0.81 -16.08
CA THR A 76 13.18 -0.28 -14.92
C THR A 76 11.67 -0.53 -15.02
N ASP A 77 11.10 -0.38 -16.20
CA ASP A 77 9.69 -0.67 -16.44
C ASP A 77 9.41 -2.14 -16.18
N ILE A 78 10.22 -3.05 -16.73
CA ILE A 78 10.04 -4.48 -16.56
C ILE A 78 10.08 -4.86 -15.08
N ILE A 79 11.08 -4.40 -14.33
CA ILE A 79 11.16 -4.67 -12.89
C ILE A 79 9.90 -4.17 -12.19
N SER A 80 9.51 -2.93 -12.45
CA SER A 80 8.36 -2.33 -11.77
C SER A 80 7.09 -3.11 -12.09
N LEU A 81 6.87 -3.43 -13.35
CA LEU A 81 5.69 -4.13 -13.83
C LEU A 81 5.65 -5.57 -13.32
N TRP A 82 6.79 -6.23 -13.23
CA TRP A 82 6.92 -7.54 -12.63
C TRP A 82 6.44 -7.49 -11.18
N ASP A 83 7.00 -6.61 -10.35
CA ASP A 83 6.58 -6.50 -8.95
C ASP A 83 5.11 -6.16 -8.81
N GLN A 84 4.58 -5.24 -9.62
CA GLN A 84 3.15 -4.90 -9.60
C GLN A 84 2.26 -6.11 -9.91
N SER A 85 2.72 -7.07 -10.71
CA SER A 85 1.95 -8.28 -10.96
C SER A 85 1.90 -9.24 -9.76
N LEU A 86 2.89 -9.18 -8.86
CA LEU A 86 2.99 -10.11 -7.73
C LEU A 86 2.37 -9.61 -6.44
N LYS A 87 2.27 -8.29 -6.23
CA LYS A 87 1.64 -7.69 -5.04
C LYS A 87 0.30 -8.31 -4.59
N PRO A 88 -0.66 -8.64 -5.48
CA PRO A 88 -1.91 -9.27 -5.05
C PRO A 88 -1.79 -10.76 -4.67
N CYS A 89 -0.70 -11.45 -5.02
CA CYS A 89 -0.58 -12.89 -4.84
C CYS A 89 -0.16 -13.29 -3.42
N VAL A 90 -0.45 -14.53 -3.02
CA VAL A 90 -0.22 -15.01 -1.65
C VAL A 90 1.27 -15.05 -1.27
N LYS A 91 1.62 -14.40 -0.16
CA LYS A 91 2.93 -14.55 0.49
C LYS A 91 2.99 -15.91 1.17
N LEU A 92 3.97 -16.72 0.81
CA LEU A 92 3.99 -18.15 1.10
C LEU A 92 4.56 -18.49 2.49
N THR A 93 4.64 -17.52 3.40
CA THR A 93 5.33 -17.64 4.70
C THR A 93 4.95 -18.87 5.52
N PRO A 94 3.68 -19.29 5.63
CA PRO A 94 3.33 -20.45 6.43
C PRO A 94 3.97 -21.76 5.95
N LEU A 95 4.40 -21.83 4.70
CA LEU A 95 5.08 -23.01 4.14
C LEU A 95 6.50 -23.17 4.67
N CYS A 96 7.10 -22.15 5.27
CA CYS A 96 8.45 -22.21 5.80
C CYS A 96 8.50 -23.00 7.12
N VAL A 97 8.65 -24.32 7.04
CA VAL A 97 8.45 -25.29 8.13
C VAL A 97 9.40 -26.47 7.98
N THR A 98 9.68 -27.21 9.05
CA THR A 98 10.50 -28.43 8.96
C THR A 98 9.87 -29.49 8.05
N LEU A 99 10.62 -30.03 7.10
CA LEU A 99 10.19 -31.08 6.20
C LEU A 99 10.90 -32.40 6.53
N GLN A 100 10.18 -33.50 6.69
CA GLN A 100 10.80 -34.83 6.50
C GLN A 100 10.87 -35.11 5.00
N CYS A 101 11.89 -35.81 4.49
CA CYS A 101 11.95 -36.16 3.07
C CYS A 101 12.51 -37.55 2.78
N THR A 102 12.18 -38.08 1.60
CA THR A 102 12.65 -39.36 1.04
C THR A 102 12.84 -39.22 -0.47
N ASN A 103 13.63 -40.08 -1.12
CA ASN A 103 13.82 -40.01 -2.57
C ASN A 103 12.58 -40.53 -3.31
N VAL A 104 12.39 -40.08 -4.56
CA VAL A 104 11.18 -40.37 -5.35
C VAL A 104 10.99 -41.87 -5.64
N THR A 105 9.73 -42.29 -5.82
CA THR A 105 9.32 -43.71 -5.82
C THR A 105 9.64 -44.49 -7.11
N ASN A 106 8.97 -44.18 -8.22
CA ASN A 106 9.01 -44.99 -9.45
C ASN A 106 10.29 -44.76 -10.28
N ASN A 107 10.36 -45.35 -11.48
CA ASN A 107 11.63 -45.43 -12.20
C ASN A 107 12.22 -44.08 -12.61
N ILE A 108 13.55 -44.01 -12.52
CA ILE A 108 14.42 -42.86 -12.73
C ILE A 108 15.67 -43.30 -13.50
N THR A 109 16.29 -42.38 -14.23
CA THR A 109 17.43 -42.68 -15.11
C THR A 109 18.67 -43.13 -14.35
N ARG A 113 19.16 -41.61 -10.01
CA ARG A 113 19.58 -40.23 -9.74
C ARG A 113 18.51 -39.43 -9.00
N GLY A 114 18.74 -39.17 -7.72
CA GLY A 114 17.75 -38.68 -6.76
C GLY A 114 17.48 -37.18 -6.78
N GLU A 115 17.20 -36.59 -7.94
CA GLU A 115 16.91 -35.16 -8.03
C GLU A 115 15.55 -34.73 -7.45
N LEU A 116 14.57 -35.62 -7.40
CA LEU A 116 13.25 -35.30 -6.82
C LEU A 116 13.18 -35.83 -5.39
N LYS A 117 12.85 -34.95 -4.45
CA LYS A 117 12.58 -35.30 -3.06
C LYS A 117 11.08 -35.35 -2.85
N ASN A 118 10.61 -36.35 -2.13
CA ASN A 118 9.23 -36.48 -1.68
C ASN A 118 9.19 -36.13 -0.20
N CYS A 119 8.47 -35.07 0.16
CA CYS A 119 8.59 -34.43 1.46
C CYS A 119 7.25 -34.23 2.16
N SER A 120 7.23 -34.41 3.48
CA SER A 120 6.03 -34.43 4.31
C SER A 120 6.15 -33.45 5.47
N PHE A 121 5.07 -32.74 5.81
CA PHE A 121 5.10 -31.63 6.75
C PHE A 121 3.72 -31.32 7.34
N ASN A 122 3.65 -30.44 8.33
CA ASN A 122 2.40 -30.02 8.98
C ASN A 122 1.99 -28.63 8.51
N MET A 123 0.75 -28.48 8.04
CA MET A 123 0.27 -27.29 7.37
C MET A 123 -1.07 -26.83 7.95
N THR A 124 -1.29 -25.53 8.16
CA THR A 124 -2.56 -25.03 8.70
C THR A 124 -3.73 -25.31 7.76
N THR A 125 -4.89 -25.66 8.31
CA THR A 125 -6.15 -25.48 7.61
C THR A 125 -6.59 -24.01 7.72
N GLU A 126 -7.73 -23.64 7.17
CA GLU A 126 -8.27 -22.29 7.38
C GLU A 126 -8.60 -22.03 8.85
N LEU A 127 -9.11 -23.05 9.55
CA LEU A 127 -9.45 -22.95 10.96
C LEU A 127 -8.15 -22.85 11.76
N ARG A 128 -7.92 -21.71 12.43
CA ARG A 128 -6.64 -21.41 13.08
C ARG A 128 -6.14 -22.52 14.00
N ASP A 129 -7.05 -23.16 14.75
CA ASP A 129 -6.68 -24.17 15.74
C ASP A 129 -6.44 -25.58 15.13
N LYS A 130 -6.65 -25.78 13.82
CA LYS A 130 -6.56 -27.10 13.15
C LYS A 130 -5.48 -27.11 12.07
N LYS A 131 -4.61 -28.12 12.09
CA LYS A 131 -3.54 -28.30 11.10
C LYS A 131 -3.34 -29.78 10.73
N GLN A 132 -2.90 -30.01 9.50
CA GLN A 132 -2.97 -31.28 8.80
C GLN A 132 -1.58 -31.75 8.37
N LYS A 133 -1.31 -33.05 8.44
CA LYS A 133 -0.13 -33.63 7.80
C LYS A 133 -0.39 -33.74 6.31
N VAL A 134 0.62 -33.42 5.49
CA VAL A 134 0.49 -33.37 4.02
C VAL A 134 1.84 -33.61 3.36
N TYR A 135 1.88 -33.97 2.07
CA TYR A 135 3.13 -34.18 1.33
C TYR A 135 3.14 -33.54 -0.06
N SER A 136 4.34 -33.27 -0.57
CA SER A 136 4.60 -32.79 -1.92
C SER A 136 5.95 -33.29 -2.43
N LEU A 137 6.14 -33.38 -3.74
CA LEU A 137 7.47 -33.41 -4.32
C LEU A 137 8.11 -32.02 -4.31
N PHE A 138 9.45 -31.97 -4.33
CA PHE A 138 10.27 -30.79 -4.62
C PHE A 138 11.54 -31.22 -5.37
N TYR A 139 12.12 -30.35 -6.19
CA TYR A 139 13.42 -30.61 -6.79
C TYR A 139 14.52 -30.33 -5.77
N ARG A 140 15.65 -31.04 -5.84
CA ARG A 140 16.72 -30.88 -4.85
C ARG A 140 17.21 -29.44 -4.73
N LEU A 141 17.15 -28.66 -5.81
CA LEU A 141 17.55 -27.24 -5.81
C LEU A 141 16.62 -26.34 -4.98
N ASP A 142 15.38 -26.73 -4.70
CA ASP A 142 14.44 -25.96 -3.89
C ASP A 142 14.65 -26.16 -2.36
N VAL A 143 15.37 -27.22 -1.98
CA VAL A 143 15.47 -27.54 -0.52
C VAL A 143 16.93 -27.67 -0.08
N VAL A 144 17.17 -27.66 1.24
CA VAL A 144 18.55 -27.83 1.80
C VAL A 144 18.40 -28.67 3.08
N GLN A 145 19.44 -29.39 3.50
CA GLN A 145 19.31 -30.29 4.68
C GLN A 145 19.83 -29.60 5.94
N ILE A 146 19.01 -29.56 7.00
CA ILE A 146 19.44 -28.96 8.30
C ILE A 146 19.95 -30.07 9.22
N ASN A 147 19.99 -31.31 8.73
CA ASN A 147 20.44 -32.48 9.54
C ASN A 147 19.59 -32.57 10.82
N SER A 157 22.85 -36.09 8.87
CA SER A 157 22.46 -37.04 9.94
C SER A 157 20.98 -37.39 9.79
N ASN A 158 20.12 -36.83 10.65
CA ASN A 158 18.65 -37.08 10.57
C ASN A 158 18.13 -36.43 9.29
N LYS A 159 17.10 -37.01 8.68
CA LYS A 159 16.57 -36.49 7.39
C LYS A 159 15.61 -35.33 7.67
N GLU A 160 16.13 -34.21 8.16
CA GLU A 160 15.30 -33.01 8.44
C GLU A 160 15.67 -31.97 7.39
N TYR A 161 14.68 -31.34 6.75
CA TYR A 161 15.00 -30.42 5.63
C TYR A 161 14.15 -29.15 5.68
N ARG A 162 14.61 -28.08 5.03
CA ARG A 162 13.82 -26.85 4.89
C ARG A 162 13.84 -26.35 3.45
N LEU A 163 12.95 -25.45 3.09
CA LEU A 163 13.08 -24.72 1.83
C LEU A 163 14.34 -23.86 1.82
N ILE A 164 14.94 -23.65 0.65
CA ILE A 164 16.19 -22.92 0.51
C ILE A 164 16.09 -21.46 0.96
N ASN A 165 14.96 -20.79 0.70
CA ASN A 165 14.77 -19.37 1.01
C ASN A 165 14.47 -19.06 2.49
N CYS A 166 14.13 -20.03 3.32
CA CYS A 166 13.63 -19.79 4.68
C CYS A 166 14.56 -18.96 5.57
N ASN A 167 15.87 -18.96 5.34
CA ASN A 167 16.83 -18.18 6.11
C ASN A 167 17.15 -16.81 5.50
N THR A 168 16.37 -16.34 4.52
CA THR A 168 16.65 -15.08 3.83
C THR A 168 15.40 -14.29 3.42
N SER A 169 14.32 -14.91 2.94
CA SER A 169 13.03 -14.23 2.73
C SER A 169 11.88 -15.19 2.50
N ALA A 170 10.64 -14.72 2.63
CA ALA A 170 9.46 -15.48 2.24
C ALA A 170 9.05 -15.12 0.81
N CYS A 171 8.97 -16.10 -0.09
CA CYS A 171 8.63 -15.89 -1.49
C CYS A 171 7.11 -15.70 -1.67
N THR A 172 6.67 -14.92 -2.66
CA THR A 172 5.28 -14.97 -3.10
C THR A 172 5.07 -16.13 -4.05
N GLN A 173 3.97 -16.87 -3.93
CA GLN A 173 3.54 -17.74 -5.02
C GLN A 173 3.11 -16.87 -6.19
N ALA A 174 3.50 -17.19 -7.42
CA ALA A 174 2.95 -16.49 -8.59
C ALA A 174 1.47 -16.84 -8.79
N CYS A 175 0.61 -15.85 -9.03
CA CYS A 175 -0.81 -16.11 -9.29
C CYS A 175 -0.97 -16.92 -10.59
N PRO A 176 -1.60 -18.10 -10.58
CA PRO A 176 -1.51 -19.06 -11.69
C PRO A 176 -2.21 -18.62 -12.97
N LYS A 177 -3.17 -17.69 -12.90
CA LYS A 177 -3.81 -17.12 -14.10
C LYS A 177 -2.90 -16.18 -14.89
N VAL A 178 -1.90 -15.57 -14.25
CA VAL A 178 -0.93 -14.69 -14.90
C VAL A 178 0.04 -15.53 -15.73
N SER A 179 0.32 -15.12 -16.96
CA SER A 179 1.33 -15.74 -17.83
C SER A 179 2.54 -14.83 -17.97
N PHE A 180 3.74 -15.38 -17.91
CA PHE A 180 4.96 -14.62 -18.11
C PHE A 180 5.23 -14.29 -19.58
N GLU A 181 4.45 -14.83 -20.52
CA GLU A 181 4.76 -14.79 -21.95
C GLU A 181 5.03 -13.36 -22.46
N PRO A 182 6.13 -13.13 -23.17
CA PRO A 182 6.53 -11.79 -23.54
C PRO A 182 5.76 -11.30 -24.77
N ILE A 183 4.62 -10.65 -24.56
CA ILE A 183 3.91 -9.95 -25.63
C ILE A 183 4.75 -8.81 -26.20
N PRO A 184 4.60 -8.43 -27.48
CA PRO A 184 5.29 -7.27 -28.03
C PRO A 184 4.81 -5.97 -27.39
N ILE A 185 5.75 -5.17 -26.90
CA ILE A 185 5.55 -3.82 -26.38
C ILE A 185 6.15 -2.83 -27.36
N HIS A 186 5.40 -1.83 -27.79
CA HIS A 186 5.92 -0.69 -28.52
C HIS A 186 6.35 0.39 -27.52
N TYR A 187 7.43 1.11 -27.80
CA TYR A 187 7.82 2.31 -27.07
C TYR A 187 7.56 3.53 -27.93
N CYS A 188 6.95 4.58 -27.36
CA CYS A 188 6.53 5.78 -28.06
C CYS A 188 7.04 7.04 -27.34
N ALA A 189 7.30 8.10 -28.09
CA ALA A 189 7.84 9.36 -27.55
C ALA A 189 6.78 10.45 -27.42
N PRO A 190 6.74 11.20 -26.31
CA PRO A 190 5.75 12.25 -26.08
C PRO A 190 5.97 13.46 -26.99
N ALA A 191 4.96 14.32 -27.12
CA ALA A 191 5.01 15.46 -28.03
C ALA A 191 6.20 16.40 -27.73
N GLY A 192 6.86 16.90 -28.77
CA GLY A 192 8.11 17.66 -28.66
C GLY A 192 9.37 16.81 -28.67
N PHE A 193 9.24 15.48 -28.65
CA PHE A 193 10.33 14.53 -28.87
C PHE A 193 10.00 13.59 -30.03
N ALA A 194 11.02 13.03 -30.65
CA ALA A 194 10.88 12.09 -31.75
C ALA A 194 11.89 10.97 -31.65
N ILE A 195 11.52 9.77 -32.08
CA ILE A 195 12.46 8.66 -32.25
C ILE A 195 13.07 8.76 -33.66
N LEU A 196 14.36 8.45 -33.77
CA LEU A 196 15.04 8.22 -35.03
C LEU A 196 15.46 6.76 -35.10
N LYS A 197 15.21 6.10 -36.23
CA LYS A 197 15.68 4.76 -36.56
C LYS A 197 16.86 4.90 -37.50
N CYS A 198 17.99 4.27 -37.21
CA CYS A 198 19.02 4.05 -38.22
C CYS A 198 18.61 2.90 -39.14
N LYS A 199 18.49 3.16 -40.44
CA LYS A 199 18.04 2.17 -41.43
C LYS A 199 19.19 1.39 -42.09
N ASP A 200 20.44 1.83 -41.94
CA ASP A 200 21.60 1.21 -42.58
C ASP A 200 21.84 -0.25 -42.11
N LYS A 201 21.74 -1.21 -43.03
CA LYS A 201 21.91 -2.66 -42.76
C LYS A 201 23.29 -3.03 -42.20
N LYS A 202 24.31 -2.21 -42.46
CA LYS A 202 25.71 -2.43 -42.04
C LYS A 202 26.09 -1.69 -40.74
N PHE A 203 25.13 -1.10 -40.04
CA PHE A 203 25.41 -0.40 -38.79
C PHE A 203 25.90 -1.36 -37.70
N ASN A 204 27.05 -1.04 -37.10
CA ASN A 204 27.73 -1.88 -36.11
C ASN A 204 27.45 -1.48 -34.65
N GLY A 205 26.47 -0.59 -34.41
CA GLY A 205 26.09 -0.14 -33.06
C GLY A 205 26.77 1.14 -32.58
N THR A 206 27.72 1.74 -33.30
CA THR A 206 28.36 3.00 -32.88
C THR A 206 28.93 3.78 -34.06
N GLY A 207 28.40 4.96 -34.35
CA GLY A 207 28.94 5.85 -35.39
C GLY A 207 27.88 6.55 -36.26
N PRO A 208 28.31 7.22 -37.34
CA PRO A 208 27.44 7.97 -38.22
C PRO A 208 26.58 7.04 -39.08
N CYS A 209 25.28 6.94 -38.78
CA CYS A 209 24.32 6.28 -39.66
C CYS A 209 23.96 7.22 -40.82
N PRO A 210 24.11 6.82 -42.09
CA PRO A 210 23.90 7.68 -43.26
C PRO A 210 22.47 7.65 -43.82
N SER A 211 21.56 6.88 -43.22
CA SER A 211 20.17 6.74 -43.67
C SER A 211 19.27 6.59 -42.47
N VAL A 212 18.48 7.62 -42.19
CA VAL A 212 17.75 7.80 -40.94
C VAL A 212 16.27 7.95 -41.26
N SER A 213 15.38 7.42 -40.43
CA SER A 213 13.95 7.69 -40.54
C SER A 213 13.39 8.06 -39.20
N THR A 214 12.59 9.11 -39.11
CA THR A 214 11.87 9.38 -37.86
C THR A 214 10.66 8.46 -37.77
N VAL A 215 10.20 8.14 -36.56
CA VAL A 215 8.98 7.39 -36.31
C VAL A 215 8.41 7.78 -34.95
N GLN A 216 7.10 7.64 -34.73
CA GLN A 216 6.47 8.02 -33.46
C GLN A 216 6.50 6.90 -32.40
N CYS A 217 6.60 5.64 -32.83
CA CYS A 217 6.75 4.47 -31.97
C CYS A 217 7.72 3.45 -32.58
N THR A 218 8.40 2.66 -31.75
CA THR A 218 9.20 1.52 -32.20
C THR A 218 8.32 0.44 -32.84
N HIS A 219 8.94 -0.52 -33.52
CA HIS A 219 8.29 -1.83 -33.74
C HIS A 219 8.01 -2.51 -32.40
N GLY A 220 7.26 -3.61 -32.40
CA GLY A 220 7.02 -4.38 -31.19
C GLY A 220 8.33 -5.02 -30.70
N ILE A 221 8.65 -4.86 -29.42
CA ILE A 221 9.81 -5.46 -28.75
C ILE A 221 9.26 -6.42 -27.71
N LYS A 222 9.70 -7.67 -27.67
CA LYS A 222 9.16 -8.66 -26.72
C LYS A 222 10.09 -8.83 -25.52
N PRO A 223 9.65 -8.65 -24.27
CA PRO A 223 10.47 -8.76 -23.05
C PRO A 223 10.99 -10.17 -22.68
N VAL A 224 11.59 -10.90 -23.62
CA VAL A 224 12.22 -12.20 -23.33
C VAL A 224 13.29 -12.06 -22.24
N VAL A 225 13.53 -13.13 -21.48
CA VAL A 225 14.66 -13.20 -20.55
C VAL A 225 15.43 -14.51 -20.72
N SER A 226 16.75 -14.41 -20.89
CA SER A 226 17.66 -15.55 -21.01
C SER A 226 19.10 -15.09 -20.81
N THR A 227 20.02 -16.01 -20.56
CA THR A 227 21.45 -15.64 -20.41
C THR A 227 22.21 -15.87 -21.70
N GLN A 228 22.72 -17.07 -21.93
CA GLN A 228 23.81 -17.31 -22.89
C GLN A 228 23.40 -17.09 -24.34
N LEU A 229 22.19 -17.52 -24.72
CA LEU A 229 21.65 -17.36 -26.06
C LEU A 229 20.45 -16.42 -26.03
N LEU A 230 20.31 -15.59 -27.03
CA LEU A 230 19.17 -14.71 -27.23
C LEU A 230 18.07 -15.49 -27.97
N LEU A 231 16.83 -15.42 -27.50
CA LEU A 231 15.72 -16.19 -28.08
C LEU A 231 14.63 -15.28 -28.65
N ASN A 232 14.00 -15.71 -29.75
CA ASN A 232 12.87 -15.08 -30.43
C ASN A 232 13.04 -13.60 -30.86
N GLY A 233 14.17 -12.96 -30.60
CA GLY A 233 14.46 -11.60 -31.03
C GLY A 233 14.72 -11.46 -32.54
N SER A 234 14.88 -10.22 -32.98
CA SER A 234 15.02 -9.83 -34.39
C SER A 234 16.35 -10.28 -35.02
N LEU A 235 16.30 -10.84 -36.23
CA LEU A 235 17.48 -11.34 -36.96
C LEU A 235 18.15 -10.25 -37.80
N ALA A 236 19.47 -10.34 -38.00
CA ALA A 236 20.25 -9.40 -38.78
C ALA A 236 19.95 -9.52 -40.29
N GLU A 237 20.11 -8.41 -41.02
CA GLU A 237 19.55 -8.26 -42.37
C GLU A 237 20.19 -9.15 -43.43
N GLU A 238 21.52 -9.24 -43.48
CA GLU A 238 22.24 -9.89 -44.58
C GLU A 238 23.20 -11.02 -44.16
N GLU A 239 23.73 -10.94 -42.96
CA GLU A 239 24.87 -11.71 -42.49
C GLU A 239 24.91 -11.71 -40.96
N VAL A 240 25.68 -12.61 -40.34
CA VAL A 240 25.91 -12.55 -38.89
C VAL A 240 26.58 -11.22 -38.55
N MET A 241 26.04 -10.43 -37.62
CA MET A 241 26.70 -9.19 -37.18
C MET A 241 27.18 -9.32 -35.75
N ILE A 242 28.39 -8.85 -35.48
CA ILE A 242 29.02 -8.89 -34.16
C ILE A 242 29.31 -7.48 -33.69
N ARG A 243 28.92 -7.16 -32.46
CA ARG A 243 28.99 -5.81 -31.91
C ARG A 243 29.69 -5.84 -30.56
N SER A 244 30.51 -4.84 -30.28
CA SER A 244 31.23 -4.69 -29.02
C SER A 244 31.36 -3.22 -28.67
N GLU A 245 31.40 -2.90 -27.38
CA GLU A 245 31.65 -1.54 -26.93
C GLU A 245 33.07 -1.07 -27.24
N ASN A 246 34.06 -1.93 -27.02
CA ASN A 246 35.48 -1.60 -27.15
C ASN A 246 36.29 -2.90 -27.15
N ILE A 247 36.50 -3.50 -28.33
CA ILE A 247 36.77 -4.94 -28.43
C ILE A 247 38.09 -5.42 -27.80
N THR A 248 39.08 -4.55 -27.61
CA THR A 248 40.31 -4.91 -26.88
C THR A 248 40.13 -5.04 -25.37
N ASN A 249 38.94 -4.73 -24.84
CA ASN A 249 38.62 -4.88 -23.43
C ASN A 249 37.88 -6.19 -23.13
N ASN A 250 38.52 -7.12 -22.42
CA ASN A 250 37.94 -8.43 -22.06
C ASN A 250 36.70 -8.33 -21.18
N ALA A 251 36.53 -7.25 -20.42
CA ALA A 251 35.41 -7.13 -19.50
C ALA A 251 34.06 -6.92 -20.21
N LYS A 252 34.07 -6.55 -21.51
CA LYS A 252 32.87 -6.22 -22.29
C LYS A 252 32.51 -7.38 -23.21
N ASN A 253 31.27 -7.85 -23.09
CA ASN A 253 30.77 -8.96 -23.89
C ASN A 253 30.63 -8.56 -25.35
N ILE A 254 30.88 -9.50 -26.25
CA ILE A 254 30.54 -9.39 -27.65
C ILE A 254 29.08 -9.83 -27.79
N LEU A 255 28.24 -9.05 -28.45
CA LEU A 255 26.91 -9.48 -28.85
C LEU A 255 26.98 -9.97 -30.29
N VAL A 256 26.51 -11.18 -30.55
CA VAL A 256 26.46 -11.75 -31.88
C VAL A 256 25.00 -11.93 -32.28
N GLN A 257 24.60 -11.37 -33.42
CA GLN A 257 23.25 -11.47 -33.98
C GLN A 257 23.27 -12.28 -35.27
N PHE A 258 22.47 -13.35 -35.34
CA PHE A 258 22.44 -14.24 -36.50
C PHE A 258 21.62 -13.68 -37.66
N ASN A 259 21.89 -14.19 -38.87
CA ASN A 259 21.10 -13.91 -40.05
C ASN A 259 19.92 -14.87 -40.22
N THR A 260 20.16 -16.18 -40.26
CA THR A 260 19.08 -17.18 -40.08
C THR A 260 18.73 -17.29 -38.60
N PRO A 261 17.54 -17.77 -38.23
CA PRO A 261 17.40 -18.37 -36.90
C PRO A 261 18.28 -19.63 -36.81
N VAL A 262 18.42 -20.19 -35.60
CA VAL A 262 18.63 -21.63 -35.43
C VAL A 262 17.49 -22.16 -34.57
N GLN A 263 16.75 -23.15 -35.05
CA GLN A 263 15.62 -23.67 -34.28
C GLN A 263 16.10 -24.48 -33.07
N ILE A 264 15.55 -24.19 -31.90
CA ILE A 264 15.71 -24.99 -30.69
C ILE A 264 14.35 -25.48 -30.22
N ASN A 265 14.28 -26.73 -29.79
CA ASN A 265 13.10 -27.32 -29.19
C ASN A 265 13.46 -27.69 -27.76
N CYS A 266 12.56 -27.50 -26.80
CA CYS A 266 12.85 -27.92 -25.43
C CYS A 266 11.61 -28.44 -24.71
N THR A 267 11.78 -29.43 -23.82
CA THR A 267 10.69 -30.24 -23.29
C THR A 267 10.93 -30.69 -21.85
N ARG A 268 9.85 -30.88 -21.08
CA ARG A 268 9.93 -31.06 -19.63
C ARG A 268 10.48 -32.40 -19.14
N PRO A 269 10.25 -33.56 -19.78
CA PRO A 269 9.10 -33.96 -20.57
C PRO A 269 8.03 -34.68 -19.73
N ASN A 270 8.18 -34.77 -18.40
CA ASN A 270 7.39 -35.65 -17.53
C ASN A 270 5.93 -35.19 -17.34
N ASN A 271 5.02 -36.14 -17.11
CA ASN A 271 3.59 -35.90 -16.89
C ASN A 271 3.31 -35.61 -15.42
N ASN A 272 3.17 -34.33 -15.08
CA ASN A 272 3.24 -33.79 -13.72
C ASN A 272 1.87 -33.34 -13.19
N THR A 273 1.55 -33.64 -11.94
CA THR A 273 0.22 -33.41 -11.34
C THR A 273 0.20 -32.23 -10.38
N ARG A 274 -0.62 -31.23 -10.64
CA ARG A 274 -0.96 -30.15 -9.70
C ARG A 274 -1.85 -30.64 -8.55
N LYS A 275 -1.65 -30.09 -7.35
CA LYS A 275 -2.51 -30.33 -6.18
C LYS A 275 -2.61 -29.06 -5.35
N SER A 276 -3.76 -28.77 -4.75
CA SER A 276 -3.98 -27.55 -3.97
C SER A 276 -4.10 -27.85 -2.48
N ILE A 277 -3.38 -27.13 -1.64
CA ILE A 277 -3.48 -27.19 -0.18
C ILE A 277 -4.00 -25.86 0.32
N ARG A 278 -5.15 -25.81 0.99
CA ARG A 278 -5.73 -24.53 1.46
C ARG A 278 -5.16 -24.11 2.80
N ILE A 279 -4.01 -23.43 2.73
CA ILE A 279 -3.23 -22.89 3.86
C ILE A 279 -4.05 -22.01 4.81
N GLY A 280 -4.94 -21.18 4.27
CA GLY A 280 -5.66 -20.18 5.06
C GLY A 280 -7.02 -19.81 4.47
N PRO A 281 -7.82 -19.00 5.17
CA PRO A 281 -9.10 -18.54 4.67
C PRO A 281 -8.90 -17.76 3.37
N GLY A 282 -9.26 -18.36 2.24
CA GLY A 282 -9.07 -17.77 0.92
C GLY A 282 -7.63 -17.79 0.39
N GLN A 283 -6.76 -18.68 0.91
CA GLN A 283 -5.38 -18.82 0.44
C GLN A 283 -5.00 -20.28 0.22
N ALA A 284 -4.40 -20.59 -0.92
CA ALA A 284 -4.02 -21.96 -1.26
C ALA A 284 -2.67 -22.04 -1.99
N PHE A 285 -1.96 -23.12 -1.73
CA PHE A 285 -0.62 -23.41 -2.24
C PHE A 285 -0.65 -24.61 -3.19
N TYR A 286 -0.01 -24.47 -4.34
CA TYR A 286 0.04 -25.51 -5.36
C TYR A 286 1.21 -26.46 -5.18
N ALA A 287 1.01 -27.52 -4.41
CA ALA A 287 1.95 -28.62 -4.26
C ALA A 287 2.20 -29.35 -5.59
N THR A 288 3.39 -29.93 -5.73
CA THR A 288 3.73 -30.82 -6.85
C THR A 288 3.33 -32.23 -6.45
N GLY A 289 2.13 -32.65 -6.83
CA GLY A 289 1.45 -33.76 -6.19
C GLY A 289 2.02 -35.14 -6.51
N ASP A 290 2.14 -35.45 -7.80
CA ASP A 290 2.64 -36.75 -8.27
C ASP A 290 3.09 -36.70 -9.73
N ILE A 291 3.95 -37.63 -10.15
CA ILE A 291 4.37 -37.80 -11.55
C ILE A 291 3.74 -39.09 -12.07
N ILE A 292 2.98 -39.00 -13.15
CA ILE A 292 2.12 -40.10 -13.61
C ILE A 292 2.93 -41.18 -14.33
N GLY A 293 3.79 -40.79 -15.27
CA GLY A 293 4.71 -41.70 -15.95
C GLY A 293 6.00 -41.96 -15.17
N ASP A 294 6.84 -42.87 -15.67
CA ASP A 294 8.23 -42.96 -15.23
C ASP A 294 9.06 -41.77 -15.73
N ILE A 295 10.17 -41.49 -15.06
CA ILE A 295 10.78 -40.17 -15.05
C ILE A 295 12.00 -40.10 -15.96
N ARG A 296 12.09 -39.05 -16.78
CA ARG A 296 13.17 -38.77 -17.74
C ARG A 296 13.58 -37.30 -17.67
N GLN A 297 14.85 -36.98 -17.89
CA GLN A 297 15.37 -35.63 -17.61
C GLN A 297 14.86 -34.56 -18.59
N ALA A 298 14.60 -33.35 -18.11
CA ALA A 298 14.31 -32.19 -18.95
C ALA A 298 15.46 -31.91 -19.92
N HIS A 299 15.19 -31.65 -21.20
CA HIS A 299 16.25 -31.45 -22.19
C HIS A 299 15.81 -30.65 -23.39
N CYS A 300 16.76 -30.08 -24.13
CA CYS A 300 16.53 -29.38 -25.38
C CYS A 300 17.30 -30.02 -26.54
N ASN A 301 16.79 -29.91 -27.77
CA ASN A 301 17.44 -30.40 -28.98
C ASN A 301 17.74 -29.23 -29.92
N VAL A 302 18.88 -29.26 -30.62
CA VAL A 302 19.16 -28.38 -31.79
C VAL A 302 19.73 -29.18 -32.95
N SER A 303 19.35 -28.85 -34.18
CA SER A 303 19.76 -29.62 -35.36
C SER A 303 21.25 -29.40 -35.68
N LYS A 304 22.05 -30.46 -35.60
CA LYS A 304 23.51 -30.35 -35.53
C LYS A 304 24.11 -29.63 -36.73
N ALA A 305 23.71 -30.00 -37.94
CA ALA A 305 24.24 -29.40 -39.16
C ALA A 305 24.05 -27.88 -39.18
N THR A 306 22.85 -27.39 -38.80
CA THR A 306 22.60 -25.95 -38.75
C THR A 306 23.50 -25.24 -37.74
N TRP A 307 23.77 -25.86 -36.58
CA TRP A 307 24.66 -25.25 -35.60
C TRP A 307 26.11 -25.23 -36.10
N ASN A 308 26.61 -26.37 -36.58
CA ASN A 308 27.96 -26.48 -37.12
C ASN A 308 28.19 -25.48 -38.26
N GLU A 309 27.20 -25.27 -39.12
CA GLU A 309 27.25 -24.24 -40.16
C GLU A 309 27.24 -22.83 -39.58
N THR A 310 26.37 -22.56 -38.60
CA THR A 310 26.23 -21.22 -38.03
C THR A 310 27.51 -20.75 -37.37
N LEU A 311 28.19 -21.59 -36.60
CA LEU A 311 29.48 -21.20 -36.03
C LEU A 311 30.54 -20.95 -37.10
N GLY A 312 30.48 -21.63 -38.24
CA GLY A 312 31.33 -21.29 -39.40
C GLY A 312 31.14 -19.84 -39.84
N LYS A 313 29.91 -19.33 -39.88
CA LYS A 313 29.63 -17.91 -40.15
C LYS A 313 30.15 -17.01 -39.04
N VAL A 314 29.95 -17.36 -37.78
CA VAL A 314 30.43 -16.54 -36.66
C VAL A 314 31.94 -16.39 -36.71
N VAL A 315 32.67 -17.48 -36.94
CA VAL A 315 34.13 -17.42 -37.13
C VAL A 315 34.51 -16.54 -38.31
N LYS A 316 33.82 -16.65 -39.44
CA LYS A 316 34.06 -15.83 -40.63
C LYS A 316 34.03 -14.34 -40.31
N GLN A 317 33.16 -13.90 -39.40
CA GLN A 317 33.16 -12.52 -38.94
C GLN A 317 34.23 -12.22 -37.90
N LEU A 318 34.37 -13.04 -36.85
CA LEU A 318 35.39 -12.78 -35.81
C LEU A 318 36.79 -12.67 -36.40
N ARG A 319 37.08 -13.46 -37.43
CA ARG A 319 38.33 -13.40 -38.20
C ARG A 319 38.63 -12.00 -38.75
N LYS A 320 37.62 -11.20 -39.11
CA LYS A 320 37.82 -9.83 -39.61
C LYS A 320 38.35 -8.91 -38.52
N HIS A 321 37.81 -9.02 -37.31
CA HIS A 321 38.21 -8.18 -36.18
C HIS A 321 39.56 -8.60 -35.59
N PHE A 322 39.81 -9.90 -35.46
CA PHE A 322 41.01 -10.45 -34.80
C PHE A 322 42.15 -10.87 -35.73
N GLY A 323 41.92 -10.97 -37.04
CA GLY A 323 42.94 -11.30 -38.05
C GLY A 323 42.87 -12.74 -38.53
N ASN A 324 43.14 -12.94 -39.83
CA ASN A 324 42.81 -14.18 -40.56
C ASN A 324 43.49 -15.45 -40.04
N ASN A 325 44.72 -15.35 -39.56
CA ASN A 325 45.48 -16.51 -39.09
C ASN A 325 45.21 -16.88 -37.62
N THR A 326 44.32 -16.17 -36.92
CA THR A 326 44.00 -16.53 -35.52
C THR A 326 43.26 -17.85 -35.41
N ILE A 327 43.77 -18.76 -34.58
CA ILE A 327 43.23 -20.08 -34.31
C ILE A 327 42.08 -19.94 -33.30
N ILE A 328 40.92 -19.53 -33.77
CA ILE A 328 39.75 -19.25 -32.92
C ILE A 328 39.15 -20.56 -32.44
N ARG A 329 38.78 -20.62 -31.17
CA ARG A 329 38.14 -21.79 -30.57
C ARG A 329 37.10 -21.37 -29.54
N PHE A 330 36.11 -22.20 -29.32
CA PHE A 330 35.12 -21.96 -28.28
C PHE A 330 35.41 -22.85 -27.08
N ALA A 331 34.87 -22.48 -25.92
CA ALA A 331 34.88 -23.31 -24.72
C ALA A 331 33.62 -23.02 -23.91
N ASN A 332 33.21 -23.93 -23.03
CA ASN A 332 32.05 -23.71 -22.19
C ASN A 332 32.32 -22.71 -21.06
N SER A 333 31.26 -22.31 -20.35
CA SER A 333 31.35 -21.40 -19.21
C SER A 333 32.22 -21.97 -18.09
N SER A 334 33.02 -21.14 -17.43
CA SER A 334 34.12 -21.63 -16.58
C SER A 334 33.65 -22.32 -15.31
N GLY A 335 32.71 -21.74 -14.58
CA GLY A 335 32.28 -22.18 -13.25
C GLY A 335 31.54 -21.09 -12.48
N GLY A 336 31.03 -21.42 -11.30
CA GLY A 336 30.20 -20.53 -10.49
C GLY A 336 28.73 -20.96 -10.41
N ASP A 337 27.84 -20.06 -10.00
CA ASP A 337 26.43 -20.38 -9.79
C ASP A 337 25.72 -20.91 -11.04
N LEU A 338 24.74 -21.78 -10.85
CA LEU A 338 23.91 -22.34 -11.93
C LEU A 338 23.30 -21.23 -12.81
N GLU A 339 22.87 -20.16 -12.16
CA GLU A 339 22.13 -19.07 -12.78
C GLU A 339 22.98 -18.25 -13.76
N VAL A 340 24.28 -18.15 -13.53
CA VAL A 340 25.24 -17.43 -14.41
C VAL A 340 25.99 -18.37 -15.37
N THR A 341 26.18 -19.64 -15.01
CA THR A 341 26.91 -20.61 -15.84
C THR A 341 26.06 -21.30 -16.91
N THR A 342 24.73 -21.18 -16.93
CA THR A 342 23.84 -21.94 -17.82
C THR A 342 22.82 -21.05 -18.54
N HIS A 343 22.01 -21.63 -19.42
CA HIS A 343 21.08 -20.92 -20.33
C HIS A 343 19.92 -20.16 -19.65
N SER A 344 19.51 -20.52 -18.44
CA SER A 344 18.62 -19.75 -17.56
C SER A 344 17.41 -19.07 -18.24
N PHE A 345 16.43 -19.82 -18.72
CA PHE A 345 15.28 -19.27 -19.47
C PHE A 345 13.95 -19.91 -19.09
N ASN A 346 12.82 -19.28 -19.43
CA ASN A 346 11.49 -19.85 -19.18
C ASN A 346 10.88 -20.48 -20.43
N CYS A 347 10.33 -21.70 -20.32
CA CYS A 347 9.47 -22.29 -21.35
C CYS A 347 8.07 -22.51 -20.78
N GLY A 348 7.06 -21.91 -21.39
CA GLY A 348 5.65 -22.23 -21.10
C GLY A 348 5.16 -21.97 -19.67
N GLY A 349 5.89 -21.23 -18.83
CA GLY A 349 5.59 -21.05 -17.41
C GLY A 349 6.49 -21.84 -16.44
N GLU A 350 7.50 -22.54 -16.95
CA GLU A 350 8.45 -23.34 -16.18
C GLU A 350 9.89 -22.89 -16.44
N PHE A 351 10.76 -22.91 -15.42
CA PHE A 351 12.09 -22.28 -15.50
C PHE A 351 13.19 -23.32 -15.69
N PHE A 352 13.90 -23.23 -16.80
CA PHE A 352 14.91 -24.17 -17.26
C PHE A 352 16.31 -23.58 -17.13
N TYR A 353 17.23 -24.34 -16.55
CA TYR A 353 18.66 -24.08 -16.58
C TYR A 353 19.31 -25.21 -17.36
N CYS A 354 19.98 -24.94 -18.49
CA CYS A 354 20.47 -25.98 -19.39
C CYS A 354 21.96 -25.88 -19.65
N ASN A 355 22.63 -27.03 -19.61
CA ASN A 355 24.07 -27.17 -19.71
C ASN A 355 24.54 -27.04 -21.16
N THR A 356 24.83 -25.84 -21.63
CA THR A 356 25.27 -25.56 -23.00
C THR A 356 26.66 -26.09 -23.37
N SER A 357 27.32 -26.87 -22.50
CA SER A 357 28.65 -27.43 -22.80
C SER A 357 28.70 -28.31 -24.05
N GLY A 358 27.56 -28.82 -24.52
CA GLY A 358 27.49 -29.56 -25.79
C GLY A 358 27.77 -28.70 -27.03
N LEU A 359 27.42 -27.42 -27.01
CA LEU A 359 27.53 -26.52 -28.16
C LEU A 359 28.94 -25.94 -28.33
N PHE A 360 29.53 -25.46 -27.24
CA PHE A 360 30.68 -24.57 -27.29
C PHE A 360 32.02 -25.28 -27.07
N ASN A 361 32.45 -26.15 -27.98
CA ASN A 361 33.84 -26.66 -27.93
C ASN A 361 34.52 -26.91 -29.28
N SER A 362 34.04 -26.28 -30.35
CA SER A 362 34.66 -26.32 -31.67
C SER A 362 36.01 -25.60 -31.69
N THR A 363 36.87 -25.92 -32.67
CA THR A 363 38.14 -25.21 -32.92
C THR A 363 38.40 -25.04 -34.41
N TRP A 364 38.98 -23.92 -34.84
CA TRP A 364 38.98 -23.49 -36.24
C TRP A 364 40.32 -22.93 -36.72
N ILE A 365 40.71 -23.25 -37.96
CA ILE A 365 41.98 -22.83 -38.58
C ILE A 365 41.74 -22.25 -39.97
N ASP A 380 20.67 -35.44 -37.50
CA ASP A 380 21.28 -35.49 -36.17
C ASP A 380 21.00 -34.23 -35.34
N SER A 381 20.93 -34.37 -34.02
CA SER A 381 20.74 -33.25 -33.10
C SER A 381 21.57 -33.38 -31.85
N ILE A 382 22.04 -32.25 -31.33
CA ILE A 382 22.68 -32.16 -30.02
C ILE A 382 21.57 -32.16 -28.98
N THR A 383 21.69 -32.95 -27.91
CA THR A 383 20.76 -32.91 -26.78
C THR A 383 21.43 -32.24 -25.59
N LEU A 384 20.82 -31.18 -25.06
CA LEU A 384 21.33 -30.45 -23.90
C LEU A 384 20.50 -30.84 -22.67
N PRO A 385 21.09 -31.43 -21.64
CA PRO A 385 20.38 -31.75 -20.41
C PRO A 385 20.14 -30.49 -19.59
N CYS A 386 19.09 -30.49 -18.78
CA CYS A 386 18.64 -29.35 -18.03
C CYS A 386 18.28 -29.70 -16.58
N ARG A 387 18.12 -28.67 -15.77
CA ARG A 387 17.63 -28.72 -14.39
C ARG A 387 16.55 -27.67 -14.24
N ILE A 388 15.68 -27.84 -13.26
CA ILE A 388 14.51 -26.98 -13.05
C ILE A 388 14.47 -26.52 -11.59
N LYS A 389 14.02 -25.29 -11.36
CA LYS A 389 13.80 -24.70 -10.03
C LYS A 389 12.35 -24.26 -9.94
N GLN A 390 11.72 -24.37 -8.77
CA GLN A 390 10.45 -23.72 -8.51
C GLN A 390 10.65 -22.39 -7.77
N ILE A 391 11.66 -22.31 -6.90
CA ILE A 391 12.00 -21.08 -6.17
C ILE A 391 13.01 -20.29 -6.98
N ILE A 392 12.70 -19.05 -7.35
CA ILE A 392 13.54 -18.24 -8.25
C ILE A 392 13.64 -16.77 -7.83
N ASN A 393 14.68 -16.09 -8.31
CA ASN A 393 15.01 -14.71 -7.97
C ASN A 393 15.59 -13.96 -9.18
N MET A 394 14.82 -13.88 -10.28
CA MET A 394 15.22 -13.03 -11.40
C MET A 394 15.18 -11.55 -11.00
N TRP A 395 16.04 -10.75 -11.63
CA TRP A 395 16.46 -9.43 -11.16
C TRP A 395 17.25 -9.41 -9.84
N GLN A 396 17.49 -10.56 -9.20
CA GLN A 396 18.49 -10.77 -8.15
C GLN A 396 18.45 -9.77 -6.99
N ARG A 397 17.25 -9.40 -6.55
CA ARG A 397 17.06 -8.62 -5.32
C ARG A 397 17.46 -9.48 -4.11
N ILE A 398 17.76 -8.85 -2.98
CA ILE A 398 18.06 -9.58 -1.74
C ILE A 398 16.77 -10.17 -1.13
N GLY A 399 15.73 -9.35 -1.00
CA GLY A 399 14.48 -9.74 -0.36
C GLY A 399 13.55 -10.52 -1.29
N GLN A 400 13.09 -9.87 -2.35
CA GLN A 400 12.04 -10.40 -3.22
C GLN A 400 12.40 -11.80 -3.77
N CYS A 401 11.43 -12.69 -3.77
CA CYS A 401 11.56 -14.05 -4.26
C CYS A 401 10.21 -14.55 -4.78
N MET A 402 10.22 -15.39 -5.81
CA MET A 402 9.04 -16.03 -6.36
C MET A 402 9.10 -17.54 -6.13
N TYR A 403 7.98 -18.13 -5.76
CA TYR A 403 7.75 -19.55 -5.97
C TYR A 403 6.85 -19.68 -7.20
N ALA A 404 7.34 -20.31 -8.25
CA ALA A 404 6.59 -20.54 -9.48
C ALA A 404 5.85 -21.88 -9.34
N PRO A 405 4.51 -21.90 -9.34
CA PRO A 405 3.74 -23.12 -9.10
C PRO A 405 3.95 -24.14 -10.23
N PRO A 406 3.84 -25.44 -9.95
CA PRO A 406 3.96 -26.47 -10.97
C PRO A 406 2.85 -26.34 -12.01
N ILE A 407 3.14 -26.69 -13.26
CA ILE A 407 2.18 -26.64 -14.37
C ILE A 407 1.85 -28.04 -14.88
N GLN A 408 0.56 -28.28 -15.07
CA GLN A 408 -0.07 -29.60 -15.25
C GLN A 408 0.36 -30.30 -16.54
N GLY A 409 0.48 -31.63 -16.50
CA GLY A 409 0.65 -32.46 -17.69
C GLY A 409 2.09 -32.49 -18.21
N VAL A 410 2.27 -32.39 -19.52
CA VAL A 410 3.57 -32.28 -20.19
C VAL A 410 3.64 -30.96 -20.93
N ILE A 411 4.81 -30.31 -20.94
CA ILE A 411 5.03 -29.07 -21.68
C ILE A 411 6.30 -29.16 -22.50
N ARG A 412 6.24 -28.56 -23.68
CA ARG A 412 7.36 -28.34 -24.62
C ARG A 412 7.12 -27.07 -25.41
N CYS A 413 8.18 -26.45 -25.90
CA CYS A 413 8.11 -25.25 -26.71
C CYS A 413 9.21 -25.20 -27.75
N VAL A 414 8.98 -24.46 -28.83
CA VAL A 414 9.92 -24.23 -29.92
C VAL A 414 10.35 -22.77 -29.90
N SER A 415 11.58 -22.49 -30.26
CA SER A 415 12.09 -21.13 -30.30
C SER A 415 13.17 -20.96 -31.36
N ASN A 416 13.43 -19.72 -31.76
CA ASN A 416 14.57 -19.39 -32.59
C ASN A 416 15.66 -18.82 -31.70
N ILE A 417 16.85 -19.41 -31.73
CA ILE A 417 18.03 -18.70 -31.28
C ILE A 417 18.28 -17.59 -32.29
N THR A 418 18.25 -16.36 -31.83
CA THR A 418 18.47 -15.14 -32.61
C THR A 418 19.94 -14.78 -32.73
N GLY A 419 20.74 -15.23 -31.77
CA GLY A 419 22.06 -14.72 -31.52
C GLY A 419 22.52 -15.10 -30.11
N LEU A 420 23.69 -14.65 -29.69
CA LEU A 420 24.29 -15.13 -28.45
C LEU A 420 25.28 -14.13 -27.88
N ILE A 421 25.60 -14.29 -26.60
CA ILE A 421 26.50 -13.42 -25.86
C ILE A 421 27.81 -14.17 -25.65
N LEU A 422 28.93 -13.61 -26.07
CA LEU A 422 30.25 -14.22 -25.91
C LEU A 422 31.16 -13.33 -25.07
N THR A 423 32.09 -13.95 -24.36
CA THR A 423 33.16 -13.26 -23.63
C THR A 423 34.48 -13.86 -24.06
N ARG A 424 35.51 -13.04 -24.28
CA ARG A 424 36.80 -13.49 -24.81
C ARG A 424 37.82 -13.50 -23.71
N ASP A 425 38.42 -14.64 -23.39
CA ASP A 425 39.24 -14.73 -22.19
C ASP A 425 40.66 -14.13 -22.35
N GLY A 426 41.08 -13.38 -21.34
CA GLY A 426 42.25 -12.53 -21.35
C GLY A 426 43.53 -13.25 -20.96
N GLY A 427 43.89 -14.31 -21.67
CA GLY A 427 45.18 -14.98 -21.42
C GLY A 427 46.37 -14.04 -21.67
N SER A 428 47.39 -14.03 -20.83
CA SER A 428 48.71 -13.42 -21.12
C SER A 428 49.57 -14.32 -22.03
N THR A 429 48.89 -15.16 -22.82
CA THR A 429 49.35 -16.35 -23.56
C THR A 429 50.01 -16.01 -24.90
N ASN A 430 50.37 -17.06 -25.65
CA ASN A 430 50.62 -16.99 -27.09
C ASN A 430 49.48 -16.22 -27.80
N SER A 431 49.83 -15.33 -28.73
CA SER A 431 48.89 -14.42 -29.39
C SER A 431 48.22 -14.98 -30.67
N THR A 432 48.55 -16.20 -31.09
CA THR A 432 47.93 -16.80 -32.30
C THR A 432 46.49 -17.26 -32.09
N THR A 433 45.92 -17.21 -30.89
CA THR A 433 44.64 -17.86 -30.60
C THR A 433 43.77 -17.04 -29.67
N GLU A 434 42.46 -17.20 -29.76
CA GLU A 434 41.47 -16.58 -28.90
C GLU A 434 40.48 -17.66 -28.50
N THR A 435 40.08 -17.70 -27.23
CA THR A 435 39.04 -18.60 -26.76
C THR A 435 37.82 -17.82 -26.35
N PHE A 436 36.65 -18.16 -26.90
CA PHE A 436 35.40 -17.50 -26.59
C PHE A 436 34.48 -18.41 -25.79
N ARG A 437 33.83 -17.86 -24.78
CA ARG A 437 32.98 -18.61 -23.86
C ARG A 437 31.59 -18.00 -23.82
N PRO A 438 30.51 -18.77 -23.66
CA PRO A 438 29.17 -18.22 -23.58
C PRO A 438 29.02 -17.39 -22.31
N GLY A 439 28.67 -16.12 -22.46
CA GLY A 439 29.08 -15.11 -21.48
C GLY A 439 28.23 -15.00 -20.21
N GLY A 440 27.04 -15.59 -20.17
CA GLY A 440 26.08 -15.40 -19.08
C GLY A 440 25.35 -14.06 -19.23
N GLY A 441 26.09 -12.96 -19.08
CA GLY A 441 25.66 -11.60 -19.45
C GLY A 441 24.63 -10.94 -18.52
N ASP A 442 24.54 -9.62 -18.60
CA ASP A 442 23.52 -8.84 -17.90
C ASP A 442 22.16 -8.91 -18.60
N MET A 443 21.07 -8.78 -17.85
CA MET A 443 19.69 -8.95 -18.33
C MET A 443 19.35 -8.01 -19.49
N ARG A 444 19.90 -6.79 -19.47
CA ARG A 444 19.67 -5.75 -20.47
C ARG A 444 19.91 -6.22 -21.90
N ASP A 445 20.89 -7.09 -22.12
CA ASP A 445 21.28 -7.46 -23.47
C ASP A 445 20.21 -8.24 -24.22
N ASN A 446 19.26 -8.83 -23.52
CA ASN A 446 18.08 -9.45 -24.12
C ASN A 446 17.21 -8.49 -24.94
N TRP A 447 17.34 -7.17 -24.75
CA TRP A 447 16.64 -6.15 -25.55
C TRP A 447 17.50 -4.99 -26.00
N ARG A 448 18.71 -4.78 -25.47
CA ARG A 448 19.72 -3.94 -26.16
C ARG A 448 20.02 -4.46 -27.56
N SER A 449 19.81 -5.75 -27.82
CA SER A 449 19.88 -6.30 -29.18
C SER A 449 18.79 -5.78 -30.13
N GLU A 450 17.74 -5.10 -29.65
CA GLU A 450 16.76 -4.38 -30.49
C GLU A 450 17.03 -2.88 -30.46
N LEU A 451 17.16 -2.29 -29.27
CA LEU A 451 17.33 -0.85 -29.10
C LEU A 451 18.69 -0.30 -29.58
N TYR A 452 19.47 -1.04 -30.36
CA TYR A 452 20.64 -0.50 -31.04
C TYR A 452 20.25 0.44 -32.18
N LYS A 453 19.14 0.16 -32.88
CA LYS A 453 18.70 0.94 -34.04
C LYS A 453 18.02 2.27 -33.71
N TYR A 454 17.61 2.49 -32.46
CA TYR A 454 16.75 3.61 -32.07
C TYR A 454 17.47 4.65 -31.21
N LYS A 455 17.33 5.92 -31.58
CA LYS A 455 17.80 7.10 -30.86
C LYS A 455 16.60 8.01 -30.54
N VAL A 456 16.63 8.77 -29.47
CA VAL A 456 15.55 9.73 -29.13
C VAL A 456 16.08 11.16 -29.09
N VAL A 457 15.34 12.10 -29.66
CA VAL A 457 15.74 13.51 -29.79
C VAL A 457 14.64 14.45 -29.37
N LYS A 458 15.03 15.63 -28.92
CA LYS A 458 14.18 16.74 -28.48
C LYS A 458 14.16 17.79 -29.57
N ILE A 459 13.00 18.20 -30.03
CA ILE A 459 12.89 19.22 -31.09
C ILE A 459 13.27 20.58 -30.50
N GLU A 460 13.93 21.45 -31.26
CA GLU A 460 14.28 22.81 -30.87
C GLU A 460 13.65 23.80 -31.86
N PRO A 461 12.33 23.93 -31.87
CA PRO A 461 11.58 24.44 -33.01
C PRO A 461 11.76 25.94 -33.25
N LEU A 462 12.42 26.67 -32.35
CA LEU A 462 12.61 28.12 -32.45
C LEU A 462 14.03 28.41 -32.90
N GLY A 463 14.23 29.21 -33.94
CA GLY A 463 15.55 29.54 -34.46
C GLY A 463 15.60 30.93 -35.07
N VAL A 464 16.79 31.51 -35.15
CA VAL A 464 17.00 32.87 -35.68
C VAL A 464 17.97 32.84 -36.84
N ALA A 465 17.81 33.73 -37.80
CA ALA A 465 18.74 33.89 -38.91
C ALA A 465 18.68 35.31 -39.48
N PRO A 466 19.77 35.84 -40.06
CA PRO A 466 19.75 37.13 -40.70
C PRO A 466 19.01 37.11 -42.03
N THR A 467 18.39 38.24 -42.36
CA THR A 467 18.04 38.64 -43.73
C THR A 467 17.90 40.17 -43.77
N ARG A 468 17.60 40.74 -44.93
CA ARG A 468 17.65 42.18 -45.18
C ARG A 468 16.40 43.01 -44.79
N CYS A 469 15.33 42.39 -44.29
CA CYS A 469 14.08 43.08 -43.98
C CYS A 469 14.11 43.96 -42.72
N LYS A 470 13.10 44.82 -42.54
CA LYS A 470 12.86 45.67 -41.36
C LYS A 470 11.44 45.49 -40.85
N ARG A 471 11.19 45.54 -39.54
CA ARG A 471 9.83 45.80 -39.04
C ARG A 471 9.40 47.23 -39.38
N ARG A 472 8.16 47.46 -39.82
CA ARG A 472 7.63 48.81 -40.08
C ARG A 472 7.44 49.58 -38.77
N VAL A 473 7.78 50.86 -38.77
CA VAL A 473 7.62 51.78 -37.62
C VAL A 473 7.15 53.15 -38.11
N LEU B 9 5.76 15.64 -48.57
CA LEU B 9 6.60 15.67 -47.35
C LEU B 9 5.76 15.38 -46.10
N GLY B 10 6.41 14.96 -45.02
CA GLY B 10 5.79 14.73 -43.70
C GLY B 10 6.62 15.34 -42.57
N PHE B 11 6.29 14.97 -41.32
CA PHE B 11 6.97 15.50 -40.13
C PHE B 11 8.49 15.35 -40.20
N LEU B 12 9.21 16.41 -39.85
CA LEU B 12 10.67 16.56 -39.99
C LEU B 12 11.26 16.36 -41.39
N GLY B 13 10.48 16.07 -42.43
CA GLY B 13 11.00 15.63 -43.72
C GLY B 13 12.00 16.58 -44.39
N ALA B 14 11.89 17.88 -44.14
CA ALA B 14 12.80 18.88 -44.69
C ALA B 14 14.14 19.02 -43.93
N ALA B 15 14.43 18.25 -42.88
CA ALA B 15 15.59 18.50 -42.02
C ALA B 15 16.95 18.44 -42.73
N GLY B 16 17.06 17.65 -43.80
CA GLY B 16 18.23 17.63 -44.68
C GLY B 16 18.11 18.51 -45.93
N SER B 17 17.11 19.39 -46.01
CA SER B 17 17.01 20.43 -47.03
C SER B 17 17.91 21.61 -46.65
N THR B 18 18.33 22.38 -47.65
CA THR B 18 18.80 23.75 -47.41
C THR B 18 17.74 24.61 -46.70
N MET B 19 18.19 25.54 -45.85
CA MET B 19 17.34 26.44 -45.06
C MET B 19 16.30 27.17 -45.90
N GLY B 20 16.66 27.60 -47.11
CA GLY B 20 15.77 28.32 -48.02
C GLY B 20 14.48 27.53 -48.27
N ALA B 21 14.56 26.42 -48.98
CA ALA B 21 13.40 25.57 -49.25
C ALA B 21 12.78 24.94 -48.00
N ALA B 22 13.51 24.82 -46.88
CA ALA B 22 12.93 24.39 -45.62
C ALA B 22 11.97 25.41 -45.00
N SER B 23 12.07 26.69 -45.38
CA SER B 23 11.30 27.78 -44.77
C SER B 23 9.78 27.70 -45.01
N MET B 24 9.31 26.89 -45.97
CA MET B 24 7.89 26.80 -46.31
C MET B 24 7.14 25.70 -45.53
N THR B 25 7.83 24.74 -44.91
CA THR B 25 7.14 23.62 -44.24
C THR B 25 6.74 23.90 -42.77
N LEU B 26 7.13 25.02 -42.18
CA LEU B 26 7.21 25.22 -40.71
C LEU B 26 5.93 24.85 -39.95
N THR B 27 4.77 25.00 -40.57
CA THR B 27 3.49 24.61 -39.99
C THR B 27 3.43 23.13 -39.58
N VAL B 28 4.12 22.24 -40.29
CA VAL B 28 4.16 20.79 -40.04
C VAL B 28 4.81 20.47 -38.69
N GLN B 29 5.98 21.03 -38.43
CA GLN B 29 6.67 20.94 -37.15
C GLN B 29 5.82 21.61 -36.07
N ALA B 30 5.30 22.80 -36.35
CA ALA B 30 4.51 23.56 -35.39
C ALA B 30 3.30 22.78 -34.90
N ARG B 31 2.51 22.13 -35.77
CA ARG B 31 1.34 21.38 -35.31
C ARG B 31 1.72 20.16 -34.46
N ASN B 32 2.65 19.35 -34.92
CA ASN B 32 3.03 18.11 -34.23
C ASN B 32 3.63 18.36 -32.84
N LEU B 33 4.26 19.52 -32.63
CA LEU B 33 4.93 19.93 -31.38
C LEU B 33 4.04 19.90 -30.12
N LEU B 34 2.73 19.92 -30.27
CA LEU B 34 1.78 19.77 -29.15
C LEU B 34 0.75 18.67 -29.41
N SER B 35 0.14 18.68 -30.59
CA SER B 35 -0.98 17.77 -30.92
C SER B 35 -0.65 16.27 -30.82
N GLY B 36 0.63 15.89 -30.84
CA GLY B 36 1.10 14.52 -30.61
C GLY B 36 0.65 13.91 -29.27
N ILE B 37 0.16 14.72 -28.33
CA ILE B 37 -0.54 14.27 -27.11
C ILE B 37 -1.76 13.37 -27.44
N VAL B 38 -2.27 13.38 -28.68
CA VAL B 38 -3.32 12.44 -29.18
C VAL B 38 -3.00 10.98 -28.87
N GLN B 39 -1.73 10.58 -28.93
CA GLN B 39 -1.28 9.25 -28.53
C GLN B 39 -1.57 8.99 -27.05
N GLN B 40 -1.10 9.89 -26.18
CA GLN B 40 -1.15 9.71 -24.72
C GLN B 40 -2.57 9.86 -24.15
N GLN B 41 -3.37 10.78 -24.68
CA GLN B 41 -4.76 10.98 -24.22
C GLN B 41 -5.73 9.88 -24.70
N SER B 42 -5.29 8.93 -25.53
CA SER B 42 -6.16 7.85 -26.06
C SER B 42 -6.55 6.79 -25.02
N ASN B 43 -5.88 6.71 -23.85
CA ASN B 43 -6.30 5.85 -22.73
C ASN B 43 -5.81 6.38 -21.37
N HIS B 53 -6.69 -0.72 -14.78
CA HIS B 53 -6.67 0.29 -15.83
C HIS B 53 -7.71 1.39 -15.61
N LEU B 54 -8.86 1.03 -15.03
CA LEU B 54 -9.88 1.95 -14.51
C LEU B 54 -9.36 2.79 -13.32
N LEU B 55 -8.32 2.28 -12.62
CA LEU B 55 -7.44 3.00 -11.70
C LEU B 55 -6.14 2.19 -11.48
N LYS B 56 -6.28 0.86 -11.31
CA LYS B 56 -5.20 -0.09 -11.02
C LYS B 56 -4.05 0.01 -12.04
N LEU B 57 -2.82 -0.16 -11.54
CA LEU B 57 -1.56 0.27 -12.20
C LEU B 57 -1.54 1.78 -12.51
N THR B 58 -1.94 2.60 -11.54
CA THR B 58 -2.01 4.07 -11.66
C THR B 58 -0.66 4.69 -12.07
N VAL B 59 0.46 4.03 -11.77
CA VAL B 59 1.81 4.46 -12.14
C VAL B 59 1.98 4.69 -13.65
N TRP B 60 1.37 3.88 -14.52
CA TRP B 60 1.43 4.11 -15.98
C TRP B 60 0.69 5.39 -16.38
N GLY B 61 -0.40 5.69 -15.67
CA GLY B 61 -1.03 7.01 -15.70
C GLY B 61 -0.06 8.12 -15.30
N ILE B 62 0.71 7.95 -14.21
CA ILE B 62 1.71 8.95 -13.79
C ILE B 62 2.81 9.14 -14.85
N LYS B 63 3.31 8.07 -15.48
CA LYS B 63 4.30 8.18 -16.56
C LYS B 63 3.74 8.98 -17.75
N GLN B 64 2.49 8.75 -18.14
CA GLN B 64 1.82 9.61 -19.13
C GLN B 64 1.69 11.05 -18.62
N LEU B 65 1.18 11.23 -17.40
CA LEU B 65 0.79 12.53 -16.87
C LEU B 65 1.99 13.49 -16.73
N GLN B 66 3.13 13.00 -16.23
CA GLN B 66 4.34 13.80 -16.18
C GLN B 66 4.82 14.21 -17.58
N ALA B 67 4.72 13.32 -18.55
CA ALA B 67 5.08 13.67 -19.93
C ALA B 67 4.13 14.72 -20.52
N ARG B 68 2.82 14.65 -20.24
CA ARG B 68 1.85 15.64 -20.70
C ARG B 68 2.15 17.04 -20.15
N VAL B 69 2.38 17.19 -18.85
CA VAL B 69 2.70 18.53 -18.32
C VAL B 69 4.02 19.06 -18.87
N LEU B 70 5.01 18.21 -19.09
CA LEU B 70 6.26 18.64 -19.72
C LEU B 70 6.05 19.08 -21.17
N ALA B 71 5.19 18.39 -21.92
CA ALA B 71 4.88 18.75 -23.29
C ALA B 71 4.21 20.13 -23.38
N VAL B 72 3.21 20.43 -22.54
CA VAL B 72 2.60 21.77 -22.55
C VAL B 72 3.58 22.82 -22.06
N GLU B 73 4.37 22.57 -21.01
CA GLU B 73 5.34 23.57 -20.54
C GLU B 73 6.34 23.95 -21.64
N ARG B 74 6.93 22.98 -22.36
CA ARG B 74 7.85 23.28 -23.46
C ARG B 74 7.21 24.17 -24.52
N TYR B 75 6.01 23.80 -24.97
CA TYR B 75 5.29 24.60 -25.95
C TYR B 75 4.99 26.01 -25.42
N LEU B 76 4.54 26.10 -24.17
CA LEU B 76 4.07 27.34 -23.58
C LEU B 76 5.22 28.32 -23.34
N ARG B 77 6.40 27.83 -22.93
CA ARG B 77 7.62 28.64 -22.83
C ARG B 77 8.01 29.23 -24.17
N ASP B 78 8.00 28.45 -25.24
CA ASP B 78 8.30 28.98 -26.57
C ASP B 78 7.30 30.05 -26.98
N GLN B 79 6.01 29.84 -26.75
CA GLN B 79 5.02 30.86 -27.05
C GLN B 79 5.20 32.10 -26.19
N GLN B 80 5.53 31.97 -24.90
CA GLN B 80 5.79 33.14 -24.07
C GLN B 80 6.98 33.93 -24.62
N LEU B 81 8.10 33.27 -24.88
CA LEU B 81 9.29 33.93 -25.36
C LEU B 81 9.03 34.65 -26.69
N LEU B 82 8.36 33.98 -27.62
CA LEU B 82 7.99 34.56 -28.90
C LEU B 82 7.01 35.72 -28.75
N GLY B 83 6.31 35.79 -27.62
CA GLY B 83 5.32 36.82 -27.31
C GLY B 83 5.86 38.03 -26.57
N ILE B 84 7.01 37.96 -25.91
CA ILE B 84 7.65 39.16 -25.33
C ILE B 84 8.55 39.85 -26.34
N TRP B 85 9.03 39.15 -27.37
CA TRP B 85 9.42 39.77 -28.63
C TRP B 85 8.15 40.17 -29.39
N GLY B 86 8.28 40.91 -30.49
CA GLY B 86 7.12 41.40 -31.26
C GLY B 86 6.42 40.38 -32.17
N CYS B 87 6.40 39.09 -31.82
CA CYS B 87 6.17 38.01 -32.78
C CYS B 87 4.98 37.09 -32.47
N SER B 88 4.15 37.37 -31.46
CA SER B 88 3.14 36.41 -31.02
C SER B 88 2.19 35.99 -32.16
N GLY B 89 2.00 34.68 -32.34
CA GLY B 89 1.11 34.12 -33.35
C GLY B 89 1.61 34.20 -34.79
N LYS B 90 2.93 34.34 -35.02
CA LYS B 90 3.53 34.39 -36.36
C LYS B 90 4.65 33.37 -36.50
N LEU B 91 4.74 32.66 -37.62
CA LEU B 91 5.74 31.61 -37.84
C LEU B 91 7.04 32.18 -38.39
N ILE B 92 6.95 33.21 -39.23
CA ILE B 92 8.05 34.03 -39.70
C ILE B 92 7.93 35.38 -39.02
N CYS B 93 9.02 36.02 -38.57
CA CYS B 93 8.92 37.43 -38.22
C CYS B 93 10.19 38.25 -38.42
N CYS B 94 10.08 39.36 -39.17
CA CYS B 94 11.09 40.40 -39.21
C CYS B 94 11.15 41.17 -37.89
N THR B 95 12.24 41.88 -37.64
CA THR B 95 12.43 42.62 -36.38
C THR B 95 13.09 43.96 -36.65
N ASN B 96 13.55 44.63 -35.60
CA ASN B 96 14.40 45.80 -35.71
C ASN B 96 15.52 45.76 -34.65
N VAL B 97 16.39 44.75 -34.75
CA VAL B 97 17.76 44.80 -34.21
C VAL B 97 18.76 44.30 -35.26
N PRO B 98 19.92 44.94 -35.42
CA PRO B 98 20.88 44.62 -36.47
C PRO B 98 21.68 43.35 -36.16
N TRP B 99 22.04 42.63 -37.22
CA TRP B 99 22.85 41.43 -37.15
C TRP B 99 24.34 41.77 -37.07
N ASN B 100 24.94 41.73 -35.88
CA ASN B 100 26.38 41.92 -35.73
C ASN B 100 27.12 40.77 -36.42
N SER B 101 28.03 41.05 -37.35
CA SER B 101 28.78 40.00 -38.05
C SER B 101 29.62 39.12 -37.11
N SER B 102 29.89 39.60 -35.89
CA SER B 102 30.46 38.77 -34.82
C SER B 102 29.64 37.49 -34.57
N TRP B 103 28.31 37.54 -34.71
CA TRP B 103 27.46 36.36 -34.59
C TRP B 103 27.71 35.36 -35.72
N SER B 104 27.97 35.83 -36.93
CA SER B 104 28.43 35.00 -38.05
C SER B 104 28.98 35.86 -39.19
N ASN B 105 30.22 35.58 -39.59
CA ASN B 105 30.85 36.24 -40.73
C ASN B 105 30.53 35.61 -42.08
N ARG B 106 29.70 34.55 -42.11
CA ARG B 106 29.17 33.97 -43.36
C ARG B 106 28.29 34.99 -44.08
N ASN B 107 28.36 35.06 -45.42
CA ASN B 107 27.50 35.98 -46.16
C ASN B 107 26.05 35.48 -46.17
N LEU B 108 25.09 36.35 -46.51
CA LEU B 108 23.67 36.00 -46.50
C LEU B 108 23.33 34.87 -47.50
N SER B 109 23.93 34.91 -48.69
CA SER B 109 23.58 34.00 -49.77
C SER B 109 23.94 32.57 -49.40
N GLU B 110 25.17 32.31 -48.96
CA GLU B 110 25.61 30.94 -48.67
C GLU B 110 24.74 30.24 -47.62
N ILE B 111 24.27 30.96 -46.60
CA ILE B 111 23.51 30.32 -45.53
C ILE B 111 22.10 29.96 -45.99
N TRP B 112 21.44 30.82 -46.77
CA TRP B 112 20.13 30.50 -47.32
C TRP B 112 20.19 29.54 -48.51
N ASP B 113 21.30 29.55 -49.26
CA ASP B 113 21.49 28.66 -50.40
C ASP B 113 21.81 27.23 -49.96
N ASN B 114 22.78 27.06 -49.05
CA ASN B 114 23.48 25.78 -48.91
C ASN B 114 23.20 25.07 -47.57
N MET B 115 23.38 25.75 -46.45
CA MET B 115 23.34 25.11 -45.13
C MET B 115 21.97 24.49 -44.84
N THR B 116 21.93 23.38 -44.11
CA THR B 116 20.71 22.87 -43.48
C THR B 116 20.47 23.58 -42.14
N TRP B 117 19.24 23.54 -41.63
CA TRP B 117 18.96 24.14 -40.32
C TRP B 117 19.75 23.48 -39.19
N LEU B 118 19.92 22.16 -39.24
CA LEU B 118 20.76 21.42 -38.29
C LEU B 118 22.19 21.96 -38.25
N GLN B 119 22.76 22.25 -39.42
CA GLN B 119 24.08 22.85 -39.49
C GLN B 119 24.09 24.28 -38.94
N TRP B 120 23.15 25.13 -39.36
CA TRP B 120 23.14 26.52 -38.94
C TRP B 120 23.03 26.66 -37.43
N ASP B 121 22.19 25.85 -36.78
CA ASP B 121 21.95 25.99 -35.35
C ASP B 121 23.24 25.89 -34.52
N LYS B 122 24.06 24.86 -34.77
CA LYS B 122 25.33 24.73 -34.05
C LYS B 122 26.26 25.88 -34.39
N GLU B 123 26.32 26.32 -35.65
CA GLU B 123 27.19 27.42 -36.06
C GLU B 123 26.86 28.79 -35.44
N ILE B 124 25.69 28.98 -34.81
CA ILE B 124 25.37 30.19 -34.03
C ILE B 124 25.00 29.91 -32.57
N SER B 125 25.19 28.68 -32.10
CA SER B 125 24.82 28.26 -30.75
C SER B 125 25.42 29.13 -29.65
N ASN B 126 26.66 29.63 -29.81
CA ASN B 126 27.33 30.46 -28.82
C ASN B 126 26.59 31.76 -28.52
N TYR B 127 26.21 32.50 -29.56
CA TYR B 127 25.70 33.87 -29.46
C TYR B 127 24.20 33.97 -29.13
N THR B 128 23.48 32.86 -29.27
CA THR B 128 22.02 32.84 -29.23
C THR B 128 21.45 33.49 -27.97
N GLN B 129 22.00 33.18 -26.80
CA GLN B 129 21.56 33.77 -25.55
C GLN B 129 21.79 35.28 -25.44
N ILE B 130 22.70 35.85 -26.23
CA ILE B 130 22.87 37.30 -26.34
C ILE B 130 21.69 37.90 -27.12
N ILE B 131 21.40 37.30 -28.28
CA ILE B 131 20.47 37.82 -29.27
C ILE B 131 19.06 37.96 -28.69
N TYR B 132 18.62 37.02 -27.87
CA TYR B 132 17.31 37.11 -27.23
C TYR B 132 17.18 38.34 -26.31
N GLY B 133 18.24 38.73 -25.61
CA GLY B 133 18.22 39.91 -24.74
C GLY B 133 18.07 41.21 -25.53
N LEU B 134 18.76 41.31 -26.66
CA LEU B 134 18.66 42.46 -27.55
C LEU B 134 17.22 42.63 -28.06
N LEU B 135 16.63 41.52 -28.53
CA LEU B 135 15.27 41.50 -29.04
C LEU B 135 14.27 41.95 -27.97
N GLU B 136 14.35 41.37 -26.78
CA GLU B 136 13.48 41.72 -25.66
C GLU B 136 13.49 43.21 -25.35
N GLU B 137 14.67 43.79 -25.12
CA GLU B 137 14.75 45.18 -24.72
C GLU B 137 14.32 46.13 -25.83
N SER B 138 14.70 45.82 -27.08
CA SER B 138 14.25 46.60 -28.23
C SER B 138 12.73 46.62 -28.29
N GLN B 139 12.07 45.50 -28.01
CA GLN B 139 10.61 45.45 -28.05
C GLN B 139 9.97 46.28 -26.94
N ASN B 140 10.39 46.17 -25.68
CA ASN B 140 9.67 46.86 -24.63
C ASN B 140 9.74 48.39 -24.80
N GLN B 141 10.92 48.93 -25.10
CA GLN B 141 11.02 50.38 -25.37
C GLN B 141 10.21 50.77 -26.61
N GLN B 142 10.12 49.90 -27.62
CA GLN B 142 9.27 50.14 -28.78
C GLN B 142 7.79 50.25 -28.40
N GLU B 143 7.26 49.36 -27.56
CA GLU B 143 5.86 49.47 -27.11
C GLU B 143 5.60 50.76 -26.33
N LYS B 144 6.54 51.19 -25.49
CA LYS B 144 6.41 52.46 -24.77
C LYS B 144 6.45 53.66 -25.73
N ASN B 145 7.32 53.65 -26.75
CA ASN B 145 7.31 54.68 -27.78
C ASN B 145 5.97 54.73 -28.52
N GLU B 146 5.35 53.57 -28.76
CA GLU B 146 4.03 53.52 -29.38
C GLU B 146 2.95 54.09 -28.45
N GLN B 147 2.99 53.85 -27.14
CA GLN B 147 2.10 54.54 -26.20
C GLN B 147 2.35 56.06 -26.20
N ASP B 148 3.61 56.51 -26.22
CA ASP B 148 3.97 57.93 -26.30
C ASP B 148 3.36 58.61 -27.54
N LEU B 149 3.10 57.84 -28.60
CA LEU B 149 2.41 58.31 -29.79
C LEU B 149 0.88 58.25 -29.65
N LEU B 150 0.32 57.12 -29.23
CA LEU B 150 -1.14 56.99 -29.03
C LEU B 150 -1.68 57.96 -27.97
N ALA B 151 -0.83 58.48 -27.08
CA ALA B 151 -1.16 59.56 -26.15
C ALA B 151 -1.65 60.84 -26.84
N LEU B 152 -1.39 61.01 -28.14
CA LEU B 152 -1.79 62.17 -28.93
C LEU B 152 -2.37 61.83 -30.31
N ASP B 153 -2.13 60.62 -30.86
CA ASP B 153 -2.81 60.10 -32.05
C ASP B 153 -4.25 59.69 -31.73
N GLN C 1 60.28 -22.41 -25.16
CA GLN C 1 61.41 -21.62 -25.67
C GLN C 1 61.50 -20.23 -25.05
N VAL C 2 60.43 -19.42 -25.04
CA VAL C 2 60.42 -18.07 -24.48
C VAL C 2 60.98 -18.05 -23.05
N GLN C 3 61.96 -17.19 -22.80
CA GLN C 3 62.56 -17.04 -21.47
C GLN C 3 63.21 -15.66 -21.35
N LEU C 4 63.55 -15.29 -20.13
CA LEU C 4 64.37 -14.11 -19.86
C LEU C 4 65.53 -14.49 -18.92
N GLN C 5 66.64 -13.77 -19.00
CA GLN C 5 67.73 -13.81 -18.02
C GLN C 5 68.03 -12.41 -17.52
N GLN C 6 68.53 -12.27 -16.30
CA GLN C 6 68.80 -10.96 -15.73
C GLN C 6 70.03 -10.93 -14.84
N TRP C 7 70.63 -9.75 -14.69
CA TRP C 7 71.85 -9.50 -13.95
C TRP C 7 72.01 -8.01 -13.64
N GLY C 8 72.95 -7.67 -12.76
CA GLY C 8 73.29 -6.29 -12.42
C GLY C 8 74.08 -6.21 -11.11
N ALA C 9 73.92 -5.11 -10.37
CA ALA C 9 74.60 -4.94 -9.07
C ALA C 9 74.05 -5.91 -8.00
N GLY C 10 74.95 -6.55 -7.25
CA GLY C 10 74.59 -7.42 -6.12
C GLY C 10 74.65 -6.71 -4.77
N LEU C 11 75.75 -6.01 -4.50
CA LEU C 11 75.95 -5.17 -3.32
C LEU C 11 75.80 -3.69 -3.66
N LEU C 12 75.03 -2.96 -2.86
CA LEU C 12 74.94 -1.50 -2.91
C LEU C 12 75.13 -0.92 -1.52
N LYS C 13 75.81 0.22 -1.41
CA LYS C 13 75.83 1.02 -0.17
C LYS C 13 74.58 1.90 -0.11
N PRO C 14 74.14 2.38 1.06
CA PRO C 14 72.97 3.23 1.16
C PRO C 14 73.10 4.48 0.29
N SER C 15 71.98 5.04 -0.16
CA SER C 15 71.83 6.17 -1.10
C SER C 15 72.30 5.94 -2.55
N GLU C 16 72.94 4.81 -2.88
CA GLU C 16 73.31 4.51 -4.26
C GLU C 16 72.09 4.22 -5.17
N THR C 17 72.33 4.06 -6.47
CA THR C 17 71.30 3.65 -7.43
C THR C 17 71.50 2.21 -7.87
N LEU C 18 70.48 1.38 -7.67
CA LEU C 18 70.40 0.02 -8.22
C LEU C 18 70.23 0.11 -9.74
N SER C 19 70.85 -0.81 -10.47
CA SER C 19 70.63 -0.97 -11.92
C SER C 19 70.64 -2.45 -12.31
N LEU C 20 69.56 -2.94 -12.93
CA LEU C 20 69.38 -4.35 -13.32
C LEU C 20 68.96 -4.45 -14.78
N THR C 21 69.56 -5.37 -15.52
CA THR C 21 69.28 -5.64 -16.92
C THR C 21 68.50 -6.92 -17.06
N CYS C 22 67.50 -6.96 -17.92
CA CYS C 22 66.75 -8.15 -18.26
C CYS C 22 66.76 -8.34 -19.78
N ALA C 23 67.11 -9.53 -20.26
CA ALA C 23 67.24 -9.83 -21.68
C ALA C 23 66.32 -10.98 -22.08
N LEU C 24 65.48 -10.78 -23.09
CA LEU C 24 64.64 -11.85 -23.63
C LEU C 24 65.43 -12.78 -24.56
N TYR C 25 64.91 -13.98 -24.75
CA TYR C 25 65.36 -14.93 -25.75
C TYR C 25 64.14 -15.55 -26.45
N GLY C 26 64.22 -15.77 -27.76
CA GLY C 26 63.18 -16.47 -28.52
C GLY C 26 61.95 -15.65 -28.91
N ARG C 27 61.84 -14.37 -28.50
CA ARG C 27 60.78 -13.45 -28.93
C ARG C 27 61.18 -11.97 -28.82
N SER C 28 60.46 -11.10 -29.52
CA SER C 28 60.53 -9.64 -29.36
C SER C 28 59.62 -9.16 -28.23
N LEU C 29 59.87 -7.95 -27.72
CA LEU C 29 59.08 -7.37 -26.63
C LEU C 29 57.68 -6.92 -27.07
N ASN C 30 57.42 -6.77 -28.37
CA ASN C 30 56.16 -6.25 -28.89
C ASN C 30 54.98 -7.13 -28.48
N GLY C 31 53.79 -6.54 -28.38
CA GLY C 31 52.57 -7.27 -28.01
C GLY C 31 52.39 -7.51 -26.51
N ASN C 32 53.41 -7.26 -25.66
CA ASN C 32 53.31 -7.39 -24.21
C ASN C 32 53.90 -6.19 -23.46
N TYR C 33 53.28 -5.80 -22.35
CA TYR C 33 54.01 -5.06 -21.31
C TYR C 33 55.01 -5.98 -20.63
N TRP C 34 55.99 -5.41 -19.96
CA TRP C 34 56.97 -6.12 -19.16
C TRP C 34 57.11 -5.44 -17.81
N SER C 35 57.42 -6.16 -16.74
CA SER C 35 57.44 -5.62 -15.38
C SER C 35 58.62 -6.11 -14.59
N TRP C 36 58.91 -5.41 -13.50
CA TRP C 36 59.76 -5.91 -12.45
C TRP C 36 58.93 -6.12 -11.18
N ILE C 37 59.18 -7.23 -10.50
CA ILE C 37 58.59 -7.61 -9.22
C ILE C 37 59.74 -7.90 -8.28
N ARG C 38 59.60 -7.62 -7.00
CA ARG C 38 60.63 -7.97 -6.02
C ARG C 38 60.03 -8.68 -4.81
N GLN C 39 60.85 -9.54 -4.23
CA GLN C 39 60.56 -10.29 -3.03
C GLN C 39 61.45 -9.78 -1.91
N SER C 40 60.88 -9.56 -0.73
CA SER C 40 61.66 -9.47 0.50
C SER C 40 60.93 -10.21 1.63
N PRO C 41 61.62 -10.96 2.50
CA PRO C 41 60.94 -11.82 3.49
C PRO C 41 60.00 -11.11 4.45
N GLY C 42 60.18 -9.80 4.68
CA GLY C 42 59.27 -9.00 5.49
C GLY C 42 57.98 -8.55 4.79
N LYS C 43 57.90 -8.62 3.46
CA LYS C 43 56.79 -8.05 2.67
C LYS C 43 56.15 -9.02 1.67
N GLY C 44 56.72 -10.21 1.47
CA GLY C 44 56.29 -11.09 0.39
C GLY C 44 56.67 -10.48 -0.96
N LEU C 45 55.74 -10.45 -1.91
CA LEU C 45 55.96 -9.91 -3.26
C LEU C 45 55.41 -8.50 -3.45
N GLU C 46 56.17 -7.67 -4.14
CA GLU C 46 55.79 -6.32 -4.57
C GLU C 46 55.96 -6.15 -6.07
N TRP C 47 54.95 -5.63 -6.75
CA TRP C 47 55.07 -5.18 -8.14
C TRP C 47 55.65 -3.76 -8.20
N ILE C 48 56.74 -3.56 -8.94
CA ILE C 48 57.43 -2.27 -9.03
C ILE C 48 56.77 -1.37 -10.08
N GLY C 49 56.47 -1.89 -11.25
CA GLY C 49 55.97 -1.10 -12.36
C GLY C 49 56.05 -1.84 -13.69
N GLU C 50 55.83 -1.15 -14.79
CA GLU C 50 55.82 -1.75 -16.11
C GLU C 50 56.25 -0.80 -17.23
N ILE C 51 56.75 -1.41 -18.29
CA ILE C 51 57.32 -0.80 -19.49
C ILE C 51 56.85 -1.60 -20.70
N ASN C 52 57.16 -1.14 -21.91
CA ASN C 52 56.83 -1.82 -23.17
C ASN C 52 57.86 -1.48 -24.24
N HIS C 53 57.74 -2.08 -25.43
CA HIS C 53 58.63 -1.82 -26.57
C HIS C 53 58.65 -0.36 -27.01
N SER C 54 57.57 0.38 -26.83
CA SER C 54 57.52 1.83 -27.06
C SER C 54 58.29 2.64 -26.00
N GLY C 55 58.73 2.04 -24.91
CA GLY C 55 59.47 2.73 -23.85
C GLY C 55 58.62 3.62 -22.94
N SER C 56 57.31 3.68 -23.16
CA SER C 56 56.38 4.27 -22.18
C SER C 56 56.35 3.42 -20.92
N THR C 57 55.99 4.01 -19.76
CA THR C 57 55.97 3.27 -18.49
C THR C 57 54.77 3.65 -17.65
N TYR C 58 54.48 2.81 -16.65
CA TYR C 58 53.59 3.10 -15.54
C TYR C 58 54.20 2.50 -14.27
N PHE C 59 54.17 3.19 -13.15
CA PHE C 59 54.91 2.76 -11.95
C PHE C 59 53.99 2.63 -10.75
N ASN C 60 54.29 1.67 -9.86
CA ASN C 60 53.60 1.55 -8.59
C ASN C 60 53.81 2.84 -7.79
N PRO C 61 52.75 3.52 -7.31
CA PRO C 61 52.87 4.86 -6.73
C PRO C 61 53.96 5.05 -5.68
N SER C 62 54.17 4.10 -4.77
CA SER C 62 55.22 4.22 -3.74
C SER C 62 56.65 4.22 -4.31
N PHE C 63 56.86 3.69 -5.51
CA PHE C 63 58.16 3.67 -6.18
C PHE C 63 58.37 4.82 -7.17
N LYS C 64 57.31 5.51 -7.64
CA LYS C 64 57.42 6.47 -8.77
C LYS C 64 58.40 7.61 -8.52
N SER C 65 58.63 7.95 -7.26
CA SER C 65 59.58 8.97 -6.80
C SER C 65 61.05 8.52 -6.84
N ARG C 66 61.36 7.23 -6.99
CA ARG C 66 62.73 6.68 -6.99
C ARG C 66 63.06 5.81 -8.20
N VAL C 67 62.06 5.28 -8.88
CA VAL C 67 62.24 4.31 -9.96
C VAL C 67 62.46 4.97 -11.32
N ALA C 68 63.14 4.27 -12.22
CA ALA C 68 63.11 4.49 -13.65
C ALA C 68 63.21 3.13 -14.36
N MET C 69 62.65 3.03 -15.56
CA MET C 69 62.80 1.86 -16.43
C MET C 69 63.19 2.32 -17.83
N SER C 70 63.88 1.46 -18.58
CA SER C 70 64.23 1.76 -19.98
C SER C 70 64.17 0.51 -20.84
N VAL C 71 64.09 0.66 -22.16
CA VAL C 71 63.98 -0.45 -23.10
C VAL C 71 65.00 -0.32 -24.23
N ASP C 72 65.41 -1.42 -24.81
CA ASP C 72 66.25 -1.45 -26.00
C ASP C 72 65.78 -2.57 -26.91
N THR C 73 64.80 -2.24 -27.75
CA THR C 73 64.18 -3.17 -28.69
C THR C 73 65.17 -3.72 -29.72
N SER C 74 66.32 -3.08 -29.92
CA SER C 74 67.35 -3.58 -30.83
C SER C 74 68.11 -4.78 -30.26
N LYS C 75 68.29 -4.83 -28.93
CA LYS C 75 68.96 -5.94 -28.23
C LYS C 75 68.01 -6.96 -27.62
N SER C 76 66.70 -6.75 -27.72
CA SER C 76 65.67 -7.50 -26.97
C SER C 76 65.83 -7.36 -25.46
N GLN C 77 66.13 -6.15 -24.96
CA GLN C 77 66.40 -5.91 -23.55
C GLN C 77 65.46 -4.88 -22.95
N PHE C 78 65.33 -4.92 -21.64
CA PHE C 78 64.81 -3.82 -20.84
C PHE C 78 65.55 -3.77 -19.50
N SER C 79 65.42 -2.68 -18.77
CA SER C 79 66.18 -2.49 -17.53
C SER C 79 65.45 -1.62 -16.52
N LEU C 80 65.87 -1.76 -15.28
CA LEU C 80 65.33 -1.08 -14.11
C LEU C 80 66.45 -0.32 -13.44
N LYS C 81 66.15 0.89 -12.95
CA LYS C 81 66.99 1.67 -12.06
C LYS C 81 66.18 2.15 -10.87
N LEU C 82 66.77 2.10 -9.68
CA LEU C 82 66.09 2.52 -8.45
C LEU C 82 67.05 3.37 -7.63
N ASN C 83 66.75 4.66 -7.53
CA ASN C 83 67.59 5.65 -6.87
C ASN C 83 67.49 5.57 -5.34
N SER C 84 68.53 6.06 -4.68
CA SER C 84 68.55 6.26 -3.23
C SER C 84 68.17 5.01 -2.44
N VAL C 85 68.80 3.87 -2.76
CA VAL C 85 68.49 2.63 -2.06
C VAL C 85 68.79 2.73 -0.56
N THR C 86 68.03 1.98 0.23
CA THR C 86 68.19 1.86 1.68
C THR C 86 68.15 0.38 2.03
N ALA C 87 68.47 -0.02 3.27
CA ALA C 87 68.45 -1.42 3.67
C ALA C 87 67.12 -2.13 3.31
N ALA C 88 66.00 -1.42 3.36
CA ALA C 88 64.67 -1.90 3.00
C ALA C 88 64.52 -2.35 1.53
N ASP C 89 65.39 -1.88 0.62
CA ASP C 89 65.41 -2.37 -0.77
C ASP C 89 66.16 -3.70 -0.94
N THR C 90 66.72 -4.28 0.13
CA THR C 90 67.31 -5.62 0.07
C THR C 90 66.25 -6.66 -0.29
N GLY C 91 66.57 -7.59 -1.18
CA GLY C 91 65.63 -8.64 -1.60
C GLY C 91 66.07 -9.40 -2.84
N ILE C 92 65.13 -10.11 -3.47
CA ILE C 92 65.31 -10.70 -4.81
C ILE C 92 64.43 -9.94 -5.80
N TYR C 93 64.97 -9.56 -6.94
CA TYR C 93 64.27 -8.83 -7.99
C TYR C 93 64.12 -9.73 -9.20
N PHE C 94 62.91 -9.84 -9.73
CA PHE C 94 62.54 -10.61 -10.92
C PHE C 94 61.96 -9.70 -11.99
N CYS C 95 62.42 -9.77 -13.23
CA CYS C 95 61.64 -9.28 -14.35
C CYS C 95 60.68 -10.36 -14.86
N ALA C 96 59.50 -9.97 -15.35
CA ALA C 96 58.44 -10.87 -15.76
C ALA C 96 57.53 -10.33 -16.87
N ARG C 97 57.00 -11.20 -17.74
CA ARG C 97 56.06 -10.82 -18.81
C ARG C 97 54.71 -10.40 -18.25
N GLY C 98 54.17 -9.26 -18.66
CA GLY C 98 52.89 -8.74 -18.18
C GLY C 98 51.75 -8.99 -19.14
N LYS C 99 50.72 -8.14 -19.09
CA LYS C 99 49.56 -8.17 -19.99
C LYS C 99 49.92 -8.12 -21.46
N ARG C 100 49.05 -8.68 -22.31
CA ARG C 100 49.16 -8.58 -23.77
C ARG C 100 48.27 -7.45 -24.30
N TYR C 101 48.78 -6.69 -25.26
CA TYR C 101 48.22 -5.39 -25.63
C TYR C 101 46.76 -5.43 -26.07
N SER C 102 46.37 -6.45 -26.82
CA SER C 102 45.00 -6.65 -27.31
C SER C 102 44.03 -7.28 -26.29
N ALA C 103 44.39 -7.32 -25.00
CA ALA C 103 43.54 -7.83 -23.93
C ALA C 103 43.76 -7.04 -22.64
N SER C 104 43.03 -5.94 -22.47
CA SER C 104 43.34 -4.93 -21.45
C SER C 104 43.26 -5.39 -20.00
N TYR C 105 42.65 -6.53 -19.72
CA TYR C 105 42.66 -7.15 -18.39
C TYR C 105 43.37 -8.51 -18.44
N SER C 106 44.69 -8.48 -18.52
CA SER C 106 45.50 -9.70 -18.56
C SER C 106 46.83 -9.56 -17.83
N ASN C 107 46.92 -8.71 -16.81
CA ASN C 107 48.17 -8.48 -16.07
C ASN C 107 48.43 -9.56 -15.01
N TYR C 108 48.73 -10.78 -15.45
CA TYR C 108 49.23 -11.85 -14.61
C TYR C 108 50.45 -12.51 -15.26
N PHE C 109 51.45 -12.80 -14.44
CA PHE C 109 52.83 -12.87 -14.89
C PHE C 109 53.24 -14.26 -15.33
N GLY C 110 53.12 -14.55 -16.62
CA GLY C 110 53.28 -15.91 -17.13
C GLY C 110 54.71 -16.47 -17.09
N VAL C 111 55.73 -15.64 -17.34
CA VAL C 111 57.14 -16.07 -17.43
C VAL C 111 58.02 -15.13 -16.63
N TRP C 112 58.92 -15.69 -15.84
CA TRP C 112 59.78 -14.96 -14.91
C TRP C 112 61.22 -15.35 -15.14
N GLY C 113 62.11 -14.41 -14.91
CA GLY C 113 63.54 -14.72 -14.88
C GLY C 113 63.99 -15.46 -13.68
N GLN C 114 65.24 -15.86 -13.73
CA GLN C 114 65.86 -16.55 -12.63
C GLN C 114 65.95 -15.67 -11.37
N GLY C 115 65.89 -14.35 -11.52
CA GLY C 115 65.92 -13.39 -10.42
C GLY C 115 67.35 -13.08 -9.94
N THR C 116 67.53 -11.93 -9.31
CA THR C 116 68.83 -11.45 -8.81
C THR C 116 68.69 -10.89 -7.41
N GLN C 117 69.65 -11.15 -6.53
CA GLN C 117 69.59 -10.77 -5.13
C GLN C 117 70.37 -9.47 -4.89
N VAL C 118 69.71 -8.49 -4.30
CA VAL C 118 70.24 -7.14 -4.01
C VAL C 118 70.40 -6.99 -2.52
N THR C 119 71.60 -6.68 -2.05
CA THR C 119 71.87 -6.37 -0.63
C THR C 119 72.30 -4.92 -0.49
N VAL C 120 71.58 -4.15 0.32
CA VAL C 120 71.86 -2.73 0.54
C VAL C 120 72.46 -2.53 1.92
N SER C 121 73.79 -2.47 1.99
CA SER C 121 74.54 -2.30 3.24
C SER C 121 75.89 -1.63 3.02
N SER C 122 76.43 -0.97 4.05
CA SER C 122 77.76 -0.36 4.01
C SER C 122 78.90 -1.38 3.87
N ALA C 123 78.70 -2.62 4.34
CA ALA C 123 79.74 -3.65 4.44
C ALA C 123 80.33 -4.07 3.09
N SER C 124 81.64 -4.30 3.07
CA SER C 124 82.40 -4.71 1.88
C SER C 124 82.12 -6.15 1.45
N THR C 125 82.36 -6.44 0.17
CA THR C 125 82.40 -7.82 -0.34
C THR C 125 83.47 -8.63 0.41
N LYS C 126 83.25 -9.94 0.59
CA LYS C 126 84.33 -10.89 0.88
C LYS C 126 84.05 -12.23 0.20
N GLY C 127 85.07 -12.86 -0.38
CA GLY C 127 85.00 -14.20 -0.94
C GLY C 127 85.21 -15.30 0.12
N PRO C 128 84.66 -16.51 -0.08
CA PRO C 128 84.65 -17.57 0.91
C PRO C 128 85.99 -18.26 1.09
N SER C 129 86.29 -18.62 2.33
CA SER C 129 87.14 -19.78 2.62
C SER C 129 86.33 -21.06 2.38
N VAL C 130 86.94 -22.11 1.86
CA VAL C 130 86.31 -23.42 1.69
C VAL C 130 87.11 -24.49 2.42
N PHE C 131 86.46 -25.18 3.34
CA PHE C 131 87.05 -26.25 4.12
C PHE C 131 86.42 -27.60 3.73
N PRO C 132 87.20 -28.61 3.35
CA PRO C 132 86.65 -29.94 3.18
C PRO C 132 86.20 -30.55 4.52
N LEU C 133 85.08 -31.28 4.49
CA LEU C 133 84.52 -32.03 5.61
C LEU C 133 84.69 -33.53 5.37
N ALA C 134 85.77 -34.10 5.89
CA ALA C 134 86.05 -35.52 5.82
C ALA C 134 84.95 -36.38 6.49
N PRO C 135 84.77 -37.66 6.11
CA PRO C 135 83.87 -38.57 6.81
C PRO C 135 84.40 -38.98 8.20
N SER C 136 83.56 -39.69 8.97
CA SER C 136 83.97 -40.41 10.19
C SER C 136 83.94 -41.93 9.98
N SER C 137 84.99 -42.61 10.46
CA SER C 137 85.16 -44.08 10.43
C SER C 137 86.21 -44.52 11.44
N SER C 141 77.55 -42.32 11.86
CA SER C 141 77.11 -43.71 12.02
C SER C 141 78.18 -44.74 11.62
N GLY C 142 79.18 -44.32 10.85
CA GLY C 142 80.28 -45.17 10.35
C GLY C 142 79.90 -46.14 9.22
N GLY C 143 80.85 -46.49 8.35
CA GLY C 143 80.71 -47.47 7.27
C GLY C 143 79.89 -47.04 6.04
N THR C 144 78.76 -46.35 6.27
CA THR C 144 77.94 -45.65 5.26
C THR C 144 77.69 -44.21 5.74
N ALA C 145 78.80 -43.49 5.99
CA ALA C 145 78.84 -42.17 6.61
C ALA C 145 78.39 -41.03 5.67
N ALA C 146 78.79 -39.80 5.97
CA ALA C 146 78.65 -38.64 5.09
C ALA C 146 80.00 -37.91 4.91
N LEU C 147 80.21 -37.26 3.76
CA LEU C 147 81.31 -36.30 3.54
C LEU C 147 80.81 -35.04 2.80
N GLY C 148 81.56 -33.94 2.84
CA GLY C 148 81.06 -32.66 2.37
C GLY C 148 82.09 -31.53 2.32
N CYS C 149 81.62 -30.29 2.23
CA CYS C 149 82.41 -29.06 2.30
C CYS C 149 81.69 -27.98 3.11
N LEU C 150 82.44 -27.21 3.88
CA LEU C 150 82.00 -26.03 4.64
C LEU C 150 82.54 -24.77 3.96
N VAL C 151 81.66 -23.84 3.66
CA VAL C 151 81.95 -22.56 3.01
C VAL C 151 81.75 -21.46 4.04
N LYS C 152 82.74 -20.59 4.26
CA LYS C 152 82.76 -19.70 5.44
C LYS C 152 83.22 -18.28 5.13
N ASP C 153 82.66 -17.32 5.86
CA ASP C 153 83.07 -15.90 5.88
C ASP C 153 83.15 -15.28 4.50
N TYR C 154 81.98 -15.13 3.88
CA TYR C 154 81.79 -14.40 2.64
C TYR C 154 80.60 -13.46 2.75
N PHE C 155 80.55 -12.46 1.88
CA PHE C 155 79.43 -11.52 1.81
C PHE C 155 79.41 -10.78 0.46
N PRO C 156 78.24 -10.37 -0.03
CA PRO C 156 76.90 -10.82 0.38
C PRO C 156 76.66 -12.29 -0.02
N GLU C 157 75.50 -12.85 0.32
CA GLU C 157 74.97 -13.99 -0.44
C GLU C 157 74.70 -13.60 -1.92
N PRO C 158 74.74 -14.55 -2.87
CA PRO C 158 74.82 -15.98 -2.66
C PRO C 158 76.20 -16.60 -2.95
N VAL C 159 76.55 -17.66 -2.22
CA VAL C 159 77.45 -18.70 -2.75
C VAL C 159 76.63 -19.78 -3.44
N THR C 160 77.27 -20.61 -4.27
CA THR C 160 76.67 -21.82 -4.82
C THR C 160 77.66 -22.98 -4.76
N VAL C 161 77.16 -24.19 -4.56
CA VAL C 161 77.99 -25.40 -4.40
C VAL C 161 77.46 -26.55 -5.25
N SER C 162 78.36 -27.30 -5.87
CA SER C 162 78.06 -28.48 -6.69
C SER C 162 79.15 -29.53 -6.55
N TRP C 163 78.83 -30.79 -6.83
CA TRP C 163 79.76 -31.90 -6.62
C TRP C 163 80.26 -32.49 -7.94
N ASN C 164 81.56 -32.73 -8.01
CA ASN C 164 82.26 -33.27 -9.16
C ASN C 164 81.94 -32.49 -10.45
N SER C 165 82.00 -31.16 -10.39
CA SER C 165 81.65 -30.27 -11.51
C SER C 165 80.22 -30.46 -11.98
N GLY C 166 79.31 -30.67 -11.03
CA GLY C 166 77.88 -30.91 -11.27
C GLY C 166 77.57 -32.34 -11.72
N ALA C 167 78.56 -33.22 -11.84
CA ALA C 167 78.35 -34.61 -12.26
C ALA C 167 77.78 -35.51 -11.14
N LEU C 168 77.91 -35.11 -9.87
CA LEU C 168 77.31 -35.79 -8.72
C LEU C 168 76.17 -34.94 -8.12
N THR C 169 75.02 -35.56 -7.87
CA THR C 169 73.78 -34.83 -7.53
C THR C 169 72.91 -35.55 -6.50
N SER C 170 72.64 -36.85 -6.66
CA SER C 170 71.71 -37.58 -5.80
C SER C 170 72.27 -37.81 -4.38
N GLY C 171 71.44 -37.59 -3.37
CA GLY C 171 71.83 -37.71 -1.96
C GLY C 171 72.62 -36.52 -1.40
N VAL C 172 72.86 -35.49 -2.20
CA VAL C 172 73.37 -34.21 -1.71
C VAL C 172 72.30 -33.49 -0.89
N HIS C 173 72.70 -32.82 0.19
CA HIS C 173 71.98 -31.67 0.74
C HIS C 173 72.91 -30.47 0.85
N THR C 174 72.39 -29.28 0.58
CA THR C 174 73.09 -28.03 0.82
C THR C 174 72.25 -27.13 1.72
N PHE C 175 72.80 -26.75 2.87
CA PHE C 175 72.07 -26.02 3.90
C PHE C 175 71.90 -24.53 3.58
N PRO C 176 70.76 -23.92 3.94
CA PRO C 176 70.61 -22.47 3.93
C PRO C 176 71.67 -21.77 4.79
N ALA C 177 71.99 -20.54 4.45
CA ALA C 177 73.10 -19.81 5.06
C ALA C 177 72.88 -19.43 6.54
N VAL C 178 73.98 -19.41 7.27
CA VAL C 178 74.10 -19.07 8.69
C VAL C 178 74.74 -17.67 8.82
N LEU C 179 74.08 -16.75 9.52
CA LEU C 179 74.68 -15.49 9.94
C LEU C 179 75.56 -15.72 11.17
N GLN C 180 76.87 -15.61 10.96
CA GLN C 180 77.87 -15.87 12.00
C GLN C 180 78.09 -14.66 12.92
N SER C 181 78.97 -14.84 13.93
CA SER C 181 79.51 -13.75 14.75
C SER C 181 80.19 -12.64 13.94
N SER C 182 80.81 -12.98 12.81
CA SER C 182 81.43 -12.02 11.88
C SER C 182 80.41 -11.15 11.13
N GLY C 183 79.10 -11.45 11.20
CA GLY C 183 78.06 -10.88 10.35
C GLY C 183 78.09 -11.40 8.90
N LEU C 184 79.18 -12.07 8.50
CA LEU C 184 79.32 -12.74 7.21
C LEU C 184 78.60 -14.10 7.23
N TYR C 185 78.30 -14.63 6.06
CA TYR C 185 77.59 -15.89 5.92
C TYR C 185 78.51 -17.12 5.93
N SER C 186 77.93 -18.27 6.27
CA SER C 186 78.54 -19.59 6.10
C SER C 186 77.48 -20.68 5.91
N LEU C 187 77.83 -21.80 5.26
CA LEU C 187 76.97 -22.98 5.09
C LEU C 187 77.80 -24.20 4.70
N SER C 188 77.21 -25.39 4.73
CA SER C 188 77.83 -26.61 4.22
C SER C 188 77.00 -27.32 3.17
N SER C 189 77.68 -28.02 2.26
CA SER C 189 77.09 -29.00 1.35
C SER C 189 77.65 -30.38 1.65
N VAL C 190 76.80 -31.41 1.64
CA VAL C 190 77.13 -32.73 2.18
C VAL C 190 76.44 -33.82 1.38
N VAL C 191 77.05 -35.00 1.30
CA VAL C 191 76.50 -36.17 0.61
C VAL C 191 76.74 -37.45 1.40
N THR C 192 75.72 -38.30 1.45
CA THR C 192 75.79 -39.64 2.07
C THR C 192 76.65 -40.57 1.20
N VAL C 193 77.58 -41.30 1.81
CA VAL C 193 78.55 -42.12 1.08
C VAL C 193 78.67 -43.53 1.67
N PRO C 194 78.56 -44.58 0.85
CA PRO C 194 79.10 -45.90 1.18
C PRO C 194 80.62 -45.82 1.23
N SER C 195 81.26 -46.44 2.22
CA SER C 195 82.73 -46.43 2.37
C SER C 195 83.48 -47.05 1.19
N SER C 196 82.82 -47.87 0.36
CA SER C 196 83.35 -48.34 -0.92
C SER C 196 83.60 -47.21 -1.93
N SER C 197 82.73 -46.20 -1.99
CA SER C 197 82.86 -45.06 -2.91
C SER C 197 84.13 -44.24 -2.67
N LEU C 198 84.60 -44.19 -1.42
CA LEU C 198 85.82 -43.49 -1.00
C LEU C 198 87.09 -44.10 -1.63
N GLY C 199 87.04 -45.37 -2.04
CA GLY C 199 88.13 -46.05 -2.75
C GLY C 199 88.18 -45.78 -4.25
N THR C 200 87.27 -44.95 -4.81
CA THR C 200 87.14 -44.75 -6.26
C THR C 200 86.87 -43.31 -6.68
N GLN C 201 85.96 -42.57 -6.04
CA GLN C 201 85.65 -41.20 -6.43
C GLN C 201 86.60 -40.18 -5.79
N THR C 202 87.17 -39.28 -6.60
CA THR C 202 87.79 -38.03 -6.11
C THR C 202 86.69 -37.01 -5.83
N TYR C 203 86.24 -36.90 -4.58
CA TYR C 203 85.13 -36.01 -4.22
C TYR C 203 85.56 -34.54 -4.28
N ILE C 204 85.11 -33.83 -5.31
CA ILE C 204 85.32 -32.40 -5.49
C ILE C 204 84.03 -31.63 -5.19
N CYS C 205 84.08 -30.61 -4.34
CA CYS C 205 83.07 -29.58 -4.32
C CYS C 205 83.58 -28.39 -5.12
N ASN C 206 82.81 -27.99 -6.12
CA ASN C 206 82.95 -26.67 -6.71
C ASN C 206 82.24 -25.67 -5.80
N VAL C 207 82.85 -24.52 -5.53
CA VAL C 207 82.23 -23.42 -4.79
C VAL C 207 82.45 -22.14 -5.56
N ASN C 208 81.39 -21.37 -5.74
CA ASN C 208 81.43 -20.10 -6.44
C ASN C 208 80.78 -19.02 -5.56
N HIS C 209 81.43 -17.88 -5.44
CA HIS C 209 80.88 -16.68 -4.83
C HIS C 209 80.82 -15.56 -5.87
N LYS C 210 79.74 -15.56 -6.63
CA LYS C 210 79.49 -14.66 -7.76
C LYS C 210 79.68 -13.16 -7.43
N PRO C 211 79.36 -12.66 -6.21
CA PRO C 211 79.61 -11.25 -5.87
C PRO C 211 81.09 -10.86 -5.87
N SER C 212 81.99 -11.73 -5.36
CA SER C 212 83.45 -11.55 -5.49
C SER C 212 84.01 -12.14 -6.79
N ASN C 213 83.20 -12.89 -7.54
CA ASN C 213 83.59 -13.78 -8.63
C ASN C 213 84.67 -14.80 -8.22
N THR C 214 84.73 -15.20 -6.95
CA THR C 214 85.63 -16.26 -6.49
C THR C 214 85.12 -17.62 -6.98
N LYS C 215 85.89 -18.34 -7.79
CA LYS C 215 85.61 -19.74 -8.16
C LYS C 215 86.67 -20.66 -7.57
N VAL C 216 86.23 -21.75 -6.93
CA VAL C 216 87.07 -22.75 -6.27
C VAL C 216 86.61 -24.14 -6.69
N ASP C 217 87.55 -25.04 -7.01
CA ASP C 217 87.34 -26.48 -6.90
C ASP C 217 88.16 -27.01 -5.70
N LYS C 218 87.51 -27.67 -4.75
CA LYS C 218 88.15 -28.19 -3.53
C LYS C 218 87.87 -29.68 -3.35
N LYS C 219 88.91 -30.46 -3.14
CA LYS C 219 88.83 -31.91 -2.88
C LYS C 219 88.58 -32.19 -1.39
N VAL C 220 87.76 -33.19 -1.07
CA VAL C 220 87.61 -33.71 0.29
C VAL C 220 88.66 -34.77 0.60
N GLU C 221 89.16 -34.81 1.83
CA GLU C 221 90.19 -35.77 2.26
C GLU C 221 89.55 -36.95 3.03
N PRO C 222 89.81 -38.22 2.67
CA PRO C 222 89.26 -39.38 3.37
C PRO C 222 89.92 -39.67 4.74
N LYS C 223 89.94 -38.71 5.67
CA LYS C 223 90.24 -39.00 7.09
C LYS C 223 89.14 -39.85 7.73
N ASP D 1 44.51 0.59 -1.55
CA ASP D 1 43.97 -0.01 -2.81
C ASP D 1 43.33 -1.38 -2.50
N ILE D 2 42.93 -2.13 -3.53
CA ILE D 2 42.41 -3.49 -3.37
C ILE D 2 43.52 -4.41 -2.87
N GLN D 3 43.31 -5.11 -1.76
CA GLN D 3 44.30 -5.95 -1.11
C GLN D 3 43.77 -7.37 -0.87
N MET D 4 44.66 -8.36 -0.91
CA MET D 4 44.29 -9.77 -0.85
C MET D 4 44.62 -10.39 0.50
N THR D 5 43.66 -11.08 1.11
CA THR D 5 43.82 -11.83 2.35
C THR D 5 43.78 -13.33 2.07
N GLN D 6 44.82 -14.09 2.37
CA GLN D 6 44.78 -15.55 2.27
C GLN D 6 44.35 -16.23 3.57
N SER D 7 43.89 -17.47 3.45
CA SER D 7 43.59 -18.35 4.58
C SER D 7 43.55 -19.81 4.11
N PRO D 8 44.20 -20.75 4.83
CA PRO D 8 45.01 -20.54 6.02
C PRO D 8 46.38 -19.94 5.70
N SER D 9 47.13 -19.53 6.72
CA SER D 9 48.52 -19.09 6.57
C SER D 9 49.49 -20.26 6.38
N THR D 10 49.26 -21.38 7.06
CA THR D 10 50.05 -22.61 6.93
C THR D 10 49.15 -23.82 6.93
N LEU D 11 49.57 -24.89 6.28
CA LEU D 11 48.72 -26.03 6.00
C LEU D 11 49.58 -27.30 5.95
N SER D 12 49.02 -28.41 6.39
CA SER D 12 49.60 -29.74 6.15
C SER D 12 48.54 -30.79 5.89
N ALA D 13 48.91 -31.76 5.07
CA ALA D 13 48.08 -32.88 4.64
C ALA D 13 48.98 -34.02 4.16
N SER D 14 48.45 -35.23 4.06
CA SER D 14 49.19 -36.40 3.58
C SER D 14 48.94 -36.69 2.11
N VAL D 15 49.81 -37.49 1.52
CA VAL D 15 49.72 -37.85 0.11
C VAL D 15 48.35 -38.45 -0.21
N GLY D 16 47.74 -38.07 -1.33
CA GLY D 16 46.39 -38.47 -1.71
C GLY D 16 45.25 -37.65 -1.08
N ASP D 17 45.50 -36.79 -0.11
CA ASP D 17 44.49 -35.89 0.43
C ASP D 17 44.07 -34.80 -0.57
N ARG D 18 42.80 -34.40 -0.54
CA ARG D 18 42.40 -33.10 -1.09
C ARG D 18 42.89 -31.97 -0.17
N VAL D 19 43.32 -30.85 -0.73
CA VAL D 19 43.70 -29.63 0.00
C VAL D 19 43.00 -28.41 -0.60
N ASP D 20 42.52 -27.49 0.24
CA ASP D 20 41.89 -26.25 -0.22
C ASP D 20 42.54 -25.03 0.43
N ILE D 21 42.92 -24.05 -0.40
CA ILE D 21 43.47 -22.75 0.00
C ILE D 21 42.47 -21.69 -0.44
N THR D 22 42.26 -20.65 0.35
CA THR D 22 41.31 -19.57 0.02
C THR D 22 41.97 -18.22 -0.01
N CYS D 23 41.40 -17.31 -0.78
CA CYS D 23 41.84 -15.95 -0.94
C CYS D 23 40.61 -15.05 -0.99
N ARG D 24 40.66 -13.90 -0.32
CA ARG D 24 39.57 -12.92 -0.30
C ARG D 24 40.08 -11.54 -0.67
N ALA D 25 39.46 -10.91 -1.64
CA ALA D 25 39.74 -9.52 -1.98
C ALA D 25 39.07 -8.57 -0.98
N SER D 26 39.73 -7.46 -0.64
CA SER D 26 39.19 -6.48 0.31
C SER D 26 37.89 -5.81 -0.20
N GLN D 27 37.66 -5.83 -1.51
CA GLN D 27 36.40 -5.47 -2.17
C GLN D 27 36.35 -6.16 -3.55
N SER D 28 35.19 -6.17 -4.21
CA SER D 28 34.94 -6.97 -5.41
C SER D 28 35.99 -6.82 -6.50
N ILE D 29 36.57 -7.93 -6.95
CA ILE D 29 37.34 -8.05 -8.18
C ILE D 29 36.57 -8.96 -9.12
N SER D 30 36.27 -8.52 -10.34
CA SER D 30 35.17 -9.16 -11.07
C SER D 30 35.42 -10.63 -11.39
N ARG D 31 36.63 -10.96 -11.87
CA ARG D 31 37.21 -12.32 -11.86
C ARG D 31 38.73 -12.33 -12.07
N TRP D 32 39.35 -11.17 -11.97
CA TRP D 32 40.72 -10.89 -12.40
C TRP D 32 41.73 -11.30 -11.33
N LEU D 33 41.88 -12.60 -11.13
CA LEU D 33 42.75 -13.17 -10.11
C LEU D 33 43.59 -14.29 -10.69
N ALA D 34 44.79 -14.48 -10.16
CA ALA D 34 45.66 -15.58 -10.51
C ALA D 34 46.23 -16.22 -9.25
N TRP D 35 46.73 -17.44 -9.36
CA TRP D 35 47.39 -18.17 -8.29
C TRP D 35 48.76 -18.63 -8.74
N TYR D 36 49.74 -18.62 -7.85
CA TYR D 36 51.12 -19.00 -8.15
C TYR D 36 51.64 -20.03 -7.16
N GLN D 37 52.48 -20.96 -7.61
CA GLN D 37 53.29 -21.83 -6.77
C GLN D 37 54.70 -21.28 -6.74
N GLN D 38 55.30 -21.09 -5.58
CA GLN D 38 56.72 -20.82 -5.43
C GLN D 38 57.41 -21.96 -4.71
N LYS D 39 58.38 -22.62 -5.36
CA LYS D 39 59.36 -23.45 -4.65
C LYS D 39 60.30 -22.54 -3.84
N PRO D 40 60.87 -22.96 -2.71
CA PRO D 40 61.89 -22.19 -2.01
C PRO D 40 63.10 -21.91 -2.89
N GLY D 41 63.55 -20.66 -2.93
CA GLY D 41 64.74 -20.26 -3.69
C GLY D 41 64.56 -20.18 -5.21
N LYS D 42 63.32 -20.11 -5.72
CA LYS D 42 63.01 -20.03 -7.16
C LYS D 42 61.97 -18.96 -7.43
N ALA D 43 61.85 -18.56 -8.69
CA ALA D 43 60.78 -17.70 -9.15
C ALA D 43 59.43 -18.39 -8.98
N PRO D 44 58.36 -17.68 -8.64
CA PRO D 44 57.01 -18.19 -8.77
C PRO D 44 56.69 -18.69 -10.17
N LYS D 45 55.65 -19.50 -10.27
CA LYS D 45 55.10 -20.08 -11.49
C LYS D 45 53.59 -19.89 -11.44
N VAL D 46 52.92 -19.50 -12.53
CA VAL D 46 51.46 -19.38 -12.53
C VAL D 46 50.79 -20.75 -12.65
N LEU D 47 49.68 -20.94 -11.95
CA LEU D 47 48.85 -22.15 -11.99
C LEU D 47 47.49 -21.87 -12.63
N ILE D 48 46.83 -20.82 -12.15
CA ILE D 48 45.46 -20.48 -12.47
C ILE D 48 45.40 -19.00 -12.83
N TYR D 49 44.55 -18.62 -13.78
CA TYR D 49 44.23 -17.23 -14.07
C TYR D 49 42.75 -17.06 -14.41
N GLU D 50 42.25 -15.82 -14.45
CA GLU D 50 40.81 -15.53 -14.38
C GLU D 50 40.09 -16.36 -13.30
N ALA D 51 40.73 -16.54 -12.15
CA ALA D 51 40.26 -17.36 -11.04
C ALA D 51 40.00 -18.84 -11.32
N SER D 52 40.11 -19.35 -12.55
CA SER D 52 39.50 -20.64 -12.90
C SER D 52 40.11 -21.37 -14.11
N LEU D 53 40.79 -20.69 -15.02
CA LEU D 53 41.42 -21.32 -16.17
C LEU D 53 42.78 -21.87 -15.78
N LEU D 54 43.21 -23.01 -16.31
CA LEU D 54 44.57 -23.50 -16.09
C LEU D 54 45.56 -22.85 -17.04
N ALA D 55 46.76 -22.52 -16.57
CA ALA D 55 47.90 -22.27 -17.45
C ALA D 55 48.38 -23.56 -18.13
N ASN D 56 49.04 -23.46 -19.29
CA ASN D 56 49.60 -24.64 -19.95
C ASN D 56 50.69 -25.29 -19.09
N GLY D 57 50.80 -26.61 -19.13
CA GLY D 57 51.79 -27.39 -18.38
C GLY D 57 51.45 -27.64 -16.90
N VAL D 58 50.37 -27.07 -16.38
CA VAL D 58 49.85 -27.36 -15.05
C VAL D 58 49.22 -28.76 -15.03
N PRO D 59 49.60 -29.67 -14.11
CA PRO D 59 48.93 -30.96 -13.98
C PRO D 59 47.47 -30.80 -13.60
N SER D 60 46.56 -31.56 -14.20
CA SER D 60 45.12 -31.30 -14.06
C SER D 60 44.55 -31.48 -12.64
N ARG D 61 45.34 -31.95 -11.66
CA ARG D 61 44.90 -32.01 -10.26
C ARG D 61 44.66 -30.64 -9.65
N PHE D 62 45.36 -29.59 -10.09
CA PHE D 62 45.13 -28.21 -9.63
C PHE D 62 43.82 -27.68 -10.18
N SER D 63 43.14 -26.79 -9.47
CA SER D 63 41.89 -26.19 -9.97
C SER D 63 41.55 -24.94 -9.20
N GLY D 64 40.76 -24.05 -9.79
CA GLY D 64 40.22 -22.87 -9.10
C GLY D 64 38.71 -22.93 -9.02
N HIS D 65 38.11 -22.32 -8.00
CA HIS D 65 36.67 -22.15 -7.86
C HIS D 65 36.35 -20.77 -7.34
N PHE D 66 35.22 -20.22 -7.76
CA PHE D 66 34.63 -18.99 -7.24
C PHE D 66 33.17 -18.92 -7.65
N ASN D 67 32.37 -18.00 -7.09
CA ASN D 67 30.93 -17.95 -7.37
C ASN D 67 30.57 -17.47 -8.79
N GLY D 68 31.54 -17.08 -9.62
CA GLY D 68 31.35 -16.80 -11.05
C GLY D 68 30.79 -15.41 -11.37
N ARG D 69 29.95 -14.86 -10.48
CA ARG D 69 29.29 -13.57 -10.68
C ARG D 69 30.30 -12.43 -10.74
N GLU D 70 29.94 -11.38 -11.46
CA GLU D 70 30.84 -10.24 -11.75
C GLU D 70 31.22 -9.38 -10.54
N SER D 71 30.67 -9.63 -9.36
CA SER D 71 30.95 -8.92 -8.11
C SER D 71 31.71 -9.77 -7.07
N ALA D 72 32.30 -10.89 -7.48
CA ALA D 72 33.00 -11.82 -6.60
C ALA D 72 34.05 -11.19 -5.68
N THR D 73 34.25 -11.80 -4.51
CA THR D 73 35.32 -11.46 -3.56
C THR D 73 36.08 -12.65 -3.04
N ASP D 74 35.52 -13.87 -3.08
CA ASP D 74 36.04 -15.04 -2.40
C ASP D 74 36.41 -16.14 -3.39
N PHE D 75 37.66 -16.58 -3.38
CA PHE D 75 38.25 -17.46 -4.38
C PHE D 75 38.95 -18.63 -3.71
N THR D 76 38.98 -19.79 -4.35
CA THR D 76 39.56 -21.00 -3.78
C THR D 76 40.43 -21.73 -4.78
N LEU D 77 41.58 -22.22 -4.36
CA LEU D 77 42.42 -23.14 -5.12
C LEU D 77 42.31 -24.49 -4.45
N THR D 78 41.88 -25.51 -5.18
CA THR D 78 41.72 -26.87 -4.66
C THR D 78 42.71 -27.79 -5.33
N ILE D 79 43.67 -28.33 -4.58
CA ILE D 79 44.55 -29.38 -5.08
C ILE D 79 43.82 -30.68 -4.86
N SER D 80 43.26 -31.26 -5.92
CA SER D 80 42.27 -32.34 -5.79
C SER D 80 42.84 -33.70 -5.36
N SER D 81 44.16 -33.88 -5.34
CA SER D 81 44.83 -35.08 -4.82
C SER D 81 46.31 -34.81 -4.61
N LEU D 82 46.72 -34.45 -3.39
CA LEU D 82 48.06 -33.94 -3.10
C LEU D 82 49.17 -34.96 -3.38
N GLN D 83 50.30 -34.50 -3.92
CA GLN D 83 51.44 -35.35 -4.26
C GLN D 83 52.72 -34.84 -3.59
N PRO D 84 53.76 -35.66 -3.43
CA PRO D 84 55.01 -35.27 -2.75
C PRO D 84 55.67 -34.00 -3.29
N ASP D 85 55.49 -33.72 -4.57
CA ASP D 85 56.03 -32.53 -5.24
C ASP D 85 55.33 -31.22 -4.86
N ASP D 86 54.11 -31.26 -4.33
CA ASP D 86 53.29 -30.06 -4.12
C ASP D 86 53.69 -29.23 -2.88
N VAL D 87 54.76 -29.61 -2.19
CA VAL D 87 55.34 -28.91 -1.04
C VAL D 87 55.98 -27.57 -1.44
N ALA D 88 55.30 -26.46 -1.17
CA ALA D 88 55.63 -25.13 -1.73
C ALA D 88 54.85 -23.99 -1.04
N THR D 89 55.12 -22.75 -1.41
CA THR D 89 54.35 -21.58 -0.94
C THR D 89 53.42 -21.08 -2.05
N TYR D 90 52.15 -20.83 -1.77
CA TYR D 90 51.13 -20.49 -2.75
C TYR D 90 50.58 -19.08 -2.54
N TYR D 91 50.60 -18.22 -3.56
CA TYR D 91 50.10 -16.84 -3.49
C TYR D 91 48.94 -16.62 -4.43
N CYS D 92 47.86 -15.99 -3.97
CA CYS D 92 46.92 -15.38 -4.89
C CYS D 92 47.37 -13.96 -5.26
N GLN D 93 46.82 -13.39 -6.31
CA GLN D 93 47.14 -12.04 -6.78
C GLN D 93 46.03 -11.50 -7.66
N HIS D 94 45.49 -10.32 -7.39
CA HIS D 94 44.51 -9.71 -8.29
C HIS D 94 45.17 -8.86 -9.36
N TYR D 95 44.46 -8.58 -10.45
CA TYR D 95 44.87 -7.62 -11.47
C TYR D 95 43.72 -6.72 -11.93
N MET D 96 42.78 -6.45 -11.03
CA MET D 96 41.72 -5.45 -11.23
C MET D 96 42.29 -4.04 -11.41
N ALA D 97 43.38 -3.74 -10.71
CA ALA D 97 44.05 -2.44 -10.69
C ALA D 97 45.57 -2.61 -10.83
N ASP D 98 46.36 -1.98 -9.98
CA ASP D 98 47.74 -2.40 -9.79
C ASP D 98 47.77 -3.85 -9.29
N PRO D 99 48.66 -4.71 -9.78
CA PRO D 99 48.77 -6.07 -9.27
C PRO D 99 49.17 -6.12 -7.80
N ARG D 100 48.32 -6.68 -6.93
CA ARG D 100 48.64 -6.92 -5.51
C ARG D 100 48.56 -8.39 -5.15
N PHE D 101 49.64 -8.93 -4.59
CA PHE D 101 49.68 -10.30 -4.10
C PHE D 101 49.05 -10.41 -2.70
N GLY D 102 48.52 -11.58 -2.36
CA GLY D 102 48.24 -11.94 -0.97
C GLY D 102 49.52 -12.32 -0.22
N GLN D 103 49.44 -12.51 1.09
CA GLN D 103 50.64 -12.73 1.90
C GLN D 103 51.28 -14.12 1.71
N GLY D 104 50.62 -15.03 1.00
CA GLY D 104 51.10 -16.38 0.77
C GLY D 104 50.70 -17.39 1.86
N THR D 105 50.53 -18.64 1.44
CA THR D 105 50.19 -19.79 2.28
C THR D 105 51.26 -20.85 2.08
N LYS D 106 51.76 -21.50 3.13
CA LYS D 106 52.77 -22.57 2.99
C LYS D 106 52.17 -23.94 3.23
N LEU D 107 52.49 -24.91 2.37
CA LEU D 107 51.99 -26.28 2.44
C LEU D 107 53.14 -27.26 2.68
N GLU D 108 53.11 -27.99 3.80
CA GLU D 108 54.09 -29.03 4.15
C GLU D 108 53.40 -30.37 4.35
N ILE D 109 54.01 -31.45 3.89
CA ILE D 109 53.35 -32.76 3.77
C ILE D 109 53.54 -33.59 5.04
N LYS D 110 52.49 -34.31 5.46
CA LYS D 110 52.49 -35.25 6.60
C LYS D 110 52.75 -36.67 6.14
N ARG D 111 53.66 -37.35 6.82
CA ARG D 111 54.10 -38.73 6.54
C ARG D 111 54.33 -39.53 7.83
N THR D 112 54.69 -40.80 7.70
CA THR D 112 55.16 -41.61 8.84
C THR D 112 56.46 -41.05 9.45
N VAL D 113 56.65 -41.26 10.75
CA VAL D 113 57.89 -40.91 11.46
C VAL D 113 59.06 -41.72 10.89
N ALA D 114 60.24 -41.10 10.82
CA ALA D 114 61.48 -41.71 10.34
C ALA D 114 62.66 -41.12 11.10
N ALA D 115 63.43 -41.96 11.76
CA ALA D 115 64.50 -41.53 12.66
C ALA D 115 65.72 -40.99 11.90
N PRO D 116 66.42 -39.97 12.42
CA PRO D 116 67.63 -39.45 11.81
C PRO D 116 68.77 -40.44 11.82
N SER D 117 69.29 -40.74 10.64
CA SER D 117 70.67 -41.22 10.49
C SER D 117 71.62 -40.08 10.84
N VAL D 118 72.47 -40.29 11.84
CA VAL D 118 73.35 -39.24 12.38
C VAL D 118 74.78 -39.44 11.91
N PHE D 119 75.44 -38.37 11.46
CA PHE D 119 76.79 -38.38 10.95
C PHE D 119 77.59 -37.22 11.54
N ILE D 120 78.87 -37.43 11.85
CA ILE D 120 79.77 -36.37 12.33
C ILE D 120 80.98 -36.25 11.42
N PHE D 121 81.41 -35.02 11.15
CA PHE D 121 82.53 -34.69 10.27
C PHE D 121 83.69 -34.21 11.13
N PRO D 122 84.71 -35.04 11.40
CA PRO D 122 85.93 -34.56 12.03
C PRO D 122 86.59 -33.53 11.10
N PRO D 123 86.95 -32.32 11.57
CA PRO D 123 87.53 -31.28 10.73
C PRO D 123 88.76 -31.76 9.97
N SER D 124 88.87 -31.31 8.71
CA SER D 124 90.15 -31.30 8.00
C SER D 124 91.15 -30.39 8.72
N ASP D 125 92.45 -30.67 8.62
CA ASP D 125 93.45 -29.81 9.27
C ASP D 125 93.45 -28.41 8.66
N GLU D 126 93.11 -28.32 7.38
CA GLU D 126 92.80 -27.09 6.66
C GLU D 126 91.68 -26.27 7.34
N GLN D 127 90.66 -26.92 7.90
CA GLN D 127 89.68 -26.27 8.77
C GLN D 127 90.30 -25.84 10.11
N LEU D 128 91.07 -26.70 10.77
CA LEU D 128 91.68 -26.38 12.06
C LEU D 128 92.59 -25.15 11.98
N LYS D 129 93.40 -25.06 10.92
CA LYS D 129 94.33 -23.96 10.61
C LYS D 129 93.66 -22.60 10.42
N SER D 130 92.33 -22.54 10.34
CA SER D 130 91.57 -21.28 10.41
C SER D 130 91.73 -20.55 11.75
N GLY D 131 92.23 -21.22 12.80
CA GLY D 131 92.17 -20.73 14.17
C GLY D 131 90.76 -20.80 14.78
N THR D 132 89.76 -21.27 14.03
CA THR D 132 88.36 -21.46 14.45
C THR D 132 87.96 -22.92 14.27
N ALA D 133 88.70 -23.82 14.91
CA ALA D 133 88.49 -25.26 14.82
C ALA D 133 87.03 -25.64 15.10
N SER D 134 86.40 -26.39 14.20
CA SER D 134 84.95 -26.61 14.22
C SER D 134 84.60 -28.03 13.78
N VAL D 135 83.50 -28.58 14.28
CA VAL D 135 83.08 -29.94 14.00
C VAL D 135 81.62 -29.89 13.55
N VAL D 136 81.25 -30.63 12.52
CA VAL D 136 79.87 -30.64 12.01
C VAL D 136 79.19 -31.95 12.39
N CYS D 137 77.94 -31.90 12.85
CA CYS D 137 77.11 -33.05 13.19
C CYS D 137 75.76 -32.90 12.50
N LEU D 138 75.25 -33.97 11.89
CA LEU D 138 74.24 -33.92 10.84
C LEU D 138 73.19 -35.00 11.00
N LEU D 139 71.93 -34.62 10.87
CA LEU D 139 70.77 -35.50 10.82
C LEU D 139 70.27 -35.55 9.38
N ASN D 140 70.19 -36.74 8.78
CA ASN D 140 69.76 -36.88 7.41
C ASN D 140 68.39 -37.55 7.23
N ASN D 141 67.62 -36.98 6.30
CA ASN D 141 66.40 -37.56 5.71
C ASN D 141 65.41 -38.11 6.74
N PHE D 142 65.13 -37.33 7.78
CA PHE D 142 64.29 -37.73 8.92
C PHE D 142 62.94 -37.01 8.94
N TYR D 143 61.99 -37.51 9.72
CA TYR D 143 60.69 -36.87 9.95
C TYR D 143 60.13 -37.27 11.31
N PRO D 144 59.37 -36.42 12.02
CA PRO D 144 59.12 -35.02 11.73
C PRO D 144 60.37 -34.18 12.03
N ARG D 145 60.37 -32.91 11.63
CA ARG D 145 61.51 -31.97 11.73
C ARG D 145 61.97 -31.73 13.17
N GLU D 146 61.10 -31.93 14.15
CA GLU D 146 61.23 -31.57 15.58
C GLU D 146 62.34 -32.31 16.37
N ALA D 147 63.42 -32.74 15.73
CA ALA D 147 64.65 -33.12 16.40
C ALA D 147 65.33 -31.92 17.09
N LYS D 148 66.33 -32.21 17.93
CA LYS D 148 67.19 -31.24 18.62
C LYS D 148 68.60 -31.81 18.74
N VAL D 149 69.61 -30.93 18.76
CA VAL D 149 71.02 -31.31 18.84
C VAL D 149 71.70 -30.56 19.97
N GLN D 150 72.53 -31.26 20.73
CA GLN D 150 73.35 -30.75 21.83
C GLN D 150 74.82 -31.00 21.53
N TRP D 151 75.71 -30.19 22.10
CA TRP D 151 77.15 -30.43 22.05
C TRP D 151 77.74 -30.48 23.46
N LYS D 152 78.73 -31.36 23.64
CA LYS D 152 79.36 -31.68 24.91
C LYS D 152 80.85 -31.89 24.66
N VAL D 153 81.70 -30.97 25.14
CA VAL D 153 83.15 -30.95 24.87
C VAL D 153 83.91 -31.17 26.18
N ASP D 154 84.85 -32.12 26.20
CA ASP D 154 85.22 -32.88 27.42
C ASP D 154 83.98 -33.43 28.13
N ASN D 155 82.96 -33.80 27.34
CA ASN D 155 81.59 -34.09 27.76
C ASN D 155 80.88 -32.96 28.56
N ALA D 156 81.43 -31.75 28.62
CA ALA D 156 80.82 -30.58 29.29
C ALA D 156 79.91 -29.79 28.32
N LEU D 157 78.69 -29.48 28.74
CA LEU D 157 77.65 -28.90 27.90
C LEU D 157 78.05 -27.53 27.32
N GLN D 158 78.01 -27.43 25.99
CA GLN D 158 78.28 -26.20 25.24
C GLN D 158 77.03 -25.30 25.19
N SER D 159 77.21 -23.99 25.02
CA SER D 159 76.11 -23.08 24.69
C SER D 159 76.61 -21.84 23.93
N GLY D 160 75.82 -21.34 22.97
CA GLY D 160 76.17 -20.22 22.10
C GLY D 160 77.22 -20.55 21.03
N ASN D 161 78.30 -21.23 21.39
CA ASN D 161 79.38 -21.64 20.47
C ASN D 161 79.03 -22.83 19.58
N SER D 162 77.75 -23.08 19.31
CA SER D 162 77.30 -24.01 18.27
C SER D 162 76.02 -23.51 17.63
N GLN D 163 75.83 -23.80 16.33
CA GLN D 163 74.76 -23.25 15.50
C GLN D 163 74.20 -24.28 14.54
N GLU D 164 72.96 -24.08 14.06
CA GLU D 164 72.23 -25.03 13.23
C GLU D 164 71.71 -24.43 11.91
N SER D 165 71.43 -25.30 10.96
CA SER D 165 70.66 -24.98 9.76
C SER D 165 69.78 -26.17 9.36
N VAL D 166 68.65 -25.91 8.71
CA VAL D 166 67.62 -26.91 8.37
C VAL D 166 67.24 -26.80 6.90
N THR D 167 67.15 -27.91 6.18
CA THR D 167 66.75 -27.90 4.75
C THR D 167 65.29 -27.52 4.56
N GLU D 168 64.89 -27.31 3.30
CA GLU D 168 63.49 -27.45 2.92
C GLU D 168 62.96 -28.85 3.28
N GLN D 169 61.65 -29.02 3.27
CA GLN D 169 61.06 -30.35 3.25
C GLN D 169 61.34 -31.01 1.90
N ASP D 170 61.98 -32.17 1.89
CA ASP D 170 62.37 -32.87 0.66
C ASP D 170 61.15 -33.27 -0.18
N SER D 171 61.09 -32.87 -1.45
CA SER D 171 59.98 -33.18 -2.35
C SER D 171 59.84 -34.67 -2.66
N LYS D 172 60.91 -35.47 -2.55
CA LYS D 172 60.89 -36.89 -2.92
C LYS D 172 60.23 -37.78 -1.87
N ASP D 173 60.30 -37.41 -0.59
CA ASP D 173 59.83 -38.26 0.51
C ASP D 173 59.34 -37.49 1.74
N SER D 174 59.16 -36.17 1.65
CA SER D 174 58.70 -35.30 2.73
C SER D 174 59.57 -35.28 3.99
N THR D 175 60.76 -35.89 4.00
CA THR D 175 61.69 -35.79 5.13
C THR D 175 62.47 -34.46 5.14
N TYR D 176 63.40 -34.30 6.08
CA TYR D 176 64.25 -33.13 6.26
C TYR D 176 65.68 -33.56 6.56
N SER D 177 66.64 -32.66 6.41
CA SER D 177 67.93 -32.77 7.08
C SER D 177 68.19 -31.53 7.93
N LEU D 178 68.91 -31.72 9.02
CA LEU D 178 69.31 -30.66 9.95
C LEU D 178 70.78 -30.84 10.26
N SER D 179 71.54 -29.77 10.22
CA SER D 179 72.96 -29.79 10.60
C SER D 179 73.19 -28.87 11.78
N SER D 180 74.18 -29.22 12.58
CA SER D 180 74.72 -28.43 13.67
C SER D 180 76.24 -28.37 13.56
N THR D 181 76.82 -27.21 13.82
CA THR D 181 78.27 -27.03 13.87
C THR D 181 78.70 -26.59 15.26
N LEU D 182 79.57 -27.37 15.88
CA LEU D 182 80.40 -26.96 17.01
C LEU D 182 81.44 -25.97 16.53
N THR D 183 81.49 -24.81 17.16
CA THR D 183 82.51 -23.79 16.94
C THR D 183 83.42 -23.71 18.17
N LEU D 184 84.72 -23.72 17.95
CA LEU D 184 85.74 -23.45 18.95
C LEU D 184 86.81 -22.54 18.32
N SER D 185 87.63 -21.87 19.13
CA SER D 185 88.95 -21.47 18.61
C SER D 185 89.81 -22.74 18.48
N LYS D 186 90.86 -22.71 17.65
CA LYS D 186 91.88 -23.79 17.68
C LYS D 186 92.47 -23.93 19.08
N ALA D 187 92.64 -22.86 19.83
CA ALA D 187 93.09 -22.94 21.23
C ALA D 187 92.14 -23.76 22.11
N ASP D 188 90.83 -23.54 22.05
CA ASP D 188 89.89 -24.36 22.83
C ASP D 188 89.85 -25.81 22.34
N TYR D 189 89.87 -26.01 21.02
CA TYR D 189 89.98 -27.35 20.44
C TYR D 189 91.23 -28.07 20.96
N GLU D 190 92.38 -27.40 21.00
CA GLU D 190 93.63 -27.95 21.53
C GLU D 190 93.67 -28.07 23.05
N LYS D 191 92.74 -27.45 23.80
CA LYS D 191 92.52 -27.83 25.21
C LYS D 191 91.85 -29.20 25.29
N HIS D 192 90.70 -29.30 24.65
CA HIS D 192 89.78 -30.40 24.90
C HIS D 192 90.20 -31.71 24.22
N LYS D 193 89.88 -32.84 24.84
CA LYS D 193 90.19 -34.18 24.34
C LYS D 193 89.06 -34.75 23.50
N VAL D 194 87.82 -34.53 23.92
CA VAL D 194 86.63 -35.16 23.33
C VAL D 194 85.64 -34.10 22.85
N TYR D 195 85.18 -34.21 21.62
CA TYR D 195 84.09 -33.41 21.08
C TYR D 195 82.91 -34.37 20.84
N ALA D 196 81.75 -34.15 21.44
CA ALA D 196 80.59 -34.99 21.25
C ALA D 196 79.35 -34.17 20.89
N CYS D 197 78.64 -34.56 19.83
CA CYS D 197 77.29 -34.10 19.54
C CYS D 197 76.28 -35.15 20.00
N GLU D 198 75.13 -34.74 20.54
CA GLU D 198 74.06 -35.65 20.95
C GLU D 198 72.71 -35.22 20.38
N VAL D 199 71.97 -36.18 19.83
CA VAL D 199 70.78 -35.97 19.01
C VAL D 199 69.54 -36.51 19.69
N THR D 200 68.54 -35.66 19.83
CA THR D 200 67.21 -35.95 20.41
C THR D 200 66.17 -35.94 19.29
N HIS D 201 65.28 -36.93 19.23
CA HIS D 201 64.19 -36.99 18.23
C HIS D 201 62.99 -37.83 18.71
N GLN D 202 61.83 -37.66 18.04
CA GLN D 202 60.63 -38.46 18.26
C GLN D 202 60.72 -39.89 17.69
N GLY D 203 61.43 -40.08 16.58
CA GLY D 203 61.59 -41.39 15.93
C GLY D 203 62.69 -42.26 16.54
N LEU D 204 63.68 -41.65 17.19
CA LEU D 204 64.66 -42.36 18.03
C LEU D 204 63.99 -43.02 19.24
N SER D 205 64.53 -44.16 19.69
CA SER D 205 64.18 -44.75 21.00
C SER D 205 64.83 -44.01 22.18
N SER D 206 66.05 -43.51 22.00
CA SER D 206 66.84 -42.77 22.99
C SER D 206 67.87 -41.86 22.30
N PRO D 207 68.39 -40.80 22.95
CA PRO D 207 69.30 -39.87 22.30
C PRO D 207 70.59 -40.54 21.82
N VAL D 208 71.08 -40.15 20.63
CA VAL D 208 72.29 -40.73 20.02
C VAL D 208 73.44 -39.73 20.08
N THR D 209 74.55 -40.09 20.71
CA THR D 209 75.80 -39.36 20.61
C THR D 209 76.64 -39.85 19.45
N LYS D 210 77.31 -38.93 18.75
CA LYS D 210 78.51 -39.22 17.95
C LYS D 210 79.63 -38.28 18.41
N SER D 211 80.88 -38.73 18.31
CA SER D 211 82.01 -38.00 18.88
C SER D 211 83.33 -38.21 18.14
N PHE D 212 84.25 -37.28 18.38
CA PHE D 212 85.60 -37.25 17.84
C PHE D 212 86.57 -37.00 18.99
N ASN D 213 87.67 -37.74 19.03
CA ASN D 213 88.71 -37.62 20.05
C ASN D 213 90.00 -37.13 19.41
N ARG D 214 90.58 -36.05 19.92
CA ARG D 214 91.80 -35.47 19.34
C ARG D 214 92.95 -36.47 19.39
N GLY D 215 93.56 -36.73 18.25
CA GLY D 215 94.50 -37.85 18.01
C GLY D 215 93.95 -38.96 17.09
N GLU D 216 92.63 -39.11 16.96
CA GLU D 216 92.04 -39.94 15.91
C GLU D 216 92.25 -39.33 14.51
N CYS D 217 92.30 -40.16 13.47
CA CYS D 217 92.31 -39.67 12.08
C CYS D 217 90.97 -39.02 11.70
N ALA E 1 -20.11 41.03 -56.94
CA ALA E 1 -21.00 39.93 -56.52
C ALA E 1 -20.80 39.55 -55.05
N GLU E 2 -21.70 38.77 -54.48
CA GLU E 2 -21.61 38.23 -53.11
C GLU E 2 -20.59 37.07 -53.04
N ASN E 3 -19.33 37.33 -53.40
CA ASN E 3 -18.28 36.32 -53.34
C ASN E 3 -18.08 35.89 -51.89
N LEU E 4 -18.19 34.59 -51.62
CA LEU E 4 -18.18 34.07 -50.27
C LEU E 4 -16.79 33.57 -49.90
N TRP E 5 -16.35 34.01 -48.72
CA TRP E 5 -15.07 33.68 -48.11
C TRP E 5 -15.34 33.02 -46.78
N VAL E 6 -14.56 31.99 -46.46
CA VAL E 6 -14.74 31.34 -45.17
C VAL E 6 -14.34 32.31 -44.08
N THR E 7 -15.08 32.36 -42.98
CA THR E 7 -14.72 33.16 -41.81
C THR E 7 -14.85 32.31 -40.58
N VAL E 8 -13.97 32.50 -39.62
CA VAL E 8 -13.89 31.68 -38.41
C VAL E 8 -14.53 32.41 -37.24
N TYR E 9 -15.30 31.69 -36.44
CA TYR E 9 -15.88 32.18 -35.20
C TYR E 9 -15.42 31.27 -34.08
N TYR E 10 -15.00 31.86 -32.97
CA TYR E 10 -14.56 31.13 -31.80
C TYR E 10 -15.40 31.51 -30.60
N GLY E 11 -15.71 30.56 -29.72
CA GLY E 11 -16.76 30.72 -28.72
C GLY E 11 -18.18 30.53 -29.28
N VAL E 12 -18.34 29.84 -30.39
CA VAL E 12 -19.65 29.49 -30.94
C VAL E 12 -20.40 28.61 -29.94
N PRO E 13 -21.70 28.83 -29.66
CA PRO E 13 -22.48 27.94 -28.81
C PRO E 13 -22.86 26.65 -29.54
N VAL E 14 -22.02 25.62 -29.47
CA VAL E 14 -22.30 24.29 -30.02
C VAL E 14 -21.55 23.21 -29.26
N TRP E 15 -22.06 21.98 -29.23
CA TRP E 15 -21.53 20.87 -28.44
C TRP E 15 -21.79 19.51 -29.09
N LYS E 16 -21.13 18.47 -28.58
CA LYS E 16 -21.33 17.06 -28.97
C LYS E 16 -21.38 16.15 -27.74
N ASP E 17 -22.00 14.99 -27.86
CA ASP E 17 -22.08 14.02 -26.77
C ASP E 17 -20.70 13.41 -26.49
N ALA E 18 -20.37 13.16 -25.22
CA ALA E 18 -19.03 12.72 -24.85
C ALA E 18 -18.99 11.97 -23.51
N GLU E 19 -17.88 11.27 -23.26
CA GLU E 19 -17.55 10.66 -21.97
C GLU E 19 -16.38 11.43 -21.34
N THR E 20 -16.52 11.85 -20.09
CA THR E 20 -15.51 12.63 -19.38
C THR E 20 -15.57 12.32 -17.89
N THR E 21 -14.45 12.38 -17.18
CA THR E 21 -14.42 12.05 -15.75
C THR E 21 -15.03 13.17 -14.93
N LEU E 22 -16.28 13.00 -14.50
CA LEU E 22 -16.92 13.92 -13.56
C LEU E 22 -16.24 13.84 -12.19
N PHE E 23 -16.40 14.87 -11.39
CA PHE E 23 -15.85 14.94 -10.04
C PHE E 23 -16.94 15.28 -9.04
N CYS E 24 -16.84 14.74 -7.82
CA CYS E 24 -17.84 15.00 -6.81
C CYS E 24 -17.67 16.40 -6.21
N ALA E 25 -18.76 16.97 -5.70
CA ALA E 25 -18.73 18.02 -4.71
C ALA E 25 -19.67 17.65 -3.55
N SER E 26 -19.30 18.00 -2.32
CA SER E 26 -20.00 17.59 -1.10
C SER E 26 -20.51 18.79 -0.31
N ASP E 27 -21.62 18.62 0.41
CA ASP E 27 -22.18 19.71 1.21
C ASP E 27 -21.15 20.25 2.21
N ALA E 28 -20.91 21.56 2.22
CA ALA E 28 -19.99 22.20 3.17
C ALA E 28 -20.28 21.84 4.64
N LYS E 29 -21.55 21.61 5.02
CA LYS E 29 -21.91 21.09 6.35
C LYS E 29 -21.20 19.77 6.65
N ALA E 30 -21.27 18.83 5.72
CA ALA E 30 -20.58 17.55 5.84
C ALA E 30 -19.06 17.73 5.79
N TYR E 31 -18.56 18.66 4.97
CA TYR E 31 -17.12 18.93 4.88
C TYR E 31 -16.49 19.30 6.24
N GLU E 32 -17.23 19.94 7.15
CA GLU E 32 -16.77 20.21 8.52
C GLU E 32 -16.62 18.96 9.40
N THR E 33 -17.24 17.83 9.03
CA THR E 33 -17.13 16.58 9.79
C THR E 33 -15.80 15.84 9.51
N GLU E 34 -15.41 14.99 10.45
CA GLU E 34 -14.08 14.36 10.53
C GLU E 34 -13.72 13.41 9.37
N LYS E 35 -12.41 13.21 9.14
CA LYS E 35 -11.85 12.52 7.96
C LYS E 35 -12.42 11.12 7.76
N HIS E 36 -12.68 10.78 6.50
CA HIS E 36 -13.14 9.46 6.02
C HIS E 36 -14.43 8.93 6.65
N ASN E 37 -15.15 9.72 7.44
CA ASN E 37 -16.21 9.23 8.33
C ASN E 37 -17.43 8.59 7.63
N VAL E 38 -17.68 8.90 6.35
CA VAL E 38 -18.80 8.34 5.58
C VAL E 38 -18.39 8.08 4.12
N TRP E 39 -18.18 9.14 3.36
CA TRP E 39 -17.98 9.15 1.90
C TRP E 39 -17.11 10.37 1.50
N ALA E 40 -15.79 10.27 1.69
CA ALA E 40 -14.83 11.29 1.27
C ALA E 40 -15.12 12.71 1.81
N THR E 41 -15.74 12.85 2.98
CA THR E 41 -16.34 14.13 3.44
C THR E 41 -15.34 15.29 3.44
N HIS E 42 -14.10 14.99 3.81
CA HIS E 42 -12.94 15.87 3.96
C HIS E 42 -12.16 16.08 2.65
N ALA E 43 -12.36 15.21 1.66
CA ALA E 43 -11.57 15.18 0.43
C ALA E 43 -12.37 15.61 -0.82
N CYS E 44 -13.67 15.32 -0.85
CA CYS E 44 -14.57 15.78 -1.90
C CYS E 44 -14.85 17.29 -1.74
N VAL E 45 -14.45 18.12 -2.71
CA VAL E 45 -14.52 19.59 -2.65
C VAL E 45 -15.91 20.11 -2.20
N PRO E 46 -15.99 21.13 -1.32
CA PRO E 46 -17.28 21.64 -0.86
C PRO E 46 -18.10 22.33 -1.95
N THR E 47 -19.42 22.22 -1.84
CA THR E 47 -20.44 22.64 -2.82
C THR E 47 -20.38 24.10 -3.26
N ASP E 48 -20.68 24.32 -4.54
CA ASP E 48 -21.12 25.62 -5.08
C ASP E 48 -22.46 26.04 -4.42
N PRO E 49 -22.65 27.32 -4.06
CA PRO E 49 -23.90 27.79 -3.45
C PRO E 49 -25.17 27.58 -4.27
N ASN E 50 -25.12 27.37 -5.60
CA ASN E 50 -26.30 26.95 -6.38
C ASN E 50 -25.95 26.03 -7.55
N PRO E 51 -26.90 25.20 -8.03
CA PRO E 51 -26.93 24.78 -9.42
C PRO E 51 -27.24 26.03 -10.26
N GLN E 52 -26.24 26.56 -10.98
CA GLN E 52 -26.30 27.88 -11.62
C GLN E 52 -27.08 27.84 -12.95
N GLU E 53 -28.21 27.15 -13.01
CA GLU E 53 -28.76 26.69 -14.27
C GLU E 53 -29.32 27.78 -15.19
N ILE E 54 -29.26 27.52 -16.50
CA ILE E 54 -29.79 28.40 -17.55
C ILE E 54 -30.74 27.60 -18.43
N HIS E 55 -31.99 28.05 -18.59
CA HIS E 55 -32.89 27.41 -19.55
C HIS E 55 -32.40 27.69 -20.98
N LEU E 56 -32.13 26.64 -21.75
CA LEU E 56 -31.72 26.77 -23.14
C LEU E 56 -32.97 26.89 -23.99
N GLU E 57 -33.23 28.07 -24.54
CA GLU E 57 -34.43 28.31 -25.32
C GLU E 57 -34.40 27.54 -26.65
N ASN E 58 -35.57 27.16 -27.17
CA ASN E 58 -35.81 26.56 -28.48
C ASN E 58 -35.15 25.19 -28.77
N VAL E 59 -34.11 24.78 -28.04
CA VAL E 59 -33.40 23.52 -28.32
C VAL E 59 -34.20 22.30 -27.89
N THR E 60 -34.25 21.28 -28.75
CA THR E 60 -34.79 19.95 -28.46
C THR E 60 -33.66 18.92 -28.55
N GLU E 61 -33.46 18.13 -27.51
CA GLU E 61 -32.27 17.30 -27.35
C GLU E 61 -32.60 15.83 -27.09
N GLU E 62 -31.81 14.91 -27.63
CA GLU E 62 -31.95 13.48 -27.38
C GLU E 62 -31.34 13.08 -26.03
N PHE E 63 -32.13 12.45 -25.17
CA PHE E 63 -31.69 11.87 -23.90
C PHE E 63 -31.88 10.36 -23.90
N ASN E 64 -31.08 9.63 -23.15
CA ASN E 64 -31.22 8.18 -22.97
C ASN E 64 -30.70 7.76 -21.60
N MET E 65 -31.55 7.25 -20.72
CA MET E 65 -31.14 6.85 -19.36
C MET E 65 -30.41 5.52 -19.34
N TRP E 66 -30.82 4.55 -20.15
CA TRP E 66 -30.30 3.19 -20.12
C TRP E 66 -28.84 3.12 -20.53
N LYS E 67 -28.45 3.92 -21.51
CA LYS E 67 -27.08 4.04 -22.02
C LYS E 67 -26.23 5.04 -21.24
N ASN E 68 -26.74 5.69 -20.20
CA ASN E 68 -26.06 6.82 -19.58
C ASN E 68 -24.78 6.39 -18.84
N ASN E 69 -23.61 6.70 -19.41
CA ASN E 69 -22.32 6.35 -18.82
C ASN E 69 -22.09 6.98 -17.44
N MET E 70 -22.80 8.05 -17.11
CA MET E 70 -22.69 8.74 -15.82
C MET E 70 -22.94 7.79 -14.62
N VAL E 71 -23.80 6.79 -14.80
CA VAL E 71 -24.05 5.74 -13.79
C VAL E 71 -22.81 4.90 -13.50
N GLU E 72 -22.01 4.56 -14.50
CA GLU E 72 -20.82 3.73 -14.33
C GLU E 72 -19.77 4.42 -13.49
N GLN E 73 -19.61 5.73 -13.67
CA GLN E 73 -18.72 6.51 -12.83
C GLN E 73 -19.20 6.48 -11.40
N MET E 74 -20.50 6.65 -11.15
CA MET E 74 -21.01 6.62 -9.79
C MET E 74 -20.80 5.25 -9.15
N HIS E 75 -21.09 4.17 -9.88
CA HIS E 75 -20.89 2.82 -9.38
C HIS E 75 -19.41 2.56 -9.03
N THR E 76 -18.51 2.94 -9.93
CA THR E 76 -17.07 2.75 -9.73
C THR E 76 -16.54 3.60 -8.59
N ASP E 77 -17.00 4.84 -8.47
CA ASP E 77 -16.65 5.71 -7.35
C ASP E 77 -17.09 5.09 -6.03
N ILE E 78 -18.34 4.64 -5.94
CA ILE E 78 -18.86 4.05 -4.71
C ILE E 78 -18.05 2.82 -4.30
N ILE E 79 -17.77 1.89 -5.23
CA ILE E 79 -16.95 0.72 -4.93
C ILE E 79 -15.58 1.14 -4.42
N SER E 80 -14.92 2.07 -5.12
CA SER E 80 -13.59 2.51 -4.75
C SER E 80 -13.59 3.15 -3.37
N LEU E 81 -14.54 4.05 -3.13
CA LEU E 81 -14.63 4.80 -1.89
C LEU E 81 -15.02 3.90 -0.70
N TRP E 82 -15.85 2.90 -0.95
CA TRP E 82 -16.16 1.88 0.04
C TRP E 82 -14.89 1.16 0.47
N ASP E 83 -14.11 0.62 -0.47
CA ASP E 83 -12.87 -0.07 -0.13
C ASP E 83 -11.87 0.85 0.57
N GLN E 84 -11.71 2.09 0.11
CA GLN E 84 -10.85 3.07 0.77
C GLN E 84 -11.24 3.29 2.23
N SER E 85 -12.52 3.28 2.57
CA SER E 85 -12.96 3.44 3.96
C SER E 85 -12.55 2.26 4.85
N LEU E 86 -12.38 1.06 4.28
CA LEU E 86 -12.11 -0.16 5.04
C LEU E 86 -10.63 -0.52 5.17
N LYS E 87 -9.76 -0.05 4.27
CA LYS E 87 -8.31 -0.31 4.32
C LYS E 87 -7.64 -0.16 5.69
N PRO E 88 -7.95 0.86 6.52
CA PRO E 88 -7.32 0.98 7.85
C PRO E 88 -7.88 0.02 8.92
N CYS E 89 -9.01 -0.64 8.70
CA CYS E 89 -9.71 -1.40 9.72
C CYS E 89 -9.14 -2.82 9.90
N VAL E 90 -9.36 -3.41 11.09
CA VAL E 90 -8.79 -4.70 11.49
C VAL E 90 -9.33 -5.89 10.68
N LYS E 91 -8.44 -6.79 10.24
CA LYS E 91 -8.81 -8.09 9.66
C LYS E 91 -9.09 -9.11 10.74
N LEU E 92 -10.16 -9.89 10.57
CA LEU E 92 -10.61 -10.89 11.56
C LEU E 92 -10.02 -12.28 11.33
N THR E 93 -8.86 -12.41 10.66
CA THR E 93 -8.21 -13.73 10.49
C THR E 93 -8.06 -14.52 11.81
N PRO E 94 -7.66 -13.92 12.95
CA PRO E 94 -7.56 -14.65 14.20
C PRO E 94 -8.89 -15.19 14.72
N LEU E 95 -10.01 -14.60 14.34
CA LEU E 95 -11.34 -15.02 14.74
C LEU E 95 -11.82 -16.27 13.97
N CYS E 96 -11.17 -16.62 12.86
CA CYS E 96 -11.53 -17.80 12.08
C CYS E 96 -11.06 -19.09 12.76
N VAL E 97 -11.85 -19.60 13.72
CA VAL E 97 -11.47 -20.66 14.66
C VAL E 97 -12.67 -21.54 14.98
N THR E 98 -12.44 -22.76 15.46
CA THR E 98 -13.51 -23.68 15.86
C THR E 98 -14.36 -23.11 17.00
N LEU E 99 -15.68 -23.07 16.84
CA LEU E 99 -16.64 -22.58 17.81
C LEU E 99 -17.42 -23.75 18.41
N GLN E 100 -17.62 -23.79 19.72
CA GLN E 100 -18.65 -24.65 20.33
C GLN E 100 -19.92 -23.82 20.52
N CYS E 101 -21.11 -24.32 20.20
CA CYS E 101 -22.33 -23.50 20.22
C CYS E 101 -23.54 -24.17 20.87
N THR E 102 -24.50 -23.34 21.29
CA THR E 102 -25.77 -23.70 21.96
C THR E 102 -26.86 -22.72 21.56
N ASN E 103 -28.14 -23.07 21.71
CA ASN E 103 -29.24 -22.15 21.37
C ASN E 103 -29.47 -21.13 22.48
N VAL E 104 -30.00 -19.95 22.14
CA VAL E 104 -30.09 -18.81 23.06
C VAL E 104 -31.00 -19.08 24.27
N THR E 105 -30.71 -18.44 25.41
CA THR E 105 -31.26 -18.79 26.73
C THR E 105 -32.70 -18.33 26.99
N ASN E 106 -32.94 -17.02 27.06
CA ASN E 106 -34.21 -16.44 27.53
C ASN E 106 -35.32 -16.48 26.45
N ASN E 107 -36.48 -15.87 26.74
CA ASN E 107 -37.68 -16.11 25.95
C ASN E 107 -37.58 -15.61 24.50
N ILE E 108 -38.18 -16.41 23.60
CA ILE E 108 -38.15 -16.34 22.14
C ILE E 108 -39.52 -16.75 21.58
N THR E 109 -39.84 -16.33 20.37
CA THR E 109 -41.16 -16.54 19.75
C THR E 109 -41.47 -18.02 19.51
N ARG E 113 -37.58 -20.98 18.55
CA ARG E 113 -36.95 -20.83 17.24
C ARG E 113 -35.52 -20.29 17.36
N GLY E 114 -34.54 -21.16 17.15
CA GLY E 114 -33.12 -20.90 17.41
C GLY E 114 -32.40 -20.11 16.32
N GLU E 115 -32.76 -18.85 16.09
CA GLU E 115 -32.00 -17.98 15.19
C GLU E 115 -30.72 -17.41 15.81
N LEU E 116 -30.69 -17.14 17.12
CA LEU E 116 -29.46 -16.74 17.79
C LEU E 116 -28.75 -17.98 18.31
N LYS E 117 -27.50 -18.16 17.88
CA LYS E 117 -26.58 -19.14 18.44
C LYS E 117 -25.70 -18.45 19.46
N ASN E 118 -25.44 -19.11 20.58
CA ASN E 118 -24.52 -18.67 21.62
C ASN E 118 -23.27 -19.55 21.55
N CYS E 119 -22.11 -18.94 21.29
CA CYS E 119 -20.92 -19.65 20.87
C CYS E 119 -19.67 -19.26 21.66
N SER E 120 -18.87 -20.25 22.02
CA SER E 120 -17.69 -20.13 22.86
C SER E 120 -16.44 -20.63 22.14
N PHE E 121 -15.29 -20.00 22.34
CA PHE E 121 -14.07 -20.28 21.58
C PHE E 121 -12.80 -19.79 22.28
N ASN E 122 -11.63 -20.17 21.77
CA ASN E 122 -10.33 -19.79 22.32
C ASN E 122 -9.71 -18.68 21.46
N MET E 123 -9.35 -17.55 22.07
CA MET E 123 -8.99 -16.32 21.38
C MET E 123 -7.67 -15.76 21.92
N THR E 124 -6.80 -15.20 21.09
CA THR E 124 -5.53 -14.61 21.56
C THR E 124 -5.76 -13.39 22.43
N THR E 125 -4.95 -13.23 23.48
CA THR E 125 -4.73 -11.91 24.08
C THR E 125 -3.71 -11.13 23.26
N GLU E 126 -3.31 -9.93 23.68
CA GLU E 126 -2.22 -9.23 23.02
C GLU E 126 -0.89 -9.96 23.17
N LEU E 127 -0.67 -10.58 24.33
CA LEU E 127 0.55 -11.34 24.61
C LEU E 127 0.52 -12.61 23.76
N ARG E 128 1.48 -12.76 22.83
CA ARG E 128 1.48 -13.85 21.86
C ARG E 128 1.33 -15.23 22.50
N ASP E 129 1.97 -15.47 23.64
CA ASP E 129 1.96 -16.76 24.33
C ASP E 129 0.68 -17.02 25.15
N LYS E 130 -0.24 -16.07 25.28
CA LYS E 130 -1.44 -16.17 26.14
C LYS E 130 -2.74 -16.08 25.34
N LYS E 131 -3.65 -17.00 25.58
CA LYS E 131 -4.99 -17.05 24.96
C LYS E 131 -6.06 -17.45 25.95
N GLN E 132 -7.28 -17.00 25.70
CA GLN E 132 -8.39 -16.92 26.64
C GLN E 132 -9.64 -17.56 26.06
N LYS E 133 -10.41 -18.26 26.89
CA LYS E 133 -11.76 -18.69 26.53
C LYS E 133 -12.71 -17.49 26.59
N VAL E 134 -13.63 -17.40 25.65
CA VAL E 134 -14.54 -16.25 25.49
C VAL E 134 -15.81 -16.69 24.78
N TYR E 135 -16.90 -15.92 24.84
CA TYR E 135 -18.15 -16.23 24.14
C TYR E 135 -18.84 -15.01 23.51
N SER E 136 -19.66 -15.26 22.50
CA SER E 136 -20.53 -14.28 21.84
C SER E 136 -21.80 -14.92 21.32
N LEU E 137 -22.87 -14.15 21.15
CA LEU E 137 -23.95 -14.54 20.25
C LEU E 137 -23.54 -14.35 18.79
N PHE E 138 -24.16 -15.09 17.88
CA PHE E 138 -24.17 -14.88 16.43
C PHE E 138 -25.54 -15.24 15.85
N TYR E 139 -25.96 -14.59 14.77
CA TYR E 139 -27.16 -15.01 14.04
C TYR E 139 -26.85 -16.25 13.22
N ARG E 140 -27.80 -17.17 13.07
CA ARG E 140 -27.55 -18.45 12.41
C ARG E 140 -27.04 -18.31 10.97
N LEU E 141 -27.34 -17.21 10.30
CA LEU E 141 -26.84 -16.90 8.96
C LEU E 141 -25.31 -16.65 8.92
N ASP E 142 -24.68 -16.22 10.01
CA ASP E 142 -23.25 -15.95 10.06
C ASP E 142 -22.40 -17.23 10.32
N VAL E 143 -22.99 -18.36 10.70
CA VAL E 143 -22.27 -19.56 11.15
C VAL E 143 -22.73 -20.83 10.43
N VAL E 144 -21.90 -21.88 10.43
CA VAL E 144 -22.23 -23.14 9.71
C VAL E 144 -21.70 -24.30 10.54
N GLN E 145 -22.10 -25.55 10.29
CA GLN E 145 -21.66 -26.63 11.21
C GLN E 145 -20.60 -27.50 10.58
N ILE E 146 -19.40 -27.51 11.17
CA ILE E 146 -18.27 -28.28 10.62
C ILE E 146 -18.52 -29.76 10.78
N ASN E 147 -19.04 -30.18 11.92
CA ASN E 147 -19.18 -31.64 12.20
C ASN E 147 -19.43 -32.42 10.91
N SER E 157 -24.32 -32.64 14.16
CA SER E 157 -24.64 -33.30 15.44
C SER E 157 -23.89 -32.60 16.58
N ASN E 158 -22.57 -32.76 16.60
CA ASN E 158 -21.76 -32.08 17.64
C ASN E 158 -21.91 -30.58 17.43
N LYS E 159 -21.89 -29.83 18.51
CA LYS E 159 -22.06 -28.38 18.39
C LYS E 159 -20.71 -27.81 18.00
N GLU E 160 -20.16 -28.24 16.87
CA GLU E 160 -18.89 -27.65 16.42
C GLU E 160 -19.23 -26.80 15.21
N TYR E 161 -18.86 -25.55 15.20
CA TYR E 161 -19.27 -24.69 14.09
C TYR E 161 -18.16 -23.70 13.76
N ARG E 162 -18.17 -23.13 12.58
CA ARG E 162 -17.25 -22.08 12.11
C ARG E 162 -18.03 -20.89 11.56
N LEU E 163 -17.38 -19.75 11.40
CA LEU E 163 -17.97 -18.65 10.61
C LEU E 163 -18.15 -19.06 9.16
N ILE E 164 -19.16 -18.52 8.48
CA ILE E 164 -19.47 -18.88 7.10
C ILE E 164 -18.37 -18.48 6.12
N ASN E 165 -17.63 -17.40 6.36
CA ASN E 165 -16.58 -16.93 5.46
C ASN E 165 -15.26 -17.73 5.52
N CYS E 166 -15.02 -18.53 6.56
CA CYS E 166 -13.71 -19.13 6.81
C CYS E 166 -13.16 -20.00 5.69
N ASN E 167 -13.99 -20.55 4.82
CA ASN E 167 -13.56 -21.36 3.68
C ASN E 167 -13.59 -20.57 2.36
N THR E 168 -13.53 -19.24 2.41
CA THR E 168 -13.47 -18.40 1.20
C THR E 168 -12.66 -17.12 1.37
N SER E 169 -12.75 -16.38 2.47
CA SER E 169 -11.88 -15.22 2.75
C SER E 169 -11.97 -14.73 4.18
N ALA E 170 -11.02 -13.91 4.63
CA ALA E 170 -11.08 -13.26 5.93
C ALA E 170 -11.69 -11.86 5.81
N CYS E 171 -12.76 -11.58 6.56
CA CYS E 171 -13.45 -10.29 6.51
C CYS E 171 -12.72 -9.21 7.33
N THR E 172 -12.79 -7.96 6.91
CA THR E 172 -12.44 -6.83 7.79
C THR E 172 -13.64 -6.46 8.64
N GLN E 173 -13.43 -6.16 9.91
CA GLN E 173 -14.44 -5.49 10.72
C GLN E 173 -14.57 -4.04 10.23
N ALA E 174 -15.78 -3.50 10.10
CA ALA E 174 -15.94 -2.08 9.81
C ALA E 174 -15.56 -1.23 11.04
N CYS E 175 -14.72 -0.21 10.87
CA CYS E 175 -14.34 0.68 11.97
C CYS E 175 -15.57 1.43 12.52
N PRO E 176 -15.96 1.30 13.80
CA PRO E 176 -17.28 1.73 14.26
C PRO E 176 -17.51 3.24 14.29
N LYS E 177 -16.45 4.07 14.21
CA LYS E 177 -16.59 5.52 14.04
C LYS E 177 -17.15 5.91 12.66
N VAL E 178 -16.96 5.08 11.65
CA VAL E 178 -17.46 5.30 10.28
C VAL E 178 -18.95 5.01 10.24
N SER E 179 -19.73 5.82 9.50
CA SER E 179 -21.14 5.55 9.25
C SER E 179 -21.38 5.31 7.76
N PHE E 180 -22.23 4.35 7.45
CA PHE E 180 -22.62 4.06 6.06
C PHE E 180 -23.65 5.06 5.52
N GLU E 181 -24.14 5.99 6.35
CA GLU E 181 -25.28 6.85 5.99
C GLU E 181 -25.03 7.64 4.68
N PRO E 182 -26.02 7.71 3.80
CA PRO E 182 -25.82 8.18 2.44
C PRO E 182 -25.91 9.71 2.37
N ILE E 183 -24.85 10.43 2.75
CA ILE E 183 -24.83 11.89 2.60
C ILE E 183 -24.96 12.31 1.13
N PRO E 184 -25.59 13.45 0.80
CA PRO E 184 -25.76 13.85 -0.60
C PRO E 184 -24.43 14.18 -1.28
N ILE E 185 -24.27 13.66 -2.49
CA ILE E 185 -23.15 13.89 -3.40
C ILE E 185 -23.65 14.66 -4.61
N HIS E 186 -22.99 15.76 -4.96
CA HIS E 186 -23.21 16.42 -6.24
C HIS E 186 -22.18 15.93 -7.24
N TYR E 187 -22.56 15.69 -8.49
CA TYR E 187 -21.64 15.38 -9.57
C TYR E 187 -21.46 16.63 -10.43
N CYS E 188 -20.21 17.00 -10.73
CA CYS E 188 -19.87 18.24 -11.42
C CYS E 188 -18.99 17.98 -12.64
N ALA E 189 -19.12 18.82 -13.66
CA ALA E 189 -18.42 18.66 -14.95
C ALA E 189 -17.20 19.58 -15.07
N PRO E 190 -16.05 19.07 -15.53
CA PRO E 190 -14.83 19.87 -15.67
C PRO E 190 -14.95 20.87 -16.83
N ALA E 191 -14.09 21.89 -16.85
CA ALA E 191 -14.14 22.95 -17.85
C ALA E 191 -14.02 22.41 -19.28
N GLY E 192 -14.79 22.98 -20.21
CA GLY E 192 -14.92 22.46 -21.58
C GLY E 192 -16.03 21.43 -21.76
N PHE E 193 -16.67 21.01 -20.68
CA PHE E 193 -17.86 20.16 -20.69
C PHE E 193 -18.98 20.80 -19.88
N ALA E 194 -20.22 20.39 -20.14
CA ALA E 194 -21.39 20.91 -19.45
C ALA E 194 -22.41 19.79 -19.23
N ILE E 195 -23.18 19.87 -18.15
CA ILE E 195 -24.32 18.97 -17.93
C ILE E 195 -25.56 19.62 -18.51
N LEU E 196 -26.41 18.83 -19.14
CA LEU E 196 -27.77 19.21 -19.53
C LEU E 196 -28.77 18.42 -18.68
N LYS E 197 -29.77 19.12 -18.15
CA LYS E 197 -30.93 18.55 -17.48
C LYS E 197 -32.09 18.58 -18.45
N CYS E 198 -32.77 17.46 -18.69
CA CYS E 198 -34.10 17.48 -19.29
C CYS E 198 -35.12 17.90 -18.23
N LYS E 199 -35.89 18.96 -18.50
CA LYS E 199 -36.85 19.53 -17.55
C LYS E 199 -38.27 19.01 -17.72
N ASP E 200 -38.59 18.35 -18.84
CA ASP E 200 -39.94 17.88 -19.16
C ASP E 200 -40.47 16.84 -18.15
N LYS E 201 -41.57 17.16 -17.44
CA LYS E 201 -42.20 16.29 -16.43
C LYS E 201 -42.68 14.94 -16.99
N LYS E 202 -42.93 14.86 -18.30
CA LYS E 202 -43.43 13.64 -18.98
C LYS E 202 -42.31 12.80 -19.59
N PHE E 203 -41.04 13.09 -19.31
CA PHE E 203 -39.94 12.33 -19.89
C PHE E 203 -39.88 10.88 -19.36
N ASN E 204 -39.95 9.91 -20.28
CA ASN E 204 -39.98 8.47 -19.98
C ASN E 204 -38.60 7.80 -20.09
N GLY E 205 -37.50 8.57 -20.14
CA GLY E 205 -36.14 8.04 -20.12
C GLY E 205 -35.49 7.81 -21.48
N THR E 206 -36.14 8.08 -22.61
CA THR E 206 -35.53 7.92 -23.94
C THR E 206 -36.14 8.89 -24.97
N GLY E 207 -35.35 9.35 -25.93
CA GLY E 207 -35.82 10.18 -27.05
C GLY E 207 -35.76 11.70 -26.78
N PRO E 208 -36.45 12.52 -27.57
CA PRO E 208 -36.32 13.97 -27.51
C PRO E 208 -36.95 14.56 -26.26
N CYS E 209 -36.23 15.47 -25.60
CA CYS E 209 -36.75 16.34 -24.55
C CYS E 209 -36.80 17.79 -25.06
N PRO E 210 -37.95 18.48 -25.01
CA PRO E 210 -38.13 19.79 -25.63
C PRO E 210 -37.87 20.99 -24.69
N SER E 211 -37.67 20.76 -23.40
CA SER E 211 -37.26 21.80 -22.44
C SER E 211 -36.00 21.35 -21.72
N VAL E 212 -34.92 22.10 -21.87
CA VAL E 212 -33.56 21.70 -21.48
C VAL E 212 -32.92 22.81 -20.68
N SER E 213 -32.11 22.50 -19.69
CA SER E 213 -31.34 23.52 -18.97
C SER E 213 -29.93 23.06 -18.74
N THR E 214 -28.95 23.92 -18.98
CA THR E 214 -27.56 23.57 -18.66
C THR E 214 -27.27 23.88 -17.21
N VAL E 215 -26.34 23.15 -16.59
CA VAL E 215 -25.91 23.35 -15.21
C VAL E 215 -24.48 22.85 -15.03
N GLN E 216 -23.75 23.32 -14.02
CA GLN E 216 -22.38 22.90 -13.75
C GLN E 216 -22.27 21.69 -12.80
N CYS E 217 -23.26 21.49 -11.93
CA CYS E 217 -23.37 20.35 -11.02
C CYS E 217 -24.81 19.83 -10.94
N THR E 218 -24.98 18.54 -10.67
CA THR E 218 -26.30 17.96 -10.37
C THR E 218 -26.85 18.50 -9.06
N HIS E 219 -28.13 18.25 -8.79
CA HIS E 219 -28.64 18.28 -7.41
C HIS E 219 -27.92 17.23 -6.55
N GLY E 220 -28.13 17.27 -5.23
CA GLY E 220 -27.56 16.25 -4.34
C GLY E 220 -28.20 14.89 -4.58
N ILE E 221 -27.40 13.86 -4.83
CA ILE E 221 -27.82 12.46 -5.00
C ILE E 221 -27.31 11.69 -3.79
N LYS E 222 -28.13 10.87 -3.15
CA LYS E 222 -27.70 10.12 -1.95
C LYS E 222 -27.41 8.65 -2.29
N PRO E 223 -26.19 8.12 -2.01
CA PRO E 223 -25.78 6.75 -2.35
C PRO E 223 -26.48 5.60 -1.60
N VAL E 224 -27.81 5.57 -1.50
CA VAL E 224 -28.54 4.43 -0.92
C VAL E 224 -28.26 3.15 -1.68
N VAL E 225 -28.40 2.00 -1.01
CA VAL E 225 -28.48 0.69 -1.68
C VAL E 225 -29.59 -0.15 -1.08
N SER E 226 -30.45 -0.71 -1.93
CA SER E 226 -31.59 -1.54 -1.55
C SER E 226 -32.15 -2.21 -2.79
N THR E 227 -32.55 -3.47 -2.70
CA THR E 227 -32.91 -4.27 -3.89
C THR E 227 -34.32 -3.98 -4.38
N GLN E 228 -35.34 -4.55 -3.77
CA GLN E 228 -36.67 -4.63 -4.37
C GLN E 228 -37.39 -3.29 -4.45
N LEU E 229 -37.25 -2.46 -3.41
CA LEU E 229 -37.85 -1.14 -3.33
C LEU E 229 -36.75 -0.08 -3.28
N LEU E 230 -37.05 1.11 -3.79
CA LEU E 230 -36.15 2.25 -3.85
C LEU E 230 -36.48 3.17 -2.67
N LEU E 231 -35.50 3.50 -1.84
CA LEU E 231 -35.72 4.27 -0.61
C LEU E 231 -35.16 5.69 -0.70
N ASN E 232 -35.90 6.66 -0.17
CA ASN E 232 -35.54 8.08 -0.04
C ASN E 232 -35.15 8.83 -1.33
N GLY E 233 -35.25 8.21 -2.50
CA GLY E 233 -34.98 8.86 -3.78
C GLY E 233 -36.02 9.93 -4.17
N SER E 234 -35.74 10.65 -5.25
CA SER E 234 -36.59 11.72 -5.79
C SER E 234 -37.94 11.21 -6.31
N LEU E 235 -39.03 11.87 -5.97
CA LEU E 235 -40.40 11.51 -6.35
C LEU E 235 -40.80 12.13 -7.70
N ALA E 236 -41.62 11.42 -8.48
CA ALA E 236 -42.09 11.88 -9.79
C ALA E 236 -43.08 13.05 -9.70
N GLU E 237 -43.09 13.92 -10.71
CA GLU E 237 -43.73 15.24 -10.62
C GLU E 237 -45.26 15.20 -10.56
N GLU E 238 -45.93 14.68 -11.59
CA GLU E 238 -47.40 14.69 -11.69
C GLU E 238 -48.07 13.41 -11.18
N GLU E 239 -47.44 12.27 -11.42
CA GLU E 239 -48.08 10.95 -11.45
C GLU E 239 -47.03 9.84 -11.30
N VAL E 240 -47.45 8.61 -11.02
CA VAL E 240 -46.55 7.45 -11.07
C VAL E 240 -45.94 7.32 -12.46
N MET E 241 -44.62 7.20 -12.58
CA MET E 241 -43.96 6.99 -13.86
C MET E 241 -43.34 5.61 -13.95
N ILE E 242 -43.47 4.97 -15.11
CA ILE E 242 -42.96 3.63 -15.40
C ILE E 242 -42.02 3.68 -16.58
N ARG E 243 -40.80 3.17 -16.41
CA ARG E 243 -39.74 3.26 -17.41
C ARG E 243 -39.14 1.89 -17.65
N SER E 244 -38.87 1.54 -18.90
CA SER E 244 -38.13 0.33 -19.25
C SER E 244 -37.36 0.54 -20.55
N GLU E 245 -36.27 -0.21 -20.74
CA GLU E 245 -35.43 -0.07 -21.93
C GLU E 245 -36.15 -0.51 -23.21
N ASN E 246 -36.87 -1.63 -23.15
CA ASN E 246 -37.48 -2.26 -24.33
C ASN E 246 -38.56 -3.23 -23.83
N ILE E 247 -39.78 -2.75 -23.62
CA ILE E 247 -40.71 -3.38 -22.67
C ILE E 247 -41.16 -4.80 -23.05
N THR E 248 -41.10 -5.19 -24.32
CA THR E 248 -41.40 -6.57 -24.74
C THR E 248 -40.30 -7.58 -24.39
N ASN E 249 -39.17 -7.13 -23.86
CA ASN E 249 -38.09 -7.99 -23.40
C ASN E 249 -38.16 -8.29 -21.89
N ASN E 250 -38.52 -9.52 -21.52
CA ASN E 250 -38.63 -9.95 -20.12
C ASN E 250 -37.33 -9.83 -19.32
N ALA E 251 -36.16 -9.88 -19.96
CA ALA E 251 -34.90 -9.81 -19.25
C ALA E 251 -34.62 -8.42 -18.65
N LYS E 252 -35.34 -7.39 -19.11
CA LYS E 252 -35.16 -5.99 -18.70
C LYS E 252 -36.24 -5.60 -17.70
N ASN E 253 -35.81 -5.03 -16.59
CA ASN E 253 -36.72 -4.59 -15.53
C ASN E 253 -37.61 -3.43 -15.99
N ILE E 254 -38.64 -3.18 -15.19
CA ILE E 254 -39.43 -1.98 -15.22
C ILE E 254 -39.07 -1.22 -13.95
N LEU E 255 -38.65 0.03 -14.07
CA LEU E 255 -38.50 0.92 -12.93
C LEU E 255 -39.80 1.68 -12.75
N VAL E 256 -40.37 1.63 -11.55
CA VAL E 256 -41.56 2.37 -11.19
C VAL E 256 -41.18 3.45 -10.20
N GLN E 257 -41.51 4.71 -10.49
CA GLN E 257 -41.26 5.87 -9.63
C GLN E 257 -42.59 6.46 -9.16
N PHE E 258 -42.81 6.56 -7.86
CA PHE E 258 -44.05 7.06 -7.29
C PHE E 258 -44.17 8.58 -7.31
N ASN E 259 -45.41 9.07 -7.23
CA ASN E 259 -45.70 10.48 -7.07
C ASN E 259 -45.69 10.93 -5.61
N THR E 260 -46.49 10.30 -4.74
CA THR E 260 -46.31 10.43 -3.28
C THR E 260 -45.24 9.46 -2.81
N PRO E 261 -44.58 9.68 -1.67
CA PRO E 261 -43.94 8.58 -0.99
C PRO E 261 -44.97 7.53 -0.54
N VAL E 262 -44.51 6.38 -0.09
CA VAL E 262 -45.19 5.57 0.93
C VAL E 262 -44.27 5.45 2.13
N GLN E 263 -44.73 5.80 3.32
CA GLN E 263 -43.87 5.72 4.50
C GLN E 263 -43.67 4.27 4.93
N ILE E 264 -42.43 3.89 5.23
CA ILE E 264 -42.06 2.63 5.85
C ILE E 264 -41.33 2.91 7.15
N ASN E 265 -41.64 2.15 8.20
CA ASN E 265 -40.93 2.20 9.48
C ASN E 265 -40.28 0.84 9.67
N CYS E 266 -39.06 0.76 10.17
CA CYS E 266 -38.45 -0.54 10.45
C CYS E 266 -37.58 -0.53 11.70
N THR E 267 -37.52 -1.64 12.43
CA THR E 267 -36.96 -1.69 13.80
C THR E 267 -36.36 -3.05 14.17
N ARG E 268 -35.37 -3.05 15.08
CA ARG E 268 -34.52 -4.23 15.35
C ARG E 268 -35.21 -5.41 16.04
N PRO E 269 -36.14 -5.27 17.00
CA PRO E 269 -36.29 -4.20 17.97
C PRO E 269 -35.54 -4.48 19.30
N ASN E 270 -34.76 -5.56 19.39
CA ASN E 270 -34.19 -6.04 20.66
C ASN E 270 -33.10 -5.14 21.27
N ASN E 271 -32.97 -5.13 22.60
CA ASN E 271 -32.00 -4.33 23.33
C ASN E 271 -30.66 -5.08 23.48
N ASN E 272 -29.70 -4.75 22.62
CA ASN E 272 -28.52 -5.55 22.33
C ASN E 272 -27.23 -4.96 22.94
N THR E 273 -26.37 -5.80 23.52
CA THR E 273 -25.18 -5.36 24.26
C THR E 273 -23.90 -5.56 23.46
N ARG E 274 -23.14 -4.50 23.22
CA ARG E 274 -21.77 -4.55 22.68
C ARG E 274 -20.75 -5.03 23.72
N LYS E 275 -19.75 -5.80 23.30
CA LYS E 275 -18.59 -6.17 24.11
C LYS E 275 -17.33 -6.16 23.27
N SER E 276 -16.20 -5.72 23.81
CA SER E 276 -14.92 -5.64 23.10
C SER E 276 -13.95 -6.72 23.58
N ILE E 277 -13.36 -7.47 22.65
CA ILE E 277 -12.34 -8.48 22.93
C ILE E 277 -11.03 -8.02 22.29
N ARG E 278 -9.96 -7.81 23.05
CA ARG E 278 -8.68 -7.31 22.52
C ARG E 278 -7.83 -8.44 21.95
N ILE E 279 -8.16 -8.84 20.73
CA ILE E 279 -7.54 -9.90 19.93
C ILE E 279 -6.01 -9.75 19.82
N GLY E 280 -5.49 -8.53 19.70
CA GLY E 280 -4.07 -8.29 19.46
C GLY E 280 -3.59 -6.96 20.01
N PRO E 281 -2.28 -6.69 20.00
CA PRO E 281 -1.74 -5.40 20.40
C PRO E 281 -2.33 -4.29 19.52
N GLY E 282 -3.21 -3.47 20.09
CA GLY E 282 -3.91 -2.42 19.36
C GLY E 282 -5.02 -2.89 18.43
N GLN E 283 -5.56 -4.10 18.60
CA GLN E 283 -6.64 -4.65 17.79
C GLN E 283 -7.74 -5.25 18.66
N ALA E 284 -9.00 -4.91 18.38
CA ALA E 284 -10.14 -5.39 19.14
C ALA E 284 -11.35 -5.70 18.27
N PHE E 285 -12.13 -6.69 18.70
CA PHE E 285 -13.29 -7.23 17.99
C PHE E 285 -14.54 -7.07 18.82
N TYR E 286 -15.63 -6.63 18.19
CA TYR E 286 -16.89 -6.34 18.87
C TYR E 286 -17.84 -7.54 18.87
N ALA E 287 -17.78 -8.35 19.92
CA ALA E 287 -18.72 -9.44 20.16
C ALA E 287 -20.15 -8.93 20.42
N THR E 288 -21.13 -9.76 20.10
CA THR E 288 -22.54 -9.53 20.47
C THR E 288 -22.74 -10.14 21.85
N GLY E 289 -22.60 -9.35 22.90
CA GLY E 289 -22.36 -9.85 24.24
C GLY E 289 -23.57 -10.52 24.89
N ASP E 290 -24.70 -9.82 24.94
CA ASP E 290 -25.95 -10.32 25.52
C ASP E 290 -27.15 -9.49 25.05
N ILE E 291 -28.36 -10.03 25.16
CA ILE E 291 -29.62 -9.30 24.92
C ILE E 291 -30.28 -9.04 26.26
N ILE E 292 -30.58 -7.78 26.55
CA ILE E 292 -31.04 -7.36 27.89
C ILE E 292 -32.50 -7.75 28.13
N GLY E 293 -33.38 -7.46 27.17
CA GLY E 293 -34.78 -7.90 27.20
C GLY E 293 -34.99 -9.32 26.67
N ASP E 294 -36.24 -9.79 26.69
CA ASP E 294 -36.63 -10.98 25.93
C ASP E 294 -36.76 -10.66 24.43
N ILE E 295 -36.71 -11.69 23.60
CA ILE E 295 -36.35 -11.57 22.18
C ILE E 295 -37.59 -11.63 21.28
N ARG E 296 -37.64 -10.72 20.29
CA ARG E 296 -38.72 -10.54 19.31
C ARG E 296 -38.14 -10.24 17.94
N GLN E 297 -38.80 -10.64 16.86
CA GLN E 297 -38.21 -10.61 15.52
C GLN E 297 -38.09 -9.21 14.92
N ALA E 298 -37.01 -8.91 14.20
CA ALA E 298 -36.87 -7.69 13.41
C ALA E 298 -37.98 -7.58 12.37
N HIS E 299 -38.60 -6.41 12.21
CA HIS E 299 -39.72 -6.25 11.27
C HIS E 299 -39.91 -4.80 10.83
N CYS E 300 -40.60 -4.62 9.71
CA CYS E 300 -41.02 -3.32 9.19
C CYS E 300 -42.54 -3.20 9.08
N ASN E 301 -43.08 -2.00 9.19
CA ASN E 301 -44.49 -1.71 9.02
C ASN E 301 -44.70 -0.75 7.86
N VAL E 302 -45.77 -0.91 7.08
CA VAL E 302 -46.28 0.09 6.11
C VAL E 302 -47.78 0.30 6.28
N SER E 303 -48.28 1.52 6.10
CA SER E 303 -49.70 1.82 6.30
C SER E 303 -50.54 1.22 5.17
N LYS E 304 -51.44 0.29 5.49
CA LYS E 304 -52.06 -0.60 4.51
C LYS E 304 -52.83 0.15 3.43
N ALA E 305 -53.70 1.08 3.81
CA ALA E 305 -54.52 1.82 2.86
C ALA E 305 -53.67 2.59 1.85
N THR E 306 -52.56 3.21 2.28
CA THR E 306 -51.67 3.91 1.35
C THR E 306 -51.05 2.95 0.34
N TRP E 307 -50.65 1.74 0.74
CA TRP E 307 -50.10 0.77 -0.19
C TRP E 307 -51.17 0.29 -1.17
N ASN E 308 -52.34 -0.11 -0.67
CA ASN E 308 -53.45 -0.58 -1.49
C ASN E 308 -53.85 0.49 -2.52
N GLU E 309 -53.86 1.77 -2.15
CA GLU E 309 -54.10 2.88 -3.08
C GLU E 309 -52.96 3.04 -4.08
N THR E 310 -51.72 2.95 -3.64
CA THR E 310 -50.56 3.17 -4.50
C THR E 310 -50.47 2.14 -5.62
N LEU E 311 -50.71 0.86 -5.35
CA LEU E 311 -50.74 -0.12 -6.42
C LEU E 311 -51.91 0.11 -7.38
N GLY E 312 -53.03 0.67 -6.93
CA GLY E 312 -54.08 1.14 -7.82
C GLY E 312 -53.57 2.15 -8.86
N LYS E 313 -52.73 3.11 -8.45
CA LYS E 313 -52.06 4.03 -9.38
C LYS E 313 -51.11 3.32 -10.32
N VAL E 314 -50.27 2.40 -9.80
CA VAL E 314 -49.31 1.68 -10.64
C VAL E 314 -50.02 0.88 -11.72
N VAL E 315 -51.07 0.14 -11.38
CA VAL E 315 -51.87 -0.59 -12.36
C VAL E 315 -52.46 0.33 -13.41
N LYS E 316 -52.98 1.50 -13.02
CA LYS E 316 -53.53 2.48 -13.96
C LYS E 316 -52.50 2.89 -15.01
N GLN E 317 -51.22 2.96 -14.68
CA GLN E 317 -50.17 3.18 -15.67
C GLN E 317 -49.82 1.93 -16.46
N LEU E 318 -49.56 0.78 -15.81
CA LEU E 318 -49.16 -0.44 -16.53
C LEU E 318 -50.21 -0.85 -17.57
N ARG E 319 -51.48 -0.61 -17.28
CA ARG E 319 -52.59 -0.81 -18.22
C ARG E 319 -52.40 -0.11 -19.55
N LYS E 320 -51.77 1.07 -19.59
CA LYS E 320 -51.55 1.83 -20.82
C LYS E 320 -50.59 1.13 -21.76
N HIS E 321 -49.52 0.55 -21.22
CA HIS E 321 -48.53 -0.17 -22.03
C HIS E 321 -49.06 -1.53 -22.48
N PHE E 322 -49.64 -2.33 -21.57
CA PHE E 322 -50.02 -3.72 -21.84
C PHE E 322 -51.44 -3.92 -22.36
N GLY E 323 -52.33 -2.94 -22.23
CA GLY E 323 -53.68 -2.95 -22.77
C GLY E 323 -54.77 -3.01 -21.70
N ASN E 324 -55.87 -2.29 -21.93
CA ASN E 324 -56.89 -1.95 -20.93
C ASN E 324 -57.60 -3.15 -20.30
N ASN E 325 -57.80 -4.23 -21.05
CA ASN E 325 -58.49 -5.43 -20.55
C ASN E 325 -57.57 -6.44 -19.87
N THR E 326 -56.27 -6.20 -19.77
CA THR E 326 -55.36 -7.18 -19.18
C THR E 326 -55.54 -7.35 -17.67
N ILE E 327 -55.62 -8.60 -17.21
CA ILE E 327 -55.72 -8.98 -15.80
C ILE E 327 -54.33 -8.88 -15.17
N ILE E 328 -53.96 -7.70 -14.67
CA ILE E 328 -52.65 -7.49 -14.06
C ILE E 328 -52.70 -8.03 -12.64
N ARG E 329 -51.67 -8.77 -12.24
CA ARG E 329 -51.52 -9.29 -10.88
C ARG E 329 -50.09 -9.28 -10.43
N PHE E 330 -49.87 -9.17 -9.14
CA PHE E 330 -48.53 -9.24 -8.58
C PHE E 330 -48.28 -10.62 -7.99
N ALA E 331 -47.01 -10.97 -7.82
CA ALA E 331 -46.60 -12.16 -7.08
C ALA E 331 -45.26 -11.88 -6.42
N ASN E 332 -44.92 -12.60 -5.36
CA ASN E 332 -43.64 -12.45 -4.68
C ASN E 332 -42.48 -13.03 -5.52
N SER E 333 -41.25 -12.79 -5.07
CA SER E 333 -40.04 -13.28 -5.73
C SER E 333 -39.99 -14.81 -5.74
N SER E 334 -39.47 -15.40 -6.83
CA SER E 334 -39.64 -16.83 -7.09
C SER E 334 -38.91 -17.73 -6.10
N GLY E 335 -37.64 -17.41 -5.81
CA GLY E 335 -36.73 -18.25 -5.03
C GLY E 335 -35.27 -17.97 -5.34
N GLY E 336 -34.35 -18.55 -4.57
CA GLY E 336 -32.90 -18.31 -4.69
C GLY E 336 -32.27 -17.74 -3.43
N ASP E 337 -31.07 -17.19 -3.56
CA ASP E 337 -30.33 -16.62 -2.41
C ASP E 337 -31.08 -15.50 -1.70
N LEU E 338 -30.82 -15.31 -0.41
CA LEU E 338 -31.46 -14.30 0.42
C LEU E 338 -31.25 -12.88 -0.13
N GLU E 339 -30.06 -12.60 -0.64
CA GLU E 339 -29.71 -11.29 -1.17
C GLU E 339 -30.57 -10.87 -2.37
N VAL E 340 -30.88 -11.80 -3.27
CA VAL E 340 -31.66 -11.52 -4.49
C VAL E 340 -33.16 -11.70 -4.30
N THR E 341 -33.60 -12.54 -3.36
CA THR E 341 -35.03 -12.78 -3.11
C THR E 341 -35.71 -11.77 -2.19
N THR E 342 -34.99 -10.90 -1.49
CA THR E 342 -35.56 -10.05 -0.42
C THR E 342 -35.11 -8.59 -0.50
N HIS E 343 -35.62 -7.73 0.38
CA HIS E 343 -35.43 -6.27 0.36
C HIS E 343 -33.99 -5.77 0.60
N SER E 344 -33.13 -6.55 1.24
CA SER E 344 -31.67 -6.35 1.31
C SER E 344 -31.19 -4.89 1.46
N PHE E 345 -31.36 -4.27 2.63
CA PHE E 345 -31.03 -2.86 2.86
C PHE E 345 -30.43 -2.59 4.25
N ASN E 346 -29.81 -1.43 4.45
CA ASN E 346 -29.28 -1.03 5.75
C ASN E 346 -30.21 -0.04 6.47
N CYS E 347 -30.47 -0.26 7.75
CA CYS E 347 -31.11 0.71 8.64
C CYS E 347 -30.18 1.04 9.80
N GLY E 348 -29.86 2.31 10.01
CA GLY E 348 -29.14 2.77 11.21
C GLY E 348 -27.73 2.19 11.44
N GLY E 349 -27.12 1.56 10.43
CA GLY E 349 -25.84 0.85 10.58
C GLY E 349 -25.97 -0.67 10.77
N GLU E 350 -27.15 -1.24 10.59
CA GLU E 350 -27.45 -2.67 10.68
C GLU E 350 -28.12 -3.18 9.39
N PHE E 351 -27.85 -4.41 8.96
CA PHE E 351 -28.25 -4.89 7.64
C PHE E 351 -29.44 -5.84 7.71
N PHE E 352 -30.53 -5.46 7.04
CA PHE E 352 -31.83 -6.11 7.08
C PHE E 352 -32.13 -6.81 5.75
N TYR E 353 -32.58 -8.05 5.82
CA TYR E 353 -33.20 -8.75 4.71
C TYR E 353 -34.65 -9.01 5.08
N CYS E 354 -35.63 -8.53 4.30
CA CYS E 354 -37.04 -8.59 4.69
C CYS E 354 -37.92 -9.25 3.64
N ASN E 355 -38.84 -10.09 4.09
CA ASN E 355 -39.71 -10.89 3.27
C ASN E 355 -40.89 -10.06 2.73
N THR E 356 -40.74 -9.45 1.55
CA THR E 356 -41.78 -8.62 0.93
C THR E 356 -43.02 -9.37 0.44
N SER E 357 -43.17 -10.67 0.71
CA SER E 357 -44.34 -11.44 0.26
C SER E 357 -45.67 -10.92 0.79
N GLY E 358 -45.68 -10.12 1.86
CA GLY E 358 -46.90 -9.46 2.33
C GLY E 358 -47.45 -8.40 1.37
N LEU E 359 -46.60 -7.75 0.58
CA LEU E 359 -47.00 -6.65 -0.30
C LEU E 359 -47.51 -7.11 -1.66
N PHE E 360 -46.83 -8.07 -2.28
CA PHE E 360 -46.96 -8.36 -3.71
C PHE E 360 -47.84 -9.57 -4.00
N ASN E 361 -49.14 -9.52 -3.73
CA ASN E 361 -50.05 -10.56 -4.23
C ASN E 361 -51.48 -10.09 -4.59
N SER E 362 -51.66 -8.81 -4.86
CA SER E 362 -52.91 -8.25 -5.35
C SER E 362 -53.25 -8.74 -6.77
N THR E 363 -54.51 -8.64 -7.17
CA THR E 363 -54.97 -8.91 -8.54
C THR E 363 -56.02 -7.90 -9.01
N TRP E 364 -56.03 -7.51 -10.28
CA TRP E 364 -56.76 -6.34 -10.77
C TRP E 364 -57.47 -6.58 -12.10
N ILE E 365 -58.70 -6.09 -12.24
CA ILE E 365 -59.59 -6.34 -13.38
C ILE E 365 -60.29 -5.06 -13.84
N ASP E 380 -54.56 0.76 9.98
CA ASP E 380 -54.12 -0.60 9.66
C ASP E 380 -52.73 -0.62 9.00
N SER E 381 -51.95 -1.68 9.22
CA SER E 381 -50.62 -1.81 8.66
C SER E 381 -50.24 -3.25 8.35
N ILE E 382 -49.32 -3.43 7.41
CA ILE E 382 -48.74 -4.72 7.04
C ILE E 382 -47.41 -4.85 7.79
N THR E 383 -47.17 -5.98 8.45
CA THR E 383 -45.88 -6.28 9.07
C THR E 383 -45.07 -7.17 8.15
N LEU E 384 -43.85 -6.77 7.82
CA LEU E 384 -42.90 -7.57 7.04
C LEU E 384 -41.84 -8.11 8.00
N PRO E 385 -41.73 -9.44 8.20
CA PRO E 385 -40.68 -10.00 9.03
C PRO E 385 -39.34 -9.97 8.32
N CYS E 386 -38.26 -9.91 9.08
CA CYS E 386 -36.91 -9.73 8.58
C CYS E 386 -35.92 -10.68 9.25
N ARG E 387 -34.73 -10.76 8.67
CA ARG E 387 -33.56 -11.45 9.20
C ARG E 387 -32.36 -10.53 9.08
N ILE E 388 -31.33 -10.77 9.87
CA ILE E 388 -30.16 -9.90 9.98
C ILE E 388 -28.89 -10.74 9.79
N LYS E 389 -27.86 -10.15 9.18
CA LYS E 389 -26.53 -10.73 9.03
C LYS E 389 -25.51 -9.78 9.62
N GLN E 390 -24.44 -10.29 10.21
CA GLN E 390 -23.27 -9.47 10.54
C GLN E 390 -22.19 -9.60 9.46
N ILE E 391 -22.12 -10.74 8.78
CA ILE E 391 -21.14 -10.99 7.71
C ILE E 391 -21.79 -10.69 6.36
N ILE E 392 -21.24 -9.76 5.59
CA ILE E 392 -21.86 -9.26 4.35
C ILE E 392 -20.86 -9.00 3.23
N ASN E 393 -21.37 -8.99 1.99
CA ASN E 393 -20.57 -8.91 0.77
C ASN E 393 -21.30 -8.10 -0.31
N MET E 394 -21.66 -6.85 -0.01
CA MET E 394 -22.19 -5.96 -1.04
C MET E 394 -21.13 -5.65 -2.10
N TRP E 395 -21.59 -5.40 -3.32
CA TRP E 395 -20.80 -5.47 -4.55
C TRP E 395 -20.27 -6.85 -4.92
N GLN E 396 -20.56 -7.90 -4.13
CA GLN E 396 -20.47 -9.31 -4.53
C GLN E 396 -19.11 -9.71 -5.13
N ARG E 397 -18.01 -9.17 -4.59
CA ARG E 397 -16.66 -9.65 -4.89
C ARG E 397 -16.49 -11.08 -4.36
N ILE E 398 -15.50 -11.81 -4.87
CA ILE E 398 -15.16 -13.13 -4.32
C ILE E 398 -14.35 -13.00 -3.02
N GLY E 399 -13.29 -12.18 -3.04
CA GLY E 399 -12.40 -12.01 -1.89
C GLY E 399 -13.00 -11.14 -0.79
N GLN E 400 -13.28 -9.88 -1.10
CA GLN E 400 -13.67 -8.89 -0.09
C GLN E 400 -14.91 -9.31 0.71
N CYS E 401 -14.87 -9.05 2.00
CA CYS E 401 -15.96 -9.32 2.93
C CYS E 401 -15.90 -8.35 4.10
N MET E 402 -17.06 -7.93 4.60
CA MET E 402 -17.18 -7.11 5.79
C MET E 402 -17.82 -7.89 6.92
N TYR E 403 -17.30 -7.74 8.13
CA TYR E 403 -18.06 -8.00 9.34
C TYR E 403 -18.54 -6.66 9.89
N ALA E 404 -19.85 -6.45 9.92
CA ALA E 404 -20.46 -5.24 10.45
C ALA E 404 -20.67 -5.42 11.97
N PRO E 405 -20.00 -4.63 12.82
CA PRO E 405 -20.05 -4.86 14.26
C PRO E 405 -21.44 -4.59 14.82
N PRO E 406 -21.86 -5.28 15.88
CA PRO E 406 -23.16 -5.06 16.51
C PRO E 406 -23.28 -3.63 17.04
N ILE E 407 -24.47 -3.06 16.97
CA ILE E 407 -24.76 -1.70 17.45
C ILE E 407 -25.59 -1.73 18.73
N GLN E 408 -25.17 -0.94 19.71
CA GLN E 408 -25.67 -0.95 21.08
C GLN E 408 -27.15 -0.52 21.17
N GLY E 409 -27.90 -1.13 22.09
CA GLY E 409 -29.25 -0.68 22.43
C GLY E 409 -30.33 -1.17 21.47
N VAL E 410 -31.23 -0.30 21.08
CA VAL E 410 -32.33 -0.56 20.13
C VAL E 410 -32.27 0.46 18.99
N ILE E 411 -32.63 0.05 17.77
CA ILE E 411 -32.80 0.99 16.65
C ILE E 411 -34.17 0.88 15.99
N ARG E 412 -34.57 2.01 15.42
CA ARG E 412 -35.53 2.11 14.32
C ARG E 412 -35.08 3.17 13.32
N CYS E 413 -35.62 3.12 12.12
CA CYS E 413 -35.51 4.20 11.16
C CYS E 413 -36.81 4.30 10.37
N VAL E 414 -37.12 5.49 9.88
CA VAL E 414 -38.27 5.79 9.05
C VAL E 414 -37.78 6.19 7.67
N SER E 415 -38.49 5.82 6.62
CA SER E 415 -38.05 6.07 5.26
C SER E 415 -39.23 6.19 4.31
N ASN E 416 -39.00 6.77 3.14
CA ASN E 416 -39.98 6.82 2.07
C ASN E 416 -39.62 5.77 1.04
N ILE E 417 -40.54 4.85 0.74
CA ILE E 417 -40.47 4.12 -0.51
C ILE E 417 -40.80 5.13 -1.61
N THR E 418 -39.83 5.40 -2.46
CA THR E 418 -39.94 6.31 -3.60
C THR E 418 -40.47 5.60 -4.83
N GLY E 419 -40.29 4.30 -4.92
CA GLY E 419 -40.52 3.53 -6.13
C GLY E 419 -40.01 2.11 -5.97
N LEU E 420 -40.06 1.31 -7.02
CA LEU E 420 -39.72 -0.10 -6.93
C LEU E 420 -39.28 -0.67 -8.27
N ILE E 421 -38.64 -1.83 -8.22
CA ILE E 421 -38.13 -2.53 -9.38
C ILE E 421 -39.01 -3.75 -9.64
N LEU E 422 -39.57 -3.88 -10.83
CA LEU E 422 -40.44 -4.99 -11.20
C LEU E 422 -39.84 -5.77 -12.37
N THR E 423 -40.15 -7.05 -12.42
CA THR E 423 -39.82 -7.94 -13.53
C THR E 423 -41.09 -8.67 -13.95
N ARG E 424 -41.34 -8.82 -15.25
CA ARG E 424 -42.58 -9.38 -15.77
C ARG E 424 -42.34 -10.77 -16.32
N ASP E 425 -43.03 -11.78 -15.81
CA ASP E 425 -42.65 -13.15 -16.15
C ASP E 425 -43.14 -13.61 -17.53
N GLY E 426 -42.25 -14.27 -18.27
CA GLY E 426 -42.40 -14.61 -19.67
C GLY E 426 -43.13 -15.92 -19.90
N GLY E 427 -44.35 -16.04 -19.40
CA GLY E 427 -45.16 -17.22 -19.67
C GLY E 427 -45.49 -17.37 -21.16
N SER E 428 -45.38 -18.55 -21.76
CA SER E 428 -45.91 -18.87 -23.10
C SER E 428 -47.42 -19.11 -23.08
N THR E 429 -48.11 -18.43 -22.16
CA THR E 429 -49.43 -18.73 -21.56
C THR E 429 -50.61 -18.17 -22.35
N ASN E 430 -51.81 -18.32 -21.78
CA ASN E 430 -52.93 -17.40 -22.01
C ASN E 430 -52.45 -15.93 -22.00
N SER E 431 -52.93 -15.12 -22.93
CA SER E 431 -52.46 -13.74 -23.16
C SER E 431 -53.33 -12.64 -22.54
N THR E 432 -54.37 -12.98 -21.77
CA THR E 432 -55.18 -11.99 -21.04
C THR E 432 -54.47 -11.37 -19.85
N THR E 433 -53.32 -11.85 -19.42
CA THR E 433 -52.79 -11.56 -18.07
C THR E 433 -51.29 -11.39 -18.05
N GLU E 434 -50.80 -10.60 -17.10
CA GLU E 434 -49.38 -10.37 -16.83
C GLU E 434 -49.17 -10.51 -15.32
N THR E 435 -48.12 -11.21 -14.91
CA THR E 435 -47.73 -11.28 -13.51
C THR E 435 -46.43 -10.55 -13.29
N PHE E 436 -46.40 -9.62 -12.35
CA PHE E 436 -45.21 -8.84 -12.03
C PHE E 436 -44.67 -9.21 -10.66
N ARG E 437 -43.35 -9.28 -10.55
CA ARG E 437 -42.66 -9.75 -9.34
C ARG E 437 -41.60 -8.74 -8.93
N PRO E 438 -41.32 -8.53 -7.65
CA PRO E 438 -40.29 -7.60 -7.22
C PRO E 438 -38.93 -8.10 -7.65
N GLY E 439 -38.20 -7.28 -8.42
CA GLY E 439 -37.19 -7.81 -9.34
C GLY E 439 -35.83 -8.14 -8.74
N GLY E 440 -35.53 -7.70 -7.53
CA GLY E 440 -34.19 -7.81 -6.94
C GLY E 440 -33.23 -6.76 -7.51
N GLY E 441 -32.99 -6.80 -8.81
CA GLY E 441 -32.32 -5.74 -9.59
C GLY E 441 -30.81 -5.62 -9.38
N ASP E 442 -30.15 -4.96 -10.32
CA ASP E 442 -28.73 -4.58 -10.20
C ASP E 442 -28.54 -3.35 -9.32
N MET E 443 -27.39 -3.22 -8.67
CA MET E 443 -27.10 -2.15 -7.70
C MET E 443 -27.25 -0.75 -8.29
N ARG E 444 -26.99 -0.60 -9.59
CA ARG E 444 -27.07 0.67 -10.33
C ARG E 444 -28.42 1.35 -10.20
N ASP E 445 -29.51 0.59 -10.15
CA ASP E 445 -30.84 1.17 -10.26
C ASP E 445 -31.23 2.05 -9.07
N ASN E 446 -30.56 1.89 -7.92
CA ASN E 446 -30.71 2.81 -6.79
C ASN E 446 -30.33 4.26 -7.11
N TRP E 447 -29.58 4.53 -8.19
CA TRP E 447 -29.24 5.89 -8.63
C TRP E 447 -29.42 6.14 -10.12
N ARG E 448 -29.57 5.12 -10.97
CA ARG E 448 -30.11 5.32 -12.34
C ARG E 448 -31.50 5.97 -12.30
N SER E 449 -32.25 5.79 -11.22
CA SER E 449 -33.50 6.52 -11.01
C SER E 449 -33.33 8.04 -10.80
N GLU E 450 -32.12 8.55 -10.54
CA GLU E 450 -31.81 9.98 -10.51
C GLU E 450 -31.15 10.43 -11.80
N LEU E 451 -30.09 9.74 -12.23
CA LEU E 451 -29.30 10.10 -13.41
C LEU E 451 -30.02 9.87 -14.75
N TYR E 452 -31.35 9.71 -14.75
CA TYR E 452 -32.13 9.62 -15.99
C TYR E 452 -32.30 11.00 -16.64
N LYS E 453 -32.45 12.06 -15.84
CA LYS E 453 -32.69 13.42 -16.35
C LYS E 453 -31.43 14.15 -16.81
N TYR E 454 -30.24 13.61 -16.57
CA TYR E 454 -28.97 14.29 -16.81
C TYR E 454 -28.19 13.68 -17.97
N LYS E 455 -27.55 14.54 -18.75
CA LYS E 455 -26.66 14.21 -19.87
C LYS E 455 -25.40 15.05 -19.77
N VAL E 456 -24.25 14.58 -20.27
CA VAL E 456 -23.02 15.38 -20.32
C VAL E 456 -22.55 15.59 -21.75
N VAL E 457 -22.09 16.79 -22.08
CA VAL E 457 -21.69 17.18 -23.44
C VAL E 457 -20.37 17.92 -23.42
N LYS E 458 -19.63 17.83 -24.52
CA LYS E 458 -18.34 18.47 -24.76
C LYS E 458 -18.57 19.68 -25.67
N ILE E 459 -18.12 20.86 -25.28
CA ILE E 459 -18.29 22.06 -26.09
C ILE E 459 -17.37 21.97 -27.31
N GLU E 460 -17.81 22.50 -28.45
CA GLU E 460 -17.03 22.56 -29.70
C GLU E 460 -16.93 24.02 -30.16
N PRO E 461 -16.21 24.87 -29.41
CA PRO E 461 -16.39 26.31 -29.46
C PRO E 461 -15.90 26.94 -30.75
N LEU E 462 -15.18 26.22 -31.61
CA LEU E 462 -14.60 26.74 -32.84
C LEU E 462 -15.44 26.30 -34.02
N GLY E 463 -15.87 27.24 -34.86
CA GLY E 463 -16.71 26.94 -36.02
C GLY E 463 -16.43 27.89 -37.18
N VAL E 464 -16.80 27.48 -38.40
CA VAL E 464 -16.57 28.26 -39.62
C VAL E 464 -17.88 28.50 -40.34
N ALA E 465 -18.01 29.64 -41.01
CA ALA E 465 -19.17 29.95 -41.82
C ALA E 465 -18.81 30.95 -42.92
N PRO E 466 -19.49 30.93 -44.08
CA PRO E 466 -19.25 31.90 -45.14
C PRO E 466 -19.81 33.27 -44.80
N THR E 467 -19.14 34.30 -45.31
CA THR E 467 -19.71 35.63 -45.55
C THR E 467 -18.86 36.35 -46.61
N ARG E 468 -19.27 37.55 -47.01
CA ARG E 468 -18.72 38.29 -48.15
C ARG E 468 -17.41 39.06 -47.92
N CYS E 469 -16.88 39.12 -46.70
CA CYS E 469 -15.68 39.91 -46.38
C CYS E 469 -14.36 39.32 -46.92
N LYS E 470 -13.32 40.15 -47.00
CA LYS E 470 -11.93 39.78 -47.35
C LYS E 470 -10.96 40.22 -46.26
N ARG E 471 -9.90 39.45 -45.96
CA ARG E 471 -8.74 40.00 -45.24
C ARG E 471 -8.01 41.00 -46.14
N ARG E 472 -7.54 42.11 -45.59
CA ARG E 472 -6.71 43.08 -46.33
C ARG E 472 -5.33 42.52 -46.64
N VAL E 473 -4.76 42.92 -47.77
CA VAL E 473 -3.41 42.57 -48.22
C VAL E 473 -2.72 43.78 -48.84
N LEU F 9 -28.23 37.39 -20.45
CA LEU F 9 -28.00 35.99 -20.87
C LEU F 9 -26.91 35.34 -20.01
N GLY F 10 -26.89 34.00 -19.96
CA GLY F 10 -25.85 33.21 -19.31
C GLY F 10 -25.16 32.24 -20.26
N PHE F 11 -24.31 31.37 -19.72
CA PHE F 11 -23.54 30.38 -20.48
C PHE F 11 -24.42 29.52 -21.40
N LEU F 12 -24.04 29.38 -22.67
CA LEU F 12 -24.79 28.70 -23.73
C LEU F 12 -26.19 29.25 -24.02
N GLY F 13 -26.64 30.34 -23.39
CA GLY F 13 -28.02 30.79 -23.48
C GLY F 13 -28.53 31.05 -24.90
N ALA F 14 -27.63 31.40 -25.82
CA ALA F 14 -27.95 31.62 -27.22
C ALA F 14 -27.95 30.35 -28.10
N ALA F 15 -27.79 29.14 -27.55
CA ALA F 15 -27.63 27.93 -28.37
C ALA F 15 -28.82 27.64 -29.31
N GLY F 16 -30.04 28.01 -28.91
CA GLY F 16 -31.22 27.97 -29.76
C GLY F 16 -31.58 29.32 -30.42
N SER F 17 -30.67 30.30 -30.41
CA SER F 17 -30.79 31.50 -31.22
C SER F 17 -30.46 31.18 -32.67
N THR F 18 -30.98 31.97 -33.60
CA THR F 18 -30.39 32.05 -34.94
C THR F 18 -28.91 32.46 -34.88
N MET F 19 -28.08 31.94 -35.80
CA MET F 19 -26.63 32.17 -35.86
C MET F 19 -26.26 33.65 -35.85
N GLY F 20 -27.03 34.49 -36.55
CA GLY F 20 -26.78 35.93 -36.61
C GLY F 20 -26.72 36.53 -35.21
N ALA F 21 -27.86 36.56 -34.51
CA ALA F 21 -27.93 37.09 -33.15
C ALA F 21 -27.09 36.31 -32.12
N ALA F 22 -26.69 35.07 -32.39
CA ALA F 22 -25.74 34.35 -31.54
C ALA F 22 -24.31 34.92 -31.62
N SER F 23 -23.97 35.64 -32.69
CA SER F 23 -22.61 36.13 -32.94
C SER F 23 -22.15 37.20 -31.96
N MET F 24 -23.06 37.99 -31.39
CA MET F 24 -22.74 39.11 -30.50
C MET F 24 -22.47 38.70 -29.05
N THR F 25 -22.31 37.40 -28.76
CA THR F 25 -22.14 36.90 -27.38
C THR F 25 -21.07 35.79 -27.25
N LEU F 26 -20.17 35.64 -28.22
CA LEU F 26 -19.19 34.55 -28.25
C LEU F 26 -18.29 34.53 -27.02
N THR F 27 -17.99 35.69 -26.45
CA THR F 27 -17.16 35.83 -25.24
C THR F 27 -17.69 35.02 -24.05
N VAL F 28 -19.01 34.82 -23.96
CA VAL F 28 -19.66 34.12 -22.85
C VAL F 28 -19.31 32.63 -22.84
N GLN F 29 -19.27 31.96 -23.99
CA GLN F 29 -18.72 30.61 -24.10
C GLN F 29 -17.21 30.63 -23.88
N ALA F 30 -16.51 31.62 -24.46
CA ALA F 30 -15.06 31.67 -24.42
C ALA F 30 -14.50 31.71 -22.99
N ARG F 31 -14.98 32.60 -22.12
CA ARG F 31 -14.43 32.69 -20.75
C ARG F 31 -14.61 31.40 -19.96
N ASN F 32 -15.79 30.80 -20.03
CA ASN F 32 -16.11 29.58 -19.28
C ASN F 32 -15.30 28.36 -19.75
N LEU F 33 -14.79 28.37 -20.98
CA LEU F 33 -14.07 27.27 -21.62
C LEU F 33 -12.81 26.80 -20.85
N LEU F 34 -12.25 27.67 -20.02
CA LEU F 34 -11.09 27.37 -19.16
C LEU F 34 -11.39 27.70 -17.70
N SER F 35 -11.86 28.92 -17.42
CA SER F 35 -11.96 29.44 -16.05
C SER F 35 -12.92 28.66 -15.14
N GLY F 36 -13.77 27.78 -15.69
CA GLY F 36 -14.56 26.80 -14.94
C GLY F 36 -13.71 25.87 -14.05
N ILE F 37 -12.39 25.81 -14.27
CA ILE F 37 -11.41 25.19 -13.35
C ILE F 37 -11.49 25.76 -11.92
N VAL F 38 -12.12 26.93 -11.71
CA VAL F 38 -12.45 27.49 -10.39
C VAL F 38 -13.09 26.45 -9.44
N GLN F 39 -13.97 25.60 -9.97
CA GLN F 39 -14.59 24.53 -9.18
C GLN F 39 -13.56 23.52 -8.67
N GLN F 40 -12.65 23.07 -9.55
CA GLN F 40 -11.66 22.04 -9.23
C GLN F 40 -10.47 22.56 -8.40
N GLN F 41 -10.01 23.79 -8.66
CA GLN F 41 -8.93 24.39 -7.87
C GLN F 41 -9.38 24.85 -6.46
N SER F 42 -10.68 24.82 -6.14
CA SER F 42 -11.21 25.23 -4.84
C SER F 42 -10.79 24.33 -3.66
N ASN F 43 -10.38 23.08 -3.91
CA ASN F 43 -9.79 22.19 -2.89
C ASN F 43 -8.88 21.12 -3.50
N HIS F 53 -7.12 14.10 3.41
CA HIS F 53 -7.28 15.21 2.46
C HIS F 53 -5.95 15.85 2.06
N LEU F 54 -4.96 15.83 2.97
CA LEU F 54 -3.60 16.35 2.76
C LEU F 54 -2.77 15.49 1.79
N LEU F 55 -3.13 14.19 1.68
CA LEU F 55 -2.63 13.23 0.69
C LEU F 55 -3.59 12.05 0.59
N LYS F 56 -4.06 11.53 1.74
CA LYS F 56 -4.97 10.39 1.84
C LYS F 56 -6.23 10.59 0.98
N LEU F 57 -6.74 9.50 0.40
CA LEU F 57 -7.64 9.50 -0.77
C LEU F 57 -7.01 10.19 -2.00
N THR F 58 -5.74 9.91 -2.27
CA THR F 58 -4.96 10.53 -3.37
C THR F 58 -5.64 10.37 -4.74
N VAL F 59 -6.40 9.29 -4.93
CA VAL F 59 -7.16 9.02 -6.17
C VAL F 59 -8.14 10.15 -6.52
N TRP F 60 -8.80 10.78 -5.55
CA TRP F 60 -9.71 11.92 -5.82
C TRP F 60 -8.92 13.13 -6.33
N GLY F 61 -7.72 13.34 -5.78
CA GLY F 61 -6.75 14.27 -6.34
C GLY F 61 -6.42 13.93 -7.80
N ILE F 62 -6.11 12.67 -8.08
CA ILE F 62 -5.79 12.22 -9.45
C ILE F 62 -6.97 12.40 -10.42
N LYS F 63 -8.21 12.13 -10.00
CA LYS F 63 -9.39 12.38 -10.85
C LYS F 63 -9.54 13.87 -11.20
N GLN F 64 -9.38 14.77 -10.22
CA GLN F 64 -9.32 16.21 -10.52
C GLN F 64 -8.14 16.56 -11.43
N LEU F 65 -6.95 16.06 -11.12
CA LEU F 65 -5.71 16.42 -11.80
C LEU F 65 -5.71 16.01 -13.27
N GLN F 66 -6.18 14.81 -13.58
CA GLN F 66 -6.34 14.38 -14.97
C GLN F 66 -7.36 15.25 -15.70
N ALA F 67 -8.48 15.60 -15.07
CA ALA F 67 -9.45 16.50 -15.68
C ALA F 67 -8.86 17.89 -15.95
N ARG F 68 -8.05 18.43 -15.04
CA ARG F 68 -7.39 19.73 -15.22
C ARG F 68 -6.45 19.73 -16.42
N VAL F 69 -5.56 18.75 -16.55
CA VAL F 69 -4.66 18.74 -17.71
C VAL F 69 -5.42 18.54 -19.02
N LEU F 70 -6.49 17.74 -19.03
CA LEU F 70 -7.34 17.60 -20.19
C LEU F 70 -8.03 18.93 -20.58
N ALA F 71 -8.48 19.70 -19.58
CA ALA F 71 -9.10 21.00 -19.83
C ALA F 71 -8.12 22.00 -20.44
N VAL F 72 -6.89 22.13 -19.92
CA VAL F 72 -5.93 23.05 -20.54
C VAL F 72 -5.51 22.58 -21.92
N GLU F 73 -5.31 21.28 -22.15
CA GLU F 73 -4.97 20.80 -23.48
C GLU F 73 -6.04 21.13 -24.52
N ARG F 74 -7.33 20.93 -24.22
CA ARG F 74 -8.41 21.30 -25.14
C ARG F 74 -8.33 22.77 -25.53
N TYR F 75 -8.26 23.65 -24.54
CA TYR F 75 -8.14 25.09 -24.78
C TYR F 75 -6.89 25.42 -25.61
N LEU F 76 -5.76 24.82 -25.26
CA LEU F 76 -4.47 25.15 -25.86
C LEU F 76 -4.39 24.69 -27.31
N ARG F 77 -4.97 23.54 -27.65
CA ARG F 77 -5.12 23.07 -29.04
C ARG F 77 -5.95 24.02 -29.88
N ASP F 78 -7.08 24.49 -29.37
CA ASP F 78 -7.90 25.45 -30.11
C ASP F 78 -7.14 26.75 -30.35
N GLN F 79 -6.46 27.28 -29.34
CA GLN F 79 -5.63 28.46 -29.54
C GLN F 79 -4.50 28.21 -30.54
N GLN F 80 -3.84 27.07 -30.47
CA GLN F 80 -2.77 26.74 -31.42
C GLN F 80 -3.30 26.73 -32.84
N LEU F 81 -4.39 26.00 -33.10
CA LEU F 81 -4.97 25.90 -34.42
C LEU F 81 -5.38 27.28 -34.96
N LEU F 82 -6.04 28.08 -34.13
CA LEU F 82 -6.45 29.43 -34.48
C LEU F 82 -5.25 30.35 -34.72
N GLY F 83 -4.06 29.97 -34.24
CA GLY F 83 -2.83 30.71 -34.38
C GLY F 83 -1.92 30.28 -35.53
N ILE F 84 -2.09 29.09 -36.12
CA ILE F 84 -1.42 28.77 -37.39
C ILE F 84 -2.21 29.32 -38.58
N TRP F 85 -3.51 29.50 -38.43
CA TRP F 85 -4.27 30.44 -39.27
C TRP F 85 -3.94 31.87 -38.81
N GLY F 86 -4.41 32.87 -39.55
CA GLY F 86 -4.08 34.28 -39.25
C GLY F 86 -4.83 34.93 -38.07
N CYS F 87 -5.36 34.16 -37.12
CA CYS F 87 -6.47 34.60 -36.27
C CYS F 87 -6.15 34.74 -34.78
N SER F 88 -4.92 34.51 -34.31
CA SER F 88 -4.68 34.41 -32.87
C SER F 88 -5.11 35.67 -32.11
N GLY F 89 -5.86 35.48 -31.02
CA GLY F 89 -6.37 36.56 -30.18
C GLY F 89 -7.58 37.31 -30.73
N LYS F 90 -8.32 36.74 -31.68
CA LYS F 90 -9.54 37.33 -32.25
C LYS F 90 -10.70 36.33 -32.20
N LEU F 91 -11.91 36.79 -31.87
CA LEU F 91 -13.08 35.91 -31.73
C LEU F 91 -13.83 35.76 -33.07
N ILE F 92 -13.82 36.82 -33.87
CA ILE F 92 -14.29 36.84 -35.26
C ILE F 92 -13.05 36.94 -36.14
N CYS F 93 -12.97 36.25 -37.28
CA CYS F 93 -11.95 36.60 -38.26
C CYS F 93 -12.33 36.34 -39.72
N CYS F 94 -12.21 37.37 -40.56
CA CYS F 94 -12.21 37.21 -42.01
C CYS F 94 -10.93 36.55 -42.49
N THR F 95 -10.94 35.98 -43.69
CA THR F 95 -9.79 35.25 -44.24
C THR F 95 -9.61 35.58 -45.72
N ASN F 96 -8.88 34.76 -46.45
CA ASN F 96 -8.66 34.94 -47.88
C ASN F 96 -8.71 33.62 -48.67
N VAL F 97 -9.57 32.67 -48.27
CA VAL F 97 -9.86 31.45 -49.06
C VAL F 97 -11.35 31.35 -49.38
N PRO F 98 -11.72 30.95 -50.62
CA PRO F 98 -13.09 31.02 -51.11
C PRO F 98 -13.94 29.87 -50.62
N TRP F 99 -15.24 30.12 -50.46
CA TRP F 99 -16.21 29.14 -50.02
C TRP F 99 -16.81 28.38 -51.21
N ASN F 100 -16.27 27.21 -51.53
CA ASN F 100 -16.83 26.36 -52.58
C ASN F 100 -18.25 25.93 -52.19
N SER F 101 -19.23 26.11 -53.07
CA SER F 101 -20.63 25.72 -52.78
C SER F 101 -20.78 24.23 -52.48
N SER F 102 -19.82 23.40 -52.88
CA SER F 102 -19.71 22.01 -52.43
C SER F 102 -19.77 21.87 -50.91
N TRP F 103 -19.19 22.82 -50.16
CA TRP F 103 -19.24 22.83 -48.70
C TRP F 103 -20.64 23.13 -48.18
N SER F 104 -21.41 23.97 -48.87
CA SER F 104 -22.84 24.15 -48.62
C SER F 104 -23.51 24.90 -49.78
N ASN F 105 -24.56 24.29 -50.34
CA ASN F 105 -25.36 24.89 -51.39
C ASN F 105 -26.48 25.82 -50.86
N ARG F 106 -26.59 25.99 -49.54
CA ARG F 106 -27.47 26.98 -48.92
C ARG F 106 -26.99 28.39 -49.26
N ASN F 107 -27.90 29.33 -49.53
CA ASN F 107 -27.49 30.71 -49.78
C ASN F 107 -27.07 31.40 -48.48
N LEU F 108 -26.38 32.54 -48.58
CA LEU F 108 -25.85 33.23 -47.40
C LEU F 108 -26.94 33.69 -46.42
N SER F 109 -28.04 34.23 -46.94
CA SER F 109 -29.05 34.84 -46.09
C SER F 109 -29.71 33.83 -45.19
N GLU F 110 -30.11 32.66 -45.70
CA GLU F 110 -30.85 31.68 -44.90
C GLU F 110 -30.04 31.17 -43.71
N ILE F 111 -28.71 31.00 -43.85
CA ILE F 111 -27.92 30.44 -42.76
C ILE F 111 -27.77 31.47 -41.63
N TRP F 112 -27.56 32.75 -41.96
CA TRP F 112 -27.49 33.79 -40.93
C TRP F 112 -28.85 34.20 -40.39
N ASP F 113 -29.92 34.06 -41.17
CA ASP F 113 -31.27 34.39 -40.76
C ASP F 113 -31.89 33.31 -39.87
N ASN F 114 -31.83 32.05 -40.30
CA ASN F 114 -32.74 31.02 -39.80
C ASN F 114 -32.07 30.00 -38.87
N MET F 115 -30.96 29.41 -39.31
CA MET F 115 -30.38 28.25 -38.64
C MET F 115 -29.84 28.59 -37.24
N THR F 116 -29.89 27.63 -36.33
CA THR F 116 -29.08 27.66 -35.10
C THR F 116 -27.67 27.14 -35.37
N TRP F 117 -26.70 27.48 -34.53
CA TRP F 117 -25.34 26.96 -34.69
C TRP F 117 -25.29 25.43 -34.59
N LEU F 118 -26.08 24.83 -33.70
CA LEU F 118 -26.21 23.37 -33.60
C LEU F 118 -26.63 22.75 -34.93
N GLN F 119 -27.59 23.36 -35.62
CA GLN F 119 -28.00 22.88 -36.93
C GLN F 119 -26.88 23.06 -37.96
N TRP F 120 -26.26 24.23 -38.04
CA TRP F 120 -25.23 24.47 -39.04
C TRP F 120 -24.06 23.50 -38.90
N ASP F 121 -23.63 23.20 -37.68
CA ASP F 121 -22.46 22.36 -37.49
C ASP F 121 -22.59 21.00 -38.16
N LYS F 122 -23.70 20.30 -37.97
CA LYS F 122 -23.90 19.01 -38.64
C LYS F 122 -23.99 19.19 -40.16
N GLU F 123 -24.67 20.23 -40.64
CA GLU F 123 -24.86 20.44 -42.07
C GLU F 123 -23.57 20.74 -42.86
N ILE F 124 -22.46 21.13 -42.20
CA ILE F 124 -21.14 21.23 -42.86
C ILE F 124 -20.09 20.26 -42.32
N SER F 125 -20.44 19.42 -41.36
CA SER F 125 -19.50 18.56 -40.62
C SER F 125 -18.48 17.83 -41.52
N ASN F 126 -18.94 17.22 -42.61
CA ASN F 126 -18.10 16.43 -43.53
C ASN F 126 -16.87 17.17 -44.06
N TYR F 127 -17.03 18.42 -44.46
CA TYR F 127 -16.02 19.17 -45.23
C TYR F 127 -14.92 19.79 -44.35
N THR F 128 -15.15 19.83 -43.04
CA THR F 128 -14.36 20.60 -42.08
C THR F 128 -12.86 20.39 -42.22
N GLN F 129 -12.41 19.14 -42.25
CA GLN F 129 -10.99 18.83 -42.29
C GLN F 129 -10.31 19.23 -43.61
N ILE F 130 -11.07 19.41 -44.68
CA ILE F 130 -10.57 19.99 -45.92
C ILE F 130 -10.27 21.48 -45.69
N ILE F 131 -11.26 22.20 -45.16
CA ILE F 131 -11.26 23.64 -45.04
C ILE F 131 -10.10 24.13 -44.17
N TYR F 132 -9.77 23.43 -43.09
CA TYR F 132 -8.62 23.78 -42.26
C TYR F 132 -7.30 23.70 -43.04
N GLY F 133 -7.17 22.75 -43.98
CA GLY F 133 -5.99 22.64 -44.84
C GLY F 133 -5.84 23.85 -45.77
N LEU F 134 -6.95 24.31 -46.35
CA LEU F 134 -6.94 25.50 -47.21
C LEU F 134 -6.42 26.71 -46.44
N LEU F 135 -6.98 26.93 -45.24
CA LEU F 135 -6.63 28.05 -44.37
C LEU F 135 -5.16 28.02 -43.99
N GLU F 136 -4.68 26.86 -43.53
CA GLU F 136 -3.29 26.68 -43.12
C GLU F 136 -2.31 27.06 -44.22
N GLU F 137 -2.44 26.47 -45.41
CA GLU F 137 -1.48 26.71 -46.48
C GLU F 137 -1.57 28.13 -47.01
N SER F 138 -2.79 28.66 -47.16
CA SER F 138 -2.97 30.05 -47.55
C SER F 138 -2.25 30.99 -46.60
N GLN F 139 -2.31 30.73 -45.29
CA GLN F 139 -1.64 31.58 -44.32
C GLN F 139 -0.12 31.52 -44.42
N ASN F 140 0.49 30.33 -44.48
CA ASN F 140 1.95 30.29 -44.46
C ASN F 140 2.57 30.98 -45.67
N GLN F 141 2.06 30.70 -46.88
CA GLN F 141 2.56 31.39 -48.07
C GLN F 141 2.30 32.90 -47.98
N GLN F 142 1.20 33.33 -47.36
CA GLN F 142 0.93 34.73 -47.14
C GLN F 142 1.98 35.37 -46.22
N GLU F 143 2.39 34.72 -45.14
CA GLU F 143 3.47 35.26 -44.28
C GLU F 143 4.79 35.39 -45.03
N LYS F 144 5.12 34.42 -45.89
CA LYS F 144 6.33 34.53 -46.72
C LYS F 144 6.21 35.66 -47.74
N ASN F 145 5.06 35.86 -48.38
CA ASN F 145 4.82 37.00 -49.27
C ASN F 145 4.99 38.32 -48.52
N GLU F 146 4.56 38.39 -47.26
CA GLU F 146 4.78 39.58 -46.42
C GLU F 146 6.26 39.79 -46.11
N GLN F 147 7.04 38.75 -45.81
CA GLN F 147 8.50 38.90 -45.68
C GLN F 147 9.16 39.35 -46.99
N ASP F 148 8.75 38.79 -48.13
CA ASP F 148 9.26 39.19 -49.45
C ASP F 148 9.04 40.68 -49.72
N LEU F 149 8.02 41.28 -49.10
CA LEU F 149 7.78 42.71 -49.12
C LEU F 149 8.63 43.45 -48.07
N LEU F 150 8.63 43.04 -46.81
CA LEU F 150 9.44 43.69 -45.76
C LEU F 150 10.94 43.64 -46.03
N ALA F 151 11.42 42.73 -46.88
CA ALA F 151 12.79 42.72 -47.39
C ALA F 151 13.20 44.02 -48.10
N LEU F 152 12.23 44.84 -48.52
CA LEU F 152 12.44 46.13 -49.19
C LEU F 152 11.56 47.26 -48.65
N ASP F 153 10.42 46.95 -47.99
CA ASP F 153 9.62 47.90 -47.20
C ASP F 153 10.29 48.16 -45.83
N GLN G 1 -58.88 -26.05 -23.80
CA GLN G 1 -59.49 -26.03 -25.15
C GLN G 1 -58.45 -26.04 -26.28
N VAL G 2 -57.43 -25.17 -26.25
CA VAL G 2 -56.36 -25.13 -27.26
C VAL G 2 -55.78 -26.51 -27.51
N GLN G 3 -55.67 -26.92 -28.77
CA GLN G 3 -55.06 -28.19 -29.16
C GLN G 3 -54.55 -28.13 -30.60
N LEU G 4 -53.75 -29.10 -30.99
CA LEU G 4 -53.33 -29.27 -32.36
C LEU G 4 -53.28 -30.75 -32.75
N GLN G 5 -53.36 -31.04 -34.04
CA GLN G 5 -53.23 -32.37 -34.61
C GLN G 5 -52.32 -32.33 -35.83
N GLN G 6 -51.74 -33.47 -36.19
CA GLN G 6 -50.82 -33.53 -37.31
C GLN G 6 -50.85 -34.87 -38.03
N TRP G 7 -50.43 -34.85 -39.29
CA TRP G 7 -50.37 -36.00 -40.19
C TRP G 7 -49.45 -35.70 -41.37
N GLY G 8 -49.09 -36.73 -42.13
CA GLY G 8 -48.20 -36.62 -43.30
C GLY G 8 -47.71 -37.98 -43.76
N ALA G 9 -46.54 -38.03 -44.39
CA ALA G 9 -45.92 -39.29 -44.80
C ALA G 9 -45.48 -40.13 -43.60
N GLY G 10 -45.74 -41.44 -43.64
CA GLY G 10 -45.23 -42.41 -42.66
C GLY G 10 -43.94 -43.07 -43.14
N LEU G 11 -44.04 -43.87 -44.19
CA LEU G 11 -42.90 -44.39 -44.94
C LEU G 11 -42.31 -43.33 -45.87
N LEU G 12 -40.99 -43.20 -45.91
CA LEU G 12 -40.26 -42.51 -46.98
C LEU G 12 -39.09 -43.37 -47.45
N LYS G 13 -38.83 -43.40 -48.75
CA LYS G 13 -37.59 -43.96 -49.29
C LYS G 13 -36.45 -42.94 -49.14
N PRO G 14 -35.17 -43.35 -49.12
CA PRO G 14 -34.08 -42.41 -48.97
C PRO G 14 -34.08 -41.33 -50.06
N SER G 15 -33.53 -40.16 -49.75
CA SER G 15 -33.48 -38.95 -50.58
C SER G 15 -34.81 -38.27 -50.93
N GLU G 16 -35.97 -38.82 -50.54
CA GLU G 16 -37.26 -38.13 -50.71
C GLU G 16 -37.39 -36.89 -49.80
N THR G 17 -38.48 -36.14 -49.95
CA THR G 17 -38.82 -35.03 -49.06
C THR G 17 -39.97 -35.43 -48.14
N LEU G 18 -39.74 -35.34 -46.83
CA LEU G 18 -40.77 -35.45 -45.81
C LEU G 18 -41.67 -34.23 -45.88
N SER G 19 -42.98 -34.43 -45.75
CA SER G 19 -43.96 -33.34 -45.59
C SER G 19 -44.95 -33.67 -44.48
N LEU G 20 -45.16 -32.75 -43.54
CA LEU G 20 -46.03 -32.91 -42.38
C LEU G 20 -46.92 -31.68 -42.22
N THR G 21 -48.21 -31.90 -42.01
CA THR G 21 -49.21 -30.85 -41.81
C THR G 21 -49.57 -30.80 -40.35
N CYS G 22 -49.73 -29.62 -39.78
CA CYS G 22 -50.22 -29.43 -38.43
C CYS G 22 -51.39 -28.44 -38.44
N ALA G 23 -52.47 -28.74 -37.74
CA ALA G 23 -53.67 -27.92 -37.69
C ALA G 23 -54.00 -27.54 -36.27
N LEU G 24 -54.16 -26.26 -35.97
CA LEU G 24 -54.68 -25.82 -34.67
C LEU G 24 -56.19 -25.99 -34.59
N TYR G 25 -56.73 -25.96 -33.38
CA TYR G 25 -58.15 -25.81 -33.10
C TYR G 25 -58.38 -24.87 -31.93
N GLY G 26 -59.49 -24.14 -31.93
CA GLY G 26 -59.89 -23.27 -30.81
C GLY G 26 -59.13 -21.95 -30.65
N ARG G 27 -58.15 -21.66 -31.51
CA ARG G 27 -57.43 -20.37 -31.56
C ARG G 27 -56.80 -20.09 -32.93
N SER G 28 -56.44 -18.83 -33.18
CA SER G 28 -55.61 -18.42 -34.32
C SER G 28 -54.12 -18.55 -34.02
N LEU G 29 -53.29 -18.58 -35.05
CA LEU G 29 -51.83 -18.65 -34.91
C LEU G 29 -51.21 -17.34 -34.41
N ASN G 30 -51.95 -16.22 -34.46
CA ASN G 30 -51.43 -14.89 -34.11
C ASN G 30 -50.95 -14.84 -32.66
N GLY G 31 -49.98 -13.97 -32.37
CA GLY G 31 -49.47 -13.79 -31.02
C GLY G 31 -48.49 -14.88 -30.54
N ASN G 32 -48.26 -15.95 -31.31
CA ASN G 32 -47.29 -17.00 -30.98
C ASN G 32 -46.44 -17.41 -32.18
N TYR G 33 -45.16 -17.70 -31.95
CA TYR G 33 -44.43 -18.57 -32.86
C TYR G 33 -44.94 -20.01 -32.74
N TRP G 34 -44.66 -20.83 -33.72
CA TRP G 34 -44.96 -22.25 -33.73
C TRP G 34 -43.73 -23.01 -34.20
N SER G 35 -43.51 -24.23 -33.72
CA SER G 35 -42.29 -24.99 -33.99
C SER G 35 -42.57 -26.43 -34.29
N TRP G 36 -41.57 -27.09 -34.86
CA TRP G 36 -41.52 -28.53 -34.92
C TRP G 36 -40.34 -29.03 -34.09
N ILE G 37 -40.56 -30.10 -33.35
CA ILE G 37 -39.57 -30.86 -32.60
C ILE G 37 -39.64 -32.29 -33.10
N ARG G 38 -38.53 -33.01 -33.07
CA ARG G 38 -38.55 -34.44 -33.33
C ARG G 38 -37.78 -35.22 -32.27
N GLN G 39 -38.22 -36.44 -32.05
CA GLN G 39 -37.60 -37.40 -31.18
C GLN G 39 -36.98 -38.50 -32.03
N SER G 40 -35.75 -38.88 -31.73
CA SER G 40 -35.19 -40.16 -32.19
C SER G 40 -34.45 -40.83 -31.03
N PRO G 41 -34.61 -42.14 -30.80
CA PRO G 41 -34.05 -42.80 -29.61
C PRO G 41 -32.53 -42.69 -29.44
N GLY G 42 -31.78 -42.40 -30.50
CA GLY G 42 -30.34 -42.14 -30.44
C GLY G 42 -29.95 -40.74 -29.96
N LYS G 43 -30.86 -39.77 -29.98
CA LYS G 43 -30.57 -38.34 -29.71
C LYS G 43 -31.50 -37.68 -28.68
N GLY G 44 -32.58 -38.34 -28.27
CA GLY G 44 -33.63 -37.68 -27.50
C GLY G 44 -34.36 -36.67 -28.38
N LEU G 45 -34.68 -35.50 -27.82
CA LEU G 45 -35.40 -34.45 -28.53
C LEU G 45 -34.47 -33.49 -29.28
N GLU G 46 -34.92 -33.03 -30.45
CA GLU G 46 -34.30 -32.00 -31.26
C GLU G 46 -35.34 -30.95 -31.66
N TRP G 47 -34.97 -29.68 -31.58
CA TRP G 47 -35.77 -28.59 -32.12
C TRP G 47 -35.40 -28.31 -33.58
N ILE G 48 -36.37 -28.33 -34.49
CA ILE G 48 -36.14 -28.17 -35.92
C ILE G 48 -36.08 -26.69 -36.29
N GLY G 49 -37.02 -25.88 -35.82
CA GLY G 49 -37.14 -24.48 -36.21
C GLY G 49 -38.48 -23.88 -35.82
N GLU G 50 -38.76 -22.69 -36.33
CA GLU G 50 -39.98 -21.97 -35.99
C GLU G 50 -40.49 -21.05 -37.09
N ILE G 51 -41.80 -20.83 -37.07
CA ILE G 51 -42.60 -20.06 -38.02
C ILE G 51 -43.65 -19.25 -37.24
N ASN G 52 -44.36 -18.35 -37.89
CA ASN G 52 -45.40 -17.52 -37.29
C ASN G 52 -46.52 -17.25 -38.30
N HIS G 53 -47.59 -16.59 -37.89
CA HIS G 53 -48.72 -16.22 -38.76
C HIS G 53 -48.32 -15.36 -39.96
N SER G 54 -47.28 -14.53 -39.83
CA SER G 54 -46.70 -13.79 -40.96
C SER G 54 -45.92 -14.67 -41.94
N GLY G 55 -45.66 -15.93 -41.62
CA GLY G 55 -44.92 -16.85 -42.49
C GLY G 55 -43.41 -16.60 -42.53
N SER G 56 -42.89 -15.67 -41.75
CA SER G 56 -41.43 -15.57 -41.53
C SER G 56 -40.95 -16.78 -40.72
N THR G 57 -39.68 -17.15 -40.83
CA THR G 57 -39.15 -18.34 -40.15
C THR G 57 -37.76 -18.13 -39.59
N TYR G 58 -37.36 -18.99 -38.66
CA TYR G 58 -36.00 -19.15 -38.20
C TYR G 58 -35.73 -20.64 -37.99
N PHE G 59 -34.60 -21.17 -38.42
CA PHE G 59 -34.35 -22.61 -38.44
C PHE G 59 -33.12 -22.98 -37.63
N ASN G 60 -33.14 -24.17 -37.01
CA ASN G 60 -31.97 -24.69 -36.29
C ASN G 60 -30.82 -24.83 -37.30
N PRO G 61 -29.63 -24.24 -37.08
CA PRO G 61 -28.61 -24.12 -38.11
C PRO G 61 -28.23 -25.41 -38.84
N SER G 62 -28.16 -26.56 -38.17
CA SER G 62 -27.85 -27.83 -38.81
C SER G 62 -28.94 -28.34 -39.79
N PHE G 63 -30.18 -27.87 -39.66
CA PHE G 63 -31.29 -28.21 -40.55
C PHE G 63 -31.50 -27.21 -41.70
N LYS G 64 -30.96 -25.98 -41.63
CA LYS G 64 -31.36 -24.88 -42.52
C LYS G 64 -31.15 -25.16 -44.01
N SER G 65 -30.19 -26.03 -44.33
CA SER G 65 -29.88 -26.50 -45.69
C SER G 65 -30.86 -27.54 -46.25
N ARG G 66 -31.73 -28.14 -45.43
CA ARG G 66 -32.70 -29.16 -45.85
C ARG G 66 -34.15 -28.86 -45.49
N VAL G 67 -34.38 -28.03 -44.49
CA VAL G 67 -35.73 -27.75 -43.98
C VAL G 67 -36.42 -26.63 -44.76
N ALA G 68 -37.74 -26.67 -44.77
CA ALA G 68 -38.62 -25.56 -45.12
C ALA G 68 -39.89 -25.64 -44.25
N MET G 69 -40.56 -24.51 -44.04
CA MET G 69 -41.84 -24.44 -43.33
C MET G 69 -42.78 -23.48 -44.07
N SER G 70 -44.08 -23.65 -43.89
CA SER G 70 -45.09 -22.76 -44.46
C SER G 70 -46.28 -22.61 -43.53
N VAL G 71 -47.07 -21.57 -43.71
CA VAL G 71 -48.26 -21.29 -42.89
C VAL G 71 -49.47 -21.03 -43.76
N ASP G 72 -50.66 -21.30 -43.26
CA ASP G 72 -51.91 -20.98 -43.92
C ASP G 72 -52.93 -20.50 -42.89
N THR G 73 -52.86 -19.21 -42.57
CA THR G 73 -53.74 -18.57 -41.60
C THR G 73 -55.22 -18.64 -42.00
N SER G 74 -55.55 -18.95 -43.25
CA SER G 74 -56.94 -19.12 -43.68
C SER G 74 -57.55 -20.44 -43.22
N LYS G 75 -56.72 -21.46 -42.96
CA LYS G 75 -57.13 -22.79 -42.47
C LYS G 75 -56.74 -23.06 -41.01
N SER G 76 -56.07 -22.11 -40.34
CA SER G 76 -55.42 -22.33 -39.05
C SER G 76 -54.33 -23.42 -39.09
N GLN G 77 -53.65 -23.57 -40.22
CA GLN G 77 -52.64 -24.61 -40.41
C GLN G 77 -51.23 -24.06 -40.50
N PHE G 78 -50.26 -24.94 -40.30
CA PHE G 78 -48.88 -24.74 -40.72
C PHE G 78 -48.26 -26.08 -41.12
N SER G 79 -47.10 -26.07 -41.76
CA SER G 79 -46.48 -27.29 -42.26
C SER G 79 -44.97 -27.25 -42.24
N LEU G 80 -44.37 -28.44 -42.29
CA LEU G 80 -42.94 -28.68 -42.32
C LEU G 80 -42.63 -29.53 -43.54
N LYS G 81 -41.53 -29.22 -44.21
CA LYS G 81 -40.93 -30.03 -45.26
C LYS G 81 -39.44 -30.21 -44.99
N LEU G 82 -38.93 -31.43 -45.17
CA LEU G 82 -37.53 -31.75 -44.92
C LEU G 82 -36.99 -32.57 -46.08
N ASN G 83 -36.08 -31.96 -46.86
CA ASN G 83 -35.55 -32.53 -48.09
C ASN G 83 -34.50 -33.60 -47.85
N SER G 84 -34.34 -34.48 -48.83
CA SER G 84 -33.22 -35.43 -48.92
C SER G 84 -33.09 -36.31 -47.68
N VAL G 85 -34.20 -36.92 -47.24
CA VAL G 85 -34.20 -37.70 -46.00
C VAL G 85 -33.21 -38.87 -46.06
N THR G 86 -32.39 -39.00 -45.03
CA THR G 86 -31.53 -40.19 -44.80
C THR G 86 -32.20 -41.08 -43.76
N ALA G 87 -31.72 -42.30 -43.54
CA ALA G 87 -32.26 -43.18 -42.50
C ALA G 87 -32.32 -42.50 -41.12
N ALA G 88 -31.35 -41.62 -40.82
CA ALA G 88 -31.25 -40.86 -39.59
C ALA G 88 -32.41 -39.87 -39.34
N ASP G 89 -33.19 -39.50 -40.35
CA ASP G 89 -34.42 -38.73 -40.15
C ASP G 89 -35.61 -39.56 -39.66
N THR G 90 -35.43 -40.87 -39.46
CA THR G 90 -36.44 -41.71 -38.78
C THR G 90 -36.68 -41.21 -37.36
N GLY G 91 -37.94 -41.17 -36.90
CA GLY G 91 -38.26 -40.71 -35.54
C GLY G 91 -39.75 -40.43 -35.34
N ILE G 92 -40.08 -39.73 -34.25
CA ILE G 92 -41.41 -39.14 -34.05
C ILE G 92 -41.29 -37.63 -34.20
N TYR G 93 -42.16 -36.98 -34.97
CA TYR G 93 -42.17 -35.55 -35.17
C TYR G 93 -43.40 -34.96 -34.50
N PHE G 94 -43.22 -33.86 -33.77
CA PHE G 94 -44.24 -33.11 -33.03
C PHE G 94 -44.27 -31.64 -33.47
N CYS G 95 -45.42 -31.10 -33.80
CA CYS G 95 -45.60 -29.65 -33.84
C CYS G 95 -46.03 -29.12 -32.46
N ALA G 96 -45.53 -27.96 -32.04
CA ALA G 96 -45.76 -27.43 -30.70
C ALA G 96 -45.77 -25.90 -30.63
N ARG G 97 -46.57 -25.31 -29.74
CA ARG G 97 -46.66 -23.86 -29.54
C ARG G 97 -45.38 -23.30 -28.95
N GLY G 98 -44.83 -22.23 -29.52
CA GLY G 98 -43.59 -21.60 -29.06
C GLY G 98 -43.82 -20.36 -28.22
N LYS G 99 -42.85 -19.46 -28.20
CA LYS G 99 -42.91 -18.17 -27.51
C LYS G 99 -44.10 -17.30 -27.91
N ARG G 100 -44.54 -16.43 -27.00
CA ARG G 100 -45.57 -15.41 -27.29
C ARG G 100 -44.92 -14.10 -27.66
N TYR G 101 -45.50 -13.40 -28.64
CA TYR G 101 -44.81 -12.33 -29.36
C TYR G 101 -44.37 -11.16 -28.49
N SER G 102 -45.18 -10.78 -27.50
CA SER G 102 -44.88 -9.69 -26.56
C SER G 102 -44.03 -10.10 -25.35
N ALA G 103 -43.34 -11.24 -25.41
CA ALA G 103 -42.46 -11.73 -24.34
C ALA G 103 -41.23 -12.42 -24.93
N SER G 104 -40.20 -11.67 -25.29
CA SER G 104 -39.11 -12.15 -26.14
C SER G 104 -38.27 -13.30 -25.58
N TYR G 105 -38.37 -13.61 -24.29
CA TYR G 105 -37.77 -14.81 -23.70
C TYR G 105 -38.85 -15.73 -23.15
N SER G 106 -39.52 -16.47 -24.03
CA SER G 106 -40.57 -17.41 -23.62
C SER G 106 -40.66 -18.63 -24.53
N ASN G 107 -39.56 -19.07 -25.14
CA ASN G 107 -39.56 -20.23 -26.04
C ASN G 107 -39.50 -21.56 -25.27
N TYR G 108 -40.58 -21.90 -24.57
CA TYR G 108 -40.80 -23.22 -23.99
C TYR G 108 -42.21 -23.72 -24.33
N PHE G 109 -42.30 -25.00 -24.65
CA PHE G 109 -43.33 -25.51 -25.52
C PHE G 109 -44.56 -25.98 -24.75
N GLY G 110 -45.55 -25.10 -24.60
CA GLY G 110 -46.69 -25.36 -23.72
C GLY G 110 -47.65 -26.45 -24.20
N VAL G 111 -47.89 -26.58 -25.49
CA VAL G 111 -48.89 -27.51 -26.07
C VAL G 111 -48.30 -28.21 -27.27
N TRP G 112 -48.50 -29.51 -27.35
CA TRP G 112 -47.91 -30.38 -28.36
C TRP G 112 -48.99 -31.20 -29.01
N GLY G 113 -48.85 -31.42 -30.30
CA GLY G 113 -49.69 -32.33 -31.04
C GLY G 113 -49.45 -33.77 -30.73
N GLN G 114 -50.37 -34.59 -31.22
CA GLN G 114 -50.27 -35.99 -30.91
C GLN G 114 -48.99 -36.65 -31.45
N GLY G 115 -48.35 -36.05 -32.47
CA GLY G 115 -47.10 -36.53 -33.05
C GLY G 115 -47.31 -37.62 -34.11
N THR G 116 -46.33 -37.78 -35.00
CA THR G 116 -46.39 -38.74 -36.11
C THR G 116 -45.03 -39.40 -36.30
N GLN G 117 -45.01 -40.69 -36.64
CA GLN G 117 -43.78 -41.48 -36.75
C GLN G 117 -43.36 -41.60 -38.21
N VAL G 118 -42.12 -41.23 -38.50
CA VAL G 118 -41.51 -41.21 -39.84
C VAL G 118 -40.46 -42.30 -39.91
N THR G 119 -40.55 -43.20 -40.89
CA THR G 119 -39.54 -44.24 -41.13
C THR G 119 -38.93 -44.07 -42.51
N VAL G 120 -37.62 -43.82 -42.55
CA VAL G 120 -36.88 -43.61 -43.80
C VAL G 120 -36.16 -44.89 -44.18
N SER G 121 -36.76 -45.68 -45.07
CA SER G 121 -36.28 -46.99 -45.48
C SER G 121 -36.68 -47.32 -46.92
N SER G 122 -35.91 -48.16 -47.59
CA SER G 122 -36.23 -48.64 -48.95
C SER G 122 -37.45 -49.57 -49.00
N ALA G 123 -37.77 -50.27 -47.91
CA ALA G 123 -38.78 -51.33 -47.88
C ALA G 123 -40.22 -50.82 -48.04
N SER G 124 -41.06 -51.64 -48.67
CA SER G 124 -42.48 -51.33 -48.91
C SER G 124 -43.33 -51.39 -47.65
N THR G 125 -44.44 -50.64 -47.65
CA THR G 125 -45.54 -50.85 -46.71
C THR G 125 -46.02 -52.30 -46.78
N LYS G 126 -46.35 -52.91 -45.64
CA LYS G 126 -47.10 -54.18 -45.59
C LYS G 126 -48.08 -54.19 -44.43
N GLY G 127 -49.31 -54.63 -44.67
CA GLY G 127 -50.36 -54.72 -43.66
C GLY G 127 -50.27 -56.01 -42.84
N PRO G 128 -50.76 -56.01 -41.58
CA PRO G 128 -50.60 -57.12 -40.66
C PRO G 128 -51.52 -58.30 -40.96
N SER G 129 -50.99 -59.50 -40.81
CA SER G 129 -51.81 -60.65 -40.45
C SER G 129 -52.16 -60.53 -38.97
N VAL G 130 -53.40 -60.86 -38.59
CA VAL G 130 -53.83 -60.87 -37.18
C VAL G 130 -54.34 -62.24 -36.80
N PHE G 131 -53.72 -62.82 -35.79
CA PHE G 131 -54.09 -64.11 -35.23
C PHE G 131 -54.75 -63.91 -33.87
N PRO G 132 -55.91 -64.53 -33.60
CA PRO G 132 -56.38 -64.63 -32.24
C PRO G 132 -55.43 -65.49 -31.38
N LEU G 133 -55.32 -65.18 -30.09
CA LEU G 133 -54.60 -65.95 -29.08
C LEU G 133 -55.60 -66.50 -28.06
N ALA G 134 -56.01 -67.75 -28.26
CA ALA G 134 -56.95 -68.43 -27.38
C ALA G 134 -56.40 -68.57 -25.94
N PRO G 135 -57.27 -68.72 -24.92
CA PRO G 135 -56.85 -69.05 -23.57
C PRO G 135 -56.33 -70.50 -23.46
N SER G 136 -55.92 -70.91 -22.25
CA SER G 136 -55.65 -72.32 -21.90
C SER G 136 -56.46 -72.76 -20.67
N SER G 137 -56.98 -73.98 -20.72
CA SER G 137 -57.76 -74.64 -19.67
C SER G 137 -57.87 -76.15 -19.91
N SER G 141 -52.31 -70.45 -16.08
CA SER G 141 -52.67 -70.85 -14.71
C SER G 141 -54.03 -71.56 -14.60
N GLY G 142 -54.86 -71.49 -15.64
CA GLY G 142 -56.20 -72.12 -15.73
C GLY G 142 -57.28 -71.45 -14.88
N GLY G 143 -58.54 -71.52 -15.32
CA GLY G 143 -59.73 -71.00 -14.62
C GLY G 143 -59.90 -69.48 -14.58
N THR G 144 -58.81 -68.74 -14.36
CA THR G 144 -58.69 -67.28 -14.50
C THR G 144 -57.48 -66.97 -15.40
N ALA G 145 -57.51 -67.51 -16.62
CA ALA G 145 -56.44 -67.46 -17.61
C ALA G 145 -56.28 -66.07 -18.26
N ALA G 146 -55.59 -66.00 -19.40
CA ALA G 146 -55.55 -64.83 -20.28
C ALA G 146 -55.89 -65.20 -21.74
N LEU G 147 -56.47 -64.27 -22.49
CA LEU G 147 -56.68 -64.39 -23.95
C LEU G 147 -56.31 -63.06 -24.66
N GLY G 148 -56.07 -63.10 -25.96
CA GLY G 148 -55.44 -61.98 -26.65
C GLY G 148 -55.43 -62.08 -28.18
N CYS G 149 -54.60 -61.27 -28.83
CA CYS G 149 -54.34 -61.29 -30.27
C CYS G 149 -52.86 -61.01 -30.58
N LEU G 150 -52.35 -61.61 -31.65
CA LEU G 150 -51.00 -61.45 -32.20
C LEU G 150 -51.09 -60.80 -33.58
N VAL G 151 -50.36 -59.70 -33.76
CA VAL G 151 -50.30 -58.91 -34.98
C VAL G 151 -48.92 -59.10 -35.59
N LYS G 152 -48.80 -59.44 -36.88
CA LYS G 152 -47.53 -59.95 -37.44
C LYS G 152 -47.23 -59.47 -38.86
N ASP G 153 -45.94 -59.34 -39.15
CA ASP G 153 -45.39 -59.09 -40.49
C ASP G 153 -45.99 -57.87 -41.19
N TYR G 154 -45.93 -56.74 -40.50
CA TYR G 154 -46.33 -55.44 -41.03
C TYR G 154 -45.18 -54.45 -40.99
N PHE G 155 -45.24 -53.43 -41.84
CA PHE G 155 -44.26 -52.35 -41.87
C PHE G 155 -44.83 -51.09 -42.54
N PRO G 156 -44.36 -49.89 -42.20
CA PRO G 156 -43.65 -49.56 -40.96
C PRO G 156 -44.56 -49.72 -39.73
N GLU G 157 -44.03 -49.51 -38.52
CA GLU G 157 -44.86 -49.14 -37.37
C GLU G 157 -45.54 -47.77 -37.61
N PRO G 158 -46.66 -47.46 -36.92
CA PRO G 158 -47.30 -48.25 -35.88
C PRO G 158 -48.52 -49.06 -36.35
N VAL G 159 -48.82 -50.14 -35.64
CA VAL G 159 -50.20 -50.65 -35.50
C VAL G 159 -50.84 -50.14 -34.21
N THR G 160 -52.15 -50.29 -34.08
CA THR G 160 -52.87 -50.09 -32.80
C THR G 160 -53.83 -51.25 -32.55
N VAL G 161 -54.07 -51.57 -31.28
CA VAL G 161 -54.98 -52.66 -30.87
C VAL G 161 -55.91 -52.20 -29.76
N SER G 162 -57.18 -52.59 -29.83
CA SER G 162 -58.20 -52.27 -28.82
C SER G 162 -59.21 -53.41 -28.69
N TRP G 163 -59.88 -53.50 -27.55
CA TRP G 163 -60.75 -54.63 -27.24
C TRP G 163 -62.22 -54.23 -27.23
N ASN G 164 -63.05 -55.05 -27.90
CA ASN G 164 -64.49 -54.86 -28.05
C ASN G 164 -64.83 -53.45 -28.56
N SER G 165 -64.13 -52.99 -29.61
CA SER G 165 -64.28 -51.63 -30.16
C SER G 165 -63.99 -50.53 -29.13
N GLY G 166 -62.99 -50.78 -28.28
CA GLY G 166 -62.58 -49.87 -27.21
C GLY G 166 -63.46 -49.95 -25.97
N ALA G 167 -64.50 -50.78 -25.94
CA ALA G 167 -65.37 -50.93 -24.78
C ALA G 167 -64.71 -51.67 -23.61
N LEU G 168 -63.67 -52.47 -23.86
CA LEU G 168 -62.90 -53.19 -22.85
C LEU G 168 -61.47 -52.64 -22.75
N THR G 169 -61.01 -52.36 -21.53
CA THR G 169 -59.71 -51.70 -21.28
C THR G 169 -59.00 -52.18 -20.01
N SER G 170 -59.73 -52.43 -18.92
CA SER G 170 -59.13 -52.82 -17.65
C SER G 170 -58.45 -54.19 -17.70
N GLY G 171 -57.20 -54.28 -17.27
CA GLY G 171 -56.40 -55.51 -17.31
C GLY G 171 -55.87 -55.88 -18.70
N VAL G 172 -56.05 -55.03 -19.71
CA VAL G 172 -55.33 -55.17 -20.98
C VAL G 172 -53.86 -54.85 -20.77
N HIS G 173 -52.98 -55.62 -21.41
CA HIS G 173 -51.61 -55.21 -21.71
C HIS G 173 -51.34 -55.36 -23.21
N THR G 174 -50.65 -54.39 -23.80
CA THR G 174 -50.21 -54.42 -25.19
C THR G 174 -48.70 -54.23 -25.24
N PHE G 175 -47.99 -55.19 -25.82
CA PHE G 175 -46.54 -55.24 -25.83
C PHE G 175 -45.91 -54.33 -26.88
N PRO G 176 -44.80 -53.65 -26.58
CA PRO G 176 -43.99 -52.97 -27.57
C PRO G 176 -43.53 -53.92 -28.68
N ALA G 177 -43.28 -53.39 -29.88
CA ALA G 177 -43.04 -54.20 -31.06
C ALA G 177 -41.75 -55.03 -31.02
N VAL G 178 -41.83 -56.21 -31.64
CA VAL G 178 -40.77 -57.17 -31.86
C VAL G 178 -40.27 -57.01 -33.30
N LEU G 179 -38.98 -56.74 -33.46
CA LEU G 179 -38.32 -56.87 -34.77
C LEU G 179 -38.00 -58.34 -35.01
N GLN G 180 -38.65 -58.90 -36.01
CA GLN G 180 -38.59 -60.33 -36.33
C GLN G 180 -37.39 -60.68 -37.21
N SER G 181 -37.19 -61.97 -37.44
CA SER G 181 -36.31 -62.50 -38.51
C SER G 181 -36.67 -61.96 -39.90
N SER G 182 -37.95 -61.69 -40.16
CA SER G 182 -38.42 -61.09 -41.43
C SER G 182 -38.00 -59.63 -41.62
N GLY G 183 -37.47 -58.97 -40.58
CA GLY G 183 -37.20 -57.52 -40.56
C GLY G 183 -38.47 -56.66 -40.42
N LEU G 184 -39.66 -57.26 -40.54
CA LEU G 184 -40.95 -56.63 -40.30
C LEU G 184 -41.31 -56.71 -38.80
N TYR G 185 -42.25 -55.89 -38.36
CA TYR G 185 -42.68 -55.87 -36.96
C TYR G 185 -43.77 -56.89 -36.64
N SER G 186 -43.84 -57.25 -35.36
CA SER G 186 -44.96 -57.99 -34.76
C SER G 186 -45.14 -57.62 -33.29
N LEU G 187 -46.34 -57.79 -32.75
CA LEU G 187 -46.64 -57.57 -31.32
C LEU G 187 -47.91 -58.30 -30.91
N SER G 188 -48.22 -58.35 -29.62
CA SER G 188 -49.47 -58.90 -29.12
C SER G 188 -50.15 -58.01 -28.09
N SER G 189 -51.46 -58.16 -27.97
CA SER G 189 -52.27 -57.58 -26.90
C SER G 189 -53.06 -58.67 -26.20
N VAL G 190 -53.21 -58.56 -24.88
CA VAL G 190 -53.75 -59.63 -24.03
C VAL G 190 -54.57 -59.04 -22.89
N VAL G 191 -55.56 -59.78 -22.42
CA VAL G 191 -56.36 -59.43 -21.25
C VAL G 191 -56.60 -60.65 -20.38
N THR G 192 -56.44 -60.47 -19.06
CA THR G 192 -56.72 -61.50 -18.05
C THR G 192 -58.22 -61.69 -17.91
N VAL G 193 -58.70 -62.93 -17.91
CA VAL G 193 -60.13 -63.24 -17.94
C VAL G 193 -60.50 -64.31 -16.92
N PRO G 194 -61.52 -64.08 -16.08
CA PRO G 194 -62.26 -65.16 -15.43
C PRO G 194 -62.96 -65.99 -16.49
N SER G 195 -62.86 -67.33 -16.41
CA SER G 195 -63.45 -68.25 -17.39
C SER G 195 -64.98 -68.11 -17.51
N SER G 196 -65.66 -67.58 -16.48
CA SER G 196 -67.08 -67.22 -16.54
C SER G 196 -67.41 -66.23 -17.66
N SER G 197 -66.52 -65.27 -17.96
CA SER G 197 -66.73 -64.28 -19.03
C SER G 197 -66.77 -64.91 -20.43
N LEU G 198 -66.09 -66.04 -20.62
CA LEU G 198 -66.10 -66.80 -21.89
C LEU G 198 -67.49 -67.39 -22.20
N GLY G 199 -68.37 -67.48 -21.20
CA GLY G 199 -69.76 -67.89 -21.36
C GLY G 199 -70.70 -66.80 -21.88
N THR G 200 -70.22 -65.55 -22.06
CA THR G 200 -71.09 -64.41 -22.44
C THR G 200 -70.46 -63.43 -23.44
N GLN G 201 -69.16 -63.13 -23.35
CA GLN G 201 -68.56 -62.08 -24.19
C GLN G 201 -67.99 -62.63 -25.51
N THR G 202 -68.33 -61.98 -26.62
CA THR G 202 -67.62 -62.14 -27.90
C THR G 202 -66.35 -61.29 -27.87
N TYR G 203 -65.21 -61.86 -27.50
CA TYR G 203 -63.95 -61.12 -27.41
C TYR G 203 -63.45 -60.73 -28.80
N ILE G 204 -63.57 -59.44 -29.14
CA ILE G 204 -63.05 -58.86 -30.38
C ILE G 204 -61.81 -58.05 -30.07
N CYS G 205 -60.73 -58.26 -30.82
CA CYS G 205 -59.68 -57.25 -30.94
C CYS G 205 -59.86 -56.52 -32.26
N ASN G 206 -59.96 -55.20 -32.19
CA ASN G 206 -59.74 -54.34 -33.35
C ASN G 206 -58.24 -54.20 -33.56
N VAL G 207 -57.77 -54.26 -34.80
CA VAL G 207 -56.40 -53.95 -35.15
C VAL G 207 -56.38 -53.03 -36.36
N ASN G 208 -55.59 -51.97 -36.30
CA ASN G 208 -55.45 -51.01 -37.39
C ASN G 208 -53.97 -50.83 -37.70
N HIS G 209 -53.61 -50.83 -38.98
CA HIS G 209 -52.29 -50.48 -39.49
C HIS G 209 -52.39 -49.27 -40.41
N LYS G 210 -52.36 -48.10 -39.79
CA LYS G 210 -52.53 -46.79 -40.45
C LYS G 210 -51.64 -46.59 -41.70
N PRO G 211 -50.39 -47.08 -41.77
CA PRO G 211 -49.57 -46.97 -42.98
C PRO G 211 -50.17 -47.69 -44.20
N SER G 212 -50.70 -48.90 -44.04
CA SER G 212 -51.47 -49.59 -45.11
C SER G 212 -52.96 -49.19 -45.14
N ASN G 213 -53.42 -48.47 -44.11
CA ASN G 213 -54.82 -48.24 -43.78
C ASN G 213 -55.65 -49.54 -43.60
N THR G 214 -54.99 -50.67 -43.27
CA THR G 214 -55.71 -51.92 -43.01
C THR G 214 -56.43 -51.84 -41.66
N LYS G 215 -57.76 -52.02 -41.64
CA LYS G 215 -58.54 -52.19 -40.41
C LYS G 215 -59.12 -53.60 -40.33
N VAL G 216 -59.03 -54.21 -39.15
CA VAL G 216 -59.47 -55.57 -38.84
C VAL G 216 -60.28 -55.55 -37.55
N ASP G 217 -61.43 -56.24 -37.52
CA ASP G 217 -62.00 -56.75 -36.27
C ASP G 217 -61.85 -58.28 -36.26
N LYS G 218 -61.21 -58.84 -35.22
CA LYS G 218 -60.94 -60.29 -35.12
C LYS G 218 -61.47 -60.84 -33.80
N LYS G 219 -62.28 -61.91 -33.88
CA LYS G 219 -62.78 -62.65 -32.71
C LYS G 219 -61.71 -63.62 -32.19
N VAL G 220 -61.56 -63.72 -30.87
CA VAL G 220 -60.75 -64.76 -30.22
C VAL G 220 -61.59 -66.01 -29.95
N GLU G 221 -60.98 -67.19 -30.07
CA GLU G 221 -61.67 -68.47 -29.92
C GLU G 221 -61.40 -69.10 -28.54
N PRO G 222 -62.42 -69.51 -27.76
CA PRO G 222 -62.23 -70.10 -26.42
C PRO G 222 -61.66 -71.54 -26.39
N LYS G 223 -60.64 -71.86 -27.19
CA LYS G 223 -59.96 -73.17 -27.12
C LYS G 223 -59.31 -73.42 -25.75
N ASP H 1 -22.87 -24.60 -29.00
CA ASP H 1 -23.81 -23.69 -28.29
C ASP H 1 -23.96 -24.11 -26.83
N ILE H 2 -24.83 -23.45 -26.07
CA ILE H 2 -25.10 -23.82 -24.67
C ILE H 2 -25.84 -25.17 -24.63
N GLN H 3 -25.35 -26.14 -23.87
CA GLN H 3 -25.88 -27.49 -23.80
C GLN H 3 -26.22 -27.91 -22.37
N MET H 4 -27.24 -28.76 -22.22
CA MET H 4 -27.77 -29.14 -20.91
C MET H 4 -27.32 -30.56 -20.54
N THR H 5 -26.80 -30.73 -19.33
CA THR H 5 -26.36 -32.02 -18.78
C THR H 5 -27.22 -32.40 -17.58
N GLN H 6 -27.89 -33.55 -17.59
CA GLN H 6 -28.69 -34.01 -16.45
C GLN H 6 -27.92 -34.92 -15.50
N SER H 7 -28.41 -35.04 -14.27
CA SER H 7 -27.92 -36.00 -13.28
C SER H 7 -28.98 -36.26 -12.21
N PRO H 8 -29.28 -37.51 -11.86
CA PRO H 8 -28.73 -38.73 -12.43
C PRO H 8 -29.32 -39.05 -13.80
N SER H 9 -28.73 -40.00 -14.52
CA SER H 9 -29.28 -40.51 -15.78
C SER H 9 -30.48 -41.43 -15.58
N THR H 10 -30.48 -42.23 -14.51
CA THR H 10 -31.61 -43.08 -14.12
C THR H 10 -31.78 -43.04 -12.61
N LEU H 11 -33.01 -43.26 -12.13
CA LEU H 11 -33.36 -43.04 -10.74
C LEU H 11 -34.48 -44.00 -10.34
N SER H 12 -34.49 -44.44 -9.09
CA SER H 12 -35.62 -45.12 -8.48
C SER H 12 -35.82 -44.77 -7.02
N ALA H 13 -37.07 -44.79 -6.60
CA ALA H 13 -37.53 -44.44 -5.26
C ALA H 13 -38.90 -45.08 -5.03
N SER H 14 -39.36 -45.16 -3.79
CA SER H 14 -40.66 -45.73 -3.43
C SER H 14 -41.70 -44.66 -3.16
N VAL H 15 -42.97 -45.07 -3.16
CA VAL H 15 -44.11 -44.17 -2.95
C VAL H 15 -43.93 -43.40 -1.64
N GLY H 16 -44.21 -42.10 -1.65
CA GLY H 16 -44.02 -41.21 -0.50
C GLY H 16 -42.59 -40.66 -0.32
N ASP H 17 -41.59 -41.13 -1.07
CA ASP H 17 -40.24 -40.54 -1.05
C ASP H 17 -40.20 -39.14 -1.68
N ARG H 18 -39.34 -38.26 -1.18
CA ARG H 18 -38.88 -37.11 -1.97
C ARG H 18 -37.90 -37.60 -3.04
N VAL H 19 -37.92 -37.01 -4.23
CA VAL H 19 -36.98 -37.29 -5.33
C VAL H 19 -36.43 -36.00 -5.91
N ASP H 20 -35.13 -35.90 -6.16
CA ASP H 20 -34.50 -34.74 -6.77
C ASP H 20 -33.76 -35.09 -8.06
N ILE H 21 -34.11 -34.42 -9.15
CA ILE H 21 -33.43 -34.50 -10.45
C ILE H 21 -32.69 -33.18 -10.65
N THR H 22 -31.48 -33.20 -11.17
CA THR H 22 -30.69 -31.99 -11.40
C THR H 22 -30.29 -31.84 -12.85
N CYS H 23 -30.08 -30.60 -13.27
CA CYS H 23 -29.69 -30.24 -14.61
C CYS H 23 -28.69 -29.09 -14.54
N ARG H 24 -27.67 -29.10 -15.39
CA ARG H 24 -26.64 -28.08 -15.45
C ARG H 24 -26.46 -27.57 -16.87
N ALA H 25 -26.49 -26.26 -17.05
CA ALA H 25 -26.14 -25.64 -18.32
C ALA H 25 -24.62 -25.57 -18.46
N SER H 26 -24.10 -25.79 -19.67
CA SER H 26 -22.65 -25.74 -19.92
C SER H 26 -22.03 -24.36 -19.69
N GLN H 27 -22.85 -23.31 -19.69
CA GLN H 27 -22.52 -21.95 -19.26
C GLN H 27 -23.81 -21.19 -18.92
N SER H 28 -23.70 -20.03 -18.28
CA SER H 28 -24.81 -19.37 -17.58
C SER H 28 -25.99 -18.93 -18.44
N ILE H 29 -27.01 -19.78 -18.56
CA ILE H 29 -28.37 -19.35 -18.88
C ILE H 29 -28.95 -18.58 -17.70
N SER H 30 -29.57 -17.42 -17.90
CA SER H 30 -29.87 -16.54 -16.75
C SER H 30 -30.92 -17.13 -15.82
N ARG H 31 -32.09 -17.49 -16.34
CA ARG H 31 -33.10 -18.34 -15.67
C ARG H 31 -34.05 -19.04 -16.62
N TRP H 32 -33.72 -19.04 -17.91
CA TRP H 32 -34.58 -19.42 -19.01
C TRP H 32 -34.55 -20.93 -19.23
N LEU H 33 -35.11 -21.68 -18.30
CA LEU H 33 -35.13 -23.13 -18.30
C LEU H 33 -36.54 -23.65 -18.07
N ALA H 34 -36.85 -24.79 -18.65
CA ALA H 34 -38.10 -25.49 -18.41
C ALA H 34 -37.84 -26.97 -18.14
N TRP H 35 -38.81 -27.66 -17.55
CA TRP H 35 -38.76 -29.10 -17.30
C TRP H 35 -39.99 -29.76 -17.88
N TYR H 36 -39.84 -30.96 -18.43
CA TYR H 36 -40.93 -31.71 -19.04
C TYR H 36 -41.03 -33.12 -18.47
N GLN H 37 -42.24 -33.65 -18.35
CA GLN H 37 -42.49 -35.06 -18.12
C GLN H 37 -42.91 -35.70 -19.43
N GLN H 38 -42.28 -36.78 -19.85
CA GLN H 38 -42.77 -37.62 -20.95
C GLN H 38 -43.19 -38.98 -20.43
N LYS H 39 -44.46 -39.34 -20.58
CA LYS H 39 -44.87 -40.74 -20.51
C LYS H 39 -44.34 -41.49 -21.74
N PRO H 40 -43.96 -42.76 -21.65
CA PRO H 40 -43.59 -43.54 -22.84
C PRO H 40 -44.73 -43.60 -23.85
N GLY H 41 -44.42 -43.37 -25.13
CA GLY H 41 -45.42 -43.41 -26.21
C GLY H 41 -46.34 -42.20 -26.29
N LYS H 42 -45.98 -41.06 -25.69
CA LYS H 42 -46.77 -39.81 -25.69
C LYS H 42 -45.87 -38.59 -25.90
N ALA H 43 -46.48 -37.47 -26.26
CA ALA H 43 -45.81 -36.18 -26.29
C ALA H 43 -45.36 -35.77 -24.88
N PRO H 44 -44.22 -35.10 -24.72
CA PRO H 44 -43.89 -34.41 -23.50
C PRO H 44 -44.97 -33.43 -23.05
N LYS H 45 -44.93 -33.08 -21.78
CA LYS H 45 -45.82 -32.14 -21.09
C LYS H 45 -44.94 -31.21 -20.27
N VAL H 46 -45.18 -29.90 -20.26
CA VAL H 46 -44.39 -28.98 -19.43
C VAL H 46 -44.84 -29.03 -17.97
N LEU H 47 -43.88 -28.96 -17.04
CA LEU H 47 -44.14 -28.89 -15.60
C LEU H 47 -43.74 -27.55 -15.01
N ILE H 48 -42.54 -27.08 -15.35
CA ILE H 48 -41.92 -25.92 -14.77
C ILE H 48 -41.36 -25.05 -15.88
N TYR H 49 -41.39 -23.73 -15.74
CA TYR H 49 -40.71 -22.78 -16.62
C TYR H 49 -40.12 -21.62 -15.82
N GLU H 50 -39.28 -20.79 -16.44
CA GLU H 50 -38.38 -19.87 -15.74
C GLU H 50 -37.67 -20.53 -14.55
N ALA H 51 -37.25 -21.77 -14.73
CA ALA H 51 -36.65 -22.62 -13.71
C ALA H 51 -37.50 -22.93 -12.47
N SER H 52 -38.64 -22.30 -12.24
CA SER H 52 -39.22 -22.19 -10.89
C SER H 52 -40.72 -21.96 -10.79
N LEU H 53 -41.42 -21.64 -11.87
CA LEU H 53 -42.87 -21.38 -11.86
C LEU H 53 -43.62 -22.61 -12.33
N LEU H 54 -44.72 -22.99 -11.68
CA LEU H 54 -45.54 -24.11 -12.16
C LEU H 54 -46.33 -23.70 -13.41
N ALA H 55 -46.41 -24.59 -14.40
CA ALA H 55 -47.43 -24.50 -15.43
C ALA H 55 -48.83 -24.81 -14.85
N ASN H 56 -49.89 -24.22 -15.40
CA ASN H 56 -51.25 -24.50 -14.93
C ASN H 56 -51.63 -25.97 -15.14
N GLY H 57 -52.32 -26.57 -14.17
CA GLY H 57 -52.72 -27.97 -14.18
C GLY H 57 -51.67 -28.95 -13.62
N VAL H 58 -50.46 -28.50 -13.30
CA VAL H 58 -49.44 -29.32 -12.62
C VAL H 58 -49.82 -29.56 -11.16
N PRO H 59 -49.81 -30.80 -10.64
CA PRO H 59 -50.06 -31.08 -9.23
C PRO H 59 -49.01 -30.39 -8.35
N SER H 60 -49.42 -29.79 -7.23
CA SER H 60 -48.53 -28.92 -6.46
C SER H 60 -47.33 -29.61 -5.80
N ARG H 61 -47.23 -30.96 -5.85
CA ARG H 61 -46.06 -31.68 -5.36
C ARG H 61 -44.78 -31.43 -6.16
N PHE H 62 -44.89 -31.08 -7.45
CA PHE H 62 -43.73 -30.72 -8.26
C PHE H 62 -43.17 -29.37 -7.84
N SER H 63 -41.89 -29.10 -8.10
CA SER H 63 -41.29 -27.80 -7.80
C SER H 63 -39.96 -27.65 -8.49
N GLY H 64 -39.48 -26.42 -8.66
CA GLY H 64 -38.15 -26.15 -9.21
C GLY H 64 -37.37 -25.23 -8.30
N HIS H 65 -36.07 -25.48 -8.14
CA HIS H 65 -35.17 -24.68 -7.30
C HIS H 65 -33.91 -24.33 -8.06
N PHE H 66 -33.38 -23.14 -7.83
CA PHE H 66 -32.08 -22.71 -8.32
C PHE H 66 -31.59 -21.50 -7.51
N ASN H 67 -30.34 -21.08 -7.64
CA ASN H 67 -29.80 -20.01 -6.80
C ASN H 67 -30.35 -18.61 -7.09
N GLY H 68 -31.19 -18.43 -8.11
CA GLY H 68 -31.97 -17.22 -8.36
C GLY H 68 -31.22 -16.09 -9.07
N ARG H 69 -29.90 -16.01 -8.90
CA ARG H 69 -29.07 -14.96 -9.49
C ARG H 69 -29.04 -15.06 -11.01
N GLU H 70 -28.83 -13.93 -11.66
CA GLU H 70 -28.87 -13.81 -13.13
C GLU H 70 -27.76 -14.56 -13.88
N SER H 71 -26.79 -15.16 -13.18
CA SER H 71 -25.67 -15.91 -13.75
C SER H 71 -25.71 -17.40 -13.40
N ALA H 72 -26.88 -17.93 -13.01
CA ALA H 72 -27.07 -19.33 -12.64
C ALA H 72 -26.57 -20.34 -13.68
N THR H 73 -26.32 -21.58 -13.24
CA THR H 73 -26.01 -22.72 -14.12
C THR H 73 -26.65 -24.03 -13.66
N ASP H 74 -27.01 -24.16 -12.39
CA ASP H 74 -27.41 -25.43 -11.79
C ASP H 74 -28.85 -25.36 -11.28
N PHE H 75 -29.70 -26.25 -11.76
CA PHE H 75 -31.14 -26.20 -11.55
C PHE H 75 -31.63 -27.55 -11.06
N THR H 76 -32.67 -27.59 -10.23
CA THR H 76 -33.17 -28.83 -9.63
C THR H 76 -34.67 -28.91 -9.72
N LEU H 77 -35.21 -30.06 -10.08
CA LEU H 77 -36.63 -30.37 -10.01
C LEU H 77 -36.80 -31.32 -8.83
N THR H 78 -37.62 -30.96 -7.87
CA THR H 78 -37.85 -31.77 -6.66
C THR H 78 -39.28 -32.22 -6.63
N ILE H 79 -39.53 -33.52 -6.78
CA ILE H 79 -40.85 -34.09 -6.55
C ILE H 79 -40.96 -34.27 -5.04
N SER H 80 -41.73 -33.43 -4.37
CA SER H 80 -41.72 -33.37 -2.90
C SER H 80 -42.37 -34.58 -2.21
N SER H 81 -43.12 -35.41 -2.93
CA SER H 81 -43.70 -36.65 -2.40
C SER H 81 -44.15 -37.57 -3.54
N LEU H 82 -43.32 -38.52 -3.95
CA LEU H 82 -43.51 -39.32 -5.15
C LEU H 82 -44.77 -40.18 -5.12
N GLN H 83 -45.49 -40.28 -6.23
CA GLN H 83 -46.72 -41.07 -6.35
C GLN H 83 -46.62 -42.10 -7.49
N PRO H 84 -47.46 -43.15 -7.51
CA PRO H 84 -47.41 -44.21 -8.52
C PRO H 84 -47.47 -43.72 -9.97
N ASP H 85 -48.10 -42.57 -10.19
CA ASP H 85 -48.24 -41.94 -11.51
C ASP H 85 -46.94 -41.30 -12.03
N ASP H 86 -45.96 -41.00 -11.18
CA ASP H 86 -44.80 -40.19 -11.56
C ASP H 86 -43.72 -40.96 -12.34
N VAL H 87 -43.97 -42.23 -12.68
CA VAL H 87 -43.07 -43.07 -13.50
C VAL H 87 -43.01 -42.61 -14.96
N ALA H 88 -41.91 -41.98 -15.36
CA ALA H 88 -41.79 -41.26 -16.63
C ALA H 88 -40.34 -40.85 -16.94
N THR H 89 -40.08 -40.26 -18.10
CA THR H 89 -38.77 -39.67 -18.43
C THR H 89 -38.84 -38.16 -18.32
N TYR H 90 -37.89 -37.52 -17.66
CA TYR H 90 -37.91 -36.10 -17.34
C TYR H 90 -36.76 -35.34 -18.02
N TYR H 91 -37.07 -34.33 -18.83
CA TYR H 91 -36.07 -33.54 -19.56
C TYR H 91 -36.03 -32.10 -19.06
N CYS H 92 -34.86 -31.56 -18.77
CA CYS H 92 -34.71 -30.12 -18.76
C CYS H 92 -34.48 -29.58 -20.16
N GLN H 93 -34.66 -28.27 -20.36
CA GLN H 93 -34.46 -27.60 -21.65
C GLN H 93 -34.23 -26.11 -21.44
N HIS H 94 -33.16 -25.53 -21.99
CA HIS H 94 -32.99 -24.08 -21.93
C HIS H 94 -33.63 -23.37 -23.12
N TYR H 95 -33.88 -22.09 -22.99
CA TYR H 95 -34.29 -21.21 -24.08
C TYR H 95 -33.59 -19.84 -24.02
N MET H 96 -32.36 -19.83 -23.51
CA MET H 96 -31.47 -18.66 -23.57
C MET H 96 -31.15 -18.27 -25.00
N ALA H 97 -30.95 -19.27 -25.85
CA ALA H 97 -30.61 -19.13 -27.26
C ALA H 97 -31.56 -19.99 -28.11
N ASP H 98 -31.05 -20.84 -28.99
CA ASP H 98 -31.88 -21.84 -29.62
C ASP H 98 -32.28 -22.87 -28.57
N PRO H 99 -33.50 -23.40 -28.56
CA PRO H 99 -33.91 -24.39 -27.58
C PRO H 99 -33.06 -25.66 -27.62
N ARG H 100 -32.44 -26.04 -26.50
CA ARG H 100 -31.69 -27.30 -26.36
C ARG H 100 -32.16 -28.10 -25.16
N PHE H 101 -32.45 -29.38 -25.36
CA PHE H 101 -32.88 -30.30 -24.32
C PHE H 101 -31.67 -30.98 -23.66
N GLY H 102 -31.80 -31.37 -22.40
CA GLY H 102 -30.90 -32.34 -21.78
C GLY H 102 -31.19 -33.76 -22.26
N GLN H 103 -30.35 -34.73 -21.91
CA GLN H 103 -30.50 -36.09 -22.44
C GLN H 103 -31.68 -36.88 -21.85
N GLY H 104 -32.32 -36.35 -20.81
CA GLY H 104 -33.44 -37.01 -20.14
C GLY H 104 -33.00 -37.97 -19.03
N THR H 105 -33.72 -37.92 -17.91
CA THR H 105 -33.56 -38.80 -16.74
C THR H 105 -34.76 -39.72 -16.66
N LYS H 106 -34.58 -41.02 -16.47
CA LYS H 106 -35.73 -41.95 -16.32
C LYS H 106 -35.97 -42.32 -14.88
N LEU H 107 -37.21 -42.27 -14.42
CA LEU H 107 -37.60 -42.56 -13.05
C LEU H 107 -38.54 -43.77 -12.99
N GLU H 108 -38.14 -44.84 -12.30
CA GLU H 108 -38.93 -46.06 -12.08
C GLU H 108 -39.12 -46.33 -10.60
N ILE H 109 -40.28 -46.85 -10.21
CA ILE H 109 -40.72 -46.86 -8.81
C ILE H 109 -40.41 -48.19 -8.15
N LYS H 110 -39.82 -48.16 -6.96
CA LYS H 110 -39.55 -49.33 -6.12
C LYS H 110 -40.75 -49.70 -5.26
N ARG H 111 -41.03 -51.00 -5.16
CA ARG H 111 -42.15 -51.58 -4.40
C ARG H 111 -41.79 -52.94 -3.80
N THR H 112 -42.72 -53.59 -3.12
CA THR H 112 -42.56 -54.99 -2.69
C THR H 112 -42.46 -55.96 -3.87
N VAL H 113 -41.75 -57.07 -3.69
CA VAL H 113 -41.71 -58.17 -4.65
C VAL H 113 -43.11 -58.78 -4.82
N ALA H 114 -43.45 -59.21 -6.04
CA ALA H 114 -44.73 -59.83 -6.38
C ALA H 114 -44.55 -60.80 -7.57
N ALA H 115 -44.93 -62.06 -7.38
CA ALA H 115 -44.70 -63.11 -8.34
C ALA H 115 -45.63 -63.03 -9.57
N PRO H 116 -45.16 -63.45 -10.77
CA PRO H 116 -45.97 -63.45 -11.97
C PRO H 116 -47.14 -64.43 -11.92
N SER H 117 -48.33 -63.95 -12.27
CA SER H 117 -49.37 -64.79 -12.85
C SER H 117 -48.87 -65.26 -14.21
N VAL H 118 -48.78 -66.57 -14.44
CA VAL H 118 -48.24 -67.11 -15.71
C VAL H 118 -49.36 -67.70 -16.56
N PHE H 119 -49.37 -67.38 -17.85
CA PHE H 119 -50.34 -67.88 -18.82
C PHE H 119 -49.63 -68.36 -20.08
N ILE H 120 -50.13 -69.43 -20.69
CA ILE H 120 -49.65 -69.91 -22.00
C ILE H 120 -50.82 -69.96 -22.98
N PHE H 121 -50.60 -69.50 -24.21
CA PHE H 121 -51.62 -69.38 -25.24
C PHE H 121 -51.34 -70.42 -26.32
N PRO H 122 -52.15 -71.48 -26.43
CA PRO H 122 -52.04 -72.41 -27.53
C PRO H 122 -52.41 -71.69 -28.84
N PRO H 123 -51.68 -71.88 -29.95
CA PRO H 123 -51.95 -71.21 -31.21
C PRO H 123 -53.39 -71.40 -31.69
N SER H 124 -53.95 -70.34 -32.26
CA SER H 124 -55.12 -70.45 -33.14
C SER H 124 -54.74 -71.15 -34.44
N ASP H 125 -55.71 -71.79 -35.09
CA ASP H 125 -55.43 -72.61 -36.28
C ASP H 125 -54.90 -71.76 -37.45
N GLU H 126 -55.35 -70.52 -37.56
CA GLU H 126 -54.77 -69.56 -38.51
C GLU H 126 -53.29 -69.28 -38.21
N GLN H 127 -52.91 -69.23 -36.93
CA GLN H 127 -51.50 -69.09 -36.55
C GLN H 127 -50.70 -70.34 -36.94
N LEU H 128 -51.26 -71.54 -36.85
CA LEU H 128 -50.63 -72.74 -37.39
C LEU H 128 -50.46 -72.67 -38.92
N LYS H 129 -51.53 -72.30 -39.63
CA LYS H 129 -51.56 -72.14 -41.10
C LYS H 129 -50.60 -71.08 -41.63
N SER H 130 -50.06 -70.20 -40.77
CA SER H 130 -49.00 -69.26 -41.13
C SER H 130 -47.72 -69.94 -41.63
N GLY H 131 -47.54 -71.24 -41.36
CA GLY H 131 -46.27 -71.94 -41.58
C GLY H 131 -45.21 -71.64 -40.51
N THR H 132 -45.49 -70.71 -39.58
CA THR H 132 -44.62 -70.33 -38.45
C THR H 132 -45.36 -70.58 -37.14
N ALA H 133 -45.81 -71.82 -36.93
CA ALA H 133 -46.58 -72.22 -35.76
C ALA H 133 -45.85 -71.85 -34.45
N SER H 134 -46.55 -71.19 -33.53
CA SER H 134 -45.92 -70.50 -32.40
C SER H 134 -46.79 -70.53 -31.15
N VAL H 135 -46.18 -70.43 -29.98
CA VAL H 135 -46.88 -70.47 -28.69
C VAL H 135 -46.43 -69.25 -27.87
N VAL H 136 -47.35 -68.57 -27.21
CA VAL H 136 -47.03 -67.41 -26.37
C VAL H 136 -47.06 -67.82 -24.91
N CYS H 137 -46.04 -67.46 -24.14
CA CYS H 137 -45.98 -67.63 -22.68
C CYS H 137 -45.75 -66.26 -22.04
N LEU H 138 -46.50 -65.95 -21.00
CA LEU H 138 -46.74 -64.60 -20.52
C LEU H 138 -46.64 -64.52 -18.99
N LEU H 139 -45.93 -63.53 -18.50
CA LEU H 139 -45.85 -63.13 -17.10
C LEU H 139 -46.65 -61.85 -16.93
N ASN H 140 -47.61 -61.83 -16.00
CA ASN H 140 -48.42 -60.66 -15.75
C ASN H 140 -48.24 -60.06 -14.35
N ASN H 141 -48.24 -58.73 -14.32
CA ASN H 141 -48.39 -57.89 -13.12
C ASN H 141 -47.39 -58.23 -12.01
N PHE H 142 -46.12 -58.46 -12.34
CA PHE H 142 -45.08 -58.90 -11.42
C PHE H 142 -44.04 -57.83 -11.12
N TYR H 143 -43.28 -58.01 -10.03
CA TYR H 143 -42.14 -57.16 -9.69
C TYR H 143 -41.12 -57.96 -8.88
N PRO H 144 -39.81 -57.69 -8.95
CA PRO H 144 -39.15 -56.78 -9.89
C PRO H 144 -39.11 -57.40 -11.29
N ARG H 145 -38.74 -56.61 -12.30
CA ARG H 145 -38.76 -56.98 -13.73
C ARG H 145 -37.88 -58.17 -14.07
N GLU H 146 -36.86 -58.45 -13.27
CA GLU H 146 -35.76 -59.41 -13.48
C GLU H 146 -36.16 -60.90 -13.50
N ALA H 147 -37.39 -61.23 -13.89
CA ALA H 147 -37.74 -62.57 -14.35
C ALA H 147 -37.00 -62.93 -15.65
N LYS H 148 -37.01 -64.23 -15.98
CA LYS H 148 -36.41 -64.81 -17.18
C LYS H 148 -37.29 -65.96 -17.68
N VAL H 149 -37.37 -66.13 -19.01
CA VAL H 149 -38.17 -67.19 -19.63
C VAL H 149 -37.27 -68.08 -20.50
N GLN H 150 -37.30 -69.38 -20.22
CA GLN H 150 -36.71 -70.41 -21.09
C GLN H 150 -37.78 -71.09 -21.94
N TRP H 151 -37.37 -71.81 -22.99
CA TRP H 151 -38.23 -72.70 -23.75
C TRP H 151 -37.60 -74.08 -23.96
N LYS H 152 -38.44 -75.11 -23.88
CA LYS H 152 -38.11 -76.51 -24.06
C LYS H 152 -39.17 -77.13 -24.96
N VAL H 153 -38.75 -77.90 -25.96
CA VAL H 153 -39.63 -78.52 -26.97
C VAL H 153 -39.26 -79.99 -27.12
N ASP H 154 -40.25 -80.88 -27.15
CA ASP H 154 -40.11 -82.29 -26.70
C ASP H 154 -39.46 -82.39 -25.30
N ASN H 155 -39.68 -81.35 -24.47
CA ASN H 155 -38.97 -81.06 -23.22
C ASN H 155 -37.43 -80.93 -23.34
N ALA H 156 -36.85 -80.93 -24.55
CA ALA H 156 -35.44 -80.64 -24.80
C ALA H 156 -35.21 -79.12 -24.95
N LEU H 157 -34.12 -78.59 -24.41
CA LEU H 157 -33.83 -77.15 -24.38
C LEU H 157 -33.67 -76.56 -25.79
N GLN H 158 -34.23 -75.37 -26.03
CA GLN H 158 -34.18 -74.64 -27.29
C GLN H 158 -33.61 -73.23 -27.12
N SER H 159 -33.01 -72.66 -28.17
CA SER H 159 -32.37 -71.34 -28.13
C SER H 159 -32.49 -70.60 -29.47
N GLY H 160 -32.53 -69.27 -29.44
CA GLY H 160 -32.62 -68.39 -30.62
C GLY H 160 -34.02 -68.31 -31.25
N ASN H 161 -34.73 -69.42 -31.39
CA ASN H 161 -36.06 -69.51 -32.01
C ASN H 161 -37.21 -69.01 -31.10
N SER H 162 -36.96 -68.06 -30.22
CA SER H 162 -37.99 -67.40 -29.41
C SER H 162 -37.60 -65.96 -29.09
N GLN H 163 -38.59 -65.10 -28.87
CA GLN H 163 -38.40 -63.66 -28.67
C GLN H 163 -39.31 -63.13 -27.55
N GLU H 164 -38.90 -62.02 -26.93
CA GLU H 164 -39.58 -61.41 -25.79
C GLU H 164 -40.00 -59.95 -26.04
N SER H 165 -41.00 -59.49 -25.28
CA SER H 165 -41.31 -58.08 -25.11
C SER H 165 -41.70 -57.78 -23.66
N VAL H 166 -41.41 -56.55 -23.21
CA VAL H 166 -41.61 -56.08 -21.83
C VAL H 166 -42.43 -54.79 -21.84
N THR H 167 -43.46 -54.70 -21.02
CA THR H 167 -44.32 -53.50 -20.94
C THR H 167 -43.59 -52.30 -20.33
N GLU H 168 -44.23 -51.13 -20.37
CA GLU H 168 -43.93 -50.07 -19.41
C GLU H 168 -44.02 -50.59 -17.96
N GLN H 169 -43.42 -49.88 -17.01
CA GLN H 169 -43.77 -50.06 -15.61
C GLN H 169 -45.19 -49.54 -15.37
N ASP H 170 -46.11 -50.36 -14.91
CA ASP H 170 -47.50 -50.01 -14.76
C ASP H 170 -47.69 -48.89 -13.72
N SER H 171 -48.30 -47.76 -14.09
CA SER H 171 -48.51 -46.63 -13.19
C SER H 171 -49.45 -46.95 -12.02
N LYS H 172 -50.31 -47.97 -12.13
CA LYS H 172 -51.28 -48.28 -11.08
C LYS H 172 -50.67 -49.00 -9.87
N ASP H 173 -49.59 -49.75 -10.07
CA ASP H 173 -49.02 -50.59 -9.01
C ASP H 173 -47.51 -50.85 -9.16
N SER H 174 -46.83 -50.15 -10.06
CA SER H 174 -45.40 -50.30 -10.36
C SER H 174 -44.94 -51.69 -10.80
N THR H 175 -45.84 -52.64 -11.09
CA THR H 175 -45.45 -53.94 -11.65
C THR H 175 -45.18 -53.86 -13.15
N TYR H 176 -44.88 -55.00 -13.76
CA TYR H 176 -44.58 -55.17 -15.19
C TYR H 176 -45.31 -56.40 -15.73
N SER H 177 -45.39 -56.50 -17.05
CA SER H 177 -45.64 -57.76 -17.72
C SER H 177 -44.57 -58.03 -18.77
N LEU H 178 -44.27 -59.30 -18.98
CA LEU H 178 -43.28 -59.76 -19.94
C LEU H 178 -43.89 -60.92 -20.72
N SER H 179 -43.76 -60.90 -22.03
CA SER H 179 -44.21 -62.01 -22.87
C SER H 179 -43.03 -62.59 -23.62
N SER H 180 -43.09 -63.89 -23.91
CA SER H 180 -42.17 -64.62 -24.76
C SER H 180 -42.97 -65.45 -25.76
N THR H 181 -42.51 -65.53 -27.01
CA THR H 181 -43.11 -66.41 -28.01
C THR H 181 -42.12 -67.46 -28.49
N LEU H 182 -42.47 -68.72 -28.28
CA LEU H 182 -41.87 -69.86 -28.95
C LEU H 182 -42.20 -69.78 -30.43
N THR H 183 -41.17 -69.74 -31.27
CA THR H 183 -41.31 -69.67 -32.73
C THR H 183 -40.82 -70.98 -33.33
N LEU H 184 -41.65 -71.63 -34.13
CA LEU H 184 -41.32 -72.86 -34.85
C LEU H 184 -41.84 -72.74 -36.29
N SER H 185 -41.35 -73.56 -37.22
CA SER H 185 -42.13 -73.79 -38.44
C SER H 185 -43.35 -74.66 -38.10
N LYS H 186 -44.39 -74.66 -38.95
CA LYS H 186 -45.47 -75.65 -38.84
C LYS H 186 -44.90 -77.07 -38.86
N ALA H 187 -43.92 -77.37 -39.71
CA ALA H 187 -43.27 -78.68 -39.75
C ALA H 187 -42.66 -79.06 -38.39
N ASP H 188 -41.90 -78.17 -37.73
CA ASP H 188 -41.34 -78.47 -36.42
C ASP H 188 -42.44 -78.63 -35.35
N TYR H 189 -43.45 -77.76 -35.36
CA TYR H 189 -44.58 -77.88 -34.45
C TYR H 189 -45.30 -79.23 -34.64
N GLU H 190 -45.52 -79.65 -35.88
CA GLU H 190 -46.16 -80.91 -36.23
C GLU H 190 -45.26 -82.13 -35.94
N LYS H 191 -43.94 -81.95 -35.82
CA LYS H 191 -43.04 -82.97 -35.26
C LYS H 191 -43.20 -83.08 -33.75
N HIS H 192 -42.96 -81.99 -33.05
CA HIS H 192 -42.81 -82.01 -31.60
C HIS H 192 -44.15 -82.22 -30.87
N LYS H 193 -44.13 -82.97 -29.76
CA LYS H 193 -45.30 -83.32 -28.96
C LYS H 193 -45.57 -82.33 -27.83
N VAL H 194 -44.49 -81.86 -27.21
CA VAL H 194 -44.51 -81.04 -25.98
C VAL H 194 -43.94 -79.67 -26.26
N TYR H 195 -44.65 -78.62 -25.86
CA TYR H 195 -44.18 -77.24 -25.87
C TYR H 195 -44.16 -76.73 -24.42
N ALA H 196 -43.03 -76.28 -23.91
CA ALA H 196 -42.90 -75.85 -22.54
C ALA H 196 -42.09 -74.56 -22.43
N CYS H 197 -42.69 -73.49 -21.91
CA CYS H 197 -41.89 -72.39 -21.39
C CYS H 197 -41.47 -72.71 -19.96
N GLU H 198 -40.47 -72.03 -19.45
CA GLU H 198 -40.21 -72.05 -18.01
C GLU H 198 -39.89 -70.67 -17.47
N VAL H 199 -40.61 -70.28 -16.43
CA VAL H 199 -40.56 -68.94 -15.85
C VAL H 199 -39.72 -68.97 -14.60
N THR H 200 -38.64 -68.20 -14.61
CA THR H 200 -37.74 -67.99 -13.48
C THR H 200 -37.98 -66.60 -12.92
N HIS H 201 -38.15 -66.45 -11.60
CA HIS H 201 -38.34 -65.14 -10.97
C HIS H 201 -37.86 -65.10 -9.51
N GLN H 202 -37.56 -63.90 -9.00
CA GLN H 202 -37.21 -63.65 -7.60
C GLN H 202 -38.40 -63.84 -6.64
N GLY H 203 -39.62 -63.58 -7.07
CA GLY H 203 -40.83 -63.71 -6.25
C GLY H 203 -41.42 -65.12 -6.20
N LEU H 204 -41.16 -65.96 -7.20
CA LEU H 204 -41.60 -67.35 -7.23
C LEU H 204 -40.94 -68.19 -6.13
N SER H 205 -41.63 -69.26 -5.69
CA SER H 205 -41.06 -70.31 -4.83
C SER H 205 -40.10 -71.23 -5.59
N SER H 206 -40.40 -71.55 -6.85
CA SER H 206 -39.57 -72.32 -7.78
C SER H 206 -40.01 -72.05 -9.23
N PRO H 207 -39.17 -72.34 -10.25
CA PRO H 207 -39.51 -72.02 -11.65
C PRO H 207 -40.77 -72.74 -12.13
N VAL H 208 -41.64 -72.03 -12.86
CA VAL H 208 -42.91 -72.57 -13.37
C VAL H 208 -42.75 -72.98 -14.83
N THR H 209 -42.73 -74.28 -15.09
CA THR H 209 -42.56 -74.87 -16.43
C THR H 209 -43.91 -74.95 -17.16
N LYS H 210 -44.59 -73.81 -17.34
CA LYS H 210 -45.93 -73.79 -17.92
C LYS H 210 -45.88 -74.31 -19.36
N SER H 211 -46.80 -75.22 -19.69
CA SER H 211 -46.59 -76.14 -20.82
C SER H 211 -47.90 -76.65 -21.43
N PHE H 212 -47.79 -77.08 -22.68
CA PHE H 212 -48.88 -77.38 -23.59
C PHE H 212 -48.48 -78.56 -24.49
N ASN H 213 -49.42 -79.41 -24.86
CA ASN H 213 -49.16 -80.65 -25.60
C ASN H 213 -50.08 -80.76 -26.81
N ARG H 214 -49.54 -81.19 -27.94
CA ARG H 214 -50.32 -81.35 -29.19
C ARG H 214 -51.34 -82.46 -29.01
N GLY H 215 -52.62 -82.12 -29.16
CA GLY H 215 -53.77 -82.95 -28.81
C GLY H 215 -54.68 -82.34 -27.72
N GLU H 216 -54.17 -81.41 -26.91
CA GLU H 216 -55.04 -80.53 -26.10
C GLU H 216 -55.85 -79.57 -27.00
N CYS H 217 -56.99 -79.08 -26.52
CA CYS H 217 -57.75 -78.04 -27.22
C CYS H 217 -57.00 -76.70 -27.25
N ALA I 1 -8.65 67.94 -24.71
CA ALA I 1 -8.59 67.83 -23.23
C ALA I 1 -7.91 66.54 -22.79
N GLU I 2 -7.45 66.47 -21.55
CA GLU I 2 -6.84 65.29 -20.93
C GLU I 2 -7.89 64.22 -20.56
N ASN I 3 -8.72 63.81 -21.52
CA ASN I 3 -9.68 62.74 -21.31
C ASN I 3 -8.92 61.47 -20.97
N LEU I 4 -9.35 60.77 -19.93
CA LEU I 4 -8.62 59.64 -19.40
C LEU I 4 -9.26 58.34 -19.89
N TRP I 5 -8.42 57.46 -20.41
CA TRP I 5 -8.78 56.17 -20.97
C TRP I 5 -8.09 55.10 -20.16
N VAL I 6 -8.81 54.03 -19.83
CA VAL I 6 -8.18 52.95 -19.12
C VAL I 6 -7.13 52.33 -20.04
N THR I 7 -5.96 51.99 -19.50
CA THR I 7 -4.94 51.26 -20.22
C THR I 7 -4.46 50.12 -19.36
N VAL I 8 -4.11 49.01 -19.98
CA VAL I 8 -3.71 47.79 -19.27
C VAL I 8 -2.20 47.68 -19.29
N TYR I 9 -1.62 47.36 -18.14
CA TYR I 9 -0.23 47.02 -18.00
C TYR I 9 -0.14 45.58 -17.51
N TYR I 10 0.72 44.77 -18.12
CA TYR I 10 0.96 43.39 -17.73
C TYR I 10 2.42 43.19 -17.39
N GLY I 11 2.71 42.33 -16.42
CA GLY I 11 4.04 42.28 -15.78
C GLY I 11 4.26 43.39 -14.73
N VAL I 12 3.20 43.98 -14.19
CA VAL I 12 3.28 44.98 -13.13
C VAL I 12 3.92 44.37 -11.89
N PRO I 13 4.86 45.03 -11.20
CA PRO I 13 5.39 44.55 -9.92
C PRO I 13 4.40 44.79 -8.79
N VAL I 14 3.51 43.83 -8.51
CA VAL I 14 2.59 43.86 -7.37
C VAL I 14 2.19 42.45 -6.94
N TRP I 15 1.84 42.27 -5.66
CA TRP I 15 1.54 40.96 -5.07
C TRP I 15 0.50 41.05 -3.94
N LYS I 16 -0.01 39.90 -3.53
CA LYS I 16 -0.92 39.72 -2.39
C LYS I 16 -0.47 38.53 -1.52
N ASP I 17 -0.85 38.54 -0.25
CA ASP I 17 -0.54 37.42 0.66
C ASP I 17 -1.33 36.17 0.25
N ALA I 18 -0.75 34.98 0.40
CA ALA I 18 -1.36 33.75 -0.08
C ALA I 18 -0.88 32.50 0.65
N GLU I 19 -1.63 31.41 0.49
CA GLU I 19 -1.23 30.07 0.88
C GLU I 19 -0.96 29.25 -0.38
N THR I 20 0.22 28.63 -0.47
CA THR I 20 0.65 27.87 -1.63
C THR I 20 1.56 26.72 -1.22
N THR I 21 1.55 25.61 -1.93
CA THR I 21 2.37 24.45 -1.58
C THR I 21 3.83 24.70 -1.98
N LEU I 22 4.67 25.03 -1.01
CA LEU I 22 6.11 25.09 -1.22
C LEU I 22 6.66 23.70 -1.48
N PHE I 23 7.81 23.61 -2.15
CA PHE I 23 8.51 22.36 -2.40
C PHE I 23 9.90 22.43 -1.79
N CYS I 24 10.38 21.31 -1.26
CA CYS I 24 11.71 21.26 -0.68
C CYS I 24 12.78 21.31 -1.78
N ALA I 25 13.98 21.77 -1.43
CA ALA I 25 15.19 21.45 -2.16
C ALA I 25 16.27 20.98 -1.19
N SER I 26 16.91 19.86 -1.49
CA SER I 26 17.93 19.25 -0.64
C SER I 26 19.32 19.71 -1.08
N ASP I 27 20.25 19.86 -0.13
CA ASP I 27 21.63 20.21 -0.46
C ASP I 27 22.23 19.22 -1.48
N ALA I 28 22.71 19.72 -2.61
CA ALA I 28 23.33 18.89 -3.63
C ALA I 28 24.49 18.02 -3.10
N LYS I 29 25.18 18.43 -2.04
CA LYS I 29 26.16 17.57 -1.34
C LYS I 29 25.49 16.35 -0.69
N ALA I 30 24.38 16.56 0.02
CA ALA I 30 23.61 15.46 0.59
C ALA I 30 23.07 14.55 -0.51
N TYR I 31 22.68 15.10 -1.67
CA TYR I 31 22.20 14.35 -2.83
C TYR I 31 23.18 13.27 -3.32
N GLU I 32 24.47 13.37 -3.02
CA GLU I 32 25.45 12.32 -3.30
C GLU I 32 25.20 11.01 -2.51
N THR I 33 24.48 11.08 -1.40
CA THR I 33 24.19 9.94 -0.52
C THR I 33 23.03 9.06 -1.03
N GLU I 34 23.05 7.80 -0.61
CA GLU I 34 22.13 6.73 -1.00
C GLU I 34 20.65 6.98 -0.67
N LYS I 35 19.74 6.36 -1.43
CA LYS I 35 18.29 6.62 -1.40
C LYS I 35 17.65 6.41 -0.01
N HIS I 36 16.68 7.26 0.30
CA HIS I 36 15.80 7.21 1.49
C HIS I 36 16.53 7.23 2.85
N ASN I 37 17.83 7.51 2.88
CA ASN I 37 18.69 7.28 4.05
C ASN I 37 18.38 8.13 5.29
N VAL I 38 17.84 9.34 5.12
CA VAL I 38 17.58 10.26 6.24
C VAL I 38 16.26 11.03 6.08
N TRP I 39 16.19 11.91 5.08
CA TRP I 39 15.14 12.92 4.89
C TRP I 39 15.00 13.24 3.38
N ALA I 40 14.57 12.25 2.58
CA ALA I 40 14.36 12.39 1.14
C ALA I 40 15.58 12.92 0.36
N THR I 41 16.79 12.49 0.73
CA THR I 41 18.07 12.99 0.18
C THR I 41 18.15 12.98 -1.36
N HIS I 42 17.43 12.04 -1.96
CA HIS I 42 17.43 11.64 -3.36
C HIS I 42 16.13 12.06 -4.08
N ALA I 43 14.99 12.01 -3.38
CA ALA I 43 13.70 12.38 -3.95
C ALA I 43 13.48 13.91 -3.93
N CYS I 44 13.92 14.61 -2.88
CA CYS I 44 13.87 16.06 -2.82
C CYS I 44 14.89 16.67 -3.80
N VAL I 45 14.44 17.46 -4.77
CA VAL I 45 15.28 18.06 -5.85
C VAL I 45 16.53 18.76 -5.29
N PRO I 46 17.72 18.62 -5.91
CA PRO I 46 18.93 19.27 -5.42
C PRO I 46 18.89 20.80 -5.55
N THR I 47 19.53 21.48 -4.61
CA THR I 47 19.53 22.94 -4.44
C THR I 47 20.02 23.74 -5.64
N ASP I 48 19.40 24.90 -5.85
CA ASP I 48 19.97 26.00 -6.62
C ASP I 48 21.31 26.44 -5.99
N PRO I 49 22.38 26.69 -6.77
CA PRO I 49 23.67 27.10 -6.24
C PRO I 49 23.67 28.41 -5.42
N ASN I 50 22.65 29.28 -5.50
CA ASN I 50 22.58 30.48 -4.66
C ASN I 50 21.13 30.84 -4.24
N PRO I 51 20.92 31.46 -3.06
CA PRO I 51 19.75 32.31 -2.83
C PRO I 51 19.93 33.60 -3.63
N GLN I 52 19.18 33.76 -4.72
CA GLN I 52 19.38 34.84 -5.68
C GLN I 52 18.68 36.14 -5.23
N GLU I 53 18.89 36.55 -3.98
CA GLU I 53 18.03 37.57 -3.38
C GLU I 53 18.23 38.99 -3.93
N ILE I 54 17.14 39.76 -3.95
CA ILE I 54 17.11 41.15 -4.40
C ILE I 54 16.53 42.02 -3.29
N HIS I 55 17.26 43.04 -2.83
CA HIS I 55 16.71 43.98 -1.87
C HIS I 55 15.61 44.81 -2.54
N LEU I 56 14.39 44.74 -2.01
CA LEU I 56 13.27 45.50 -2.53
C LEU I 56 13.30 46.89 -1.91
N GLU I 57 13.81 47.85 -2.66
CA GLU I 57 13.99 49.21 -2.15
C GLU I 57 12.66 49.84 -1.75
N ASN I 58 12.66 50.68 -0.72
CA ASN I 58 11.53 51.50 -0.23
C ASN I 58 10.29 50.75 0.29
N VAL I 59 10.13 49.45 -0.01
CA VAL I 59 8.94 48.71 0.41
C VAL I 59 8.91 48.46 1.92
N THR I 60 7.71 48.43 2.50
CA THR I 60 7.46 48.04 3.89
C THR I 60 6.34 46.99 3.92
N GLU I 61 6.53 45.91 4.68
CA GLU I 61 5.67 44.74 4.60
C GLU I 61 5.31 44.21 5.99
N GLU I 62 4.08 43.75 6.19
CA GLU I 62 3.60 43.26 7.49
C GLU I 62 3.94 41.79 7.68
N PHE I 63 5.05 41.50 8.36
CA PHE I 63 5.42 40.13 8.71
C PHE I 63 4.70 39.68 9.98
N ASN I 64 4.43 38.38 10.09
CA ASN I 64 3.85 37.77 11.29
C ASN I 64 4.29 36.31 11.41
N MET I 65 5.03 35.97 12.47
CA MET I 65 5.54 34.61 12.66
C MET I 65 4.48 33.65 13.21
N TRP I 66 3.61 34.11 14.11
CA TRP I 66 2.66 33.25 14.82
C TRP I 66 1.59 32.67 13.90
N LYS I 67 1.18 33.44 12.90
CA LYS I 67 0.22 33.02 11.87
C LYS I 67 0.87 32.29 10.68
N ASN I 68 2.18 32.10 10.66
CA ASN I 68 2.88 31.73 9.43
C ASN I 68 2.57 30.30 8.97
N ASN I 69 1.73 30.17 7.93
CA ASN I 69 1.33 28.88 7.37
C ASN I 69 2.51 28.01 6.91
N MET I 70 3.64 28.64 6.59
CA MET I 70 4.88 27.94 6.20
C MET I 70 5.32 26.90 7.23
N VAL I 71 5.05 27.13 8.51
CA VAL I 71 5.33 26.18 9.61
C VAL I 71 4.50 24.91 9.49
N GLU I 72 3.21 25.01 9.17
CA GLU I 72 2.34 23.84 9.05
C GLU I 72 2.75 22.93 7.91
N GLN I 73 3.23 23.51 6.81
CA GLN I 73 3.79 22.71 5.72
C GLN I 73 5.00 21.92 6.22
N MET I 74 5.91 22.55 6.97
CA MET I 74 7.07 21.85 7.48
C MET I 74 6.66 20.72 8.44
N HIS I 75 5.76 20.99 9.38
CA HIS I 75 5.29 19.98 10.32
C HIS I 75 4.63 18.80 9.60
N THR I 76 3.77 19.08 8.62
CA THR I 76 3.09 18.05 7.83
C THR I 76 4.07 17.25 6.99
N ASP I 77 5.01 17.91 6.32
CA ASP I 77 6.03 17.25 5.52
C ASP I 77 6.88 16.33 6.39
N ILE I 78 7.36 16.81 7.54
CA ILE I 78 8.19 16.03 8.44
C ILE I 78 7.46 14.79 8.93
N ILE I 79 6.21 14.91 9.39
CA ILE I 79 5.43 13.74 9.79
C ILE I 79 5.30 12.75 8.62
N SER I 80 4.93 13.25 7.45
CA SER I 80 4.71 12.37 6.29
C SER I 80 6.00 11.65 5.92
N LEU I 81 7.10 12.38 5.85
CA LEU I 81 8.41 11.85 5.48
C LEU I 81 8.95 10.88 6.53
N TRP I 82 8.70 11.15 7.81
CA TRP I 82 9.02 10.24 8.89
C TRP I 82 8.30 8.90 8.69
N ASP I 83 6.97 8.92 8.55
CA ASP I 83 6.21 7.69 8.34
C ASP I 83 6.63 6.96 7.06
N GLN I 84 6.85 7.68 5.96
CA GLN I 84 7.33 7.08 4.71
C GLN I 84 8.66 6.35 4.89
N SER I 85 9.54 6.79 5.79
CA SER I 85 10.80 6.11 6.03
C SER I 85 10.63 4.76 6.74
N LEU I 86 9.54 4.56 7.48
CA LEU I 86 9.33 3.37 8.33
C LEU I 86 8.51 2.27 7.66
N LYS I 87 7.69 2.59 6.66
CA LYS I 87 6.87 1.61 5.92
C LYS I 87 7.58 0.30 5.54
N PRO I 88 8.84 0.28 5.05
CA PRO I 88 9.52 -0.96 4.72
C PRO I 88 10.08 -1.75 5.92
N CYS I 89 10.19 -1.16 7.11
CA CYS I 89 10.87 -1.77 8.25
C CYS I 89 10.01 -2.80 9.00
N VAL I 90 10.65 -3.73 9.69
CA VAL I 90 9.99 -4.85 10.38
C VAL I 90 9.09 -4.40 11.54
N LYS I 91 7.87 -4.93 11.60
CA LYS I 91 6.96 -4.78 12.74
C LYS I 91 7.31 -5.80 13.82
N LEU I 92 7.51 -5.34 15.06
CA LEU I 92 7.91 -6.18 16.19
C LEU I 92 6.73 -6.91 16.85
N THR I 93 5.63 -7.17 16.14
CA THR I 93 4.48 -7.90 16.70
C THR I 93 4.87 -9.24 17.35
N PRO I 94 5.76 -10.07 16.79
CA PRO I 94 6.16 -11.32 17.42
C PRO I 94 6.92 -11.14 18.74
N LEU I 95 7.52 -9.96 18.97
CA LEU I 95 8.24 -9.66 20.20
C LEU I 95 7.30 -9.35 21.38
N CYS I 96 6.02 -9.11 21.12
CA CYS I 96 5.06 -8.83 22.19
C CYS I 96 4.65 -10.12 22.93
N VAL I 97 5.41 -10.48 23.96
CA VAL I 97 5.36 -11.80 24.61
C VAL I 97 5.71 -11.67 26.10
N THR I 98 5.31 -12.63 26.93
CA THR I 98 5.67 -12.63 28.36
C THR I 98 7.18 -12.72 28.55
N LEU I 99 7.77 -11.81 29.32
CA LEU I 99 9.17 -11.80 29.68
C LEU I 99 9.35 -12.25 31.12
N GLN I 100 10.26 -13.18 31.40
CA GLN I 100 10.85 -13.28 32.74
C GLN I 100 11.92 -12.20 32.87
N CYS I 101 12.14 -11.59 34.04
CA CYS I 101 13.20 -10.59 34.21
C CYS I 101 13.92 -10.67 35.56
N THR I 102 15.14 -10.13 35.59
CA THR I 102 16.04 -9.98 36.74
C THR I 102 16.80 -8.66 36.61
N ASN I 103 17.41 -8.12 37.67
CA ASN I 103 18.18 -6.88 37.57
C ASN I 103 19.57 -7.10 36.98
N VAL I 104 20.17 -6.03 36.45
CA VAL I 104 21.51 -6.07 35.82
C VAL I 104 22.61 -6.54 36.79
N THR I 105 23.65 -7.18 36.24
CA THR I 105 24.63 -7.98 37.01
C THR I 105 25.77 -7.17 37.65
N ASN I 106 26.65 -6.56 36.85
CA ASN I 106 27.89 -5.95 37.33
C ASN I 106 27.68 -4.56 37.96
N ASN I 107 28.77 -3.83 38.25
CA ASN I 107 28.69 -2.65 39.10
C ASN I 107 27.84 -1.51 38.52
N ILE I 108 27.07 -0.90 39.41
CA ILE I 108 26.09 0.17 39.19
C ILE I 108 26.18 1.19 40.34
N THR I 109 25.75 2.42 40.11
CA THR I 109 25.89 3.52 41.07
C THR I 109 25.05 3.32 42.33
N ARG I 113 20.91 0.71 41.87
CA ARG I 113 19.79 1.33 41.18
C ARG I 113 19.44 0.59 39.88
N GLY I 114 18.41 -0.24 39.95
CA GLY I 114 18.06 -1.23 38.92
C GLY I 114 17.29 -0.67 37.72
N GLU I 115 17.83 0.34 37.03
CA GLU I 115 17.23 0.87 35.81
C GLU I 115 17.34 -0.07 34.61
N LEU I 116 18.33 -0.98 34.56
CA LEU I 116 18.44 -1.96 33.50
C LEU I 116 17.87 -3.29 33.99
N LYS I 117 16.85 -3.81 33.30
CA LYS I 117 16.37 -5.17 33.48
C LYS I 117 17.09 -6.09 32.50
N ASN I 118 17.34 -7.31 32.92
CA ASN I 118 17.83 -8.40 32.10
C ASN I 118 16.69 -9.41 31.96
N CYS I 119 16.21 -9.64 30.74
CA CYS I 119 14.94 -10.31 30.49
C CYS I 119 15.05 -11.43 29.47
N SER I 120 14.32 -12.51 29.70
CA SER I 120 14.40 -13.77 28.97
C SER I 120 13.02 -14.21 28.47
N PHE I 121 12.93 -14.73 27.26
CA PHE I 121 11.65 -15.00 26.60
C PHE I 121 11.77 -16.04 25.50
N ASN I 122 10.65 -16.50 24.95
CA ASN I 122 10.58 -17.50 23.88
C ASN I 122 10.30 -16.81 22.54
N MET I 123 11.15 -17.03 21.54
CA MET I 123 11.13 -16.29 20.29
C MET I 123 11.21 -17.23 19.08
N THR I 124 10.40 -17.02 18.04
CA THR I 124 10.40 -17.89 16.85
C THR I 124 11.74 -17.85 16.12
N THR I 125 12.17 -19.00 15.61
CA THR I 125 13.15 -19.04 14.52
C THR I 125 12.44 -18.72 13.20
N GLU I 126 13.13 -18.78 12.07
CA GLU I 126 12.48 -18.65 10.77
C GLU I 126 11.53 -19.82 10.52
N LEU I 127 11.89 -21.03 10.97
CA LEU I 127 11.06 -22.21 10.80
C LEU I 127 9.85 -22.09 11.70
N ARG I 128 8.64 -22.06 11.12
CA ARG I 128 7.40 -21.80 11.85
C ARG I 128 7.23 -22.70 13.08
N ASP I 129 7.61 -23.96 12.99
CA ASP I 129 7.42 -24.94 14.06
C ASP I 129 8.51 -24.90 15.15
N LYS I 130 9.55 -24.06 15.04
CA LYS I 130 10.69 -24.04 15.97
C LYS I 130 10.88 -22.67 16.63
N LYS I 131 11.05 -22.66 17.94
CA LYS I 131 11.26 -21.45 18.76
C LYS I 131 12.28 -21.67 19.87
N GLN I 132 12.95 -20.59 20.26
CA GLN I 132 14.17 -20.61 21.07
C GLN I 132 14.00 -19.76 22.32
N LYS I 133 14.58 -20.19 23.44
CA LYS I 133 14.75 -19.32 24.61
C LYS I 133 15.92 -18.38 24.35
N VAL I 134 15.76 -17.10 24.69
CA VAL I 134 16.73 -16.04 24.39
C VAL I 134 16.60 -14.90 25.40
N TYR I 135 17.62 -14.04 25.53
CA TYR I 135 17.58 -12.91 26.48
C TYR I 135 18.13 -11.60 25.92
N SER I 136 17.70 -10.49 26.51
CA SER I 136 18.18 -9.13 26.23
C SER I 136 18.13 -8.26 27.49
N LEU I 137 18.95 -7.21 27.56
CA LEU I 137 18.68 -6.10 28.45
C LEU I 137 17.54 -5.22 27.92
N PHE I 138 16.86 -4.50 28.82
CA PHE I 138 15.95 -3.40 28.52
C PHE I 138 16.02 -2.34 29.63
N TYR I 139 15.77 -1.07 29.30
CA TYR I 139 15.63 -0.02 30.30
C TYR I 139 14.26 -0.11 30.95
N ARG I 140 14.12 0.22 32.24
CA ARG I 140 12.86 0.08 32.97
C ARG I 140 11.70 0.82 32.29
N LEU I 141 11.97 1.94 31.64
CA LEU I 141 10.97 2.73 30.91
C LEU I 141 10.35 1.99 29.71
N ASP I 142 11.01 0.98 29.14
CA ASP I 142 10.48 0.18 28.04
C ASP I 142 9.56 -0.97 28.51
N VAL I 143 9.51 -1.31 29.80
CA VAL I 143 8.81 -2.52 30.30
C VAL I 143 7.83 -2.24 31.44
N VAL I 144 6.88 -3.15 31.68
CA VAL I 144 5.87 -2.95 32.78
C VAL I 144 5.65 -4.30 33.43
N GLN I 145 5.04 -4.38 34.61
CA GLN I 145 4.95 -5.69 35.29
C GLN I 145 3.55 -6.26 35.10
N ILE I 146 3.42 -7.40 34.45
CA ILE I 146 2.06 -7.94 34.18
C ILE I 146 1.50 -8.26 35.54
N ASN I 147 2.30 -8.91 36.38
CA ASN I 147 1.87 -9.24 37.76
C ASN I 147 2.83 -10.27 38.34
N SER I 157 4.84 -15.73 40.01
CA SER I 157 3.83 -14.64 40.05
C SER I 157 4.58 -13.32 40.21
N ASN I 158 5.90 -13.36 40.00
CA ASN I 158 6.73 -12.14 40.15
C ASN I 158 7.69 -12.13 38.98
N LYS I 159 8.27 -10.97 38.67
CA LYS I 159 9.29 -10.96 37.61
C LYS I 159 8.66 -11.39 36.30
N GLU I 160 7.35 -11.17 36.11
CA GLU I 160 6.77 -11.45 34.79
C GLU I 160 6.45 -10.08 34.22
N TYR I 161 7.08 -9.69 33.13
CA TYR I 161 6.87 -8.31 32.66
C TYR I 161 6.44 -8.36 31.20
N ARG I 162 6.32 -7.22 30.54
CA ARG I 162 5.95 -7.14 29.11
C ARG I 162 6.40 -5.78 28.58
N LEU I 163 6.48 -5.60 27.26
CA LEU I 163 6.80 -4.29 26.74
C LEU I 163 5.67 -3.29 27.01
N ILE I 164 6.00 -2.02 27.21
CA ILE I 164 5.03 -0.96 27.49
C ILE I 164 3.95 -0.84 26.41
N ASN I 165 4.30 -1.01 25.13
CA ASN I 165 3.38 -0.81 24.02
C ASN I 165 2.39 -1.97 23.77
N CYS I 166 2.60 -3.15 24.36
CA CYS I 166 1.85 -4.36 24.00
C CYS I 166 0.33 -4.28 24.16
N ASN I 167 -0.19 -3.35 24.96
CA ASN I 167 -1.63 -3.17 25.15
C ASN I 167 -2.19 -2.00 24.35
N THR I 168 -1.45 -1.45 23.38
CA THR I 168 -1.90 -0.30 22.59
C THR I 168 -1.47 -0.34 21.12
N SER I 169 -0.26 -0.78 20.76
CA SER I 169 0.11 -1.05 19.36
C SER I 169 1.43 -1.82 19.26
N ALA I 170 1.70 -2.42 18.09
CA ALA I 170 3.00 -3.02 17.80
C ALA I 170 3.89 -2.00 17.07
N CYS I 171 5.08 -1.72 17.61
CA CYS I 171 6.00 -0.74 17.06
C CYS I 171 6.77 -1.30 15.86
N THR I 172 7.08 -0.47 14.86
CA THR I 172 8.10 -0.82 13.87
C THR I 172 9.49 -0.61 14.46
N GLN I 173 10.40 -1.53 14.24
CA GLN I 173 11.82 -1.26 14.47
C GLN I 173 12.31 -0.27 13.42
N ALA I 174 13.08 0.75 13.78
CA ALA I 174 13.71 1.60 12.77
C ALA I 174 14.81 0.83 12.02
N CYS I 175 14.81 0.86 10.69
CA CYS I 175 15.82 0.19 9.88
C CYS I 175 17.21 0.79 10.17
N PRO I 176 18.22 0.04 10.65
CA PRO I 176 19.45 0.62 11.21
C PRO I 176 20.34 1.31 10.18
N LYS I 177 20.16 1.08 8.88
CA LYS I 177 20.83 1.83 7.81
C LYS I 177 20.40 3.29 7.72
N VAL I 178 19.20 3.64 8.19
CA VAL I 178 18.69 5.01 8.23
C VAL I 178 19.38 5.81 9.32
N SER I 179 19.58 7.10 9.12
CA SER I 179 19.99 8.04 10.18
C SER I 179 18.95 9.14 10.34
N PHE I 180 18.73 9.58 11.58
CA PHE I 180 17.81 10.67 11.87
C PHE I 180 18.46 12.05 11.70
N GLU I 181 19.77 12.12 11.47
CA GLU I 181 20.53 13.38 11.50
C GLU I 181 19.88 14.46 10.61
N PRO I 182 19.59 15.65 11.14
CA PRO I 182 18.75 16.62 10.46
C PRO I 182 19.56 17.41 9.43
N ILE I 183 19.71 16.86 8.22
CA ILE I 183 20.34 17.56 7.11
C ILE I 183 19.57 18.84 6.75
N PRO I 184 20.21 19.91 6.25
CA PRO I 184 19.50 21.12 5.89
C PRO I 184 18.58 20.91 4.70
N ILE I 185 17.32 21.34 4.84
CA ILE I 185 16.30 21.37 3.81
C ILE I 185 15.99 22.83 3.49
N HIS I 186 16.08 23.22 2.23
CA HIS I 186 15.59 24.51 1.76
C HIS I 186 14.12 24.38 1.38
N TYR I 187 13.35 25.44 1.57
CA TYR I 187 11.99 25.56 1.03
C TYR I 187 11.99 26.55 -0.13
N CYS I 188 11.32 26.21 -1.23
CA CYS I 188 11.30 26.98 -2.46
C CYS I 188 9.86 27.21 -2.93
N ALA I 189 9.60 28.35 -3.58
CA ALA I 189 8.27 28.74 -4.02
C ALA I 189 8.06 28.51 -5.53
N PRO I 190 6.91 27.95 -5.95
CA PRO I 190 6.64 27.67 -7.35
C PRO I 190 6.42 28.95 -8.17
N ALA I 191 6.49 28.85 -9.49
CA ALA I 191 6.34 30.00 -10.37
C ALA I 191 5.00 30.74 -10.17
N GLY I 192 5.04 32.07 -10.18
CA GLY I 192 3.89 32.92 -9.81
C GLY I 192 3.83 33.28 -8.33
N PHE I 193 4.73 32.77 -7.51
CA PHE I 193 4.88 33.11 -6.10
C PHE I 193 6.32 33.49 -5.78
N ALA I 194 6.51 34.24 -4.69
CA ALA I 194 7.83 34.66 -4.23
C ALA I 194 7.90 34.59 -2.71
N ILE I 195 9.06 34.23 -2.17
CA ILE I 195 9.34 34.40 -0.75
C ILE I 195 9.88 35.81 -0.52
N LEU I 196 9.47 36.44 0.57
CA LEU I 196 10.07 37.66 1.09
C LEU I 196 10.75 37.35 2.42
N LYS I 197 11.98 37.81 2.59
CA LYS I 197 12.75 37.78 3.83
C LYS I 197 12.65 39.17 4.46
N CYS I 198 12.25 39.27 5.73
CA CYS I 198 12.51 40.47 6.50
C CYS I 198 13.97 40.49 6.96
N LYS I 199 14.72 41.52 6.56
CA LYS I 199 16.16 41.64 6.82
C LYS I 199 16.50 42.40 8.11
N ASP I 200 15.55 43.12 8.68
CA ASP I 200 15.76 43.97 9.88
C ASP I 200 16.20 43.16 11.11
N LYS I 201 17.41 43.46 11.64
CA LYS I 201 18.00 42.78 12.80
C LYS I 201 17.18 42.91 14.08
N LYS I 202 16.31 43.91 14.19
CA LYS I 202 15.48 44.19 15.36
C LYS I 202 14.04 43.67 15.23
N PHE I 203 13.74 42.86 14.22
CA PHE I 203 12.38 42.34 14.05
C PHE I 203 11.98 41.36 15.17
N ASN I 204 10.86 41.65 15.84
CA ASN I 204 10.35 40.90 16.98
C ASN I 204 9.28 39.84 16.60
N GLY I 205 9.08 39.57 15.31
CA GLY I 205 8.15 38.54 14.85
C GLY I 205 6.74 39.00 14.51
N THR I 206 6.37 40.28 14.68
CA THR I 206 5.04 40.78 14.34
C THR I 206 5.05 42.27 14.05
N GLY I 207 4.78 42.68 12.81
CA GLY I 207 4.64 44.09 12.44
C GLY I 207 5.35 44.48 11.12
N PRO I 208 5.42 45.77 10.81
CA PRO I 208 6.05 46.26 9.59
C PRO I 208 7.55 46.06 9.61
N CYS I 209 8.08 45.33 8.64
CA CYS I 209 9.52 45.23 8.40
C CYS I 209 9.97 46.29 7.39
N PRO I 210 10.95 47.14 7.71
CA PRO I 210 11.35 48.28 6.86
C PRO I 210 12.40 47.94 5.80
N SER I 211 12.94 46.72 5.79
CA SER I 211 13.97 46.27 4.85
C SER I 211 13.69 44.83 4.45
N VAL I 212 13.27 44.65 3.21
CA VAL I 212 12.73 43.39 2.70
C VAL I 212 13.55 42.93 1.51
N SER I 213 13.78 41.63 1.37
CA SER I 213 14.44 41.08 0.17
C SER I 213 13.65 39.92 -0.36
N THR I 214 13.39 39.87 -1.66
CA THR I 214 12.77 38.68 -2.26
C THR I 214 13.83 37.62 -2.50
N VAL I 215 13.47 36.34 -2.44
CA VAL I 215 14.35 35.21 -2.73
C VAL I 215 13.53 34.03 -3.26
N GLN I 216 14.13 33.14 -4.04
CA GLN I 216 13.44 31.99 -4.61
C GLN I 216 13.39 30.76 -3.69
N CYS I 217 14.37 30.63 -2.78
CA CYS I 217 14.42 29.59 -1.75
C CYS I 217 14.90 30.16 -0.41
N THR I 218 14.48 29.58 0.71
CA THR I 218 15.04 29.89 2.03
C THR I 218 16.51 29.49 2.12
N HIS I 219 17.22 29.93 3.17
CA HIS I 219 18.43 29.23 3.60
C HIS I 219 18.10 27.80 4.05
N GLY I 220 19.12 26.98 4.29
CA GLY I 220 18.90 25.63 4.82
C GLY I 220 18.30 25.68 6.22
N ILE I 221 17.21 24.96 6.45
CA ILE I 221 16.59 24.75 7.76
C ILE I 221 16.81 23.30 8.14
N LYS I 222 17.24 22.99 9.36
CA LYS I 222 17.51 21.61 9.77
C LYS I 222 16.38 21.08 10.66
N PRO I 223 15.74 19.94 10.33
CA PRO I 223 14.63 19.33 11.10
C PRO I 223 14.97 18.81 12.51
N VAL I 224 15.67 19.57 13.36
CA VAL I 224 15.92 19.19 14.75
C VAL I 224 14.61 18.95 15.51
N VAL I 225 14.64 18.09 16.52
CA VAL I 225 13.52 17.95 17.47
C VAL I 225 14.02 17.96 18.91
N SER I 226 13.40 18.77 19.76
CA SER I 226 13.75 18.94 21.17
C SER I 226 12.60 19.64 21.89
N THR I 227 12.58 19.67 23.22
CA THR I 227 11.54 20.40 23.95
C THR I 227 12.09 21.69 24.55
N GLN I 228 12.66 21.63 25.76
CA GLN I 228 12.88 22.81 26.58
C GLN I 228 13.90 23.80 26.00
N LEU I 229 14.95 23.29 25.37
CA LEU I 229 16.00 24.10 24.74
C LEU I 229 16.01 23.85 23.23
N LEU I 230 16.41 24.85 22.46
CA LEU I 230 16.49 24.80 21.01
C LEU I 230 17.95 24.54 20.62
N LEU I 231 18.20 23.56 19.76
CA LEU I 231 19.56 23.12 19.44
C LEU I 231 19.93 23.39 17.98
N ASN I 232 21.19 23.77 17.76
CA ASN I 232 21.85 23.98 16.46
C ASN I 232 21.16 24.96 15.48
N GLY I 233 20.05 25.59 15.85
CA GLY I 233 19.36 26.59 15.05
C GLY I 233 20.09 27.94 14.94
N SER I 234 19.52 28.84 14.16
CA SER I 234 20.05 30.17 13.84
C SER I 234 20.14 31.09 15.07
N LEU I 235 21.31 31.67 15.32
CA LEU I 235 21.53 32.65 16.40
C LEU I 235 21.06 34.05 16.03
N ALA I 236 20.70 34.86 17.03
CA ALA I 236 20.26 36.23 16.83
C ALA I 236 21.39 37.15 16.33
N GLU I 237 21.03 38.36 15.88
CA GLU I 237 21.96 39.28 15.23
C GLU I 237 22.77 40.13 16.22
N GLU I 238 22.18 41.17 16.82
CA GLU I 238 22.91 42.11 17.68
C GLU I 238 23.03 41.64 19.14
N GLU I 239 22.02 40.92 19.63
CA GLU I 239 21.71 40.75 21.05
C GLU I 239 20.77 39.55 21.25
N VAL I 240 20.58 39.10 22.48
CA VAL I 240 19.52 38.12 22.81
C VAL I 240 18.16 38.69 22.45
N MET I 241 17.29 37.95 21.77
CA MET I 241 15.95 38.43 21.42
C MET I 241 14.88 37.53 22.01
N ILE I 242 13.75 38.12 22.40
CA ILE I 242 12.61 37.40 22.96
C ILE I 242 11.36 37.73 22.17
N ARG I 243 10.56 36.72 21.86
CA ARG I 243 9.37 36.85 21.01
C ARG I 243 8.20 36.14 21.67
N SER I 244 7.02 36.74 21.65
CA SER I 244 5.79 36.10 22.10
C SER I 244 4.60 36.61 21.31
N GLU I 245 3.55 35.81 21.19
CA GLU I 245 2.37 36.19 20.42
C GLU I 245 1.60 37.35 21.06
N ASN I 246 1.41 37.31 22.38
CA ASN I 246 0.60 38.27 23.11
C ASN I 246 0.96 38.17 24.60
N ILE I 247 1.96 38.91 25.05
CA ILE I 247 2.75 38.51 26.23
C ILE I 247 1.97 38.51 27.56
N THR I 248 0.86 39.23 27.68
CA THR I 248 0.00 39.18 28.88
C THR I 248 -0.81 37.89 28.99
N ASN I 249 -0.78 37.01 27.98
CA ASN I 249 -1.45 35.73 28.00
C ASN I 249 -0.52 34.58 28.43
N ASN I 250 -0.71 34.03 29.63
CA ASN I 250 0.09 32.91 30.17
C ASN I 250 0.07 31.65 29.32
N ALA I 251 -0.99 31.40 28.54
CA ALA I 251 -1.08 30.19 27.75
C ALA I 251 -0.09 30.17 26.58
N LYS I 252 0.47 31.32 26.20
CA LYS I 252 1.40 31.48 25.07
C LYS I 252 2.83 31.57 25.58
N ASN I 253 3.71 30.77 24.98
CA ASN I 253 5.11 30.73 25.35
C ASN I 253 5.84 32.02 25.00
N ILE I 254 7.05 32.13 25.53
CA ILE I 254 8.05 33.10 25.11
C ILE I 254 9.15 32.28 24.44
N LEU I 255 9.47 32.59 23.19
CA LEU I 255 10.64 32.03 22.52
C LEU I 255 11.82 32.97 22.78
N VAL I 256 12.92 32.45 23.30
CA VAL I 256 14.13 33.23 23.52
C VAL I 256 15.21 32.72 22.57
N GLN I 257 15.83 33.62 21.81
CA GLN I 257 16.90 33.33 20.86
C GLN I 257 18.21 33.99 21.33
N PHE I 258 19.27 33.21 21.50
CA PHE I 258 20.54 33.71 22.02
C PHE I 258 21.40 34.44 20.98
N ASN I 259 22.32 35.27 21.47
CA ASN I 259 23.31 35.97 20.68
C ASN I 259 24.52 35.06 20.36
N THR I 260 25.27 34.63 21.37
CA THR I 260 26.24 33.52 21.25
C THR I 260 25.49 32.18 21.30
N PRO I 261 26.06 31.07 20.85
CA PRO I 261 25.60 29.78 21.37
C PRO I 261 25.91 29.68 22.87
N VAL I 262 25.38 28.63 23.51
CA VAL I 262 26.00 28.02 24.69
C VAL I 262 26.33 26.58 24.32
N GLN I 263 27.59 26.15 24.45
CA GLN I 263 27.94 24.79 24.08
C GLN I 263 27.43 23.79 25.12
N ILE I 264 26.84 22.69 24.67
CA ILE I 264 26.44 21.55 25.49
C ILE I 264 27.10 20.28 24.94
N ASN I 265 27.59 19.43 25.83
CA ASN I 265 28.16 18.13 25.49
C ASN I 265 27.28 17.07 26.13
N CYS I 266 27.01 15.95 25.48
CA CYS I 266 26.24 14.90 26.10
C CYS I 266 26.68 13.50 25.68
N THR I 267 26.59 12.52 26.58
CA THR I 267 27.27 11.22 26.45
C THR I 267 26.51 10.08 27.11
N ARG I 268 26.68 8.86 26.59
CA ARG I 268 25.86 7.70 27.00
C ARG I 268 26.12 7.15 28.40
N PRO I 269 27.35 7.06 28.93
CA PRO I 269 28.63 6.87 28.26
C PRO I 269 29.00 5.38 28.13
N ASN I 270 28.11 4.44 28.46
CA ASN I 270 28.45 3.01 28.59
C ASN I 270 28.81 2.32 27.26
N ASN I 271 29.67 1.31 27.33
CA ASN I 271 30.10 0.52 26.17
C ASN I 271 29.15 -0.66 25.94
N ASN I 272 28.29 -0.54 24.93
CA ASN I 272 27.05 -1.30 24.79
C ASN I 272 27.07 -2.22 23.55
N THR I 273 26.49 -3.42 23.66
CA THR I 273 26.61 -4.48 22.65
C THR I 273 25.32 -4.70 21.86
N ARG I 274 25.36 -4.56 20.54
CA ARG I 274 24.31 -5.00 19.60
C ARG I 274 24.32 -6.52 19.45
N LYS I 275 23.14 -7.15 19.40
CA LYS I 275 22.97 -8.57 19.09
C LYS I 275 21.74 -8.76 18.21
N SER I 276 21.78 -9.67 17.24
CA SER I 276 20.65 -9.90 16.33
C SER I 276 19.94 -11.23 16.62
N ILE I 277 18.62 -11.20 16.72
CA ILE I 277 17.78 -12.40 16.81
C ILE I 277 16.95 -12.50 15.53
N ARG I 278 17.08 -13.58 14.76
CA ARG I 278 16.33 -13.74 13.51
C ARG I 278 14.94 -14.28 13.76
N ILE I 279 14.02 -13.37 14.09
CA ILE I 279 12.61 -13.60 14.43
C ILE I 279 11.85 -14.35 13.33
N GLY I 280 12.14 -14.10 12.06
CA GLY I 280 11.41 -14.68 10.94
C GLY I 280 12.23 -14.78 9.66
N PRO I 281 11.70 -15.40 8.60
CA PRO I 281 12.39 -15.51 7.33
C PRO I 281 12.68 -14.12 6.78
N GLY I 282 13.95 -13.72 6.81
CA GLY I 282 14.37 -12.38 6.38
C GLY I 282 14.04 -11.24 7.35
N GLN I 283 13.79 -11.53 8.63
CA GLN I 283 13.49 -10.50 9.63
C GLN I 283 14.30 -10.70 10.91
N ALA I 284 14.92 -9.63 11.41
CA ALA I 284 15.79 -9.67 12.57
C ALA I 284 15.57 -8.50 13.52
N PHE I 285 15.63 -8.79 14.81
CA PHE I 285 15.44 -7.84 15.91
C PHE I 285 16.74 -7.60 16.66
N TYR I 286 17.09 -6.34 16.91
CA TYR I 286 18.34 -5.98 17.56
C TYR I 286 18.22 -5.89 19.09
N ALA I 287 18.44 -7.02 19.76
CA ALA I 287 18.55 -7.08 21.20
C ALA I 287 19.72 -6.26 21.75
N THR I 288 19.60 -5.79 22.99
CA THR I 288 20.67 -5.11 23.72
C THR I 288 21.43 -6.17 24.51
N GLY I 289 22.53 -6.68 23.96
CA GLY I 289 23.10 -7.95 24.37
C GLY I 289 23.79 -7.93 25.72
N ASP I 290 24.73 -6.99 25.91
CA ASP I 290 25.52 -6.86 27.13
C ASP I 290 26.21 -5.50 27.23
N ILE I 291 26.62 -5.11 28.44
CA ILE I 291 27.44 -3.93 28.69
C ILE I 291 28.86 -4.41 29.03
N ILE I 292 29.86 -3.92 28.30
CA ILE I 292 31.23 -4.41 28.42
C ILE I 292 31.91 -3.86 29.68
N GLY I 293 31.81 -2.56 29.93
CA GLY I 293 32.33 -1.92 31.14
C GLY I 293 31.39 -2.05 32.34
N ASP I 294 31.79 -1.48 33.48
CA ASP I 294 30.85 -1.16 34.56
C ASP I 294 30.01 0.07 34.20
N ILE I 295 28.86 0.22 34.86
CA ILE I 295 27.77 1.07 34.38
C ILE I 295 27.76 2.42 35.10
N ARG I 296 27.56 3.49 34.33
CA ARG I 296 27.48 4.89 34.77
C ARG I 296 26.37 5.62 34.02
N GLN I 297 25.71 6.60 34.64
CA GLN I 297 24.49 7.19 34.10
C GLN I 297 24.74 8.11 32.89
N ALA I 298 23.83 8.11 31.91
CA ALA I 298 23.85 9.07 30.81
C ALA I 298 23.73 10.51 31.33
N HIS I 299 24.52 11.44 30.83
CA HIS I 299 24.51 12.82 31.33
C HIS I 299 25.03 13.83 30.31
N CYS I 300 24.67 15.09 30.50
CA CYS I 300 25.17 16.22 29.71
C CYS I 300 25.89 17.25 30.58
N ASN I 301 26.86 17.97 30.02
CA ASN I 301 27.60 19.03 30.69
C ASN I 301 27.39 20.37 29.96
N VAL I 302 27.30 21.47 30.70
CA VAL I 302 27.39 22.86 30.16
C VAL I 302 28.34 23.69 30.99
N SER I 303 29.10 24.59 30.37
CA SER I 303 30.11 25.39 31.09
C SER I 303 29.44 26.47 31.95
N LYS I 304 29.61 26.40 33.27
CA LYS I 304 28.76 27.11 34.23
C LYS I 304 28.78 28.61 34.03
N ALA I 305 29.96 29.21 33.90
CA ALA I 305 30.10 30.66 33.74
C ALA I 305 29.35 31.16 32.51
N THR I 306 29.41 30.44 31.38
CA THR I 306 28.67 30.84 30.17
C THR I 306 27.17 30.81 30.38
N TRP I 307 26.64 29.83 31.12
CA TRP I 307 25.22 29.79 31.41
C TRP I 307 24.80 30.93 32.33
N ASN I 308 25.52 31.12 33.44
CA ASN I 308 25.25 32.17 34.40
C ASN I 308 25.27 33.56 33.74
N GLU I 309 26.23 33.81 32.86
CA GLU I 309 26.29 35.01 32.04
C GLU I 309 25.09 35.12 31.09
N THR I 310 24.74 34.03 30.41
CA THR I 310 23.66 34.05 29.41
C THR I 310 22.32 34.39 30.05
N LEU I 311 21.98 33.83 31.20
CA LEU I 311 20.75 34.23 31.89
C LEU I 311 20.78 35.69 32.33
N GLY I 312 21.95 36.23 32.67
CA GLY I 312 22.11 37.68 32.88
C GLY I 312 21.64 38.50 31.68
N LYS I 313 21.99 38.09 30.46
CA LYS I 313 21.49 38.73 29.22
C LYS I 313 19.99 38.54 29.05
N VAL I 314 19.47 37.34 29.27
CA VAL I 314 18.03 37.07 29.09
C VAL I 314 17.21 37.92 30.04
N VAL I 315 17.59 38.02 31.31
CA VAL I 315 16.91 38.89 32.28
C VAL I 315 16.95 40.35 31.83
N LYS I 316 18.08 40.83 31.32
CA LYS I 316 18.21 42.20 30.81
C LYS I 316 17.18 42.50 29.73
N GLN I 317 16.80 41.53 28.89
CA GLN I 317 15.70 41.72 27.95
C GLN I 317 14.32 41.56 28.60
N LEU I 318 14.07 40.53 29.40
CA LEU I 318 12.75 40.33 30.04
C LEU I 318 12.34 41.55 30.86
N ARG I 319 13.30 42.20 31.52
CA ARG I 319 13.11 43.44 32.26
C ARG I 319 12.48 44.55 31.42
N LYS I 320 12.76 44.63 30.12
CA LYS I 320 12.19 45.66 29.24
C LYS I 320 10.69 45.48 29.06
N HIS I 321 10.23 44.24 28.91
CA HIS I 321 8.82 43.92 28.77
C HIS I 321 8.06 44.04 30.08
N PHE I 322 8.60 43.50 31.18
CA PHE I 322 7.90 43.40 32.47
C PHE I 322 8.17 44.53 33.46
N GLY I 323 9.20 45.35 33.25
CA GLY I 323 9.50 46.52 34.08
C GLY I 323 10.71 46.33 34.98
N ASN I 324 11.51 47.38 35.13
CA ASN I 324 12.87 47.35 35.71
C ASN I 324 12.96 46.81 37.14
N ASN I 325 11.99 47.11 37.98
CA ASN I 325 12.01 46.70 39.39
C ASN I 325 11.44 45.29 39.63
N THR I 326 11.01 44.56 38.61
CA THR I 326 10.45 43.22 38.82
C THR I 326 11.52 42.20 39.21
N ILE I 327 11.27 41.46 40.28
CA ILE I 327 12.12 40.38 40.78
C ILE I 327 11.89 39.15 39.93
N ILE I 328 12.79 38.88 38.99
CA ILE I 328 12.59 37.81 38.01
C ILE I 328 13.35 36.59 38.48
N ARG I 329 12.71 35.43 38.45
CA ARG I 329 13.29 34.18 38.91
C ARG I 329 12.90 33.02 38.03
N PHE I 330 13.77 32.04 37.91
CA PHE I 330 13.49 30.84 37.15
C PHE I 330 13.08 29.72 38.10
N ALA I 331 12.37 28.74 37.58
CA ALA I 331 12.07 27.51 38.30
C ALA I 331 11.99 26.35 37.30
N ASN I 332 12.20 25.13 37.75
CA ASN I 332 12.12 23.97 36.89
C ASN I 332 10.67 23.63 36.47
N SER I 333 10.51 22.69 35.56
CA SER I 333 9.20 22.24 35.06
C SER I 333 8.34 21.65 36.18
N SER I 334 7.02 21.89 36.14
CA SER I 334 6.15 21.63 37.29
C SER I 334 6.03 20.16 37.66
N GLY I 335 5.74 19.30 36.68
CA GLY I 335 5.40 17.89 36.87
C GLY I 335 4.64 17.31 35.68
N GLY I 336 4.37 16.01 35.70
CA GLY I 336 3.72 15.28 34.60
C GLY I 336 4.65 14.36 33.82
N ASP I 337 4.24 13.95 32.63
CA ASP I 337 4.98 12.94 31.84
C ASP I 337 6.41 13.34 31.49
N LEU I 338 7.28 12.35 31.32
CA LEU I 338 8.71 12.54 31.02
C LEU I 338 8.92 13.36 29.75
N GLU I 339 8.11 13.12 28.73
CA GLU I 339 8.18 13.81 27.44
C GLU I 339 7.90 15.31 27.52
N VAL I 340 7.05 15.75 28.45
CA VAL I 340 6.71 17.18 28.59
C VAL I 340 7.52 17.87 29.69
N THR I 341 7.97 17.13 30.70
CA THR I 341 8.77 17.70 31.80
C THR I 341 10.27 17.83 31.53
N THR I 342 10.84 17.23 30.48
CA THR I 342 12.30 17.13 30.30
C THR I 342 12.76 17.35 28.87
N HIS I 343 14.07 17.59 28.67
CA HIS I 343 14.68 18.08 27.43
C HIS I 343 14.40 17.27 26.15
N SER I 344 14.15 15.97 26.25
CA SER I 344 13.59 15.13 25.17
C SER I 344 14.21 15.33 23.79
N PHE I 345 15.44 14.89 23.56
CA PHE I 345 16.16 15.11 22.29
C PHE I 345 16.94 13.86 21.84
N ASN I 346 17.36 13.82 20.58
CA ASN I 346 18.17 12.72 20.07
C ASN I 346 19.66 13.11 20.00
N CYS I 347 20.55 12.25 20.48
CA CYS I 347 21.98 12.34 20.25
C CYS I 347 22.46 11.14 19.43
N GLY I 348 23.00 11.36 18.23
CA GLY I 348 23.68 10.32 17.44
C GLY I 348 22.85 9.08 17.09
N GLY I 349 21.52 9.14 17.13
CA GLY I 349 20.64 7.98 16.93
C GLY I 349 20.10 7.35 18.21
N GLU I 350 20.30 7.96 19.37
CA GLU I 350 19.80 7.51 20.67
C GLU I 350 18.97 8.61 21.36
N PHE I 351 17.91 8.26 22.09
CA PHE I 351 16.94 9.23 22.60
C PHE I 351 17.13 9.53 24.09
N PHE I 352 17.44 10.78 24.40
CA PHE I 352 17.80 11.27 25.72
C PHE I 352 16.68 12.13 26.31
N TYR I 353 16.30 11.83 27.54
CA TYR I 353 15.45 12.67 28.36
C TYR I 353 16.27 13.17 29.53
N CYS I 354 16.46 14.47 29.71
CA CYS I 354 17.41 15.01 30.70
C CYS I 354 16.76 16.01 31.64
N ASN I 355 17.10 15.89 32.91
CA ASN I 355 16.53 16.67 34.00
C ASN I 355 17.14 18.06 34.05
N THR I 356 16.55 19.04 33.38
CA THR I 356 17.06 20.42 33.34
C THR I 356 16.94 21.20 34.65
N SER I 357 16.53 20.58 35.76
CA SER I 357 16.39 21.27 37.05
C SER I 357 17.68 21.91 37.56
N GLY I 358 18.85 21.49 37.08
CA GLY I 358 20.12 22.13 37.42
C GLY I 358 20.28 23.55 36.86
N LEU I 359 19.67 23.84 35.70
CA LEU I 359 19.84 25.12 34.99
C LEU I 359 18.94 26.24 35.51
N PHE I 360 17.74 25.91 35.95
CA PHE I 360 16.64 26.86 36.09
C PHE I 360 16.20 27.08 37.54
N ASN I 361 17.06 27.63 38.39
CA ASN I 361 16.62 28.08 39.72
C ASN I 361 17.26 29.37 40.25
N SER I 362 17.78 30.20 39.35
CA SER I 362 18.32 31.52 39.66
C SER I 362 17.24 32.52 40.09
N THR I 363 17.63 33.59 40.77
CA THR I 363 16.76 34.73 41.10
C THR I 363 17.51 36.06 40.96
N TRP I 364 16.85 37.12 40.48
CA TRP I 364 17.51 38.35 40.02
C TRP I 364 16.80 39.62 40.49
N ILE I 365 17.57 40.62 40.90
CA ILE I 365 17.09 41.91 41.42
C ILE I 365 17.74 43.08 40.68
N ASP I 380 34.58 25.13 35.24
CA ASP I 380 33.45 24.66 36.02
C ASP I 380 32.25 24.32 35.12
N SER I 381 31.45 23.32 35.49
CA SER I 381 30.31 22.89 34.67
C SER I 381 29.15 22.35 35.51
N ILE I 382 27.96 22.40 34.92
CA ILE I 382 26.74 21.81 35.48
C ILE I 382 26.56 20.45 34.81
N THR I 383 26.28 19.40 35.58
CA THR I 383 26.01 18.07 35.04
C THR I 383 24.52 17.77 35.14
N LEU I 384 23.87 17.46 34.02
CA LEU I 384 22.46 17.12 33.98
C LEU I 384 22.32 15.61 33.82
N PRO I 385 21.70 14.88 34.76
CA PRO I 385 21.47 13.46 34.61
C PRO I 385 20.33 13.21 33.63
N CYS I 386 20.35 12.05 32.99
CA CYS I 386 19.43 11.70 31.93
C CYS I 386 18.90 10.28 32.06
N ARG I 387 17.88 9.96 31.28
CA ARG I 387 17.29 8.63 31.11
C ARG I 387 17.12 8.38 29.62
N ILE I 388 17.05 7.12 29.23
CA ILE I 388 16.99 6.69 27.84
C ILE I 388 15.80 5.76 27.63
N LYS I 389 15.19 5.81 26.44
CA LYS I 389 14.11 4.91 26.02
C LYS I 389 14.48 4.26 24.70
N GLN I 390 14.09 3.01 24.48
CA GLN I 390 14.14 2.41 23.15
C GLN I 390 12.79 2.51 22.45
N ILE I 391 11.68 2.50 23.20
CA ILE I 391 10.33 2.60 22.64
C ILE I 391 9.88 4.06 22.70
N ILE I 392 9.51 4.66 21.57
CA ILE I 392 9.21 6.09 21.47
C ILE I 392 8.03 6.38 20.55
N ASN I 393 7.43 7.56 20.73
CA ASN I 393 6.21 8.00 20.05
C ASN I 393 6.22 9.51 19.79
N MET I 394 7.23 9.99 19.07
CA MET I 394 7.26 11.40 18.68
C MET I 394 6.15 11.73 17.68
N TRP I 395 5.70 12.99 17.72
CA TRP I 395 4.40 13.43 17.19
C TRP I 395 3.17 12.81 17.86
N GLN I 396 3.34 11.97 18.90
CA GLN I 396 2.30 11.61 19.86
C GLN I 396 0.99 11.09 19.22
N ARG I 397 1.12 10.26 18.17
CA ARG I 397 -0.02 9.52 17.61
C ARG I 397 -0.49 8.46 18.61
N ILE I 398 -1.72 7.96 18.43
CA ILE I 398 -2.25 6.85 19.23
C ILE I 398 -1.69 5.51 18.75
N GLY I 399 -1.80 5.23 17.45
CA GLY I 399 -1.39 3.95 16.87
C GLY I 399 0.12 3.83 16.68
N GLN I 400 0.71 4.72 15.89
CA GLN I 400 2.11 4.64 15.48
C GLN I 400 3.05 4.60 16.70
N CYS I 401 4.06 3.74 16.63
CA CYS I 401 5.11 3.62 17.62
C CYS I 401 6.40 3.15 16.96
N MET I 402 7.54 3.60 17.45
CA MET I 402 8.86 3.17 16.99
C MET I 402 9.59 2.45 18.10
N TYR I 403 10.31 1.38 17.75
CA TYR I 403 11.40 0.86 18.56
C TYR I 403 12.71 1.26 17.91
N ALA I 404 13.52 2.02 18.62
CA ALA I 404 14.84 2.46 18.14
C ALA I 404 15.89 1.42 18.54
N PRO I 405 16.57 0.77 17.59
CA PRO I 405 17.53 -0.27 17.91
C PRO I 405 18.72 0.29 18.71
N PRO I 406 19.33 -0.49 19.61
CA PRO I 406 20.53 -0.08 20.32
C PRO I 406 21.68 0.21 19.35
N ILE I 407 22.54 1.17 19.69
CA ILE I 407 23.71 1.54 18.88
C ILE I 407 25.01 1.17 19.58
N GLN I 408 25.90 0.52 18.84
CA GLN I 408 27.08 -0.18 19.33
C GLN I 408 28.12 0.75 19.99
N GLY I 409 28.83 0.25 21.00
CA GLY I 409 30.00 0.92 21.58
C GLY I 409 29.63 2.03 22.55
N VAL I 410 30.34 3.15 22.47
CA VAL I 410 30.07 4.38 23.24
C VAL I 410 29.73 5.49 22.26
N ILE I 411 28.77 6.36 22.61
CA ILE I 411 28.41 7.53 21.81
C ILE I 411 28.33 8.77 22.69
N ARG I 412 28.74 9.89 22.09
CA ARG I 412 28.63 11.24 22.62
C ARG I 412 28.51 12.24 21.47
N CYS I 413 27.92 13.40 21.73
CA CYS I 413 27.75 14.44 20.75
C CYS I 413 27.86 15.82 21.41
N VAL I 414 28.20 16.82 20.61
CA VAL I 414 28.30 18.22 21.03
C VAL I 414 27.28 19.05 20.27
N SER I 415 26.72 20.07 20.90
CA SER I 415 25.66 20.87 20.30
C SER I 415 25.76 22.31 20.76
N ASN I 416 25.16 23.22 20.00
CA ASN I 416 24.94 24.59 20.45
C ASN I 416 23.49 24.69 20.94
N ILE I 417 23.28 25.14 22.17
CA ILE I 417 21.99 25.69 22.54
C ILE I 417 21.88 27.04 21.85
N THR I 418 20.90 27.17 20.98
CA THR I 418 20.58 28.39 20.24
C THR I 418 19.68 29.32 21.03
N GLY I 419 18.91 28.79 21.96
CA GLY I 419 17.82 29.49 22.61
C GLY I 419 16.93 28.52 23.37
N LEU I 420 15.82 28.98 23.93
CA LEU I 420 14.98 28.17 24.79
C LEU I 420 13.53 28.63 24.79
N ILE I 421 12.66 27.75 25.26
CA ILE I 421 11.22 28.00 25.35
C ILE I 421 10.87 28.21 26.82
N LEU I 422 10.27 29.34 27.16
CA LEU I 422 9.85 29.67 28.51
C LEU I 422 8.34 29.84 28.58
N THR I 423 7.76 29.55 29.72
CA THR I 423 6.37 29.80 30.06
C THR I 423 6.32 30.54 31.37
N ARG I 424 5.46 31.55 31.51
CA ARG I 424 5.42 32.42 32.69
C ARG I 424 4.22 32.08 33.53
N ASP I 425 4.40 31.70 34.79
CA ASP I 425 3.28 31.18 35.57
C ASP I 425 2.34 32.28 36.11
N GLY I 426 1.03 32.02 36.02
CA GLY I 426 -0.05 32.97 36.21
C GLY I 426 -0.48 33.10 37.65
N GLY I 427 0.41 33.45 38.56
CA GLY I 427 0.04 33.68 39.95
C GLY I 427 -0.93 34.86 40.10
N SER I 428 -2.00 34.73 40.90
CA SER I 428 -2.85 35.88 41.32
C SER I 428 -2.23 36.65 42.50
N THR I 429 -0.90 36.70 42.52
CA THR I 429 0.00 36.92 43.68
C THR I 429 0.34 38.38 43.93
N ASN I 430 1.22 38.61 44.92
CA ASN I 430 2.13 39.76 44.95
C ASN I 430 2.68 40.03 43.54
N SER I 431 2.65 41.30 43.11
CA SER I 431 2.91 41.69 41.71
C SER I 431 4.32 42.22 41.42
N THR I 432 5.24 42.20 42.38
CA THR I 432 6.64 42.58 42.12
C THR I 432 7.43 41.51 41.38
N THR I 433 6.91 40.32 41.14
CA THR I 433 7.73 39.17 40.73
C THR I 433 7.09 38.30 39.67
N GLU I 434 7.91 37.70 38.83
CA GLU I 434 7.52 36.78 37.77
C GLU I 434 8.38 35.53 37.88
N THR I 435 7.79 34.35 37.72
CA THR I 435 8.52 33.09 37.70
C THR I 435 8.40 32.45 36.33
N PHE I 436 9.52 32.13 35.70
CA PHE I 436 9.57 31.53 34.38
C PHE I 436 10.06 30.09 34.47
N ARG I 437 9.44 29.20 33.70
CA ARG I 437 9.71 27.76 33.73
C ARG I 437 10.00 27.26 32.33
N PRO I 438 10.88 26.27 32.13
CA PRO I 438 11.14 25.74 30.80
C PRO I 438 9.91 25.04 30.26
N GLY I 439 9.46 25.42 29.08
CA GLY I 439 8.05 25.29 28.70
C GLY I 439 7.60 23.95 28.12
N GLY I 440 8.51 23.09 27.68
CA GLY I 440 8.16 21.87 26.96
C GLY I 440 7.78 22.15 25.50
N GLY I 441 6.61 22.75 25.28
CA GLY I 441 6.20 23.34 24.00
C GLY I 441 5.83 22.35 22.87
N ASP I 442 5.15 22.87 21.85
CA ASP I 442 4.82 22.12 20.63
C ASP I 442 6.04 21.94 19.72
N MET I 443 6.11 20.84 18.97
CA MET I 443 7.25 20.53 18.10
C MET I 443 7.55 21.64 17.08
N ARG I 444 6.53 22.40 16.64
CA ARG I 444 6.68 23.51 15.70
C ARG I 444 7.74 24.52 16.10
N ASP I 445 7.85 24.82 17.39
CA ASP I 445 8.75 25.86 17.86
C ASP I 445 10.22 25.53 17.63
N ASN I 446 10.56 24.26 17.38
CA ASN I 446 11.90 23.84 16.98
C ASN I 446 12.35 24.43 15.64
N TRP I 447 11.42 24.92 14.79
CA TRP I 447 11.74 25.55 13.50
C TRP I 447 10.93 26.80 13.19
N ARG I 448 9.86 27.12 13.93
CA ARG I 448 9.28 28.48 13.91
C ARG I 448 10.32 29.54 14.28
N SER I 449 11.36 29.17 15.03
CA SER I 449 12.51 30.04 15.29
C SER I 449 13.33 30.39 14.04
N GLU I 450 13.17 29.70 12.90
CA GLU I 450 13.74 30.10 11.60
C GLU I 450 12.69 30.78 10.74
N LEU I 451 11.52 30.15 10.56
CA LEU I 451 10.48 30.62 9.67
C LEU I 451 9.80 31.94 10.12
N TYR I 452 10.26 32.58 11.18
CA TYR I 452 9.77 33.91 11.56
C TYR I 452 10.13 34.99 10.54
N LYS I 453 11.29 34.87 9.87
CA LYS I 453 11.78 35.88 8.93
C LYS I 453 11.15 35.81 7.53
N TYR I 454 10.41 34.76 7.20
CA TYR I 454 9.95 34.49 5.84
C TYR I 454 8.43 34.60 5.67
N LYS I 455 8.01 35.32 4.63
CA LYS I 455 6.62 35.46 4.19
C LYS I 455 6.50 34.96 2.75
N VAL I 456 5.38 34.39 2.34
CA VAL I 456 5.15 33.97 0.94
C VAL I 456 4.02 34.78 0.30
N VAL I 457 4.23 35.26 -0.92
CA VAL I 457 3.29 36.12 -1.63
C VAL I 457 3.02 35.62 -3.04
N LYS I 458 1.83 35.92 -3.55
CA LYS I 458 1.35 35.57 -4.88
C LYS I 458 1.41 36.81 -5.76
N ILE I 459 2.06 36.72 -6.92
CA ILE I 459 2.21 37.86 -7.82
C ILE I 459 0.88 38.15 -8.50
N GLU I 460 0.56 39.41 -8.76
CA GLU I 460 -0.67 39.86 -9.40
C GLU I 460 -0.35 40.73 -10.63
N PRO I 461 0.27 40.15 -11.66
CA PRO I 461 1.05 40.89 -12.63
C PRO I 461 0.23 41.76 -13.58
N LEU I 462 -1.10 41.67 -13.56
CA LEU I 462 -1.99 42.39 -14.46
C LEU I 462 -2.63 43.55 -13.72
N GLY I 463 -2.52 44.77 -14.23
CA GLY I 463 -3.06 45.96 -13.60
C GLY I 463 -3.53 46.99 -14.61
N VAL I 464 -4.42 47.88 -14.20
CA VAL I 464 -4.98 48.92 -15.07
C VAL I 464 -4.71 50.30 -14.49
N ALA I 465 -4.53 51.29 -15.34
CA ALA I 465 -4.35 52.68 -14.92
C ALA I 465 -4.79 53.65 -16.02
N PRO I 466 -5.22 54.86 -15.69
CA PRO I 466 -5.59 55.85 -16.67
C PRO I 466 -4.38 56.50 -17.33
N THR I 467 -4.56 56.88 -18.59
CA THR I 467 -3.76 57.91 -19.29
C THR I 467 -4.55 58.42 -20.50
N ARG I 468 -4.05 59.45 -21.18
CA ARG I 468 -4.76 60.20 -22.22
C ARG I 468 -4.85 59.55 -23.62
N CYS I 469 -4.22 58.39 -23.85
CA CYS I 469 -4.17 57.77 -25.18
C CYS I 469 -5.47 57.12 -25.66
N LYS I 470 -5.56 56.83 -26.96
CA LYS I 470 -6.70 56.16 -27.63
C LYS I 470 -6.21 54.96 -28.44
N ARG I 471 -6.93 53.84 -28.47
CA ARG I 471 -6.76 52.83 -29.55
C ARG I 471 -7.19 53.44 -30.88
N ARG I 472 -6.44 53.24 -31.96
CA ARG I 472 -6.80 53.76 -33.29
C ARG I 472 -8.01 53.03 -33.87
N VAL I 473 -8.84 53.74 -34.61
CA VAL I 473 -10.00 53.22 -35.36
C VAL I 473 -10.08 53.90 -36.73
N LEU J 9 18.82 46.01 -12.15
CA LEU J 9 17.63 45.58 -11.37
C LEU J 9 17.38 44.08 -11.58
N GLY J 10 16.81 43.41 -10.58
CA GLY J 10 16.37 42.01 -10.67
C GLY J 10 14.85 41.85 -10.54
N PHE J 11 14.39 40.61 -10.38
CA PHE J 11 12.97 40.28 -10.21
C PHE J 11 12.31 41.12 -9.12
N LEU J 12 11.17 41.75 -9.42
CA LEU J 12 10.44 42.67 -8.55
C LEU J 12 11.23 43.90 -8.06
N GLY J 13 12.45 44.15 -8.54
CA GLY J 13 13.32 45.19 -7.98
C GLY J 13 12.72 46.60 -7.99
N ALA J 14 11.80 46.88 -8.91
CA ALA J 14 11.09 48.16 -8.99
C ALA J 14 9.81 48.23 -8.13
N ALA J 15 9.49 47.27 -7.27
CA ALA J 15 8.19 47.26 -6.57
C ALA J 15 7.94 48.47 -5.65
N GLY J 16 9.00 49.03 -5.08
CA GLY J 16 8.95 50.31 -4.36
C GLY J 16 9.26 51.54 -5.21
N SER J 17 9.39 51.41 -6.53
CA SER J 17 9.53 52.53 -7.45
C SER J 17 8.20 53.26 -7.59
N THR J 18 8.26 54.54 -7.95
CA THR J 18 7.12 55.20 -8.61
C THR J 18 6.63 54.41 -9.83
N MET J 19 5.31 54.40 -10.08
CA MET J 19 4.67 53.69 -11.19
C MET J 19 5.29 54.04 -12.54
N GLY J 20 5.64 55.31 -12.75
CA GLY J 20 6.24 55.79 -13.99
C GLY J 20 7.48 54.98 -14.35
N ALA J 21 8.56 55.12 -13.60
CA ALA J 21 9.80 54.39 -13.85
C ALA J 21 9.68 52.86 -13.71
N ALA J 22 8.67 52.35 -12.99
CA ALA J 22 8.40 50.90 -12.97
C ALA J 22 7.89 50.37 -14.32
N SER J 23 7.30 51.22 -15.17
CA SER J 23 6.70 50.81 -16.44
C SER J 23 7.71 50.28 -17.45
N MET J 24 8.98 50.65 -17.36
CA MET J 24 10.03 50.29 -18.33
C MET J 24 10.68 48.92 -18.04
N THR J 25 10.19 48.16 -17.06
CA THR J 25 10.79 46.87 -16.66
C THR J 25 9.80 45.71 -16.57
N LEU J 26 8.60 45.82 -17.16
CA LEU J 26 7.52 44.84 -17.02
C LEU J 26 7.94 43.43 -17.46
N THR J 27 8.81 43.33 -18.46
CA THR J 27 9.34 42.05 -18.95
C THR J 27 10.03 41.20 -17.87
N VAL J 28 10.62 41.84 -16.85
CA VAL J 28 11.34 41.18 -15.75
C VAL J 28 10.41 40.36 -14.86
N GLN J 29 9.22 40.89 -14.54
CA GLN J 29 8.18 40.08 -13.89
C GLN J 29 7.64 39.03 -14.86
N ALA J 30 7.38 39.41 -16.12
CA ALA J 30 6.72 38.55 -17.09
C ALA J 30 7.48 37.24 -17.31
N ARG J 31 8.78 37.25 -17.60
CA ARG J 31 9.51 35.99 -17.88
C ARG J 31 9.54 35.06 -16.67
N ASN J 32 9.79 35.60 -15.49
CA ASN J 32 9.85 34.82 -14.25
C ASN J 32 8.49 34.21 -13.85
N LEU J 33 7.38 34.72 -14.39
CA LEU J 33 6.01 34.30 -14.04
C LEU J 33 5.68 32.84 -14.39
N LEU J 34 6.46 32.22 -15.28
CA LEU J 34 6.25 30.84 -15.73
C LEU J 34 7.56 30.05 -15.80
N SER J 35 8.60 30.62 -16.42
CA SER J 35 9.88 29.92 -16.63
C SER J 35 10.56 29.45 -15.32
N GLY J 36 10.20 30.03 -14.17
CA GLY J 36 10.62 29.60 -12.82
C GLY J 36 10.29 28.14 -12.50
N ILE J 37 9.43 27.48 -13.28
CA ILE J 37 9.23 26.02 -13.25
C ILE J 37 10.54 25.24 -13.49
N VAL J 38 11.61 25.88 -14.00
CA VAL J 38 12.96 25.29 -14.10
C VAL J 38 13.45 24.68 -12.78
N GLN J 39 13.11 25.28 -11.64
CA GLN J 39 13.41 24.73 -10.32
C GLN J 39 12.67 23.40 -10.09
N GLN J 40 11.37 23.35 -10.41
CA GLN J 40 10.50 22.20 -10.15
C GLN J 40 10.67 21.04 -11.13
N GLN J 41 11.02 21.32 -12.39
CA GLN J 41 11.23 20.27 -13.42
C GLN J 41 12.61 19.59 -13.33
N SER J 42 13.51 20.05 -12.44
CA SER J 42 14.90 19.57 -12.36
C SER J 42 15.08 18.19 -11.68
N ASN J 43 14.04 17.58 -11.11
CA ASN J 43 14.05 16.18 -10.68
C ASN J 43 12.66 15.52 -10.84
N HIS J 53 13.70 7.51 -5.77
CA HIS J 53 13.38 8.77 -6.44
C HIS J 53 12.65 8.57 -7.77
N LEU J 54 12.82 7.40 -8.40
CA LEU J 54 12.31 7.08 -9.74
C LEU J 54 10.79 6.78 -9.77
N LEU J 55 10.21 6.48 -8.61
CA LEU J 55 8.76 6.34 -8.38
C LEU J 55 8.43 6.47 -6.90
N LYS J 56 9.19 5.75 -6.06
CA LYS J 56 9.05 5.74 -4.58
C LYS J 56 9.17 7.16 -4.00
N LEU J 57 8.46 7.40 -2.89
CA LEU J 57 8.09 8.75 -2.40
C LEU J 57 7.32 9.56 -3.47
N THR J 58 6.38 8.91 -4.16
CA THR J 58 5.58 9.49 -5.25
C THR J 58 4.86 10.79 -4.83
N VAL J 59 4.56 10.94 -3.54
CA VAL J 59 3.96 12.13 -2.93
C VAL J 59 4.74 13.42 -3.23
N TRP J 60 6.07 13.40 -3.22
CA TRP J 60 6.86 14.60 -3.52
C TRP J 60 6.74 14.99 -4.99
N GLY J 61 6.69 13.99 -5.87
CA GLY J 61 6.27 14.17 -7.25
C GLY J 61 4.88 14.80 -7.34
N ILE J 62 3.92 14.36 -6.54
CA ILE J 62 2.58 14.95 -6.49
C ILE J 62 2.60 16.41 -6.03
N LYS J 63 3.43 16.78 -5.04
CA LYS J 63 3.58 18.20 -4.65
C LYS J 63 4.11 19.04 -5.81
N GLN J 64 5.18 18.60 -6.47
CA GLN J 64 5.70 19.28 -7.65
C GLN J 64 4.63 19.37 -8.75
N LEU J 65 3.96 18.26 -9.05
CA LEU J 65 3.02 18.18 -10.15
C LEU J 65 1.78 19.07 -9.95
N GLN J 66 1.21 19.07 -8.75
CA GLN J 66 0.09 19.96 -8.45
C GLN J 66 0.51 21.44 -8.53
N ALA J 67 1.71 21.78 -8.07
CA ALA J 67 2.22 23.14 -8.20
C ALA J 67 2.41 23.55 -9.67
N ARG J 68 2.94 22.64 -10.51
CA ARG J 68 3.13 22.90 -11.94
C ARG J 68 1.80 23.18 -12.65
N VAL J 69 0.77 22.35 -12.47
CA VAL J 69 -0.52 22.64 -13.14
C VAL J 69 -1.13 23.94 -12.65
N LEU J 70 -1.00 24.28 -11.37
CA LEU J 70 -1.48 25.55 -10.83
C LEU J 70 -0.73 26.74 -11.46
N ALA J 71 0.58 26.63 -11.67
CA ALA J 71 1.35 27.67 -12.32
C ALA J 71 0.93 27.90 -13.78
N VAL J 72 0.76 26.85 -14.60
CA VAL J 72 0.31 27.07 -15.98
C VAL J 72 -1.14 27.54 -16.04
N GLU J 73 -2.02 27.10 -15.16
CA GLU J 73 -3.40 27.62 -15.13
C GLU J 73 -3.41 29.12 -14.85
N ARG J 74 -2.66 29.62 -13.86
CA ARG J 74 -2.58 31.06 -13.60
C ARG J 74 -2.12 31.83 -14.82
N TYR J 75 -1.06 31.36 -15.48
CA TYR J 75 -0.57 32.01 -16.68
C TYR J 75 -1.58 31.99 -17.82
N LEU J 76 -2.23 30.86 -18.10
CA LEU J 76 -3.25 30.77 -19.14
C LEU J 76 -4.42 31.69 -18.85
N ARG J 77 -4.90 31.77 -17.61
CA ARG J 77 -6.02 32.65 -17.24
C ARG J 77 -5.70 34.11 -17.51
N ASP J 78 -4.52 34.58 -17.12
CA ASP J 78 -4.11 35.95 -17.44
C ASP J 78 -4.04 36.17 -18.94
N GLN J 79 -3.43 35.26 -19.70
CA GLN J 79 -3.36 35.41 -21.14
C GLN J 79 -4.73 35.37 -21.80
N GLN J 80 -5.64 34.51 -21.34
CA GLN J 80 -6.99 34.48 -21.89
C GLN J 80 -7.70 35.80 -21.65
N LEU J 81 -7.69 36.30 -20.41
CA LEU J 81 -8.34 37.54 -20.07
C LEU J 81 -7.78 38.70 -20.91
N LEU J 82 -6.45 38.77 -21.04
CA LEU J 82 -5.79 39.79 -21.84
C LEU J 82 -6.09 39.65 -23.34
N GLY J 83 -6.62 38.50 -23.77
CA GLY J 83 -6.91 38.19 -25.16
C GLY J 83 -8.40 38.23 -25.54
N ILE J 84 -9.34 38.29 -24.60
CA ILE J 84 -10.73 38.65 -24.93
C ILE J 84 -10.89 40.17 -25.01
N TRP J 85 -10.05 40.92 -24.30
CA TRP J 85 -9.75 42.31 -24.68
C TRP J 85 -8.84 42.29 -25.92
N GLY J 86 -8.59 43.45 -26.54
CA GLY J 86 -7.79 43.50 -27.78
C GLY J 86 -6.28 43.25 -27.62
N CYS J 87 -5.78 42.99 -26.42
CA CYS J 87 -4.39 43.19 -26.05
C CYS J 87 -3.44 42.01 -26.26
N SER J 88 -3.88 40.85 -26.73
CA SER J 88 -3.04 39.64 -26.66
C SER J 88 -1.68 39.81 -27.32
N GLY J 89 -0.61 39.45 -26.61
CA GLY J 89 0.76 39.58 -27.07
C GLY J 89 1.40 40.95 -26.86
N LYS J 90 0.82 41.81 -26.03
CA LYS J 90 1.34 43.16 -25.72
C LYS J 90 1.45 43.37 -24.22
N LEU J 91 2.52 44.03 -23.75
CA LEU J 91 2.75 44.27 -22.32
C LEU J 91 2.13 45.59 -21.87
N ILE J 92 2.08 46.57 -22.76
CA ILE J 92 1.35 47.83 -22.61
C ILE J 92 0.17 47.79 -23.56
N CYS J 93 -1.01 48.30 -23.20
CA CYS J 93 -2.02 48.55 -24.23
C CYS J 93 -2.98 49.70 -23.92
N CYS J 94 -3.04 50.68 -24.82
CA CYS J 94 -4.13 51.64 -24.87
C CYS J 94 -5.42 50.96 -25.27
N THR J 95 -6.56 51.53 -24.92
CA THR J 95 -7.87 50.90 -25.19
C THR J 95 -8.87 51.94 -25.68
N ASN J 96 -10.16 51.62 -25.62
CA ASN J 96 -11.24 52.55 -25.93
C ASN J 96 -12.44 52.35 -24.99
N VAL J 97 -12.22 52.54 -23.68
CA VAL J 97 -13.27 52.89 -22.70
C VAL J 97 -12.79 53.99 -21.77
N PRO J 98 -13.64 54.96 -21.39
CA PRO J 98 -13.25 56.11 -20.58
C PRO J 98 -13.12 55.77 -19.10
N TRP J 99 -12.26 56.51 -18.40
CA TRP J 99 -11.98 56.35 -16.98
C TRP J 99 -12.88 57.25 -16.14
N ASN J 100 -14.01 56.72 -15.67
CA ASN J 100 -14.90 57.47 -14.77
C ASN J 100 -14.16 57.83 -13.47
N SER J 101 -14.16 59.10 -13.09
CA SER J 101 -13.39 59.57 -11.92
C SER J 101 -13.80 58.89 -10.61
N SER J 102 -14.99 58.29 -10.55
CA SER J 102 -15.39 57.41 -9.45
C SER J 102 -14.36 56.30 -9.18
N TRP J 103 -13.69 55.78 -10.21
CA TRP J 103 -12.65 54.78 -10.05
C TRP J 103 -11.43 55.34 -9.32
N SER J 104 -11.08 56.61 -9.55
CA SER J 104 -10.12 57.35 -8.74
C SER J 104 -10.18 58.85 -9.06
N ASN J 105 -10.40 59.65 -8.02
CA ASN J 105 -10.42 61.11 -8.13
C ASN J 105 -9.04 61.76 -8.09
N ARG J 106 -7.96 60.97 -7.97
CA ARG J 106 -6.57 61.45 -8.05
C ARG J 106 -6.29 61.96 -9.47
N ASN J 107 -5.52 63.04 -9.61
CA ASN J 107 -5.16 63.52 -10.95
C ASN J 107 -4.14 62.59 -11.62
N LEU J 108 -3.98 62.70 -12.94
CA LEU J 108 -3.08 61.83 -13.71
C LEU J 108 -1.61 61.95 -13.26
N SER J 109 -1.17 63.16 -12.97
CA SER J 109 0.23 63.44 -12.67
C SER J 109 0.65 62.79 -11.35
N GLU J 110 -0.11 62.98 -10.28
CA GLU J 110 0.28 62.48 -8.95
C GLU J 110 0.44 60.96 -8.94
N ILE J 111 -0.38 60.22 -9.70
CA ILE J 111 -0.32 58.76 -9.69
C ILE J 111 0.89 58.26 -10.48
N TRP J 112 1.17 58.84 -11.65
CA TRP J 112 2.34 58.45 -12.43
C TRP J 112 3.66 58.97 -11.83
N ASP J 113 3.62 60.11 -11.14
CA ASP J 113 4.79 60.68 -10.49
C ASP J 113 5.15 59.96 -9.19
N ASN J 114 4.18 59.78 -8.29
CA ASN J 114 4.50 59.54 -6.88
C ASN J 114 4.17 58.12 -6.38
N MET J 115 2.98 57.62 -6.65
CA MET J 115 2.53 56.34 -6.11
C MET J 115 3.41 55.17 -6.58
N THR J 116 3.54 54.14 -5.77
CA THR J 116 4.05 52.83 -6.20
C THR J 116 2.91 51.96 -6.74
N TRP J 117 3.23 50.91 -7.49
CA TRP J 117 2.19 50.01 -7.98
C TRP J 117 1.43 49.30 -6.86
N LEU J 118 2.09 48.93 -5.77
CA LEU J 118 1.42 48.37 -4.60
C LEU J 118 0.38 49.34 -4.04
N GLN J 119 0.75 50.62 -3.91
CA GLN J 119 -0.17 51.62 -3.41
C GLN J 119 -1.34 51.84 -4.38
N TRP J 120 -1.08 51.86 -5.69
CA TRP J 120 -2.15 52.04 -6.65
C TRP J 120 -3.15 50.89 -6.61
N ASP J 121 -2.69 49.65 -6.51
CA ASP J 121 -3.58 48.50 -6.59
C ASP J 121 -4.69 48.54 -5.54
N LYS J 122 -4.33 48.78 -4.27
CA LYS J 122 -5.35 48.89 -3.22
C LYS J 122 -6.28 50.06 -3.48
N GLU J 123 -5.76 51.21 -3.89
CA GLU J 123 -6.56 52.42 -4.10
C GLU J 123 -7.58 52.33 -5.24
N ILE J 124 -7.48 51.36 -6.16
CA ILE J 124 -8.53 51.09 -7.16
C ILE J 124 -9.19 49.72 -7.02
N SER J 125 -8.76 48.90 -6.07
CA SER J 125 -9.14 47.48 -5.96
C SER J 125 -10.64 47.21 -6.13
N ASN J 126 -11.51 47.98 -5.48
CA ASN J 126 -12.96 47.81 -5.49
C ASN J 126 -13.58 47.78 -6.91
N TYR J 127 -13.15 48.68 -7.79
CA TYR J 127 -13.80 48.92 -9.08
C TYR J 127 -13.40 47.92 -10.18
N THR J 128 -12.34 47.15 -9.94
CA THR J 128 -11.67 46.33 -10.94
C THR J 128 -12.64 45.45 -11.74
N GLN J 129 -13.53 44.75 -11.05
CA GLN J 129 -14.45 43.82 -11.71
C GLN J 129 -15.47 44.52 -12.61
N ILE J 130 -15.75 45.80 -12.36
CA ILE J 130 -16.56 46.64 -13.24
C ILE J 130 -15.78 46.88 -14.53
N ILE J 131 -14.55 47.38 -14.38
CA ILE J 131 -13.70 47.86 -15.47
C ILE J 131 -13.42 46.75 -16.50
N TYR J 132 -13.18 45.52 -16.04
CA TYR J 132 -12.97 44.40 -16.95
C TYR J 132 -14.21 44.11 -17.82
N GLY J 133 -15.41 44.27 -17.26
CA GLY J 133 -16.65 44.10 -18.03
C GLY J 133 -16.80 45.14 -19.13
N LEU J 134 -16.47 46.40 -18.83
CA LEU J 134 -16.51 47.48 -19.83
C LEU J 134 -15.57 47.16 -21.00
N LEU J 135 -14.34 46.76 -20.68
CA LEU J 135 -13.32 46.43 -21.68
C LEU J 135 -13.77 45.30 -22.59
N GLU J 136 -14.25 44.20 -22.01
CA GLU J 136 -14.75 43.06 -22.75
C GLU J 136 -15.84 43.44 -23.76
N GLU J 137 -16.87 44.15 -23.29
CA GLU J 137 -17.99 44.50 -24.17
C GLU J 137 -17.58 45.47 -25.25
N SER J 138 -16.76 46.47 -24.92
CA SER J 138 -16.26 47.40 -25.93
C SER J 138 -15.51 46.66 -27.03
N GLN J 139 -14.74 45.63 -26.69
CA GLN J 139 -14.00 44.87 -27.69
C GLN J 139 -14.90 44.04 -28.59
N ASN J 140 -15.82 43.22 -28.06
CA ASN J 140 -16.55 42.31 -28.95
C ASN J 140 -17.41 43.07 -29.97
N GLN J 141 -18.12 44.12 -29.55
CA GLN J 141 -18.86 44.94 -30.50
C GLN J 141 -17.92 45.62 -31.50
N GLN J 142 -16.71 46.01 -31.09
CA GLN J 142 -15.72 46.57 -32.00
C GLN J 142 -15.30 45.55 -33.06
N GLU J 143 -15.03 44.29 -32.72
CA GLU J 143 -14.66 43.27 -33.72
C GLU J 143 -15.77 43.07 -34.75
N LYS J 144 -17.04 43.07 -34.33
CA LYS J 144 -18.15 42.99 -35.28
C LYS J 144 -18.24 44.24 -36.16
N ASN J 145 -18.02 45.45 -35.62
CA ASN J 145 -17.96 46.66 -36.43
C ASN J 145 -16.83 46.59 -37.47
N GLU J 146 -15.69 46.00 -37.11
CA GLU J 146 -14.59 45.80 -38.05
C GLU J 146 -14.95 44.79 -39.15
N GLN J 147 -15.66 43.70 -38.82
CA GLN J 147 -16.20 42.82 -39.86
C GLN J 147 -17.21 43.54 -40.76
N ASP J 148 -18.10 44.37 -40.20
CA ASP J 148 -19.06 45.14 -40.98
C ASP J 148 -18.39 46.06 -42.02
N LEU J 149 -17.14 46.47 -41.77
CA LEU J 149 -16.31 47.15 -42.75
C LEU J 149 -15.70 46.17 -43.77
N LEU J 150 -15.00 45.13 -43.32
CA LEU J 150 -14.36 44.18 -44.25
C LEU J 150 -15.35 43.45 -45.16
N ALA J 151 -16.63 43.34 -44.77
CA ALA J 151 -17.71 42.82 -45.61
C ALA J 151 -17.86 43.57 -46.95
N LEU J 152 -17.38 44.82 -47.02
CA LEU J 152 -17.41 45.67 -48.22
C LEU J 152 -16.02 46.21 -48.60
N ASP J 153 -14.95 45.70 -47.98
CA ASP J 153 -13.57 46.14 -48.19
C ASP J 153 -12.56 44.97 -48.09
N GLN K 1 -0.38 41.42 55.25
CA GLN K 1 -1.18 42.65 55.48
C GLN K 1 -2.50 42.68 54.71
N VAL K 2 -2.53 42.35 53.41
CA VAL K 2 -3.76 42.42 52.59
C VAL K 2 -4.94 41.70 53.26
N GLN K 3 -6.10 42.35 53.32
CA GLN K 3 -7.33 41.78 53.86
C GLN K 3 -8.53 42.51 53.29
N LEU K 4 -9.72 41.94 53.47
CA LEU K 4 -10.98 42.58 53.12
C LEU K 4 -12.10 42.18 54.07
N GLN K 5 -13.11 43.04 54.16
CA GLN K 5 -14.27 42.87 55.02
C GLN K 5 -15.54 43.18 54.27
N GLN K 6 -16.68 42.67 54.75
CA GLN K 6 -17.95 42.88 54.09
C GLN K 6 -19.10 42.91 55.08
N TRP K 7 -20.18 43.58 54.70
CA TRP K 7 -21.40 43.78 55.49
C TRP K 7 -22.55 44.22 54.59
N GLY K 8 -23.77 44.18 55.12
CA GLY K 8 -24.98 44.58 54.40
C GLY K 8 -26.25 43.99 55.03
N ALA K 9 -27.28 43.76 54.22
CA ALA K 9 -28.53 43.18 54.69
C ALA K 9 -28.36 41.71 55.12
N GLY K 10 -28.92 41.33 56.26
CA GLY K 10 -28.95 39.95 56.75
C GLY K 10 -30.26 39.23 56.43
N LEU K 11 -31.40 39.86 56.75
CA LEU K 11 -32.73 39.40 56.39
C LEU K 11 -33.26 40.17 55.19
N LEU K 12 -33.82 39.46 54.21
CA LEU K 12 -34.60 40.04 53.11
C LEU K 12 -35.95 39.35 53.01
N LYS K 13 -37.01 40.10 52.72
CA LYS K 13 -38.29 39.53 52.32
C LYS K 13 -38.24 39.15 50.84
N PRO K 14 -39.06 38.21 50.35
CA PRO K 14 -39.04 37.83 48.95
C PRO K 14 -39.27 39.01 48.02
N SER K 15 -38.68 38.98 46.83
CA SER K 15 -38.67 40.02 45.80
C SER K 15 -37.94 41.34 46.15
N GLU K 16 -37.36 41.48 47.34
CA GLU K 16 -36.48 42.63 47.64
C GLU K 16 -35.15 42.57 46.87
N THR K 17 -34.36 43.64 46.95
CA THR K 17 -33.00 43.70 46.38
C THR K 17 -31.95 43.64 47.49
N LEU K 18 -31.04 42.66 47.39
CA LEU K 18 -29.87 42.53 48.26
C LEU K 18 -28.88 43.66 47.99
N SER K 19 -28.14 44.07 49.02
CA SER K 19 -27.00 44.99 48.87
C SER K 19 -25.90 44.64 49.87
N LEU K 20 -24.72 44.24 49.39
CA LEU K 20 -23.55 43.89 50.20
C LEU K 20 -22.36 44.78 49.84
N THR K 21 -21.80 45.47 50.81
CA THR K 21 -20.56 46.24 50.66
C THR K 21 -19.37 45.35 50.92
N CYS K 22 -18.26 45.57 50.22
CA CYS K 22 -16.97 44.97 50.53
C CYS K 22 -15.90 46.06 50.52
N ALA K 23 -14.94 46.00 51.43
CA ALA K 23 -13.88 47.00 51.54
C ALA K 23 -12.51 46.36 51.66
N LEU K 24 -11.54 46.79 50.87
CA LEU K 24 -10.15 46.36 51.01
C LEU K 24 -9.43 47.13 52.11
N TYR K 25 -8.27 46.64 52.50
CA TYR K 25 -7.29 47.35 53.33
C TYR K 25 -5.87 47.03 52.87
N GLY K 26 -4.94 47.96 53.07
CA GLY K 26 -3.51 47.75 52.77
C GLY K 26 -3.13 47.72 51.28
N ARG K 27 -4.08 47.89 50.36
CA ARG K 27 -3.86 47.99 48.90
C ARG K 27 -4.99 48.69 48.16
N SER K 28 -4.73 49.13 46.93
CA SER K 28 -5.74 49.60 45.98
C SER K 28 -6.32 48.45 45.17
N LEU K 29 -7.49 48.67 44.55
CA LEU K 29 -8.14 47.66 43.72
C LEU K 29 -7.44 47.43 42.37
N ASN K 30 -6.56 48.35 41.96
CA ASN K 30 -5.89 48.30 40.66
C ASN K 30 -5.05 47.02 40.51
N GLY K 31 -4.85 46.57 39.27
CA GLY K 31 -4.07 45.37 38.99
C GLY K 31 -4.81 44.05 39.18
N ASN K 32 -6.02 44.04 39.77
CA ASN K 32 -6.84 42.84 39.97
C ASN K 32 -8.30 43.05 39.62
N TYR K 33 -8.95 42.05 39.04
CA TYR K 33 -10.39 41.93 39.14
C TYR K 33 -10.78 41.56 40.57
N TRP K 34 -12.03 41.77 40.93
CA TRP K 34 -12.61 41.38 42.21
C TRP K 34 -13.93 40.68 41.93
N SER K 35 -14.32 39.71 42.76
CA SER K 35 -15.50 38.89 42.53
C SER K 35 -16.31 38.69 43.77
N TRP K 36 -17.56 38.31 43.58
CA TRP K 36 -18.41 37.77 44.62
C TRP K 36 -18.68 36.30 44.36
N ILE K 37 -18.61 35.49 45.41
CA ILE K 37 -18.87 34.06 45.39
C ILE K 37 -19.86 33.80 46.51
N ARG K 38 -20.79 32.87 46.34
CA ARG K 38 -21.71 32.50 47.42
C ARG K 38 -21.77 31.01 47.62
N GLN K 39 -22.03 30.62 48.85
CA GLN K 39 -22.23 29.25 49.28
C GLN K 39 -23.70 29.06 49.60
N SER K 40 -24.29 28.02 49.04
CA SER K 40 -25.60 27.52 49.49
C SER K 40 -25.46 26.03 49.81
N PRO K 41 -25.90 25.54 50.97
CA PRO K 41 -25.70 24.14 51.37
C PRO K 41 -26.27 23.09 50.41
N GLY K 42 -27.20 23.47 49.53
CA GLY K 42 -27.72 22.60 48.47
C GLY K 42 -26.85 22.49 47.21
N LYS K 43 -25.89 23.41 47.01
CA LYS K 43 -25.09 23.50 45.75
C LYS K 43 -23.58 23.69 45.96
N GLY K 44 -23.12 23.87 47.19
CA GLY K 44 -21.74 24.27 47.42
C GLY K 44 -21.52 25.71 46.96
N LEU K 45 -20.37 25.97 46.34
CA LEU K 45 -19.98 27.31 45.90
C LEU K 45 -20.48 27.66 44.50
N GLU K 46 -20.83 28.93 44.31
CA GLU K 46 -21.19 29.55 43.04
C GLU K 46 -20.42 30.86 42.87
N TRP K 47 -19.84 31.08 41.70
CA TRP K 47 -19.26 32.37 41.34
C TRP K 47 -20.32 33.29 40.71
N ILE K 48 -20.50 34.49 41.25
CA ILE K 48 -21.54 35.42 40.81
C ILE K 48 -21.08 36.24 39.61
N GLY K 49 -19.85 36.75 39.63
CA GLY K 49 -19.35 37.65 38.60
C GLY K 49 -18.10 38.40 39.04
N GLU K 50 -17.70 39.41 38.28
CA GLU K 50 -16.49 40.16 38.55
C GLU K 50 -16.55 41.61 38.07
N ILE K 51 -15.77 42.44 38.73
CA ILE K 51 -15.65 43.88 38.58
C ILE K 51 -14.16 44.27 38.68
N ASN K 52 -13.80 45.50 38.35
CA ASN K 52 -12.44 46.02 38.48
C ASN K 52 -12.46 47.49 38.89
N HIS K 53 -11.30 48.09 39.11
CA HIS K 53 -11.16 49.51 39.50
C HIS K 53 -11.75 50.48 38.45
N SER K 54 -11.77 50.10 37.17
CA SER K 54 -12.47 50.86 36.11
C SER K 54 -13.99 50.78 36.20
N GLY K 55 -14.56 49.93 37.05
CA GLY K 55 -16.01 49.76 37.19
C GLY K 55 -16.67 48.99 36.04
N SER K 56 -15.89 48.49 35.07
CA SER K 56 -16.41 47.52 34.09
C SER K 56 -16.67 46.18 34.77
N THR K 57 -17.56 45.36 34.23
CA THR K 57 -17.94 44.09 34.86
C THR K 57 -18.14 42.98 33.85
N TYR K 58 -18.13 41.74 34.34
CA TYR K 58 -18.56 40.56 33.62
C TYR K 58 -19.31 39.66 34.59
N PHE K 59 -20.44 39.09 34.22
CA PHE K 59 -21.33 38.40 35.16
C PHE K 59 -21.56 36.96 34.77
N ASN K 60 -21.76 36.08 35.74
CA ASN K 60 -22.14 34.70 35.49
C ASN K 60 -23.49 34.70 34.74
N PRO K 61 -23.62 34.06 33.57
CA PRO K 61 -24.80 34.21 32.72
C PRO K 61 -26.16 33.98 33.40
N SER K 62 -26.28 33.06 34.34
CA SER K 62 -27.53 32.83 35.07
C SER K 62 -27.91 33.98 36.03
N PHE K 63 -26.96 34.83 36.43
CA PHE K 63 -27.20 35.98 37.30
C PHE K 63 -27.35 37.30 36.53
N LYS K 64 -26.95 37.40 35.26
CA LYS K 64 -26.79 38.70 34.56
C LYS K 64 -28.07 39.54 34.50
N SER K 65 -29.24 38.89 34.54
CA SER K 65 -30.56 39.52 34.55
C SER K 65 -31.02 40.04 35.93
N ARG K 66 -30.31 39.71 37.02
CA ARG K 66 -30.65 40.15 38.39
C ARG K 66 -29.52 40.87 39.11
N VAL K 67 -28.28 40.69 38.67
CA VAL K 67 -27.09 41.22 39.37
C VAL K 67 -26.78 42.65 38.97
N ALA K 68 -26.17 43.40 39.89
CA ALA K 68 -25.39 44.59 39.62
C ALA K 68 -24.15 44.57 40.52
N MET K 69 -23.02 45.08 40.03
CA MET K 69 -21.84 45.36 40.85
C MET K 69 -21.41 46.80 40.62
N SER K 70 -20.79 47.41 41.62
CA SER K 70 -20.27 48.78 41.52
C SER K 70 -18.97 48.93 42.31
N VAL K 71 -18.19 49.95 42.01
CA VAL K 71 -16.88 50.19 42.65
C VAL K 71 -16.78 51.63 43.14
N ASP K 72 -15.97 51.85 44.17
CA ASP K 72 -15.64 53.19 44.64
C ASP K 72 -14.16 53.22 45.02
N THR K 73 -13.32 53.41 44.01
CA THR K 73 -11.86 53.44 44.17
C THR K 73 -11.39 54.54 45.13
N SER K 74 -12.20 55.57 45.37
CA SER K 74 -11.86 56.64 46.31
C SER K 74 -11.89 56.18 47.77
N LYS K 75 -12.66 55.13 48.09
CA LYS K 75 -12.78 54.54 49.44
C LYS K 75 -12.16 53.14 49.55
N SER K 76 -11.55 52.63 48.48
CA SER K 76 -11.12 51.22 48.36
C SER K 76 -12.27 50.22 48.50
N GLN K 77 -13.49 50.60 48.11
CA GLN K 77 -14.67 49.74 48.25
C GLN K 77 -15.15 49.19 46.92
N PHE K 78 -15.97 48.16 46.99
CA PHE K 78 -16.84 47.71 45.91
C PHE K 78 -18.10 47.08 46.49
N SER K 79 -19.12 46.83 45.67
CA SER K 79 -20.38 46.29 46.17
C SER K 79 -21.10 45.42 45.17
N LEU K 80 -22.03 44.62 45.69
CA LEU K 80 -22.93 43.75 44.94
C LEU K 80 -24.35 44.13 45.30
N LYS K 81 -25.24 44.11 44.31
CA LYS K 81 -26.69 44.13 44.49
C LYS K 81 -27.34 43.03 43.67
N LEU K 82 -28.32 42.35 44.23
CA LEU K 82 -29.02 41.26 43.56
C LEU K 82 -30.53 41.48 43.66
N ASN K 83 -31.19 41.68 42.53
CA ASN K 83 -32.60 42.03 42.46
C ASN K 83 -33.51 40.82 42.67
N SER K 84 -34.70 41.09 43.19
CA SER K 84 -35.81 40.13 43.27
C SER K 84 -35.41 38.81 43.93
N VAL K 85 -34.85 38.88 45.13
CA VAL K 85 -34.39 37.67 45.83
C VAL K 85 -35.55 36.70 46.11
N THR K 86 -35.31 35.43 45.87
CA THR K 86 -36.21 34.33 46.26
C THR K 86 -35.59 33.57 47.44
N ALA K 87 -36.31 32.63 48.06
CA ALA K 87 -35.75 31.81 49.13
C ALA K 87 -34.40 31.15 48.75
N ALA K 88 -34.23 30.77 47.47
CA ALA K 88 -33.02 30.16 46.93
C ALA K 88 -31.78 31.06 46.99
N ASP K 89 -31.92 32.39 47.11
CA ASP K 89 -30.78 33.28 47.33
C ASP K 89 -30.29 33.29 48.79
N THR K 90 -30.90 32.51 49.68
CA THR K 90 -30.36 32.29 51.02
C THR K 90 -28.99 31.61 50.95
N GLY K 91 -28.02 32.04 51.76
CA GLY K 91 -26.68 31.44 51.77
C GLY K 91 -25.65 32.30 52.50
N ILE K 92 -24.37 31.95 52.34
CA ILE K 92 -23.25 32.80 52.75
C ILE K 92 -22.65 33.44 51.49
N TYR K 93 -22.40 34.74 51.50
CA TYR K 93 -21.81 35.48 50.40
C TYR K 93 -20.43 35.96 50.80
N PHE K 94 -19.45 35.82 49.91
CA PHE K 94 -18.05 36.19 50.06
C PHE K 94 -17.61 37.12 48.94
N CYS K 95 -16.81 38.14 49.23
CA CYS K 95 -16.06 38.89 48.24
C CYS K 95 -14.60 38.46 48.24
N ALA K 96 -14.00 38.23 47.06
CA ALA K 96 -12.66 37.66 46.94
C ALA K 96 -11.85 38.19 45.76
N ARG K 97 -10.54 38.30 45.91
CA ARG K 97 -9.62 38.80 44.87
C ARG K 97 -9.53 37.85 43.69
N GLY K 98 -9.70 38.33 42.47
CA GLY K 98 -9.68 37.52 41.26
C GLY K 98 -8.35 37.57 40.53
N LYS K 99 -8.38 37.32 39.22
CA LYS K 99 -7.20 37.37 38.34
C LYS K 99 -6.45 38.69 38.37
N ARG K 100 -5.15 38.66 38.10
CA ARG K 100 -4.32 39.87 37.98
C ARG K 100 -4.19 40.28 36.52
N TYR K 101 -4.24 41.58 36.26
CA TYR K 101 -4.49 42.13 34.93
C TYR K 101 -3.47 41.70 33.88
N SER K 102 -2.19 41.66 34.23
CA SER K 102 -1.09 41.25 33.34
C SER K 102 -0.90 39.72 33.22
N ALA K 103 -1.88 38.91 33.64
CA ALA K 103 -1.82 37.46 33.53
C ALA K 103 -3.22 36.89 33.24
N SER K 104 -3.61 36.86 31.97
CA SER K 104 -5.02 36.64 31.58
C SER K 104 -5.63 35.30 32.00
N TYR K 105 -4.84 34.31 32.37
CA TYR K 105 -5.33 33.06 32.95
C TYR K 105 -4.87 32.92 34.41
N SER K 106 -5.52 33.65 35.31
CA SER K 106 -5.20 33.61 36.74
C SER K 106 -6.42 33.80 37.64
N ASN K 107 -7.61 33.39 37.21
CA ASN K 107 -8.83 33.56 38.01
C ASN K 107 -9.00 32.46 39.08
N TYR K 108 -8.16 32.49 40.09
CA TYR K 108 -8.31 31.70 41.31
C TYR K 108 -8.11 32.56 42.55
N PHE K 109 -8.94 32.35 43.54
CA PHE K 109 -9.30 33.37 44.51
C PHE K 109 -8.39 33.37 45.72
N GLY K 110 -7.35 34.19 45.70
CA GLY K 110 -6.29 34.13 46.71
C GLY K 110 -6.70 34.59 48.11
N VAL K 111 -7.54 35.61 48.23
CA VAL K 111 -7.93 36.21 49.52
C VAL K 111 -9.43 36.46 49.54
N TRP K 112 -10.08 36.12 50.64
CA TRP K 112 -11.53 36.17 50.80
C TRP K 112 -11.87 37.01 52.01
N GLY K 113 -12.86 37.89 51.90
CA GLY K 113 -13.43 38.56 53.06
C GLY K 113 -14.12 37.57 54.00
N GLN K 114 -14.45 38.01 55.21
CA GLN K 114 -14.94 37.11 56.26
C GLN K 114 -16.30 36.43 55.95
N GLY K 115 -17.03 36.93 54.96
CA GLY K 115 -18.33 36.40 54.54
C GLY K 115 -19.51 36.94 55.35
N THR K 116 -20.70 36.94 54.74
CA THR K 116 -21.94 37.43 55.36
C THR K 116 -23.10 36.53 54.96
N GLN K 117 -24.08 36.32 55.86
CA GLN K 117 -25.15 35.36 55.65
C GLN K 117 -26.47 36.06 55.32
N VAL K 118 -27.09 35.68 54.21
CA VAL K 118 -28.36 36.23 53.71
C VAL K 118 -29.46 35.21 53.91
N THR K 119 -30.55 35.58 54.58
CA THR K 119 -31.76 34.76 54.70
C THR K 119 -32.93 35.45 54.01
N VAL K 120 -33.57 34.76 53.07
CA VAL K 120 -34.69 35.31 52.30
C VAL K 120 -36.00 34.68 52.73
N SER K 121 -36.76 35.38 53.58
CA SER K 121 -38.04 34.93 54.13
C SER K 121 -38.90 36.10 54.58
N SER K 122 -40.23 35.91 54.65
CA SER K 122 -41.16 36.89 55.20
C SER K 122 -41.05 37.09 56.72
N ALA K 123 -40.47 36.12 57.45
CA ALA K 123 -40.42 36.14 58.92
C ALA K 123 -39.57 37.29 59.45
N SER K 124 -40.06 37.97 60.49
CA SER K 124 -39.40 39.11 61.12
C SER K 124 -38.16 38.72 61.93
N THR K 125 -37.25 39.68 62.12
CA THR K 125 -36.15 39.55 63.10
C THR K 125 -36.73 39.28 64.49
N LYS K 126 -36.06 38.44 65.28
CA LYS K 126 -36.28 38.36 66.74
C LYS K 126 -34.96 38.14 67.46
N GLY K 127 -34.71 38.87 68.54
CA GLY K 127 -33.52 38.71 69.38
C GLY K 127 -33.67 37.57 70.40
N PRO K 128 -32.57 36.94 70.82
CA PRO K 128 -32.59 35.78 71.71
C PRO K 128 -32.89 36.15 73.16
N SER K 129 -33.59 35.25 73.84
CA SER K 129 -33.43 35.09 75.29
C SER K 129 -32.16 34.27 75.55
N VAL K 130 -31.45 34.59 76.63
CA VAL K 130 -30.27 33.84 77.08
C VAL K 130 -30.54 33.23 78.45
N PHE K 131 -30.45 31.91 78.53
CA PHE K 131 -30.66 31.15 79.73
C PHE K 131 -29.32 30.58 80.22
N PRO K 132 -28.89 30.85 81.46
CA PRO K 132 -27.73 30.19 82.01
C PRO K 132 -27.98 28.69 82.24
N LEU K 133 -27.02 27.85 81.87
CA LEU K 133 -26.99 26.40 82.11
C LEU K 133 -26.09 26.10 83.29
N ALA K 134 -26.67 26.08 84.49
CA ALA K 134 -25.96 25.72 85.73
C ALA K 134 -25.37 24.29 85.67
N PRO K 135 -24.30 24.01 86.44
CA PRO K 135 -23.74 22.65 86.54
C PRO K 135 -24.65 21.69 87.35
N SER K 136 -24.31 20.39 87.33
CA SER K 136 -24.85 19.37 88.24
C SER K 136 -23.82 18.92 89.29
N SER K 137 -24.24 18.84 90.55
CA SER K 137 -23.47 18.27 91.67
C SER K 137 -24.39 17.97 92.87
N SER K 141 -21.48 14.01 85.45
CA SER K 141 -20.44 13.18 86.08
C SER K 141 -20.08 13.64 87.50
N GLY K 142 -20.44 14.88 87.87
CA GLY K 142 -20.25 15.48 89.20
C GLY K 142 -18.80 15.88 89.55
N GLY K 143 -18.64 16.94 90.33
CA GLY K 143 -17.35 17.44 90.88
C GLY K 143 -16.37 18.07 89.88
N THR K 144 -16.32 17.55 88.65
CA THR K 144 -15.68 18.17 87.48
C THR K 144 -16.71 18.20 86.34
N ALA K 145 -17.83 18.87 86.61
CA ALA K 145 -19.02 18.94 85.77
C ALA K 145 -18.82 19.83 84.51
N ALA K 146 -19.91 20.23 83.87
CA ALA K 146 -19.92 21.28 82.84
C ALA K 146 -20.92 22.40 83.21
N LEU K 147 -20.64 23.63 82.78
CA LEU K 147 -21.60 24.76 82.84
C LEU K 147 -21.60 25.54 81.52
N GLY K 148 -22.63 26.34 81.25
CA GLY K 148 -22.82 26.94 79.93
C GLY K 148 -23.96 27.96 79.83
N CYS K 149 -24.36 28.28 78.60
CA CYS K 149 -25.48 29.14 78.28
C CYS K 149 -26.28 28.56 77.10
N LEU K 150 -27.61 28.69 77.16
CA LEU K 150 -28.57 28.33 76.12
C LEU K 150 -29.19 29.60 75.54
N VAL K 151 -29.11 29.77 74.24
CA VAL K 151 -29.59 30.94 73.50
C VAL K 151 -30.78 30.49 72.65
N LYS K 152 -31.94 31.14 72.77
CA LYS K 152 -33.20 30.53 72.28
C LYS K 152 -34.17 31.52 71.63
N ASP K 153 -34.90 31.01 70.63
CA ASP K 153 -35.98 31.70 69.92
C ASP K 153 -35.57 33.06 69.38
N TYR K 154 -34.63 33.03 68.43
CA TYR K 154 -34.17 34.18 67.67
C TYR K 154 -34.16 33.88 66.17
N PHE K 155 -34.17 34.92 65.36
CA PHE K 155 -34.11 34.80 63.90
C PHE K 155 -33.66 36.12 63.24
N PRO K 156 -33.01 36.08 62.08
CA PRO K 156 -32.34 34.90 61.50
C PRO K 156 -31.11 34.51 62.33
N GLU K 157 -30.41 33.45 61.95
CA GLU K 157 -28.99 33.31 62.32
C GLU K 157 -28.14 34.44 61.68
N PRO K 158 -26.97 34.77 62.24
CA PRO K 158 -26.30 34.10 63.35
C PRO K 158 -26.43 34.81 64.70
N VAL K 159 -26.39 34.03 65.78
CA VAL K 159 -25.87 34.49 67.08
C VAL K 159 -24.40 34.10 67.22
N THR K 160 -23.71 34.67 68.20
CA THR K 160 -22.38 34.21 68.64
C THR K 160 -22.26 34.25 70.16
N VAL K 161 -21.41 33.40 70.73
CA VAL K 161 -21.21 33.28 72.18
C VAL K 161 -19.73 33.21 72.52
N SER K 162 -19.32 33.87 73.61
CA SER K 162 -17.94 33.89 74.10
C SER K 162 -17.90 33.97 75.63
N TRP K 163 -16.82 33.48 76.24
CA TRP K 163 -16.75 33.28 77.69
C TRP K 163 -15.81 34.26 78.38
N ASN K 164 -16.29 34.89 79.45
CA ASN K 164 -15.59 35.92 80.23
C ASN K 164 -15.03 37.02 79.32
N SER K 165 -15.86 37.59 78.45
CA SER K 165 -15.45 38.58 77.44
C SER K 165 -14.36 38.06 76.49
N GLY K 166 -14.44 36.76 76.16
CA GLY K 166 -13.48 36.05 75.32
C GLY K 166 -12.17 35.69 76.02
N ALA K 167 -12.02 36.00 77.32
CA ALA K 167 -10.81 35.66 78.07
C ALA K 167 -10.71 34.15 78.39
N LEU K 168 -11.82 33.40 78.37
CA LEU K 168 -11.84 31.95 78.55
C LEU K 168 -12.19 31.25 77.22
N THR K 169 -11.41 30.24 76.84
CA THR K 169 -11.49 29.63 75.50
C THR K 169 -11.24 28.11 75.50
N SER K 170 -10.28 27.61 76.28
CA SER K 170 -9.93 26.19 76.29
C SER K 170 -11.06 25.32 76.85
N GLY K 171 -11.43 24.26 76.13
CA GLY K 171 -12.51 23.35 76.53
C GLY K 171 -13.93 23.90 76.33
N VAL K 172 -14.08 25.09 75.76
CA VAL K 172 -15.39 25.56 75.30
C VAL K 172 -15.83 24.71 74.10
N HIS K 173 -17.10 24.32 74.07
CA HIS K 173 -17.80 23.88 72.86
C HIS K 173 -19.05 24.72 72.64
N THR K 174 -19.32 25.08 71.38
CA THR K 174 -20.52 25.79 70.97
C THR K 174 -21.20 25.03 69.84
N PHE K 175 -22.46 24.65 70.05
CA PHE K 175 -23.18 23.78 69.14
C PHE K 175 -23.78 24.52 67.94
N PRO K 176 -23.81 23.90 66.75
CA PRO K 176 -24.57 24.40 65.62
C PRO K 176 -26.05 24.58 65.96
N ALA K 177 -26.71 25.50 65.25
CA ALA K 177 -28.09 25.88 65.54
C ALA K 177 -29.10 24.73 65.36
N VAL K 178 -30.09 24.72 66.25
CA VAL K 178 -31.22 23.82 66.30
C VAL K 178 -32.46 24.59 65.85
N LEU K 179 -33.14 24.11 64.82
CA LEU K 179 -34.49 24.57 64.47
C LEU K 179 -35.53 23.92 65.37
N GLN K 180 -36.63 24.63 65.58
CA GLN K 180 -37.63 24.34 66.61
C GLN K 180 -39.05 24.41 66.03
N SER K 181 -40.05 23.99 66.81
CA SER K 181 -41.46 24.18 66.47
C SER K 181 -41.84 25.65 66.25
N SER K 182 -41.14 26.60 66.89
CA SER K 182 -41.31 28.04 66.65
C SER K 182 -40.87 28.49 65.26
N GLY K 183 -40.14 27.65 64.50
CA GLY K 183 -39.46 28.02 63.26
C GLY K 183 -38.22 28.91 63.48
N LEU K 184 -37.96 29.32 64.72
CA LEU K 184 -36.80 30.10 65.14
C LEU K 184 -35.65 29.19 65.56
N TYR K 185 -34.44 29.74 65.67
CA TYR K 185 -33.26 28.99 66.06
C TYR K 185 -33.02 29.00 67.57
N SER K 186 -32.25 28.02 68.03
CA SER K 186 -31.65 27.96 69.36
C SER K 186 -30.34 27.17 69.35
N LEU K 187 -29.45 27.40 70.30
CA LEU K 187 -28.18 26.68 70.48
C LEU K 187 -27.63 26.88 71.89
N SER K 188 -26.59 26.14 72.26
CA SER K 188 -25.90 26.34 73.53
C SER K 188 -24.37 26.36 73.38
N SER K 189 -23.72 26.99 74.35
CA SER K 189 -22.27 26.96 74.53
C SER K 189 -21.93 26.52 75.94
N VAL K 190 -20.89 25.71 76.12
CA VAL K 190 -20.60 24.99 77.35
C VAL K 190 -19.11 24.84 77.56
N VAL K 191 -18.67 24.78 78.81
CA VAL K 191 -17.27 24.51 79.19
C VAL K 191 -17.22 23.60 80.40
N THR K 192 -16.28 22.65 80.37
CA THR K 192 -16.01 21.71 81.47
C THR K 192 -15.31 22.45 82.62
N VAL K 193 -15.81 22.27 83.84
CA VAL K 193 -15.35 23.01 85.02
C VAL K 193 -15.00 22.08 86.17
N PRO K 194 -13.73 22.06 86.63
CA PRO K 194 -13.39 21.58 87.96
C PRO K 194 -14.11 22.46 89.00
N SER K 195 -14.73 21.84 90.01
CA SER K 195 -15.49 22.57 91.05
C SER K 195 -14.64 23.57 91.85
N SER K 196 -13.31 23.44 91.86
CA SER K 196 -12.38 24.46 92.36
C SER K 196 -12.53 25.81 91.65
N SER K 197 -12.78 25.82 90.33
CA SER K 197 -12.95 27.05 89.55
C SER K 197 -14.23 27.82 89.92
N LEU K 198 -15.28 27.11 90.33
CA LEU K 198 -16.55 27.71 90.79
C LEU K 198 -16.37 28.55 92.07
N GLY K 199 -15.32 28.27 92.84
CA GLY K 199 -14.95 29.04 94.02
C GLY K 199 -14.24 30.37 93.73
N THR K 200 -13.98 30.72 92.47
CA THR K 200 -13.22 31.92 92.11
C THR K 200 -13.72 32.67 90.87
N GLN K 201 -14.13 31.98 89.80
CA GLN K 201 -14.50 32.64 88.54
C GLN K 201 -15.98 33.06 88.51
N THR K 202 -16.24 34.31 88.12
CA THR K 202 -17.59 34.78 87.74
C THR K 202 -17.84 34.40 86.26
N TYR K 203 -18.48 33.25 86.02
CA TYR K 203 -18.67 32.72 84.67
C TYR K 203 -19.69 33.54 83.87
N ILE K 204 -19.20 34.38 82.96
CA ILE K 204 -20.01 35.21 82.05
C ILE K 204 -19.97 34.60 80.65
N CYS K 205 -21.14 34.47 80.02
CA CYS K 205 -21.22 34.35 78.58
C CYS K 205 -21.68 35.68 77.99
N ASN K 206 -20.92 36.20 77.04
CA ASN K 206 -21.41 37.22 76.12
C ASN K 206 -22.24 36.53 75.05
N VAL K 207 -23.35 37.12 74.65
CA VAL K 207 -24.16 36.67 73.51
C VAL K 207 -24.49 37.88 72.65
N ASN K 208 -24.29 37.75 71.35
CA ASN K 208 -24.62 38.78 70.38
C ASN K 208 -25.52 38.18 69.29
N HIS K 209 -26.63 38.84 68.98
CA HIS K 209 -27.47 38.57 67.82
C HIS K 209 -27.38 39.73 66.84
N LYS K 210 -26.36 39.69 65.99
CA LYS K 210 -26.02 40.72 65.01
C LYS K 210 -27.20 41.19 64.14
N PRO K 211 -28.18 40.34 63.73
CA PRO K 211 -29.34 40.79 62.97
C PRO K 211 -30.23 41.78 63.72
N SER K 212 -30.48 41.57 65.02
CA SER K 212 -31.16 42.55 65.88
C SER K 212 -30.20 43.56 66.53
N ASN K 213 -28.89 43.33 66.42
CA ASN K 213 -27.82 43.94 67.21
C ASN K 213 -28.06 43.81 68.73
N THR K 214 -28.76 42.78 69.19
CA THR K 214 -28.92 42.53 70.63
C THR K 214 -27.60 42.01 71.21
N LYS K 215 -26.99 42.74 72.13
CA LYS K 215 -25.83 42.26 72.92
C LYS K 215 -26.21 42.08 74.38
N VAL K 216 -25.86 40.92 74.94
CA VAL K 216 -26.15 40.52 76.32
C VAL K 216 -24.87 39.97 76.94
N ASP K 217 -24.56 40.36 78.18
CA ASP K 217 -23.67 39.59 79.06
C ASP K 217 -24.52 38.91 80.15
N LYS K 218 -24.40 37.59 80.30
CA LYS K 218 -25.18 36.79 81.24
C LYS K 218 -24.25 35.93 82.11
N LYS K 219 -24.44 35.95 83.43
CA LYS K 219 -23.70 35.08 84.35
C LYS K 219 -24.39 33.72 84.47
N VAL K 220 -23.62 32.65 84.57
CA VAL K 220 -24.12 31.34 84.98
C VAL K 220 -24.18 31.24 86.50
N GLU K 221 -25.15 30.50 87.04
CA GLU K 221 -25.37 30.33 88.48
C GLU K 221 -24.86 28.95 88.95
N PRO K 222 -24.00 28.86 89.99
CA PRO K 222 -23.51 27.59 90.53
C PRO K 222 -24.56 26.77 91.33
N LYS K 223 -25.72 26.46 90.74
CA LYS K 223 -26.66 25.50 91.35
C LYS K 223 -26.09 24.07 91.38
N ASP L 1 -21.53 24.26 30.40
CA ASP L 1 -20.12 24.72 30.40
C ASP L 1 -19.21 23.61 30.94
N ILE L 2 -17.91 23.88 31.10
CA ILE L 2 -16.97 22.93 31.71
C ILE L 2 -17.29 22.80 33.20
N GLN L 3 -17.49 21.57 33.69
CA GLN L 3 -17.86 21.26 35.07
C GLN L 3 -16.93 20.24 35.70
N MET L 4 -16.76 20.32 37.03
CA MET L 4 -15.80 19.51 37.77
C MET L 4 -16.48 18.40 38.58
N THR L 5 -15.99 17.18 38.46
CA THR L 5 -16.43 16.03 39.26
C THR L 5 -15.33 15.62 40.23
N GLN L 6 -15.58 15.63 41.54
CA GLN L 6 -14.64 15.09 42.52
C GLN L 6 -14.87 13.61 42.82
N SER L 7 -13.84 12.95 43.32
CA SER L 7 -13.90 11.58 43.83
C SER L 7 -12.73 11.32 44.77
N PRO L 8 -12.95 10.74 45.96
CA PRO L 8 -14.24 10.34 46.51
C PRO L 8 -15.04 11.53 47.03
N SER L 9 -16.33 11.32 47.32
CA SER L 9 -17.20 12.34 47.92
C SER L 9 -16.96 12.54 49.41
N THR L 10 -16.61 11.48 50.13
CA THR L 10 -16.18 11.54 51.54
C THR L 10 -15.04 10.56 51.78
N LEU L 11 -14.24 10.82 52.81
CA LEU L 11 -12.97 10.15 53.01
C LEU L 11 -12.64 10.12 54.50
N SER L 12 -11.96 9.06 54.94
CA SER L 12 -11.33 8.99 56.25
C SER L 12 -10.01 8.25 56.23
N ALA L 13 -9.13 8.66 57.13
CA ALA L 13 -7.76 8.17 57.27
C ALA L 13 -7.25 8.54 58.66
N SER L 14 -6.15 7.93 59.10
CA SER L 14 -5.54 8.17 60.42
C SER L 14 -4.25 8.97 60.32
N VAL L 15 -3.83 9.53 61.44
CA VAL L 15 -2.65 10.40 61.49
C VAL L 15 -1.42 9.70 60.91
N GLY L 16 -0.65 10.40 60.08
CA GLY L 16 0.50 9.83 59.37
C GLY L 16 0.17 9.10 58.06
N ASP L 17 -1.09 8.85 57.72
CA ASP L 17 -1.46 8.30 56.42
C ASP L 17 -1.19 9.28 55.28
N ARG L 18 -0.81 8.78 54.10
CA ARG L 18 -1.01 9.51 52.85
C ARG L 18 -2.49 9.48 52.48
N VAL L 19 -3.03 10.57 51.94
CA VAL L 19 -4.40 10.66 51.42
C VAL L 19 -4.40 11.27 50.02
N ASP L 20 -5.18 10.72 49.09
CA ASP L 20 -5.32 11.24 47.73
C ASP L 20 -6.78 11.56 47.40
N ILE L 21 -7.03 12.76 46.90
CA ILE L 21 -8.32 13.24 46.41
C ILE L 21 -8.17 13.49 44.91
N THR L 22 -9.18 13.19 44.11
CA THR L 22 -9.12 13.41 42.65
C THR L 22 -10.24 14.31 42.18
N CYS L 23 -10.00 14.99 41.07
CA CYS L 23 -10.93 15.87 40.41
C CYS L 23 -10.81 15.66 38.91
N ARG L 24 -11.93 15.62 38.20
CA ARG L 24 -11.98 15.43 36.75
C ARG L 24 -12.82 16.49 36.09
N ALA L 25 -12.28 17.17 35.09
CA ALA L 25 -13.03 18.11 34.27
C ALA L 25 -13.90 17.38 33.26
N SER L 26 -15.09 17.89 32.97
CA SER L 26 -16.00 17.29 32.00
C SER L 26 -15.42 17.26 30.58
N GLN L 27 -14.45 18.12 30.28
CA GLN L 27 -13.62 18.12 29.09
C GLN L 27 -12.31 18.87 29.38
N SER L 28 -11.30 18.77 28.51
CA SER L 28 -9.94 19.24 28.78
C SER L 28 -9.84 20.69 29.25
N ILE L 29 -9.20 20.89 30.40
CA ILE L 29 -8.75 22.19 30.89
C ILE L 29 -7.23 22.16 30.95
N SER L 30 -6.55 23.10 30.29
CA SER L 30 -5.16 22.84 29.92
C SER L 30 -4.23 22.61 31.12
N ARG L 31 -4.32 23.48 32.13
CA ARG L 31 -3.83 23.24 33.50
C ARG L 31 -4.43 24.21 34.53
N TRP L 32 -5.49 24.90 34.15
CA TRP L 32 -6.05 26.04 34.87
C TRP L 32 -6.99 25.60 35.98
N LEU L 33 -6.43 25.02 37.03
CA LEU L 33 -7.18 24.45 38.13
C LEU L 33 -6.56 24.83 39.47
N ALA L 34 -7.36 24.93 40.50
CA ALA L 34 -6.92 25.21 41.84
C ALA L 34 -7.63 24.30 42.84
N TRP L 35 -7.08 24.17 44.05
CA TRP L 35 -7.66 23.40 45.14
C TRP L 35 -7.78 24.27 46.38
N TYR L 36 -8.84 24.10 47.16
CA TYR L 36 -9.10 24.88 48.36
C TYR L 36 -9.41 24.00 49.55
N GLN L 37 -9.00 24.41 50.74
CA GLN L 37 -9.44 23.84 52.01
C GLN L 37 -10.48 24.78 52.60
N GLN L 38 -11.64 24.28 53.01
CA GLN L 38 -12.60 25.01 53.83
C GLN L 38 -12.73 24.37 55.20
N LYS L 39 -12.39 25.09 56.26
CA LYS L 39 -12.86 24.73 57.62
C LYS L 39 -14.38 24.99 57.70
N PRO L 40 -15.17 24.24 58.45
CA PRO L 40 -16.59 24.52 58.63
C PRO L 40 -16.81 25.92 59.22
N GLY L 41 -17.70 26.70 58.60
CA GLY L 41 -18.04 28.05 59.07
C GLY L 41 -17.02 29.15 58.74
N LYS L 42 -16.06 28.90 57.84
CA LYS L 42 -15.02 29.86 57.43
C LYS L 42 -14.94 29.97 55.92
N ALA L 43 -14.31 31.03 55.45
CA ALA L 43 -13.99 31.17 54.04
C ALA L 43 -13.05 30.05 53.59
N PRO L 44 -13.20 29.51 52.37
CA PRO L 44 -12.19 28.71 51.74
C PRO L 44 -10.83 29.41 51.71
N LYS L 45 -9.76 28.64 51.57
CA LYS L 45 -8.38 29.07 51.50
C LYS L 45 -7.72 28.32 50.35
N VAL L 46 -6.94 28.97 49.51
CA VAL L 46 -6.27 28.27 48.39
C VAL L 46 -5.06 27.48 48.87
N LEU L 47 -4.85 26.30 48.30
CA LEU L 47 -3.70 25.43 48.57
C LEU L 47 -2.79 25.32 47.36
N ILE L 48 -3.37 25.08 46.20
CA ILE L 48 -2.68 24.74 44.96
C ILE L 48 -3.29 25.56 43.84
N TYR L 49 -2.50 26.00 42.88
CA TYR L 49 -2.96 26.60 41.63
C TYR L 49 -2.12 26.13 40.45
N GLU L 50 -2.55 26.40 39.22
CA GLU L 50 -2.06 25.71 38.01
C GLU L 50 -1.92 24.19 38.20
N ALA L 51 -2.88 23.60 38.92
CA ALA L 51 -2.89 22.20 39.31
C ALA L 51 -1.70 21.67 40.13
N SER L 52 -0.65 22.46 40.40
CA SER L 52 0.65 21.88 40.79
C SER L 52 1.58 22.80 41.58
N LEU L 53 1.29 24.08 41.73
CA LEU L 53 2.14 25.05 42.42
C LEU L 53 1.56 25.34 43.80
N LEU L 54 2.36 25.39 44.86
CA LEU L 54 1.85 25.77 46.19
C LEU L 54 1.59 27.28 46.27
N ALA L 55 0.49 27.68 46.89
CA ALA L 55 0.34 29.04 47.39
C ALA L 55 1.27 29.30 48.59
N ASN L 56 1.64 30.55 48.87
CA ASN L 56 2.46 30.87 50.03
C ASN L 56 1.73 30.56 51.35
N GLY L 57 2.48 30.15 52.38
CA GLY L 57 1.95 29.80 53.69
C GLY L 57 1.34 28.40 53.80
N VAL L 58 1.18 27.67 52.69
CA VAL L 58 0.75 26.27 52.70
C VAL L 58 1.84 25.38 53.28
N PRO L 59 1.56 24.51 54.27
CA PRO L 59 2.54 23.55 54.77
C PRO L 59 2.98 22.60 53.66
N SER L 60 4.28 22.30 53.55
CA SER L 60 4.80 21.61 52.37
C SER L 60 4.33 20.16 52.18
N ARG L 61 3.56 19.59 53.13
CA ARG L 61 2.95 18.26 52.96
C ARG L 61 1.87 18.19 51.89
N PHE L 62 1.19 19.29 51.56
CA PHE L 62 0.20 19.34 50.48
C PHE L 62 0.90 19.27 49.12
N SER L 63 0.25 18.73 48.10
CA SER L 63 0.84 18.70 46.75
C SER L 63 -0.21 18.43 45.69
N GLY L 64 -0.01 18.95 44.48
CA GLY L 64 -0.85 18.63 43.33
C GLY L 64 -0.11 17.76 42.33
N HIS L 65 -0.82 16.92 41.58
CA HIS L 65 -0.27 16.08 40.52
C HIS L 65 -1.24 16.01 39.35
N PHE L 66 -0.71 15.95 38.13
CA PHE L 66 -1.48 15.69 36.91
C PHE L 66 -0.54 15.28 35.78
N ASN L 67 -1.05 14.80 34.65
CA ASN L 67 -0.19 14.31 33.56
C ASN L 67 0.62 15.40 32.84
N GLY L 68 0.42 16.67 33.14
CA GLY L 68 1.27 17.79 32.68
C GLY L 68 0.96 18.29 31.28
N ARG L 69 0.48 17.43 30.39
CA ARG L 69 0.18 17.76 28.99
C ARG L 69 -0.95 18.78 28.88
N GLU L 70 -0.92 19.57 27.83
CA GLU L 70 -1.86 20.69 27.63
C GLU L 70 -3.32 20.28 27.40
N SER L 71 -3.61 18.98 27.25
CA SER L 71 -4.96 18.43 27.06
C SER L 71 -5.54 17.77 28.31
N ALA L 72 -4.94 17.98 29.49
CA ALA L 72 -5.31 17.33 30.74
C ALA L 72 -6.80 17.38 31.11
N THR L 73 -7.27 16.36 31.83
CA THR L 73 -8.63 16.29 32.39
C THR L 73 -8.66 15.81 33.84
N ASP L 74 -7.65 15.07 34.30
CA ASP L 74 -7.67 14.38 35.59
C ASP L 74 -6.56 14.88 36.50
N PHE L 75 -6.90 15.37 37.68
CA PHE L 75 -6.01 16.08 38.59
C PHE L 75 -6.12 15.48 39.98
N THR L 76 -5.04 15.53 40.77
CA THR L 76 -5.00 14.89 42.08
C THR L 76 -4.36 15.80 43.12
N LEU L 77 -4.92 15.85 44.31
CA LEU L 77 -4.32 16.48 45.47
C LEU L 77 -3.89 15.37 46.40
N THR L 78 -2.61 15.32 46.77
CA THR L 78 -2.05 14.31 47.65
C THR L 78 -1.57 14.95 48.93
N ILE L 79 -2.23 14.70 50.04
CA ILE L 79 -1.74 15.10 51.36
C ILE L 79 -0.73 14.03 51.77
N SER L 80 0.55 14.35 51.75
CA SER L 80 1.60 13.32 51.83
C SER L 80 1.83 12.74 53.24
N SER L 81 1.27 13.34 54.30
CA SER L 81 1.36 12.84 55.67
C SER L 81 0.32 13.51 56.56
N LEU L 82 -0.87 12.94 56.65
CA LEU L 82 -2.05 13.57 57.24
C LEU L 82 -1.86 13.95 58.71
N GLN L 83 -2.36 15.11 59.11
CA GLN L 83 -2.23 15.64 60.48
C GLN L 83 -3.61 15.95 61.09
N PRO L 84 -3.73 16.03 62.43
CA PRO L 84 -5.01 16.33 63.10
C PRO L 84 -5.72 17.59 62.63
N ASP L 85 -4.97 18.56 62.13
CA ASP L 85 -5.50 19.82 61.61
C ASP L 85 -6.17 19.71 60.23
N ASP L 86 -5.90 18.67 59.45
CA ASP L 86 -6.34 18.59 58.05
C ASP L 86 -7.82 18.17 57.89
N VAL L 87 -8.56 18.07 58.99
CA VAL L 87 -10.00 17.76 59.04
C VAL L 87 -10.87 18.90 58.50
N ALA L 88 -11.31 18.81 57.25
CA ALA L 88 -11.89 19.92 56.50
C ALA L 88 -12.60 19.44 55.22
N THR L 89 -13.25 20.36 54.48
CA THR L 89 -13.83 20.05 53.16
C THR L 89 -12.96 20.63 52.05
N TYR L 90 -12.65 19.85 51.03
CA TYR L 90 -11.70 20.21 49.97
C TYR L 90 -12.38 20.32 48.61
N TYR L 91 -12.29 21.46 47.93
CA TYR L 91 -12.88 21.70 46.63
C TYR L 91 -11.83 21.89 45.56
N CYS L 92 -11.95 21.23 44.41
CA CYS L 92 -11.26 21.69 43.22
C CYS L 92 -12.07 22.76 42.50
N GLN L 93 -11.46 23.50 41.60
CA GLN L 93 -12.11 24.57 40.82
C GLN L 93 -11.32 24.89 39.57
N HIS L 94 -11.93 24.85 38.39
CA HIS L 94 -11.23 25.28 37.17
C HIS L 94 -11.40 26.77 36.93
N TYR L 95 -10.55 27.36 36.10
CA TYR L 95 -10.66 28.74 35.67
C TYR L 95 -10.30 28.95 34.20
N MET L 96 -10.53 27.95 33.35
CA MET L 96 -10.34 28.15 31.91
C MET L 96 -11.41 29.08 31.33
N ALA L 97 -12.68 28.84 31.66
CA ALA L 97 -13.82 29.65 31.25
C ALA L 97 -14.30 30.54 32.41
N ASP L 98 -15.61 30.58 32.66
CA ASP L 98 -16.11 31.02 33.96
C ASP L 98 -15.54 30.11 35.05
N PRO L 99 -15.19 30.62 36.23
CA PRO L 99 -14.80 29.79 37.36
C PRO L 99 -15.92 28.84 37.78
N ARG L 100 -15.66 27.53 37.86
CA ARG L 100 -16.61 26.53 38.38
C ARG L 100 -15.95 25.60 39.37
N PHE L 101 -16.60 25.38 40.51
CA PHE L 101 -16.14 24.49 41.57
C PHE L 101 -16.62 23.07 41.35
N GLY L 102 -15.91 22.08 41.88
CA GLY L 102 -16.45 20.73 42.09
C GLY L 102 -17.33 20.67 43.34
N GLN L 103 -18.00 19.55 43.59
CA GLN L 103 -18.97 19.46 44.69
C GLN L 103 -18.33 19.46 46.10
N GLY L 104 -17.02 19.26 46.18
CA GLY L 104 -16.31 19.19 47.46
C GLY L 104 -16.28 17.78 48.06
N THR L 105 -15.12 17.43 48.63
CA THR L 105 -14.85 16.17 49.33
C THR L 105 -14.67 16.45 50.81
N LYS L 106 -15.29 15.70 51.72
CA LYS L 106 -15.05 15.90 53.16
C LYS L 106 -14.10 14.85 53.72
N LEU L 107 -13.13 15.28 54.51
CA LEU L 107 -12.13 14.41 55.15
C LEU L 107 -12.30 14.42 56.66
N GLU L 108 -12.64 13.27 57.26
CA GLU L 108 -12.74 13.08 58.71
C GLU L 108 -11.73 12.06 59.20
N ILE L 109 -11.05 12.34 60.30
CA ILE L 109 -9.92 11.54 60.79
C ILE L 109 -10.41 10.34 61.60
N LYS L 110 -9.73 9.21 61.46
CA LYS L 110 -9.94 7.97 62.24
C LYS L 110 -8.91 7.84 63.35
N ARG L 111 -9.36 7.52 64.55
CA ARG L 111 -8.56 7.42 65.78
C ARG L 111 -9.03 6.27 66.68
N THR L 112 -8.37 6.07 67.81
CA THR L 112 -8.83 5.13 68.85
C THR L 112 -10.17 5.55 69.45
N VAL L 113 -10.96 4.57 69.89
CA VAL L 113 -12.24 4.80 70.60
C VAL L 113 -12.01 5.52 71.92
N ALA L 114 -12.95 6.39 72.32
CA ALA L 114 -12.88 7.18 73.53
C ALA L 114 -14.28 7.46 74.07
N ALA L 115 -14.54 7.07 75.31
CA ALA L 115 -15.86 7.14 75.93
C ALA L 115 -16.28 8.57 76.29
N PRO L 116 -17.57 8.94 76.16
CA PRO L 116 -18.06 10.25 76.51
C PRO L 116 -18.02 10.55 78.01
N SER L 117 -17.44 11.69 78.37
CA SER L 117 -17.79 12.38 79.62
C SER L 117 -19.24 12.85 79.49
N VAL L 118 -20.12 12.44 80.41
CA VAL L 118 -21.55 12.80 80.36
C VAL L 118 -21.88 13.82 81.45
N PHE L 119 -22.58 14.89 81.08
CA PHE L 119 -23.01 15.94 82.01
C PHE L 119 -24.49 16.26 81.80
N ILE L 120 -25.21 16.55 82.88
CA ILE L 120 -26.58 17.09 82.81
C ILE L 120 -26.60 18.49 83.42
N PHE L 121 -27.35 19.40 82.81
CA PHE L 121 -27.50 20.78 83.25
C PHE L 121 -28.91 20.96 83.81
N PRO L 122 -29.11 20.94 85.13
CA PRO L 122 -30.41 21.25 85.72
C PRO L 122 -30.78 22.70 85.37
N PRO L 123 -31.97 22.98 84.79
CA PRO L 123 -32.34 24.32 84.36
C PRO L 123 -32.18 25.38 85.45
N SER L 124 -31.72 26.57 85.04
CA SER L 124 -31.90 27.79 85.81
C SER L 124 -33.39 28.15 85.90
N ASP L 125 -33.82 28.77 87.00
CA ASP L 125 -35.22 29.16 87.17
C ASP L 125 -35.63 30.19 86.11
N GLU L 126 -34.69 31.02 85.71
CA GLU L 126 -34.76 31.90 84.55
C GLU L 126 -35.14 31.16 83.26
N GLN L 127 -34.66 29.92 83.06
CA GLN L 127 -35.13 29.05 81.99
C GLN L 127 -36.53 28.50 82.27
N LEU L 128 -36.83 28.05 83.49
CA LEU L 128 -38.16 27.49 83.84
C LEU L 128 -39.30 28.48 83.57
N LYS L 129 -39.08 29.76 83.92
CA LYS L 129 -40.03 30.89 83.72
C LYS L 129 -40.41 31.15 82.26
N SER L 130 -39.72 30.53 81.29
CA SER L 130 -40.12 30.51 79.87
C SER L 130 -41.45 29.80 79.61
N GLY L 131 -42.02 29.11 80.61
CA GLY L 131 -43.13 28.17 80.40
C GLY L 131 -42.71 26.91 79.62
N THR L 132 -41.42 26.78 79.30
CA THR L 132 -40.86 25.75 78.40
C THR L 132 -39.65 25.09 79.10
N ALA L 133 -39.87 24.65 80.33
CA ALA L 133 -38.85 24.04 81.18
C ALA L 133 -38.06 22.95 80.43
N SER L 134 -36.73 23.10 80.37
CA SER L 134 -35.89 22.26 79.51
C SER L 134 -34.60 21.89 80.21
N VAL L 135 -34.08 20.69 79.93
CA VAL L 135 -32.88 20.15 80.57
C VAL L 135 -31.89 19.78 79.47
N VAL L 136 -30.61 20.07 79.66
CA VAL L 136 -29.57 19.71 78.68
C VAL L 136 -28.77 18.53 79.22
N CYS L 137 -28.47 17.55 78.37
CA CYS L 137 -27.58 16.44 78.66
C CYS L 137 -26.56 16.31 77.53
N LEU L 138 -25.29 16.12 77.86
CA LEU L 138 -24.16 16.42 76.99
C LEU L 138 -23.11 15.31 77.02
N LEU L 139 -22.63 14.92 75.86
CA LEU L 139 -21.50 14.02 75.65
C LEU L 139 -20.30 14.87 75.21
N ASN L 140 -19.21 14.83 75.96
CA ASN L 140 -18.02 15.61 75.63
C ASN L 140 -16.84 14.75 75.19
N ASN L 141 -16.15 15.23 74.15
CA ASN L 141 -14.81 14.81 73.72
C ASN L 141 -14.68 13.31 73.46
N PHE L 142 -15.68 12.70 72.81
CA PHE L 142 -15.77 11.26 72.59
C PHE L 142 -15.50 10.85 71.14
N TYR L 143 -15.22 9.56 70.91
CA TYR L 143 -15.09 8.99 69.58
C TYR L 143 -15.44 7.50 69.61
N PRO L 144 -16.01 6.90 68.55
CA PRO L 144 -16.50 7.54 67.33
C PRO L 144 -17.85 8.22 67.60
N ARG L 145 -18.35 8.99 66.64
CA ARG L 145 -19.53 9.87 66.77
C ARG L 145 -20.82 9.13 67.11
N GLU L 146 -20.92 7.84 66.77
CA GLU L 146 -22.14 7.02 66.77
C GLU L 146 -22.69 6.64 68.17
N ALA L 147 -22.58 7.54 69.15
CA ALA L 147 -23.39 7.49 70.35
C ALA L 147 -24.88 7.75 70.04
N LYS L 148 -25.73 7.38 70.98
CA LYS L 148 -27.19 7.56 70.99
C LYS L 148 -27.61 8.08 72.36
N VAL L 149 -28.56 9.01 72.39
CA VAL L 149 -29.05 9.62 73.63
C VAL L 149 -30.56 9.45 73.72
N GLN L 150 -31.04 9.16 74.92
CA GLN L 150 -32.45 8.91 75.22
C GLN L 150 -32.85 9.73 76.45
N TRP L 151 -34.14 10.03 76.58
CA TRP L 151 -34.69 10.73 77.74
C TRP L 151 -35.86 9.96 78.34
N LYS L 152 -35.98 10.03 79.66
CA LYS L 152 -36.99 9.33 80.44
C LYS L 152 -37.47 10.27 81.56
N VAL L 153 -38.75 10.59 81.57
CA VAL L 153 -39.37 11.56 82.50
C VAL L 153 -40.46 10.85 83.31
N ASP L 154 -40.47 11.02 84.64
CA ASP L 154 -40.98 9.99 85.57
C ASP L 154 -40.32 8.62 85.32
N ASN L 155 -39.08 8.64 84.82
CA ASN L 155 -38.38 7.50 84.23
C ASN L 155 -39.17 6.77 83.10
N ALA L 156 -40.13 7.44 82.45
CA ALA L 156 -40.89 6.92 81.31
C ALA L 156 -40.41 7.52 79.97
N LEU L 157 -40.23 6.67 78.97
CA LEU L 157 -39.56 7.01 77.71
C LEU L 157 -40.23 8.17 76.97
N GLN L 158 -39.44 9.21 76.67
CA GLN L 158 -39.83 10.38 75.88
C GLN L 158 -39.69 10.10 74.38
N SER L 159 -40.46 10.81 73.55
CA SER L 159 -40.22 10.85 72.10
C SER L 159 -40.71 12.17 71.50
N GLY L 160 -40.01 12.68 70.48
CA GLY L 160 -40.30 13.96 69.80
C GLY L 160 -39.94 15.21 70.63
N ASN L 161 -40.27 15.25 71.92
CA ASN L 161 -40.03 16.40 72.81
C ASN L 161 -38.56 16.50 73.30
N SER L 162 -37.60 16.02 72.52
CA SER L 162 -36.17 16.28 72.76
C SER L 162 -35.40 16.33 71.44
N GLN L 163 -34.28 17.05 71.43
CA GLN L 163 -33.50 17.37 70.22
C GLN L 163 -31.99 17.31 70.48
N GLU L 164 -31.19 17.18 69.43
CA GLU L 164 -29.73 17.07 69.53
C GLU L 164 -28.99 18.04 68.61
N SER L 165 -27.72 18.30 68.93
CA SER L 165 -26.77 18.97 68.05
C SER L 165 -25.37 18.37 68.22
N VAL L 166 -24.55 18.42 67.17
CA VAL L 166 -23.26 17.73 67.07
C VAL L 166 -22.18 18.73 66.65
N THR L 167 -21.03 18.76 67.32
CA THR L 167 -19.92 19.65 66.94
C THR L 167 -19.27 19.25 65.61
N GLU L 168 -18.38 20.09 65.11
CA GLU L 168 -17.32 19.64 64.19
C GLU L 168 -16.54 18.48 64.80
N GLN L 169 -15.80 17.73 63.97
CA GLN L 169 -14.74 16.88 64.47
C GLN L 169 -13.60 17.76 65.01
N ASP L 170 -13.25 17.64 66.28
CA ASP L 170 -12.28 18.51 66.93
C ASP L 170 -10.87 18.34 66.32
N SER L 171 -10.25 19.41 65.83
CA SER L 171 -8.92 19.35 65.22
C SER L 171 -7.81 18.94 66.18
N LYS L 172 -7.98 19.12 67.49
CA LYS L 172 -6.93 18.85 68.48
C LYS L 172 -6.76 17.36 68.78
N ASP L 173 -7.81 16.55 68.62
CA ASP L 173 -7.79 15.13 68.99
C ASP L 173 -8.78 14.24 68.19
N SER L 174 -9.39 14.76 67.14
CA SER L 174 -10.38 14.07 66.30
C SER L 174 -11.62 13.56 67.03
N THR L 175 -11.86 13.88 68.29
CA THR L 175 -13.11 13.55 68.97
C THR L 175 -14.26 14.48 68.55
N TYR L 176 -15.43 14.30 69.16
CA TYR L 176 -16.65 15.08 68.96
C TYR L 176 -17.27 15.40 70.31
N SER L 177 -18.18 16.37 70.32
CA SER L 177 -19.17 16.49 71.38
C SER L 177 -20.56 16.52 70.79
N LEU L 178 -21.53 16.01 71.53
CA LEU L 178 -22.93 15.93 71.13
C LEU L 178 -23.78 16.35 72.31
N SER L 179 -24.72 17.25 72.10
CA SER L 179 -25.63 17.71 73.13
C SER L 179 -27.05 17.27 72.79
N SER L 180 -27.84 17.03 73.82
CA SER L 180 -29.25 16.71 73.74
C SER L 180 -30.02 17.58 74.72
N THR L 181 -31.18 18.08 74.30
CA THR L 181 -32.07 18.88 75.16
C THR L 181 -33.43 18.22 75.28
N LEU L 182 -33.82 17.91 76.51
CA LEU L 182 -35.18 17.61 76.89
C LEU L 182 -36.01 18.89 76.87
N THR L 183 -37.11 18.87 76.13
CA THR L 183 -38.11 19.95 76.11
C THR L 183 -39.35 19.50 76.85
N LEU L 184 -39.83 20.30 77.78
CA LEU L 184 -41.11 20.16 78.45
C LEU L 184 -41.80 21.53 78.49
N SER L 185 -43.11 21.58 78.69
CA SER L 185 -43.70 22.79 79.26
C SER L 185 -43.31 22.89 80.74
N LYS L 186 -43.39 24.08 81.34
CA LYS L 186 -43.27 24.19 82.80
C LYS L 186 -44.33 23.33 83.48
N ALA L 187 -45.55 23.23 82.96
CA ALA L 187 -46.55 22.33 83.50
C ALA L 187 -46.11 20.85 83.50
N ASP L 188 -45.55 20.32 82.41
CA ASP L 188 -45.05 18.95 82.41
C ASP L 188 -43.87 18.76 83.35
N TYR L 189 -42.96 19.73 83.41
CA TYR L 189 -41.86 19.72 84.36
C TYR L 189 -42.38 19.70 85.81
N GLU L 190 -43.38 20.53 86.13
CA GLU L 190 -43.99 20.59 87.45
C GLU L 190 -44.83 19.36 87.77
N LYS L 191 -45.37 18.64 86.77
CA LYS L 191 -45.99 17.32 86.96
C LYS L 191 -44.94 16.29 87.37
N HIS L 192 -43.95 16.09 86.52
CA HIS L 192 -43.05 14.95 86.65
C HIS L 192 -41.98 15.15 87.75
N LYS L 193 -41.57 14.08 88.40
CA LYS L 193 -40.64 14.09 89.56
C LYS L 193 -39.18 13.99 89.14
N VAL L 194 -38.90 13.17 88.15
CA VAL L 194 -37.54 12.81 87.72
C VAL L 194 -37.38 13.07 86.24
N TYR L 195 -36.30 13.74 85.85
CA TYR L 195 -35.87 13.91 84.48
C TYR L 195 -34.55 13.16 84.33
N ALA L 196 -34.46 12.16 83.45
CA ALA L 196 -33.27 11.34 83.28
C ALA L 196 -32.85 11.26 81.81
N CYS L 197 -31.57 11.48 81.52
CA CYS L 197 -30.99 11.19 80.22
C CYS L 197 -30.20 9.89 80.26
N GLU L 198 -30.15 9.15 79.17
CA GLU L 198 -29.40 7.91 79.05
C GLU L 198 -28.59 7.86 77.77
N VAL L 199 -27.31 7.48 77.89
CA VAL L 199 -26.30 7.56 76.85
C VAL L 199 -25.80 6.18 76.50
N THR L 200 -25.95 5.82 75.24
CA THR L 200 -25.48 4.56 74.64
C THR L 200 -24.31 4.87 73.71
N HIS L 201 -23.21 4.11 73.80
CA HIS L 201 -22.02 4.34 72.97
C HIS L 201 -21.19 3.06 72.76
N GLN L 202 -20.36 3.04 71.71
CA GLN L 202 -19.41 1.97 71.43
C GLN L 202 -18.22 1.94 72.42
N GLY L 203 -17.81 3.09 72.95
CA GLY L 203 -16.69 3.19 73.90
C GLY L 203 -17.07 2.95 75.36
N LEU L 204 -18.33 3.15 75.73
CA LEU L 204 -18.86 2.81 77.05
C LEU L 204 -18.82 1.30 77.32
N SER L 205 -18.70 0.92 78.59
CA SER L 205 -18.90 -0.46 79.06
C SER L 205 -20.38 -0.86 79.11
N SER L 206 -21.26 0.08 79.45
CA SER L 206 -22.73 -0.05 79.49
C SER L 206 -23.38 1.35 79.47
N PRO L 207 -24.68 1.50 79.14
CA PRO L 207 -25.30 2.81 79.04
C PRO L 207 -25.24 3.61 80.35
N VAL L 208 -24.94 4.91 80.25
CA VAL L 208 -24.74 5.83 81.38
C VAL L 208 -25.89 6.83 81.49
N THR L 209 -26.36 7.08 82.71
CA THR L 209 -27.44 8.02 82.99
C THR L 209 -27.05 9.01 84.07
N LYS L 210 -27.46 10.26 83.84
CA LYS L 210 -27.57 11.30 84.86
C LYS L 210 -29.03 11.75 84.92
N SER L 211 -29.48 12.17 86.09
CA SER L 211 -30.85 12.63 86.31
C SER L 211 -30.93 13.81 87.26
N PHE L 212 -31.97 14.59 87.07
CA PHE L 212 -32.35 15.72 87.90
C PHE L 212 -33.70 15.41 88.54
N ASN L 213 -33.81 15.57 89.85
CA ASN L 213 -35.00 15.30 90.63
C ASN L 213 -35.55 16.62 91.16
N ARG L 214 -36.83 16.90 90.91
CA ARG L 214 -37.44 18.18 91.33
C ARG L 214 -37.39 18.31 92.85
N GLY L 215 -36.65 19.30 93.32
CA GLY L 215 -36.25 19.49 94.73
C GLY L 215 -34.73 19.52 94.98
N GLU L 216 -33.91 18.96 94.08
CA GLU L 216 -32.46 19.17 94.08
C GLU L 216 -32.07 20.61 93.70
N CYS L 217 -30.86 21.04 94.07
CA CYS L 217 -30.33 22.35 93.66
C CYS L 217 -30.08 22.40 92.14
C1 NAG M . 18.58 16.39 -50.31
C2 NAG M . 17.25 17.17 -50.30
C3 NAG M . 16.80 17.33 -51.77
C4 NAG M . 17.87 17.98 -52.66
C5 NAG M . 19.23 17.28 -52.52
C6 NAG M . 20.41 18.02 -53.17
C7 NAG M . 15.16 17.15 -48.99
C8 NAG M . 14.15 16.38 -48.12
N2 NAG M . 16.20 16.51 -49.51
O3 NAG M . 15.60 18.15 -51.84
O4 NAG M . 17.39 17.82 -54.06
O5 NAG M . 19.55 17.14 -51.09
O6 NAG M . 20.38 19.41 -52.80
O7 NAG M . 15.00 18.35 -49.21
C1 NAG M . 17.46 18.91 -55.06
C2 NAG M . 17.12 20.33 -54.53
C3 NAG M . 17.21 21.34 -55.67
C4 NAG M . 18.58 21.25 -56.38
C5 NAG M . 18.86 19.83 -56.87
C6 NAG M . 20.24 19.68 -57.51
C7 NAG M . 15.36 21.19 -53.01
C8 NAG M . 13.97 20.97 -52.40
N2 NAG M . 15.77 20.33 -53.94
O3 NAG M . 17.02 22.71 -55.19
O4 NAG M . 18.69 22.24 -57.47
O5 NAG M . 18.78 18.93 -55.69
O6 NAG M . 20.30 18.40 -58.15
O7 NAG M . 16.08 22.13 -52.67
C1 BMA M . 17.70 22.23 -58.56
C2 BMA M . 17.76 23.60 -59.26
C3 BMA M . 16.82 23.60 -60.48
C4 BMA M . 17.13 22.44 -61.43
C5 BMA M . 17.14 21.09 -60.71
C6 BMA M . 17.64 19.95 -61.60
O2 BMA M . 19.11 23.85 -59.71
O3 BMA M . 16.98 24.86 -61.17
O4 BMA M . 16.10 22.42 -62.46
O5 BMA M . 18.03 21.17 -59.52
O6 BMA M . 17.81 18.75 -60.81
C1 NAG N . 18.55 -40.48 -1.45
C2 NAG N . 18.63 -40.25 0.08
C3 NAG N . 20.09 -40.05 0.52
C4 NAG N . 21.04 -41.12 -0.02
C5 NAG N . 20.90 -41.29 -1.54
C6 NAG N . 21.72 -42.45 -2.10
C7 NAG N . 16.60 -39.07 0.84
C8 NAG N . 15.99 -37.72 1.25
N2 NAG N . 17.88 -39.05 0.46
O3 NAG N . 20.18 -40.03 1.97
O4 NAG N . 22.40 -40.62 0.26
O5 NAG N . 19.47 -41.53 -1.87
O6 NAG N . 21.15 -43.69 -1.65
O7 NAG N . 15.94 -40.10 0.83
C1 NAG N . 23.18 -41.41 1.22
C2 NAG N . 24.52 -40.69 1.49
C3 NAG N . 25.33 -41.46 2.56
C4 NAG N . 24.50 -41.64 3.84
C5 NAG N . 23.14 -42.29 3.55
C6 NAG N . 22.20 -42.37 4.77
C7 NAG N . 25.60 -39.35 -0.28
C8 NAG N . 26.39 -39.39 -1.60
N2 NAG N . 25.30 -40.53 0.25
O3 NAG N . 26.55 -40.74 2.89
O4 NAG N . 25.26 -42.49 4.74
O5 NAG N . 22.45 -41.54 2.48
O6 NAG N . 21.74 -41.04 5.12
O7 NAG N . 25.26 -38.29 0.24
C1 NAG O . 5.54 -39.75 -1.74
C2 NAG O . 5.22 -40.91 -2.69
C3 NAG O . 3.69 -41.03 -2.72
C4 NAG O . 3.17 -41.38 -1.33
C5 NAG O . 3.63 -40.34 -0.29
C6 NAG O . 3.36 -40.76 1.15
C7 NAG O . 5.42 -39.87 -4.91
C8 NAG O . 5.96 -40.07 -6.33
N2 NAG O . 5.80 -40.78 -4.02
O3 NAG O . 3.26 -42.02 -3.67
O4 NAG O . 1.71 -41.39 -1.49
O5 NAG O . 5.10 -40.13 -0.41
O6 NAG O . 2.20 -40.08 1.66
O7 NAG O . 4.71 -38.93 -4.61
C1 NAG O . 0.83 -42.38 -0.85
C2 NAG O . 1.39 -43.83 -0.83
C3 NAG O . 0.44 -44.77 -0.09
C4 NAG O . 0.01 -44.19 1.26
C5 NAG O . -0.50 -42.75 1.16
C6 NAG O . -0.81 -42.11 2.52
C7 NAG O . 2.75 -44.82 -2.62
C8 NAG O . 2.77 -45.38 -4.04
N2 NAG O . 1.60 -44.31 -2.20
O3 NAG O . 1.08 -46.05 0.14
O4 NAG O . -0.91 -45.05 2.06
O5 NAG O . 0.56 -41.96 0.52
O6 NAG O . -1.06 -40.71 2.34
O7 NAG O . 3.77 -44.80 -1.91
C1 BMA O . -1.99 -45.93 1.53
C2 BMA O . -3.15 -45.20 0.81
C3 BMA O . -4.22 -46.23 0.41
C4 BMA O . -3.61 -47.41 -0.40
C5 BMA O . -2.43 -48.05 0.34
C6 BMA O . -1.68 -49.10 -0.49
O2 BMA O . -2.70 -44.54 -0.39
O3 BMA O . -5.24 -45.58 -0.37
O4 BMA O . -4.65 -48.40 -0.58
O5 BMA O . -1.44 -46.99 0.68
O6 BMA O . -2.55 -50.22 -0.73
C1 NAG P . 3.20 -33.73 11.15
C2 NAG P . 4.47 -33.61 12.02
C3 NAG P . 4.59 -34.75 13.03
C4 NAG P . 3.31 -34.95 13.86
C5 NAG P . 2.08 -35.11 12.95
C6 NAG P . 0.76 -35.02 13.71
C7 NAG P . 6.22 -32.53 10.69
C8 NAG P . 7.57 -32.71 9.98
N2 NAG P . 5.67 -33.63 11.17
O3 NAG P . 5.70 -34.45 13.91
O4 NAG P . 3.37 -36.21 14.62
O5 NAG P . 2.02 -34.05 11.93
O6 NAG P . 0.50 -33.63 14.03
O7 NAG P . 5.69 -31.43 10.79
C1 NAG P . 4.39 -36.54 15.63
C2 NAG P . 4.29 -35.64 16.89
C3 NAG P . 5.22 -36.18 18.00
C4 NAG P . 4.86 -37.63 18.32
C5 NAG P . 5.05 -38.50 17.07
C6 NAG P . 4.67 -39.97 17.28
C7 NAG P . 3.95 -33.22 17.01
C8 NAG P . 4.50 -31.84 16.60
N2 NAG P . 4.65 -34.26 16.59
O3 NAG P . 5.08 -35.41 19.23
O4 NAG P . 5.65 -38.12 19.49
O5 NAG P . 4.17 -37.95 16.02
O6 NAG P . 5.26 -40.77 16.25
O7 NAG P . 2.94 -33.33 17.68
C1 BMA P . 7.11 -38.33 19.38
C2 BMA P . 7.64 -38.59 20.81
C3 BMA P . 9.10 -39.07 20.79
C4 BMA P . 9.31 -40.27 19.85
C5 BMA P . 8.78 -39.95 18.45
C6 BMA P . 8.85 -41.14 17.49
O2 BMA P . 6.83 -39.60 21.42
O3 BMA P . 9.46 -39.44 22.15
O4 BMA P . 10.72 -40.57 19.79
O5 BMA P . 7.37 -39.51 18.56
O6 BMA P . 8.12 -40.86 16.28
C1 NAG Q . 21.25 -19.53 4.35
C2 NAG Q . 22.53 -18.86 4.85
C3 NAG Q . 23.63 -19.07 3.81
C4 NAG Q . 23.88 -20.55 3.51
C5 NAG Q . 22.59 -21.28 3.13
C6 NAG Q . 22.69 -22.81 3.15
C7 NAG Q . 21.84 -16.95 6.22
C8 NAG Q . 21.71 -15.42 6.30
N2 NAG Q . 22.32 -17.43 5.08
O3 NAG Q . 24.88 -18.47 4.25
O4 NAG Q . 24.83 -20.46 2.36
O5 NAG Q . 21.49 -20.95 4.08
O6 NAG Q . 23.20 -23.24 4.43
O7 NAG Q . 21.51 -17.69 7.14
C1 NAG Q . 25.74 -21.51 1.88
C2 NAG Q . 26.41 -22.40 2.96
C3 NAG Q . 27.51 -23.22 2.26
C4 NAG Q . 26.91 -24.05 1.11
C5 NAG Q . 26.04 -23.21 0.15
C6 NAG Q . 25.26 -24.04 -0.88
C7 NAG Q . 27.81 -20.65 4.03
C8 NAG Q . 28.26 -20.04 5.36
N2 NAG Q . 26.95 -21.66 4.12
O3 NAG Q . 28.18 -24.09 3.21
O4 NAG Q . 27.96 -24.80 0.36
O5 NAG Q . 25.08 -22.38 0.92
O6 NAG Q . 24.33 -24.91 -0.20
O7 NAG Q . 28.20 -20.23 2.95
C1 BMA Q . 29.15 -24.09 -0.16
C2 BMA Q . 30.14 -25.12 -0.72
C3 BMA Q . 31.32 -24.44 -1.43
C4 BMA Q . 30.86 -23.39 -2.47
C5 BMA Q . 29.85 -22.40 -1.85
C6 BMA Q . 29.20 -21.46 -2.85
O2 BMA Q . 29.44 -25.94 -1.70
O3 BMA Q . 32.09 -25.49 -2.07
O4 BMA Q . 32.01 -22.63 -2.92
O5 BMA Q . 28.76 -23.17 -1.23
O6 BMA Q . 30.21 -20.60 -3.43
C1 NAG R . 31.95 0.60 -35.50
C2 NAG R . 33.33 0.26 -34.91
C3 NAG R . 34.04 1.57 -34.53
C4 NAG R . 34.16 2.52 -35.75
C5 NAG R . 32.78 2.74 -36.41
C6 NAG R . 32.88 3.48 -37.75
C7 NAG R . 33.15 -1.95 -33.88
C8 NAG R . 33.05 -2.74 -32.58
N2 NAG R . 33.22 -0.62 -33.76
O3 NAG R . 35.33 1.26 -33.95
O4 NAG R . 34.69 3.86 -35.38
O5 NAG R . 32.15 1.44 -36.69
O6 NAG R . 31.61 3.36 -38.41
O7 NAG R . 33.12 -2.50 -34.98
C1 NAG R . 36.11 4.03 -35.01
C2 NAG R . 37.08 4.20 -36.21
C3 NAG R . 38.52 4.29 -35.70
C4 NAG R . 38.72 5.32 -34.56
C5 NAG R . 37.58 5.27 -33.52
C6 NAG R . 37.55 6.46 -32.57
C7 NAG R . 37.21 1.87 -37.04
C8 NAG R . 37.38 1.02 -38.29
N2 NAG R . 36.98 3.17 -37.24
O3 NAG R . 39.38 4.63 -36.82
O4 NAG R . 39.95 4.86 -33.85
O5 NAG R . 36.27 5.23 -34.20
O6 NAG R . 38.63 6.37 -31.62
O7 NAG R . 37.22 1.40 -35.90
C1 BMA R . 41.12 5.71 -33.67
C2 BMA R . 42.07 5.72 -34.89
C3 BMA R . 43.27 6.62 -34.59
C4 BMA R . 42.84 8.03 -34.15
C5 BMA R . 41.86 7.97 -32.96
C6 BMA R . 41.31 9.35 -32.59
O2 BMA R . 41.40 6.25 -36.06
O3 BMA R . 44.09 6.72 -35.78
O4 BMA R . 44.02 8.77 -33.75
O5 BMA R . 40.73 7.09 -33.31
O6 BMA R . 40.32 9.19 -31.56
C1 NAG S . 9.49 -18.29 -28.59
C2 NAG S . 9.05 -18.62 -27.15
C3 NAG S . 8.14 -19.86 -27.16
C4 NAG S . 6.98 -19.68 -28.13
C5 NAG S . 7.43 -19.27 -29.53
C6 NAG S . 6.23 -18.91 -30.41
C7 NAG S . 10.53 -18.02 -25.31
C8 NAG S . 11.75 -18.40 -24.47
N2 NAG S . 10.21 -18.85 -26.28
O3 NAG S . 7.60 -20.09 -25.84
O4 NAG S . 6.30 -20.96 -28.24
O5 NAG S . 8.32 -18.10 -29.44
O6 NAG S . 5.58 -17.75 -29.85
O7 NAG S . 9.93 -16.98 -25.10
C1 NAG S . 4.90 -20.93 -27.82
C2 NAG S . 4.20 -22.25 -28.16
C3 NAG S . 2.74 -22.17 -27.69
C4 NAG S . 2.69 -21.85 -26.20
C5 NAG S . 3.47 -20.57 -25.87
C6 NAG S . 3.53 -20.28 -24.37
C7 NAG S . 5.19 -23.40 -30.08
C8 NAG S . 5.15 -23.64 -31.60
N2 NAG S . 4.30 -22.56 -29.59
O3 NAG S . 2.05 -23.42 -27.92
O4 NAG S . 1.29 -21.61 -25.83
O5 NAG S . 4.85 -20.73 -26.38
O6 NAG S . 4.36 -19.12 -24.13
O7 NAG S . 6.04 -23.95 -29.37
C1 BMA S . 0.74 -22.58 -24.88
C2 BMA S . -0.21 -21.84 -23.93
C3 BMA S . -0.77 -22.86 -22.97
C4 BMA S . -1.59 -23.92 -23.72
C5 BMA S . -0.69 -24.63 -24.76
C6 BMA S . -1.43 -25.57 -25.68
O2 BMA S . -1.27 -21.24 -24.71
O3 BMA S . -1.49 -22.16 -21.89
O4 BMA S . -2.08 -24.88 -22.76
O5 BMA S . 0.00 -23.62 -25.60
O6 BMA S . -2.52 -24.87 -26.37
C1 MAN S . -2.91 -21.85 -22.03
C2 MAN S . -3.17 -20.48 -21.40
C3 MAN S . -2.98 -20.53 -19.88
C4 MAN S . -3.82 -21.63 -19.23
C5 MAN S . -3.51 -23.00 -19.89
C6 MAN S . -4.38 -24.15 -19.35
O2 MAN S . -4.52 -20.05 -21.68
O3 MAN S . -3.34 -19.25 -19.33
O4 MAN S . -3.46 -21.68 -17.83
O5 MAN S . -3.67 -22.92 -21.36
O6 MAN S . -5.78 -23.85 -19.53
C1 MAN S . -2.21 -24.39 -27.71
C2 MAN S . -3.37 -23.51 -28.22
C3 MAN S . -4.64 -24.35 -28.40
C4 MAN S . -4.40 -25.57 -29.31
C5 MAN S . -3.19 -26.40 -28.83
C6 MAN S . -2.80 -27.48 -29.84
O2 MAN S . -3.05 -22.91 -29.52
O3 MAN S . -5.67 -23.52 -28.98
O4 MAN S . -5.59 -26.38 -29.26
O5 MAN S . -2.00 -25.53 -28.62
O6 MAN S . -1.51 -28.00 -29.49
C1 NAG T . 38.90 0.16 -24.11
C2 NAG T . 39.84 1.36 -24.36
C3 NAG T . 41.06 1.24 -23.44
C4 NAG T . 40.62 1.13 -21.99
C5 NAG T . 39.70 -0.07 -21.79
C6 NAG T . 39.20 -0.20 -20.34
C7 NAG T . 39.96 2.30 -26.62
C8 NAG T . 40.47 2.10 -28.05
N2 NAG T . 40.28 1.34 -25.76
O3 NAG T . 41.90 2.42 -23.58
O4 NAG T . 41.80 0.92 -21.15
O5 NAG T . 38.56 0.05 -22.69
O6 NAG T . 38.64 1.04 -19.89
O7 NAG T . 39.30 3.29 -26.29
C1 NAG T . 42.03 2.01 -20.21
C2 NAG T . 42.87 1.51 -19.03
C3 NAG T . 43.20 2.68 -18.10
C4 NAG T . 43.91 3.77 -18.88
C5 NAG T . 43.05 4.25 -20.05
C6 NAG T . 43.74 5.32 -20.90
C7 NAG T . 42.55 -0.81 -18.37
C8 NAG T . 41.71 -1.80 -17.58
N2 NAG T . 42.17 0.46 -18.31
O3 NAG T . 44.04 2.23 -17.01
O4 NAG T . 44.10 4.91 -17.98
O5 NAG T . 42.73 3.08 -20.90
O6 NAG T . 42.85 5.72 -21.94
O7 NAG T . 43.52 -1.17 -19.03
C1 BMA T . 45.45 5.13 -17.52
C2 BMA T . 45.56 6.58 -17.04
C3 BMA T . 46.96 6.80 -16.48
C4 BMA T . 47.18 5.89 -15.27
C5 BMA T . 46.98 4.40 -15.63
C6 BMA T . 46.88 3.49 -14.39
O2 BMA T . 44.58 6.83 -16.01
O3 BMA T . 47.21 8.21 -16.07
O4 BMA T . 48.53 6.05 -14.83
O5 BMA T . 45.74 4.21 -16.42
O6 BMA T . 45.46 3.23 -14.09
C1 MAN T . 45.11 2.54 -12.86
C2 MAN T . 45.32 1.02 -12.99
C3 MAN T . 44.38 0.45 -14.06
C4 MAN T . 42.95 0.81 -13.76
C5 MAN T . 42.83 2.32 -13.70
C6 MAN T . 41.42 2.92 -13.63
O2 MAN T . 45.00 0.40 -11.73
O3 MAN T . 44.46 -1.03 -14.19
O4 MAN T . 42.11 0.29 -14.82
O5 MAN T . 43.70 2.79 -12.60
O6 MAN T . 40.77 2.85 -12.33
C1 MAN T . 44.93 -1.38 -15.51
C2 MAN T . 44.58 -2.83 -15.84
C3 MAN T . 45.23 -3.75 -14.82
C4 MAN T . 46.75 -3.56 -14.87
C5 MAN T . 47.15 -2.10 -14.70
C6 MAN T . 48.60 -1.91 -15.11
O2 MAN T . 45.08 -3.14 -17.17
O3 MAN T . 44.87 -5.11 -15.18
O4 MAN T . 47.36 -4.30 -13.79
O5 MAN T . 46.36 -1.19 -15.56
O6 MAN T . 48.72 -2.21 -16.50
C1 MAN T . 40.53 1.52 -11.79
C2 MAN T . 39.14 1.46 -11.11
C3 MAN T . 39.13 2.13 -9.73
C4 MAN T . 40.32 1.70 -8.88
C5 MAN T . 41.61 2.04 -9.64
C6 MAN T . 42.90 1.82 -8.87
O2 MAN T . 38.75 0.08 -10.95
O3 MAN T . 37.91 1.73 -9.06
O4 MAN T . 40.28 2.45 -7.64
O5 MAN T . 41.61 1.19 -10.86
O6 MAN T . 44.03 2.07 -9.73
C1 MAN T . 46.70 9.33 -16.88
C2 MAN T . 47.26 9.34 -18.32
C3 MAN T . 48.73 9.81 -18.38
C4 MAN T . 48.96 11.13 -17.63
C5 MAN T . 48.45 11.00 -16.19
C6 MAN T . 48.58 12.30 -15.39
O2 MAN T . 46.46 10.25 -19.13
O3 MAN T . 49.12 9.98 -19.76
O4 MAN T . 50.37 11.41 -17.62
O5 MAN T . 47.02 10.61 -16.20
O6 MAN T . 47.88 12.14 -14.14
C1 NAG U . 32.69 -27.30 -18.88
C2 NAG U . 31.78 -27.69 -17.70
C3 NAG U . 32.60 -28.47 -16.68
C4 NAG U . 33.22 -29.71 -17.34
C5 NAG U . 34.08 -29.30 -18.54
C6 NAG U . 34.65 -30.50 -19.31
C7 NAG U . 29.84 -26.47 -16.89
C8 NAG U . 29.30 -25.21 -16.21
N2 NAG U . 31.14 -26.52 -17.11
O3 NAG U . 31.72 -28.91 -15.62
O4 NAG U . 34.09 -30.41 -16.39
O5 NAG U . 33.25 -28.51 -19.47
O6 NAG U . 33.59 -31.42 -19.63
O7 NAG U . 29.09 -27.38 -17.22
C1 NAG U . 33.52 -31.62 -15.79
C2 NAG U . 34.64 -32.58 -15.35
C3 NAG U . 34.04 -33.77 -14.58
C4 NAG U . 33.20 -33.29 -13.40
C5 NAG U . 32.09 -32.36 -13.88
C6 NAG U . 31.24 -31.76 -12.75
C7 NAG U . 36.67 -32.83 -16.67
C8 NAG U . 37.33 -33.50 -17.89
N2 NAG U . 35.38 -33.06 -16.51
O3 NAG U . 35.09 -34.64 -14.08
O4 NAG U . 32.61 -34.48 -12.77
O5 NAG U . 32.70 -31.25 -14.64
O6 NAG U . 32.09 -31.08 -11.82
O7 NAG U . 37.31 -32.12 -15.90
C1 BMA U . 32.84 -34.49 -11.31
C2 BMA U . 31.96 -35.55 -10.64
C3 BMA U . 32.19 -35.50 -9.12
C4 BMA U . 33.67 -35.75 -8.81
C5 BMA U . 34.59 -34.79 -9.60
C6 BMA U . 36.07 -35.07 -9.46
O2 BMA U . 32.29 -36.86 -11.15
O3 BMA U . 31.38 -36.51 -8.39
O4 BMA U . 33.87 -35.53 -7.39
O5 BMA U . 34.24 -34.83 -11.03
O6 BMA U . 36.34 -36.48 -9.77
C1 MAN U . 29.93 -36.31 -8.41
C2 MAN U . 29.29 -36.95 -7.16
C3 MAN U . 29.37 -38.48 -7.24
C4 MAN U . 28.80 -39.03 -8.55
C5 MAN U . 29.43 -38.35 -9.77
C6 MAN U . 28.73 -38.72 -11.08
O2 MAN U . 27.89 -36.56 -7.08
O3 MAN U . 28.64 -39.05 -6.12
O4 MAN U . 29.08 -40.46 -8.58
O5 MAN U . 29.35 -36.88 -9.63
O6 MAN U . 28.81 -40.13 -11.31
C1 MAN U . 37.65 -36.92 -9.29
C2 MAN U . 37.96 -38.33 -9.80
C3 MAN U . 36.98 -39.34 -9.18
C4 MAN U . 36.94 -39.27 -7.65
C5 MAN U . 36.69 -37.84 -7.17
C6 MAN U . 36.79 -37.65 -5.65
O2 MAN U . 39.31 -38.74 -9.41
O3 MAN U . 37.38 -40.67 -9.59
O4 MAN U . 35.85 -40.12 -7.21
O5 MAN U . 37.66 -36.91 -7.81
O6 MAN U . 38.17 -37.64 -5.25
C1 NAG V . 27.60 -30.37 -18.36
C2 NAG V . 27.79 -30.82 -16.91
C3 NAG V . 29.11 -31.54 -16.73
C4 NAG V . 29.35 -32.64 -17.75
C5 NAG V . 29.22 -32.06 -19.16
C6 NAG V . 29.34 -33.06 -20.31
C7 NAG V . 27.42 -29.67 -14.77
C8 NAG V . 27.38 -28.32 -14.05
N2 NAG V . 27.75 -29.64 -16.05
O3 NAG V . 29.17 -32.14 -15.41
O4 NAG V . 30.74 -33.09 -17.49
O5 NAG V . 27.88 -31.46 -19.29
O6 NAG V . 30.62 -32.92 -20.92
O7 NAG V . 27.20 -30.74 -14.21
C1 NAG V . 31.20 -34.47 -17.65
C2 NAG V . 30.28 -35.58 -17.11
C3 NAG V . 30.92 -36.96 -17.31
C4 NAG V . 31.50 -37.19 -18.72
C5 NAG V . 32.28 -35.95 -19.23
C6 NAG V . 32.70 -36.01 -20.69
C7 NAG V . 28.81 -35.36 -15.14
C8 NAG V . 28.74 -35.16 -13.63
N2 NAG V . 30.03 -35.39 -15.67
O3 NAG V . 29.91 -37.97 -17.03
O4 NAG V . 32.50 -38.29 -18.73
O5 NAG V . 31.46 -34.74 -19.04
O6 NAG V . 33.38 -34.78 -21.00
O7 NAG V . 27.80 -35.51 -15.83
C1 BMA V . 32.15 -39.61 -18.17
C2 BMA V . 33.04 -40.65 -18.84
C3 BMA V . 32.85 -42.04 -18.22
C4 BMA V . 33.05 -42.01 -16.69
C5 BMA V . 32.22 -40.89 -16.02
C6 BMA V . 32.64 -40.65 -14.56
O2 BMA V . 34.43 -40.26 -18.67
O3 BMA V . 33.81 -42.93 -18.84
O4 BMA V . 32.61 -43.28 -16.14
O5 BMA V . 32.41 -39.61 -16.73
O6 BMA V . 32.47 -41.86 -13.78
C1 NAG W . 33.93 -31.51 -27.48
C2 NAG W . 35.28 -32.21 -27.21
C3 NAG W . 35.27 -33.63 -27.79
C4 NAG W . 34.09 -34.44 -27.24
C5 NAG W . 32.76 -33.67 -27.37
C6 NAG W . 31.60 -34.34 -26.62
C7 NAG W . 36.64 -31.06 -28.94
C8 NAG W . 37.95 -30.30 -29.21
N2 NAG W . 36.44 -31.42 -27.68
O3 NAG W . 36.51 -34.29 -27.45
O4 NAG W . 33.95 -35.67 -28.05
O5 NAG W . 32.88 -32.29 -26.86
O6 NAG W . 31.66 -33.98 -25.23
O7 NAG W . 35.86 -31.35 -29.84
C1 NAG W . 34.59 -36.91 -27.60
C2 NAG W . 33.99 -38.10 -28.38
C3 NAG W . 34.79 -39.41 -28.17
C4 NAG W . 36.27 -39.16 -28.44
C5 NAG W . 36.82 -38.05 -27.53
C6 NAG W . 38.31 -37.75 -27.72
C7 NAG W . 31.57 -38.22 -28.84
C8 NAG W . 30.18 -38.44 -28.23
N2 NAG W . 32.59 -38.29 -27.99
O3 NAG W . 34.31 -40.45 -29.04
O4 NAG W . 37.11 -40.39 -28.42
O5 NAG W . 36.04 -36.84 -27.84
O6 NAG W . 38.54 -37.22 -29.04
O7 NAG W . 31.72 -37.97 -30.03
C1 BMA W . 37.04 -41.55 -27.50
C2 BMA W . 37.29 -41.23 -26.01
C3 BMA W . 37.33 -42.54 -25.22
C4 BMA W . 36.05 -43.37 -25.44
C5 BMA W . 35.79 -43.60 -26.94
C6 BMA W . 34.47 -44.34 -27.24
O2 BMA W . 36.21 -40.42 -25.47
O3 BMA W . 37.49 -42.25 -23.81
O4 BMA W . 36.24 -44.65 -24.79
O5 BMA W . 35.80 -42.31 -27.66
O6 BMA W . 33.35 -43.55 -26.81
C1 NAG X . -36.07 31.33 -29.60
C2 NAG X . -35.10 32.48 -29.31
C3 NAG X . -35.92 33.78 -29.38
C4 NAG X . -36.60 33.98 -30.74
C5 NAG X . -37.43 32.75 -31.12
C6 NAG X . -37.93 32.70 -32.56
C7 NAG X . -33.21 32.67 -27.77
C8 NAG X . -32.78 32.82 -26.30
N2 NAG X . -34.50 32.38 -27.98
O3 NAG X . -35.09 34.94 -29.09
O4 NAG X . -37.47 35.17 -30.54
O5 NAG X . -36.63 31.52 -30.94
O6 NAG X . -36.88 33.10 -33.46
O7 NAG X . -32.41 32.80 -28.69
C1 NAG X . -37.69 36.18 -31.59
C2 NAG X . -36.41 36.62 -32.33
C3 NAG X . -36.73 37.66 -33.42
C4 NAG X . -37.85 37.13 -34.34
C5 NAG X . -39.09 36.73 -33.54
C6 NAG X . -40.18 36.11 -34.42
C7 NAG X . -34.11 37.09 -31.58
C8 NAG X . -33.19 37.57 -30.44
N2 NAG X . -35.42 37.15 -31.38
O3 NAG X . -35.55 37.96 -34.21
O4 NAG X . -38.22 38.07 -35.43
O5 NAG X . -38.69 35.71 -32.55
O6 NAG X . -41.19 35.54 -33.56
O7 NAG X . -33.65 36.66 -32.64
C1 BMA X . -38.24 39.52 -35.15
C2 BMA X . -38.60 40.24 -36.46
C3 BMA X . -38.79 41.74 -36.22
C4 BMA X . -39.78 42.02 -35.08
C5 BMA X . -39.39 41.26 -33.81
C6 BMA X . -40.42 41.40 -32.68
O2 BMA X . -39.82 39.70 -37.00
O3 BMA X . -39.28 42.34 -37.45
O4 BMA X . -39.76 43.44 -34.80
O5 BMA X . -39.26 39.82 -34.13
O6 BMA X . -39.95 40.69 -31.51
C1 NAG Y . -31.14 -25.96 18.81
C2 NAG Y . -31.51 -27.32 19.41
C3 NAG Y . -31.37 -28.39 18.32
C4 NAG Y . -32.20 -28.06 17.07
C5 NAG Y . -31.99 -26.60 16.59
C6 NAG Y . -33.01 -26.16 15.54
C7 NAG Y . -30.99 -27.26 21.81
C8 NAG Y . -30.01 -27.66 22.92
N2 NAG Y . -30.67 -27.63 20.57
O3 NAG Y . -31.79 -29.67 18.87
O4 NAG Y . -31.78 -28.93 15.95
O5 NAG Y . -32.06 -25.65 17.72
O6 NAG Y . -34.29 -26.01 16.18
O7 NAG Y . -32.01 -26.62 22.04
C1 NAG Y . -32.39 -30.25 15.79
C2 NAG Y . -32.26 -30.71 14.31
C3 NAG Y . -32.76 -32.15 14.15
C4 NAG Y . -32.03 -33.11 15.10
C5 NAG Y . -32.17 -32.63 16.57
C6 NAG Y . -31.37 -33.48 17.56
C7 NAG Y . -32.57 -29.32 12.30
C8 NAG Y . -33.55 -28.42 11.52
N2 NAG Y . -33.05 -29.83 13.44
O3 NAG Y . -32.55 -32.62 12.79
O4 NAG Y . -32.63 -34.40 14.96
O5 NAG Y . -31.71 -31.22 16.67
O6 NAG Y . -29.95 -33.28 17.36
O7 NAG Y . -31.44 -29.56 11.91
C1 NAG Z . -24.43 -17.83 26.48
C2 NAG Z . -25.56 -17.57 27.49
C3 NAG Z . -24.98 -16.73 28.63
C4 NAG Z . -23.82 -17.45 29.30
C5 NAG Z . -22.75 -17.91 28.30
C6 NAG Z . -21.74 -18.89 28.90
C7 NAG Z . -26.76 -15.70 26.43
C8 NAG Z . -28.14 -15.11 26.16
N2 NAG Z . -26.74 -16.95 26.91
O3 NAG Z . -25.99 -16.44 29.62
O4 NAG Z . -23.30 -16.42 30.23
O5 NAG Z . -23.40 -18.61 27.16
O6 NAG Z . -20.48 -18.23 29.10
O7 NAG Z . -25.73 -15.08 26.21
C1 NAG Z . -22.76 -16.72 31.56
C2 NAG Z . -23.51 -17.83 32.32
C3 NAG Z . -22.85 -18.08 33.69
C4 NAG Z . -21.32 -18.17 33.60
C5 NAG Z . -20.67 -17.07 32.74
C6 NAG Z . -19.18 -17.29 32.49
C7 NAG Z . -25.93 -18.27 32.19
C8 NAG Z . -27.33 -17.83 32.62
N2 NAG Z . -24.92 -17.47 32.53
O3 NAG Z . -23.35 -19.31 34.27
O4 NAG Z . -20.64 -18.29 34.91
O5 NAG Z . -21.36 -17.09 31.44
O6 NAG Z . -18.73 -16.35 31.49
O7 NAG Z . -25.74 -19.31 31.56
C1 BMA Z . -21.04 -17.66 36.19
C2 BMA Z . -20.96 -16.11 36.21
C3 BMA Z . -21.32 -15.63 37.62
C4 BMA Z . -22.68 -16.18 38.11
C5 BMA Z . -22.74 -17.71 37.99
C6 BMA Z . -24.14 -18.28 38.27
O2 BMA Z . -21.91 -15.52 35.30
O3 BMA Z . -21.35 -14.18 37.64
O4 BMA Z . -22.84 -15.79 39.50
O5 BMA Z . -22.37 -18.12 36.63
O6 BMA Z . -24.52 -18.01 39.63
C1 NAG AA . -11.19 -23.33 24.82
C2 NAG AA . -11.07 -24.65 24.02
C3 NAG AA . -11.17 -25.86 24.94
C4 NAG AA . -10.08 -25.81 26.02
C5 NAG AA . -10.16 -24.50 26.83
C6 NAG AA . -8.91 -24.25 27.67
C7 NAG AA . -11.88 -24.60 21.71
C8 NAG AA . -13.09 -24.75 20.79
N2 NAG AA . -12.13 -24.71 23.01
O3 NAG AA . -11.02 -27.06 24.14
O4 NAG AA . -10.21 -26.91 27.01
O5 NAG AA . -10.28 -23.31 25.95
O6 NAG AA . -7.85 -23.81 26.80
O7 NAG AA . -10.76 -24.38 21.28
C1 NAG AA . -10.09 -28.35 26.70
C2 NAG AA . -8.71 -28.75 26.11
C3 NAG AA . -8.62 -30.28 25.99
C4 NAG AA . -8.76 -30.90 27.39
C5 NAG AA . -10.15 -30.57 27.96
C6 NAG AA . -10.33 -31.08 29.39
C7 NAG AA . -7.34 -27.53 24.47
C8 NAG AA . -7.33 -26.85 23.09
N2 NAG AA . -8.46 -28.15 24.81
O3 NAG AA . -7.34 -30.68 25.42
O4 NAG AA . -8.48 -32.35 27.37
O5 NAG AA . -10.31 -29.09 27.95
O6 NAG AA . -11.73 -31.21 29.68
O7 NAG AA . -6.37 -27.48 25.22
C1 BMA AA . -9.41 -33.28 26.72
C2 BMA AA . -8.63 -34.58 26.41
C3 BMA AA . -9.57 -35.71 25.97
C4 BMA AA . -10.71 -35.95 26.96
C5 BMA AA . -11.47 -34.63 27.25
C6 BMA AA . -12.50 -34.80 28.37
O2 BMA AA . -7.94 -35.00 27.61
O3 BMA AA . -8.78 -36.92 25.84
O4 BMA AA . -11.63 -36.91 26.40
O5 BMA AA . -10.51 -33.58 27.64
O6 BMA AA . -13.09 -33.53 28.69
C1 NAG BA . -17.65 -23.30 1.82
C2 NAG BA . -17.66 -24.13 0.52
C3 NAG BA . -19.05 -24.08 -0.09
C4 NAG BA . -20.13 -24.60 0.86
C5 NAG BA . -20.07 -23.85 2.21
C6 NAG BA . -20.94 -24.48 3.30
C7 NAG BA . -15.38 -24.00 -0.39
C8 NAG BA . -14.47 -23.43 -1.50
N2 NAG BA . -16.66 -23.62 -0.43
O3 NAG BA . -19.10 -24.85 -1.33
O4 NAG BA . -21.38 -24.29 0.11
O5 NAG BA . -18.68 -23.80 2.73
O6 NAG BA . -20.58 -25.87 3.46
O7 NAG BA . -14.95 -24.73 0.49
C1 NAG BA . -22.66 -25.04 0.19
C2 NAG BA . -22.58 -26.55 0.51
C3 NAG BA . -23.99 -27.15 0.34
C4 NAG BA . -25.04 -26.39 1.18
C5 NAG BA . -24.97 -24.86 0.98
C6 NAG BA . -25.87 -24.08 1.94
C7 NAG BA . -21.55 -27.32 -1.60
C8 NAG BA . -20.57 -28.32 -2.23
N2 NAG BA . -21.60 -27.30 -0.27
O3 NAG BA . -24.01 -28.54 0.74
O4 NAG BA . -26.40 -26.94 0.88
O5 NAG BA . -23.57 -24.41 1.15
O6 NAG BA . -25.42 -24.25 3.30
O7 NAG BA . -22.25 -26.58 -2.28
C1 BMA BA . -27.01 -26.77 -0.45
C2 BMA BA . -28.23 -27.70 -0.53
C3 BMA BA . -29.01 -27.51 -1.85
C4 BMA BA . -29.36 -26.03 -2.11
C5 BMA BA . -28.13 -25.10 -1.94
C6 BMA BA . -28.48 -23.62 -1.93
O2 BMA BA . -29.13 -27.38 0.57
O3 BMA BA . -30.21 -28.31 -1.75
O4 BMA BA . -29.82 -25.88 -3.47
O5 BMA BA . -27.47 -25.39 -0.65
O6 BMA BA . -29.07 -23.25 -3.20
C1 NAG CA . -40.54 6.50 -24.42
C2 NAG CA . -41.00 5.15 -25.02
C3 NAG CA . -40.40 5.04 -26.43
C4 NAG CA . -40.81 6.23 -27.32
C5 NAG CA . -40.47 7.56 -26.63
C6 NAG CA . -41.03 8.78 -27.35
C7 NAG CA . -41.30 3.59 -23.15
C8 NAG CA . -40.80 2.33 -22.44
N2 NAG CA . -40.58 4.02 -24.19
O3 NAG CA . -40.79 3.76 -27.00
O4 NAG CA . -40.11 6.24 -28.63
O5 NAG CA . -41.04 7.56 -25.28
O6 NAG CA . -40.94 9.92 -26.47
O7 NAG CA . -42.31 4.20 -22.77
C1 NAG CA . -40.43 5.24 -29.66
C2 NAG CA . -41.65 5.59 -30.55
C3 NAG CA . -41.92 4.41 -31.52
C4 NAG CA . -40.68 3.98 -32.31
C5 NAG CA . -39.41 3.91 -31.43
C6 NAG CA . -38.10 3.84 -32.22
C7 NAG CA . -43.54 5.09 -29.02
C8 NAG CA . -44.99 5.48 -28.69
N2 NAG CA . -42.88 5.93 -29.82
O3 NAG CA . -42.97 4.80 -32.45
O4 NAG CA . -40.96 2.58 -32.71
O5 NAG CA . -39.31 5.12 -30.59
O6 NAG CA . -37.92 2.53 -32.79
O7 NAG CA . -42.98 4.12 -28.54
C1 BMA CA . -40.87 2.14 -34.10
C2 BMA CA . -42.21 2.26 -34.86
C3 BMA CA . -42.04 1.78 -36.30
C4 BMA CA . -40.87 2.50 -37.02
C5 BMA CA . -39.56 2.38 -36.20
C6 BMA CA . -38.43 3.23 -36.79
O2 BMA CA . -42.66 3.64 -34.88
O3 BMA CA . -43.27 2.04 -37.04
O4 BMA CA . -40.67 1.87 -38.31
O5 BMA CA . -39.80 2.85 -34.82
O6 BMA CA . -37.30 3.19 -35.89
C1 NAG DA . -34.18 7.54 4.76
C2 NAG DA . -33.13 6.59 5.36
C3 NAG DA . -33.27 6.53 6.88
C4 NAG DA . -33.22 7.94 7.48
C5 NAG DA . -34.18 8.92 6.81
C6 NAG DA . -33.97 10.36 7.28
C7 NAG DA . -32.22 4.45 4.57
C8 NAG DA . -32.45 3.22 3.71
N2 NAG DA . -33.27 5.25 4.76
O3 NAG DA . -32.17 5.74 7.43
O4 NAG DA . -33.59 7.88 8.91
O5 NAG DA . -34.02 8.86 5.34
O6 NAG DA . -32.60 10.74 7.07
O7 NAG DA . -31.14 4.73 5.07
C1 NAG DA . -32.57 8.45 9.78
C2 NAG DA . -33.09 8.53 11.23
C3 NAG DA . -31.97 9.07 12.14
C4 NAG DA . -30.73 8.17 12.04
C5 NAG DA . -30.27 8.05 10.58
C6 NAG DA . -29.12 7.03 10.41
C7 NAG DA . -35.51 8.89 11.47
C8 NAG DA . -36.62 9.91 11.71
N2 NAG DA . -34.28 9.39 11.33
O3 NAG DA . -32.40 9.12 13.52
O4 NAG DA . -29.64 8.78 12.81
O5 NAG DA . -31.40 7.58 9.77
O6 NAG DA . -29.03 6.69 9.01
O7 NAG DA . -35.74 7.68 11.41
C1 BMA DA . -29.27 8.08 14.03
C2 BMA DA . -27.76 8.24 14.24
C3 BMA DA . -27.41 7.49 15.52
C4 BMA DA . -28.10 8.11 16.74
C5 BMA DA . -29.63 8.08 16.51
C6 BMA DA . -30.44 8.82 17.57
O2 BMA DA . -27.43 9.64 14.37
O3 BMA DA . -25.93 7.40 15.63
O4 BMA DA . -27.77 7.35 17.91
O5 BMA DA . -29.98 8.66 15.18
O6 BMA DA . -29.96 10.20 17.71
C1 MAN DA . -25.16 8.46 16.23
C2 MAN DA . -23.93 8.74 15.34
C3 MAN DA . -23.02 7.50 15.30
C4 MAN DA . -22.62 7.05 16.71
C5 MAN DA . -23.85 6.85 17.62
C6 MAN DA . -23.47 6.58 19.08
O2 MAN DA . -23.16 9.85 15.85
O3 MAN DA . -21.84 7.83 14.54
O4 MAN DA . -21.93 5.79 16.58
O5 MAN DA . -24.75 8.04 17.58
O6 MAN DA . -22.96 7.79 19.67
C1 MAN DA . -30.66 11.20 16.90
C2 MAN DA . -29.94 12.56 17.05
C3 MAN DA . -30.09 13.08 18.49
C4 MAN DA . -31.56 13.14 18.93
C5 MAN DA . -32.27 11.80 18.72
C6 MAN DA . -33.78 11.90 18.97
O2 MAN DA . -30.53 13.56 16.16
O3 MAN DA . -29.52 14.41 18.56
O4 MAN DA . -31.58 13.49 20.33
O5 MAN DA . -32.06 11.31 17.33
O6 MAN DA . -34.40 10.69 18.49
C1 NAG EA . -36.18 -5.71 -27.55
C2 NAG EA . -36.18 -5.58 -29.09
C3 NAG EA . -36.21 -6.98 -29.72
C4 NAG EA . -35.08 -7.83 -29.18
C5 NAG EA . -35.16 -7.94 -27.66
C6 NAG EA . -34.07 -8.81 -27.04
C7 NAG EA . -37.30 -3.53 -29.79
C8 NAG EA . -38.62 -2.86 -30.19
N2 NAG EA . -37.36 -4.83 -29.53
O3 NAG EA . -36.09 -6.88 -31.16
O4 NAG EA . -35.15 -9.20 -29.73
O5 NAG EA . -35.10 -6.59 -27.10
O6 NAG EA . -32.78 -8.43 -27.53
O7 NAG EA . -36.25 -2.90 -29.72
C1 NAG EA . -34.08 -9.52 -30.66
C2 NAG EA . -33.84 -11.04 -30.68
C3 NAG EA . -32.83 -11.42 -31.76
C4 NAG EA . -33.22 -10.84 -33.13
C5 NAG EA . -33.45 -9.33 -33.05
C6 NAG EA . -33.95 -8.74 -34.37
C7 NAG EA . -34.05 -12.24 -28.57
C8 NAG EA . -33.44 -12.51 -27.19
N2 NAG EA . -33.35 -11.46 -29.37
O3 NAG EA . -32.76 -12.86 -31.88
O4 NAG EA . -32.09 -11.05 -34.04
O5 NAG EA . -34.46 -9.07 -32.00
O6 NAG EA . -34.10 -7.32 -34.21
O7 NAG EA . -35.14 -12.70 -28.88
C1 BMA EA . -32.16 -12.19 -34.94
C2 BMA EA . -31.36 -11.84 -36.20
C3 BMA EA . -31.38 -13.03 -37.17
C4 BMA EA . -30.77 -14.26 -36.47
C5 BMA EA . -31.44 -14.58 -35.11
C6 BMA EA . -30.61 -15.57 -34.31
O2 BMA EA . -29.99 -11.56 -35.81
O3 BMA EA . -30.60 -12.78 -38.39
O4 BMA EA . -30.95 -15.40 -37.33
O5 BMA EA . -31.58 -13.36 -34.29
O6 BMA EA . -31.31 -15.84 -33.05
C1 MAN EA . -30.50 -16.57 -32.09
C2 MAN EA . -31.46 -17.11 -31.02
C3 MAN EA . -31.93 -15.98 -30.12
C4 MAN EA . -30.76 -15.22 -29.55
C5 MAN EA . -29.99 -14.61 -30.70
C6 MAN EA . -28.93 -13.55 -30.34
O2 MAN EA . -30.77 -18.13 -30.29
O3 MAN EA . -32.76 -16.43 -28.99
O4 MAN EA . -31.27 -14.18 -28.68
O5 MAN EA . -29.46 -15.70 -31.51
O6 MAN EA . -27.69 -14.09 -29.76
C1 MAN EA . -34.09 -15.88 -29.12
C2 MAN EA . -34.90 -16.06 -27.85
C3 MAN EA . -34.94 -17.54 -27.51
C4 MAN EA . -35.57 -18.32 -28.67
C5 MAN EA . -34.91 -18.01 -30.01
C6 MAN EA . -35.79 -18.48 -31.16
O2 MAN EA . -36.24 -15.58 -28.09
O3 MAN EA . -35.71 -17.71 -26.30
O4 MAN EA . -35.40 -19.73 -28.45
O5 MAN EA . -34.73 -16.56 -30.23
O6 MAN EA . -37.00 -17.71 -31.15
C1 MAN EA . -27.81 -14.89 -28.56
C2 MAN EA . -26.70 -14.58 -27.55
C3 MAN EA . -25.36 -15.28 -27.86
C4 MAN EA . -25.55 -16.75 -28.28
C5 MAN EA . -26.53 -16.77 -29.47
C6 MAN EA . -26.71 -18.13 -30.14
O2 MAN EA . -27.14 -15.04 -26.25
O3 MAN EA . -24.52 -15.23 -26.69
O4 MAN EA . -24.28 -17.30 -28.67
O5 MAN EA . -27.84 -16.30 -28.97
O6 MAN EA . -27.80 -18.03 -31.09
C1 MAN EA . -30.78 -11.53 -39.17
C2 MAN EA . -32.16 -11.46 -39.86
C3 MAN EA . -32.27 -12.49 -40.99
C4 MAN EA . -31.10 -12.40 -41.98
C5 MAN EA . -29.77 -12.51 -41.22
C6 MAN EA . -28.54 -12.35 -42.11
O2 MAN EA . -32.35 -10.14 -40.46
O3 MAN EA . -33.52 -12.26 -41.70
O4 MAN EA . -31.21 -13.51 -42.92
O5 MAN EA . -29.71 -11.46 -40.17
O6 MAN EA . -27.37 -12.31 -41.27
C1 NAG FA . -43.51 -16.58 -2.03
C2 NAG FA . -42.44 -17.04 -1.04
C3 NAG FA . -42.53 -18.55 -0.84
C4 NAG FA . -43.96 -18.92 -0.37
C5 NAG FA . -45.01 -18.40 -1.34
C6 NAG FA . -46.44 -18.66 -0.88
C7 NAG FA . -40.25 -16.02 -0.69
C8 NAG FA . -38.85 -15.77 -1.25
N2 NAG FA . -41.10 -16.65 -1.49
O3 NAG FA . -41.59 -18.95 0.17
O4 NAG FA . -44.10 -20.38 -0.30
O5 NAG FA . -44.82 -16.95 -1.51
O6 NAG FA . -46.61 -18.24 0.48
O7 NAG FA . -40.54 -15.67 0.44
C1 NAG FA . -43.95 -20.94 1.05
C2 NAG FA . -44.75 -22.25 1.19
C3 NAG FA . -44.49 -22.86 2.57
C4 NAG FA . -43.00 -23.07 2.80
C5 NAG FA . -42.23 -21.76 2.64
C6 NAG FA . -40.71 -21.89 2.78
C7 NAG FA . -46.89 -22.56 0.04
C8 NAG FA . -48.39 -22.25 0.02
N2 NAG FA . -46.18 -21.99 1.01
O3 NAG FA . -45.16 -24.14 2.71
O4 NAG FA . -42.83 -23.55 4.19
O5 NAG FA . -42.54 -21.19 1.32
O6 NAG FA . -40.23 -22.85 1.83
O7 NAG FA . -46.38 -23.30 -0.80
C1 BMA FA . -41.97 -24.73 4.24
C2 BMA FA . -41.58 -25.04 5.69
C3 BMA FA . -40.66 -26.27 5.71
C4 BMA FA . -41.33 -27.46 5.02
C5 BMA FA . -41.88 -27.11 3.63
C6 BMA FA . -42.75 -28.19 3.00
O2 BMA FA . -42.78 -25.31 6.46
O3 BMA FA . -40.28 -26.68 7.10
O4 BMA FA . -40.34 -28.51 4.88
O5 BMA FA . -42.70 -25.89 3.71
O6 BMA FA . -43.78 -28.62 3.97
C1 MAN FA . -39.48 -25.74 7.88
C2 MAN FA . -38.67 -26.50 8.95
C3 MAN FA . -39.61 -27.14 9.98
C4 MAN FA . -40.58 -26.10 10.59
C5 MAN FA . -41.31 -25.28 9.52
C6 MAN FA . -42.05 -24.07 10.10
O2 MAN FA . -37.79 -25.58 9.66
O3 MAN FA . -38.77 -27.72 11.01
O4 MAN FA . -41.57 -26.82 11.38
O5 MAN FA . -40.35 -24.75 8.53
O6 MAN FA . -43.07 -24.51 11.03
C1 MAN FA . -44.41 -29.88 3.61
C2 MAN FA . -45.58 -30.16 4.58
C3 MAN FA . -45.03 -30.40 5.99
C4 MAN FA . -43.95 -31.49 6.05
C5 MAN FA . -42.83 -31.20 5.02
C6 MAN FA . -41.79 -32.32 4.89
O2 MAN FA . -46.30 -31.36 4.17
O3 MAN FA . -46.14 -30.80 6.85
O4 MAN FA . -43.38 -31.47 7.37
O5 MAN FA . -43.42 -30.97 3.68
O6 MAN FA . -42.34 -33.39 4.11
C1 NAG GA . -42.34 -15.09 3.62
C2 NAG GA . -41.65 -16.40 3.99
C3 NAG GA . -42.57 -17.60 3.72
C4 NAG GA . -43.98 -17.42 4.28
C5 NAG GA . -44.57 -16.11 3.76
C6 NAG GA . -45.97 -15.80 4.29
C7 NAG GA . -39.40 -17.29 3.57
C8 NAG GA . -38.20 -17.27 2.64
N2 NAG GA . -40.44 -16.54 3.20
O3 NAG GA . -42.01 -18.80 4.29
O4 NAG GA . -44.72 -18.58 3.76
O5 NAG GA . -43.69 -15.01 4.16
O6 NAG GA . -46.95 -16.18 3.31
O7 NAG GA . -39.46 -17.97 4.58
C1 NAG GA . -45.72 -19.32 4.53
C2 NAG GA . -45.44 -19.52 6.03
C3 NAG GA . -46.54 -20.46 6.62
C4 NAG GA . -47.99 -20.07 6.20
C5 NAG GA . -48.08 -19.66 4.72
C6 NAG GA . -49.41 -19.05 4.30
C7 NAG GA . -43.43 -20.15 7.34
C8 NAG GA . -42.04 -20.79 7.29
N2 NAG GA . -44.10 -20.11 6.20
O3 NAG GA . -46.47 -20.43 8.06
O4 NAG GA . -48.92 -21.21 6.35
O5 NAG GA . -47.01 -18.71 4.39
O6 NAG GA . -49.34 -18.75 2.90
O7 NAG GA . -43.92 -19.75 8.39
C1 BMA GA . -49.04 -21.88 7.66
C2 BMA GA . -50.48 -22.42 7.76
C3 BMA GA . -50.65 -23.26 9.04
C4 BMA GA . -49.60 -24.38 9.15
C5 BMA GA . -48.17 -23.85 8.95
C6 BMA GA . -47.13 -24.98 8.74
O2 BMA GA . -50.75 -23.28 6.62
O3 BMA GA . -52.00 -23.81 9.01
O4 BMA GA . -49.68 -24.95 10.47
O5 BMA GA . -48.10 -23.00 7.73
O6 BMA GA . -47.15 -25.88 9.86
C1 NAG HA . -52.34 -12.94 -0.65
C2 NAG HA . -53.42 -13.99 -1.00
C3 NAG HA . -54.42 -14.06 0.17
C4 NAG HA . -53.72 -14.36 1.50
C5 NAG HA . -52.49 -13.47 1.74
C6 NAG HA . -51.62 -14.00 2.88
C7 NAG HA . -54.80 -12.72 -2.61
C8 NAG HA . -55.50 -12.76 -3.97
N2 NAG HA . -54.05 -13.77 -2.30
O3 NAG HA . -55.39 -15.10 -0.12
O4 NAG HA . -54.68 -14.07 2.57
O5 NAG HA . -51.64 -13.40 0.54
O6 NAG HA . -50.33 -13.36 2.82
O7 NAG HA . -54.95 -11.77 -1.84
C1 NAG HA . -55.35 -15.20 3.23
C2 NAG HA . -56.17 -14.66 4.41
C3 NAG HA . -57.09 -15.75 5.01
C4 NAG HA . -57.91 -16.44 3.91
C5 NAG HA . -57.01 -17.00 2.79
C6 NAG HA . -57.78 -17.64 1.63
C7 NAG HA . -55.34 -12.91 5.93
C8 NAG HA . -54.31 -12.55 7.00
N2 NAG HA . -55.28 -14.15 5.45
O3 NAG HA . -58.00 -15.16 5.97
O4 NAG HA . -58.87 -17.47 4.42
O5 NAG HA . -56.23 -15.86 2.27
O6 NAG HA . -58.52 -16.64 0.91
O7 NAG HA . -56.17 -12.09 5.53
C1 BMA HA . -58.66 -18.41 5.55
C2 BMA HA . -57.54 -19.46 5.34
C3 BMA HA . -57.52 -20.41 6.54
C4 BMA HA . -57.37 -19.66 7.88
C5 BMA HA . -58.48 -18.59 8.02
C6 BMA HA . -58.33 -17.70 9.27
O2 BMA HA . -56.24 -18.84 5.27
O3 BMA HA . -56.43 -21.36 6.38
O4 BMA HA . -57.48 -20.62 8.95
O5 BMA HA . -58.49 -17.72 6.83
O6 BMA HA . -57.08 -17.00 9.24
C1 NAG IA . 13.44 54.27 -3.80
C2 NAG IA . 13.73 53.96 -5.28
C3 NAG IA . 14.80 54.94 -5.71
C4 NAG IA . 14.31 56.39 -5.61
C5 NAG IA . 13.84 56.70 -4.17
C6 NAG IA . 13.08 58.01 -3.99
C7 NAG IA . 13.78 51.86 -6.53
C8 NAG IA . 14.57 50.58 -6.84
N2 NAG IA . 14.20 52.59 -5.49
O3 NAG IA . 15.25 54.69 -7.07
O4 NAG IA . 15.46 57.23 -6.00
O5 NAG IA . 12.94 55.63 -3.70
O6 NAG IA . 12.10 58.15 -5.04
O7 NAG IA . 12.79 52.19 -7.20
C1 NAG IA . 15.31 58.45 -6.80
C2 NAG IA . 14.32 58.35 -7.98
C3 NAG IA . 14.28 59.68 -8.76
C4 NAG IA . 13.94 60.82 -7.79
C5 NAG IA . 14.93 60.89 -6.62
C6 NAG IA . 14.55 61.95 -5.58
C7 NAG IA . 13.75 56.56 -9.59
C8 NAG IA . 14.23 55.36 -10.39
N2 NAG IA . 14.66 57.23 -8.87
O3 NAG IA . 13.26 59.63 -9.81
O4 NAG IA . 13.83 62.14 -8.46
O5 NAG IA . 14.93 59.58 -5.95
O6 NAG IA . 15.37 61.77 -4.42
O7 NAG IA . 12.58 56.94 -9.62
C1 BMA IA . 14.83 62.51 -9.48
C2 BMA IA . 14.36 63.82 -10.13
C3 BMA IA . 15.43 64.38 -11.09
C4 BMA IA . 16.80 64.49 -10.41
C5 BMA IA . 17.21 63.14 -9.78
C6 BMA IA . 18.51 63.23 -8.97
O2 BMA IA . 14.11 64.81 -9.11
O3 BMA IA . 15.01 65.68 -11.54
O4 BMA IA . 17.77 64.85 -11.42
O5 BMA IA . 16.14 62.71 -8.85
O6 BMA IA . 18.85 61.94 -8.46
C1 NAG JA . 15.44 -5.39 41.32
C2 NAG JA . 14.31 -6.44 41.42
C3 NAG JA . 13.20 -5.94 42.35
C4 NAG JA . 13.72 -5.40 43.69
C5 NAG JA . 14.84 -4.37 43.50
C6 NAG JA . 15.49 -3.94 44.81
C7 NAG JA . 14.13 -7.68 39.30
C8 NAG JA . 13.34 -7.86 37.99
N2 NAG JA . 13.72 -6.70 40.10
O3 NAG JA . 12.23 -6.99 42.58
O4 NAG JA . 12.56 -4.72 44.31
O5 NAG JA . 15.89 -4.97 42.64
O6 NAG JA . 16.27 -5.04 45.35
O7 NAG JA . 15.09 -8.40 39.58
C1 NAG JA . 12.00 -5.33 45.51
C2 NAG JA . 10.67 -4.63 45.87
C3 NAG JA . 10.02 -5.31 47.09
C4 NAG JA . 9.79 -6.80 46.80
C5 NAG JA . 11.09 -7.51 46.38
C6 NAG JA . 10.89 -8.97 45.94
C7 NAG JA . 10.31 -2.24 45.40
C8 NAG JA . 10.66 -0.79 45.79
N2 NAG JA . 10.87 -3.20 46.13
O3 NAG JA . 8.75 -4.68 47.41
O4 NAG JA . 9.28 -7.39 48.01
O5 NAG JA . 11.70 -6.75 45.26
O6 NAG JA . 10.20 -9.02 44.66
O7 NAG JA . 9.55 -2.49 44.47
C1 NAG KA . 21.54 -11.64 31.90
C2 NAG KA . 22.98 -11.58 32.47
C3 NAG KA . 23.85 -12.38 31.51
C4 NAG KA . 23.39 -13.84 31.49
C5 NAG KA . 21.91 -13.93 31.09
C6 NAG KA . 21.32 -15.34 31.27
C7 NAG KA . 23.71 -9.36 31.72
C8 NAG KA . 24.41 -8.07 32.14
N2 NAG KA . 23.47 -10.23 32.69
O3 NAG KA . 25.24 -12.32 31.90
O4 NAG KA . 24.27 -14.49 30.49
O5 NAG KA . 21.11 -13.03 31.95
O6 NAG KA . 21.30 -16.02 30.00
O7 NAG KA . 23.37 -9.57 30.56
C1 NAG KA . 24.86 -15.82 30.68
C2 NAG KA . 25.28 -16.16 32.13
C3 NAG KA . 25.84 -17.59 32.22
C4 NAG KA . 24.90 -18.59 31.52
C5 NAG KA . 24.50 -18.17 30.11
C6 NAG KA . 23.47 -19.10 29.47
C7 NAG KA . 26.18 -14.56 33.75
C8 NAG KA . 27.41 -13.74 34.19
N2 NAG KA . 26.30 -15.22 32.61
O3 NAG KA . 25.99 -17.98 33.60
O4 NAG KA . 25.38 -19.99 31.57
O5 NAG KA . 23.91 -16.82 30.22
O6 NAG KA . 22.99 -18.51 28.24
O7 NAG KA . 25.14 -14.57 34.41
C1 BMA KA . 26.79 -20.47 31.45
C2 BMA KA . 27.48 -20.17 30.11
C3 BMA KA . 28.86 -20.84 30.11
C4 BMA KA . 29.70 -20.43 31.33
C5 BMA KA . 28.94 -20.65 32.65
C6 BMA KA . 29.65 -20.10 33.89
O2 BMA KA . 27.68 -18.75 29.90
O3 BMA KA . 29.56 -20.48 28.89
O4 BMA KA . 30.90 -21.25 31.34
O5 BMA KA . 27.61 -19.99 32.57
O6 BMA KA . 30.89 -20.80 34.08
C1 NAG LA . 10.90 -20.19 27.30
C2 NAG LA . 9.64 -20.21 28.17
C3 NAG LA . 9.72 -21.33 29.22
C4 NAG LA . 9.94 -22.69 28.56
C5 NAG LA . 11.17 -22.69 27.63
C6 NAG LA . 11.17 -23.89 26.67
C7 NAG LA . 8.50 -18.07 28.52
C8 NAG LA . 8.42 -16.79 29.37
N2 NAG LA . 9.46 -18.92 28.85
O3 NAG LA . 8.49 -21.34 29.98
O4 NAG LA . 10.24 -23.73 29.56
O5 NAG LA . 11.20 -21.50 26.76
O6 NAG LA . 10.21 -23.64 25.64
O7 NAG LA . 7.72 -18.29 27.60
C1 NAG LA . 9.32 -24.18 30.62
C2 NAG LA . 8.03 -24.83 30.05
C3 NAG LA . 7.23 -25.57 31.14
C4 NAG LA . 8.14 -26.55 31.90
C5 NAG LA . 9.31 -25.80 32.52
C6 NAG LA . 10.27 -26.72 33.28
C7 NAG LA . 6.37 -24.05 28.40
C8 NAG LA . 5.68 -22.84 27.78
N2 NAG LA . 7.17 -23.82 29.44
O3 NAG LA . 6.13 -26.32 30.54
O4 NAG LA . 7.43 -27.37 32.92
O5 NAG LA . 10.06 -25.16 31.42
O6 NAG LA . 11.49 -26.00 33.56
O7 NAG LA . 6.21 -25.20 27.99
C1 BMA LA . 6.40 -26.73 33.76
C2 BMA LA . 5.87 -27.81 34.74
C3 BMA LA . 4.96 -27.22 35.81
C4 BMA LA . 5.62 -26.01 36.52
C5 BMA LA . 6.06 -24.97 35.48
C6 BMA LA . 6.80 -23.77 36.10
O2 BMA LA . 7.01 -28.46 35.38
O3 BMA LA . 4.66 -28.24 36.78
O4 BMA LA . 4.66 -25.42 37.43
O5 BMA LA . 6.98 -25.63 34.52
O6 BMA LA . 7.18 -22.85 35.06
C1 NAG MA . -1.97 -0.16 29.04
C2 NAG MA . -3.34 0.29 29.57
C3 NAG MA . -3.20 1.55 30.43
C4 NAG MA . -2.15 1.41 31.54
C5 NAG MA . -0.81 0.84 31.01
C6 NAG MA . 0.16 0.39 32.11
C7 NAG MA . -5.00 -0.41 27.90
C8 NAG MA . -5.91 0.01 26.74
N2 NAG MA . -4.25 0.55 28.45
O3 NAG MA . -4.49 1.86 31.02
O4 NAG MA . -1.96 2.81 32.00
O5 NAG MA . -1.05 -0.35 30.15
O6 NAG MA . -0.52 -0.51 33.01
O7 NAG MA . -4.95 -1.56 28.31
C1 NAG MA . -1.64 3.24 33.37
C2 NAG MA . -2.20 2.37 34.53
C3 NAG MA . -1.92 3.12 35.86
C4 NAG MA . -0.43 3.43 36.01
C5 NAG MA . 0.19 4.09 34.76
C6 NAG MA . 1.72 4.20 34.82
C7 NAG MA . -4.59 2.89 34.22
C8 NAG MA . -6.01 2.31 34.10
N2 NAG MA . -3.60 2.01 34.39
O3 NAG MA . -2.35 2.31 37.00
O4 NAG MA . -0.21 4.25 37.24
O5 NAG MA . -0.19 3.34 33.55
O6 NAG MA . 2.30 2.89 34.85
O7 NAG MA . -4.38 4.10 34.16
C1 BMA MA . -0.72 5.63 37.34
C2 BMA MA . -0.51 6.12 38.79
C3 BMA MA . -0.86 7.61 38.95
C4 BMA MA . -0.17 8.50 37.88
C5 BMA MA . -0.38 7.94 36.47
C6 BMA MA . 0.45 8.63 35.38
O2 BMA MA . 0.88 5.93 39.15
O3 BMA MA . -0.43 8.00 40.28
O4 BMA MA . -0.74 9.83 37.92
O5 BMA MA . 0.03 6.52 36.46
O6 BMA MA . 0.05 10.01 35.26
C1 NAG NA . 6.48 43.61 18.30
C2 NAG NA . 5.60 43.73 19.56
C3 NAG NA . 4.25 44.34 19.15
C4 NAG NA . 4.46 45.71 18.45
C5 NAG NA . 5.45 45.60 17.29
C6 NAG NA . 5.87 46.96 16.72
C7 NAG NA . 6.26 41.93 21.10
C8 NAG NA . 5.86 40.63 21.78
N2 NAG NA . 5.40 42.44 20.22
O3 NAG NA . 3.40 44.43 20.31
O4 NAG NA . 3.20 46.26 17.89
O5 NAG NA . 6.68 44.94 17.76
O6 NAG NA . 6.99 46.75 15.84
O7 NAG NA . 7.33 42.50 21.34
C1 NAG NA . 2.14 46.77 18.79
C2 NAG NA . 2.35 48.24 19.24
C3 NAG NA . 1.22 48.64 20.21
C4 NAG NA . -0.20 48.31 19.71
C5 NAG NA . -0.28 46.93 19.02
C6 NAG NA . -1.55 46.71 18.21
C7 NAG NA . 4.09 47.97 20.96
C8 NAG NA . 5.28 48.68 21.65
N2 NAG NA . 3.64 48.53 19.85
O3 NAG NA . 1.32 50.06 20.48
O4 NAG NA . -1.03 48.19 20.93
O5 NAG NA . 0.86 46.75 18.08
O6 NAG NA . -2.67 46.48 19.08
O7 NAG NA . 3.64 46.91 21.38
C1 BMA NA . -2.23 49.00 21.15
C2 BMA NA . -1.91 50.41 21.70
C3 BMA NA . -3.22 51.17 21.95
C4 BMA NA . -4.12 51.19 20.69
C5 BMA NA . -4.35 49.77 20.14
C6 BMA NA . -5.10 49.78 18.80
O2 BMA NA . -1.13 51.17 20.77
O3 BMA NA . -2.88 52.52 22.34
O4 BMA NA . -5.41 51.76 21.04
O5 BMA NA . -3.03 49.10 19.94
O6 BMA NA . -5.18 48.43 18.30
C1 NAG OA . 24.27 19.58 16.53
C2 NAG OA . 23.68 18.16 16.66
C3 NAG OA . 24.79 17.14 16.95
C4 NAG OA . 25.91 17.25 15.91
C5 NAG OA . 26.44 18.67 15.78
C6 NAG OA . 27.46 18.80 14.64
C7 NAG OA . 21.49 17.51 17.54
C8 NAG OA . 20.50 17.67 18.70
N2 NAG OA . 22.67 18.11 17.70
O3 NAG OA . 24.23 15.80 16.89
O4 NAG OA . 27.04 16.40 16.32
O5 NAG OA . 25.31 19.58 15.50
O6 NAG OA . 26.84 18.45 13.40
O7 NAG OA . 21.20 16.89 16.53
C1 NAG OA . 27.40 15.40 15.31
C2 NAG OA . 28.70 14.65 15.69
C3 NAG OA . 28.98 13.61 14.59
C4 NAG OA . 27.79 12.64 14.49
C5 NAG OA . 26.50 13.40 14.19
C6 NAG OA . 25.25 12.50 14.20
C7 NAG OA . 30.24 16.00 17.01
C8 NAG OA . 31.47 16.92 16.99
N2 NAG OA . 29.82 15.58 15.83
O3 NAG OA . 30.18 12.85 14.89
O4 NAG OA . 28.04 11.70 13.39
O5 NAG OA . 26.32 14.42 15.22
O6 NAG OA . 24.09 13.34 14.29
O7 NAG OA . 29.70 15.69 18.06
C1 BMA OA . 28.15 10.30 13.81
C2 BMA OA . 27.79 9.40 12.63
C3 BMA OA . 27.92 7.96 13.10
C4 BMA OA . 29.37 7.65 13.49
C5 BMA OA . 29.83 8.61 14.60
C6 BMA OA . 31.33 8.55 14.90
O2 BMA OA . 28.72 9.64 11.54
O3 BMA OA . 27.32 7.07 12.09
O4 BMA OA . 29.44 6.29 14.00
O5 BMA OA . 29.51 10.02 14.24
O6 BMA OA . 32.17 8.67 13.68
C1 MAN OA . 28.14 6.41 11.08
C2 MAN OA . 27.28 6.23 9.81
C3 MAN OA . 26.09 5.32 10.11
C4 MAN OA . 26.53 3.97 10.68
C5 MAN OA . 27.45 4.14 11.90
C6 MAN OA . 28.08 2.82 12.36
O2 MAN OA . 28.06 5.63 8.75
O3 MAN OA . 25.34 5.12 8.88
O4 MAN OA . 25.34 3.26 11.09
O5 MAN OA . 28.55 5.10 11.61
O6 MAN OA . 29.08 2.41 11.41
C1 MAN OA . 32.08 9.91 12.91
C2 MAN OA . 33.15 9.87 11.79
C3 MAN OA . 34.56 9.96 12.39
C4 MAN OA . 34.72 11.18 13.30
C5 MAN OA . 33.63 11.20 14.39
C6 MAN OA . 33.66 12.50 15.21
O2 MAN OA . 32.98 11.00 10.89
O3 MAN OA . 35.51 10.05 11.30
O4 MAN OA . 36.02 11.11 13.94
O5 MAN OA . 32.29 11.09 13.76
O6 MAN OA . 32.61 12.49 16.20
C1 NAG PA . -4.06 38.47 24.58
C2 NAG PA . -5.05 39.63 24.38
C3 NAG PA . -6.21 39.53 25.37
C4 NAG PA . -6.83 38.15 25.32
C5 NAG PA . -5.79 37.08 25.60
C6 NAG PA . -6.35 35.65 25.62
C7 NAG PA . -4.05 41.73 23.60
C8 NAG PA . -3.29 43.01 24.01
N2 NAG PA . -4.35 40.91 24.58
O3 NAG PA . -7.23 40.51 25.06
O4 NAG PA . -7.86 38.03 26.36
O5 NAG PA . -4.75 37.19 24.58
O6 NAG PA . -7.14 35.40 24.45
O7 NAG PA . -4.35 41.50 22.44
C1 NAG PA . -9.22 37.91 25.84
C2 NAG PA . -10.09 37.17 26.86
C3 NAG PA . -11.54 37.13 26.38
C4 NAG PA . -12.04 38.55 26.10
C5 NAG PA . -11.14 39.26 25.09
C6 NAG PA . -11.56 40.71 24.84
C7 NAG PA . -9.17 35.37 28.22
C8 NAG PA . -8.55 33.99 28.24
N2 NAG PA . -9.59 35.81 27.04
O3 NAG PA . -12.39 36.54 27.40
O4 NAG PA . -13.36 38.43 25.48
O5 NAG PA . -9.76 39.24 25.60
O6 NAG PA . -10.69 41.29 23.87
O7 NAG PA . -9.24 36.06 29.23
C1 BMA PA . -14.49 38.81 26.32
C2 BMA PA . -15.67 39.09 25.39
C3 BMA PA . -16.92 39.35 26.23
C4 BMA PA . -17.24 38.09 27.06
C5 BMA PA . -16.07 37.72 27.99
C6 BMA PA . -16.23 36.34 28.65
O2 BMA PA . -15.90 37.93 24.54
O3 BMA PA . -18.09 39.72 25.40
O4 BMA PA . -18.38 38.40 27.88
O5 BMA PA . -14.79 37.71 27.23
O6 BMA PA . -15.48 35.34 27.88
C1 MAN PA . -15.67 33.94 28.22
C2 MAN PA . -14.88 33.56 29.49
C3 MAN PA . -13.39 33.73 29.24
C4 MAN PA . -12.95 32.90 28.05
C5 MAN PA . -13.72 33.36 26.83
C6 MAN PA . -13.29 32.78 25.48
O2 MAN PA . -15.17 32.18 29.79
O3 MAN PA . -12.55 33.29 30.37
O4 MAN PA . -11.54 33.06 27.87
O5 MAN PA . -15.16 33.15 27.09
O6 MAN PA . -13.75 31.41 25.22
C1 MAN PA . -11.67 34.35 30.78
C2 MAN PA . -10.44 33.82 31.52
C3 MAN PA . -10.88 33.03 32.72
C4 MAN PA . -11.75 33.89 33.64
C5 MAN PA . -12.88 34.60 32.88
C6 MAN PA . -13.45 35.72 33.74
O2 MAN PA . -9.64 34.95 31.97
O3 MAN PA . -9.69 32.61 33.42
O4 MAN PA . -12.36 33.06 34.64
O5 MAN PA . -12.42 35.24 31.64
O6 MAN PA . -12.44 36.70 33.94
C1 MAN PA . -13.37 30.38 26.17
C2 MAN PA . -13.03 29.08 25.42
C3 MAN PA . -14.28 28.38 24.89
C4 MAN PA . -15.36 28.27 25.97
C5 MAN PA . -15.69 29.66 26.52
C6 MAN PA . -16.83 29.67 27.54
O2 MAN PA . -12.37 28.18 26.34
O3 MAN PA . -13.92 27.05 24.44
O4 MAN PA . -16.54 27.68 25.37
O5 MAN PA . -14.45 30.20 27.13
O6 MAN PA . -16.99 31.00 28.09
C1 MAN PA . -17.99 40.80 24.39
C2 MAN PA . -17.58 42.16 25.00
C3 MAN PA . -18.70 42.74 25.86
C4 MAN PA . -20.04 42.82 25.10
C5 MAN PA . -20.40 41.45 24.51
C6 MAN PA . -21.66 41.50 23.64
O2 MAN PA . -17.31 43.13 23.95
O3 MAN PA . -18.32 44.07 26.29
O4 MAN PA . -21.07 43.24 26.03
O5 MAN PA . -19.27 40.95 23.68
O6 MAN PA . -21.99 40.18 23.16
C1 NAG QA . 11.74 20.36 40.21
C2 NAG QA . 11.68 18.85 40.00
C3 NAG QA . 11.09 18.17 41.23
C4 NAG QA . 11.94 18.53 42.45
C5 NAG QA . 12.02 20.04 42.63
C6 NAG QA . 12.92 20.48 43.79
C7 NAG QA . 11.40 17.74 37.84
C8 NAG QA . 10.47 17.42 36.67
N2 NAG QA . 10.91 18.52 38.79
O3 NAG QA . 11.11 16.74 41.03
O4 NAG QA . 11.34 17.97 43.68
O5 NAG QA . 12.54 20.64 41.39
O6 NAG QA . 14.20 19.86 43.65
O7 NAG QA . 12.54 17.29 37.88
C1 NAG QA . 11.90 16.69 44.12
C2 NAG QA . 11.81 16.56 45.65
C3 NAG QA . 12.33 15.18 46.06
C4 NAG QA . 11.52 14.08 45.39
C5 NAG QA . 11.58 14.23 43.86
C6 NAG QA . 10.70 13.24 43.09
C7 NAG QA . 12.10 18.46 47.18
C8 NAG QA . 13.09 19.44 47.82
N2 NAG QA . 12.61 17.61 46.29
O3 NAG QA . 12.25 15.00 47.50
O4 NAG QA . 12.14 12.79 45.78
O5 NAG QA . 11.16 15.59 43.50
O6 NAG QA . 9.34 13.34 43.56
O7 NAG QA . 10.90 18.45 47.47
C1 BMA QA . 11.15 11.77 46.13
C2 BMA QA . 11.81 10.40 46.32
C3 BMA QA . 10.72 9.36 46.65
C4 BMA QA . 9.89 9.79 47.86
C5 BMA QA . 9.38 11.24 47.75
C6 BMA QA . 8.73 11.78 49.02
O2 BMA QA . 12.75 10.48 47.40
O3 BMA QA . 11.29 8.03 46.97
O4 BMA QA . 8.76 8.91 47.96
O5 BMA QA . 10.49 12.14 47.39
O6 BMA QA . 9.61 11.52 50.18
C1 MAN QA . 11.83 7.24 45.86
C2 MAN QA . 11.86 5.75 46.25
C3 MAN QA . 12.84 5.52 47.41
C4 MAN QA . 14.24 6.04 47.07
C5 MAN QA . 14.22 7.49 46.55
C6 MAN QA . 15.56 7.90 45.91
O2 MAN QA . 12.28 4.93 45.13
O3 MAN QA . 12.88 4.10 47.67
O4 MAN QA . 15.04 6.00 48.27
O5 MAN QA . 13.18 7.68 45.51
O6 MAN QA . 16.61 7.83 46.89
C1 MAN QA . 8.88 11.55 51.45
C2 MAN QA . 9.89 11.45 52.61
C3 MAN QA . 10.57 10.08 52.61
C4 MAN QA . 9.56 8.92 52.62
C5 MAN QA . 8.55 9.07 51.48
C6 MAN QA . 7.42 8.03 51.48
O2 MAN QA . 9.20 11.61 53.90
O3 MAN QA . 11.41 9.99 53.80
O4 MAN QA . 10.31 7.70 52.44
O5 MAN QA . 7.93 10.42 51.52
O6 MAN QA . 6.45 8.38 52.49
C1 NAG RA . 16.00 16.41 38.91
C2 NAG RA . 15.24 15.25 39.55
C3 NAG RA . 14.85 15.60 40.98
C4 NAG RA . 16.07 16.04 41.79
C5 NAG RA . 16.72 17.23 41.12
C6 NAG RA . 17.97 17.76 41.84
C7 NAG RA . 13.42 13.81 38.74
C8 NAG RA . 12.23 13.68 37.79
N2 NAG RA . 14.04 14.99 38.77
O3 NAG RA . 14.23 14.47 41.64
O4 NAG RA . 15.54 16.39 43.12
O5 NAG RA . 17.11 16.84 39.76
O6 NAG RA . 17.58 18.72 42.83
O7 NAG RA . 13.79 12.90 39.47
C1 NAG RA . 16.14 15.95 44.38
C2 NAG RA . 16.83 14.56 44.38
C3 NAG RA . 17.30 14.23 45.81
C4 NAG RA . 17.96 15.39 46.59
C5 NAG RA . 17.29 16.75 46.31
C6 NAG RA . 18.08 17.97 46.81
C7 NAG RA . 16.21 12.31 43.54
C8 NAG RA . 15.04 11.42 43.07
N2 NAG RA . 15.88 13.56 43.89
O3 NAG RA . 18.27 13.15 45.75
O4 NAG RA . 17.83 15.16 48.05
O5 NAG RA . 17.10 16.92 44.85
O6 NAG RA . 17.33 19.16 46.46
O7 NAG RA . 17.35 11.89 43.63
C1 BMA RA . 18.16 13.85 48.62
C2 BMA RA . 19.68 13.67 48.72
C3 BMA RA . 20.01 12.29 49.32
C4 BMA RA . 19.26 12.03 50.64
C5 BMA RA . 17.77 12.36 50.54
C6 BMA RA . 17.03 12.34 51.89
O2 BMA RA . 20.22 14.70 49.60
O3 BMA RA . 21.44 12.22 49.52
O4 BMA RA . 19.38 10.62 50.97
O5 BMA RA . 17.60 13.72 49.98
O6 BMA RA . 17.01 10.99 52.39
C1 NAG SA . 19.08 25.96 43.37
C2 NAG SA . 18.73 26.38 44.81
C3 NAG SA . 19.95 26.19 45.72
C4 NAG SA . 20.45 24.74 45.66
C5 NAG SA . 20.64 24.23 44.22
C6 NAG SA . 20.83 22.72 44.15
C7 NAG SA . 18.76 28.85 44.58
C8 NAG SA . 18.00 30.15 44.89
N2 NAG SA . 18.15 27.72 44.91
O3 NAG SA . 19.61 26.54 47.08
O4 NAG SA . 21.77 24.68 46.32
O5 NAG SA . 19.45 24.57 43.39
O6 NAG SA . 20.58 22.27 42.81
O7 NAG SA . 19.89 28.84 44.08
C1 NAG SA . 21.82 24.17 47.71
C2 NAG SA . 23.29 23.89 48.10
C3 NAG SA . 23.43 23.53 49.58
C4 NAG SA . 22.73 24.58 50.47
C5 NAG SA . 21.27 24.80 50.05
C6 NAG SA . 20.54 25.89 50.86
C7 NAG SA . 24.80 22.91 46.40
C8 NAG SA . 25.19 21.64 45.64
N2 NAG SA . 23.81 22.78 47.27
O3 NAG SA . 24.82 23.44 49.97
O4 NAG SA . 22.86 24.31 51.94
O5 NAG SA . 21.27 25.17 48.62
O6 NAG SA . 21.13 27.18 50.59
O7 NAG SA . 25.37 23.99 46.21
C1 BMA SA . 22.83 22.99 52.63
C2 BMA SA . 21.50 22.21 52.52
C3 BMA SA . 21.59 20.94 53.38
C4 BMA SA . 22.81 20.07 52.98
C5 BMA SA . 24.11 20.91 53.06
C6 BMA SA . 25.38 20.16 52.61
O2 BMA SA . 21.22 21.79 51.16
O3 BMA SA . 20.37 20.18 53.23
O4 BMA SA . 22.88 18.95 53.90
O5 BMA SA . 23.96 22.14 52.24
O6 BMA SA . 25.24 19.74 51.24
C1 NAG TA . 11.17 -29.31 -33.32
C2 NAG TA . 12.07 -29.96 -34.39
C3 NAG TA . 11.35 -29.87 -35.74
C4 NAG TA . 10.03 -30.64 -35.63
C5 NAG TA . 9.13 -30.12 -34.49
C6 NAG TA . 7.94 -31.03 -34.24
C7 NAG TA . 14.41 -29.71 -33.76
C8 NAG TA . 15.67 -28.83 -33.84
N2 NAG TA . 13.36 -29.29 -34.46
O3 NAG TA . 12.14 -30.44 -36.80
O4 NAG TA . 9.34 -30.46 -36.89
O5 NAG TA . 9.88 -30.00 -33.22
O6 NAG TA . 8.40 -32.27 -33.68
O7 NAG TA . 14.38 -30.73 -33.09
C1 NAG UA . -0.93 -37.53 -18.18
C2 NAG UA . -1.45 -37.46 -19.62
C3 NAG UA . -2.98 -37.25 -19.53
C4 NAG UA . -3.61 -38.46 -18.82
C5 NAG UA . -2.97 -38.73 -17.45
C6 NAG UA . -3.39 -40.09 -16.89
C7 NAG UA . 0.01 -36.59 -21.38
C8 NAG UA . 0.55 -35.36 -22.10
N2 NAG UA . -0.84 -36.37 -20.38
O3 NAG UA . -3.57 -37.13 -20.86
O4 NAG UA . -5.00 -38.15 -18.64
O5 NAG UA . -1.48 -38.73 -17.54
O6 NAG UA . -2.69 -41.13 -17.62
O7 NAG UA . 0.32 -37.73 -21.73
C1 NAG VA . 11.63 -18.06 -36.38
C2 NAG VA . 10.45 -17.10 -36.10
C3 NAG VA . 9.43 -17.15 -37.24
C4 NAG VA . 10.13 -16.83 -38.56
C5 NAG VA . 11.30 -17.80 -38.83
C6 NAG VA . 12.12 -17.45 -40.08
C7 NAG VA . 9.36 -18.48 -34.37
C8 NAG VA . 8.95 -18.53 -32.89
N2 NAG VA . 9.87 -17.32 -34.78
O3 NAG VA . 8.39 -16.16 -37.03
O4 NAG VA . 9.14 -16.96 -39.62
O5 NAG VA . 12.22 -17.76 -37.68
O6 NAG VA . 11.27 -17.50 -41.25
O7 NAG VA . 9.27 -19.46 -35.10
C1 NAG WA . 41.93 -11.31 -44.46
C2 NAG WA . 42.89 -10.41 -45.29
C3 NAG WA . 42.06 -9.32 -45.99
C4 NAG WA . 40.97 -9.97 -46.87
C5 NAG WA . 40.09 -10.94 -46.07
C6 NAG WA . 39.10 -11.71 -46.94
C7 NAG WA . 45.07 -10.41 -44.17
C8 NAG WA . 46.10 -9.62 -43.36
N2 NAG WA . 43.92 -9.80 -44.44
O3 NAG WA . 42.90 -8.48 -46.83
O4 NAG WA . 40.15 -8.89 -47.38
O5 NAG WA . 40.95 -11.92 -45.35
O6 NAG WA . 39.80 -12.50 -47.94
O7 NAG WA . 45.29 -11.55 -44.55
C1 NAG XA . -43.90 5.44 11.81
C2 NAG XA . -45.42 5.49 11.60
C3 NAG XA . -45.85 6.94 11.78
C4 NAG XA . -45.53 7.38 13.22
C5 NAG XA . -44.04 7.18 13.58
C6 NAG XA . -43.80 7.34 15.08
C7 NAG XA . -46.04 3.73 10.02
C8 NAG XA . -46.25 3.36 8.56
N2 NAG XA . -45.78 5.01 10.26
O3 NAG XA . -47.28 7.11 11.55
O4 NAG XA . -45.83 8.80 13.30
O5 NAG XA . -43.57 5.83 13.18
O6 NAG XA . -44.43 6.25 15.78
O7 NAG XA . -46.11 2.90 10.92
C1 NAG YA . -31.51 -1.42 27.34
C2 NAG YA . -32.19 -0.03 27.41
C3 NAG YA . -31.31 0.87 28.27
C4 NAG YA . -31.20 0.29 29.69
C5 NAG YA . -30.71 -1.18 29.69
C6 NAG YA . -30.90 -1.84 31.06
C7 NAG YA . -33.55 0.78 25.54
C8 NAG YA . -33.55 1.46 24.17
N2 NAG YA . -32.36 0.55 26.08
O3 NAG YA . -31.86 2.21 28.37
O4 NAG YA . -30.26 1.10 30.42
O5 NAG YA . -31.47 -1.98 28.69
O6 NAG YA . -32.29 -2.19 31.22
O7 NAG YA . -34.59 0.46 26.10
C1 NAG ZA . -40.46 11.77 2.52
C2 NAG ZA . -39.21 12.68 2.53
C3 NAG ZA . -39.57 14.07 3.08
C4 NAG ZA . -40.72 14.67 2.25
C5 NAG ZA . -41.95 13.74 2.25
C6 NAG ZA . -43.08 14.21 1.32
C7 NAG ZA . -38.09 11.66 4.47
C8 NAG ZA . -36.81 10.96 4.97
N2 NAG ZA . -38.08 12.07 3.22
O3 NAG ZA . -38.44 14.97 2.99
O4 NAG ZA . -41.06 15.93 2.86
O5 NAG ZA . -41.53 12.40 1.77
O6 NAG ZA . -43.51 15.54 1.70
O7 NAG ZA . -39.08 11.80 5.20
C1 NAG AB . -57.56 2.38 -23.27
C2 NAG AB . -58.04 2.75 -24.70
C3 NAG AB . -57.94 4.26 -24.96
C4 NAG AB . -58.59 5.07 -23.83
C5 NAG AB . -57.95 4.70 -22.49
C6 NAG AB . -58.51 5.47 -21.30
C7 NAG AB . -57.58 0.86 -26.20
C8 NAG AB . -56.63 0.28 -27.26
N2 NAG AB . -57.23 2.04 -25.70
O3 NAG AB . -58.59 4.60 -26.22
O4 NAG AB . -58.38 6.46 -24.13
O5 NAG AB . -58.16 3.26 -22.27
O6 NAG AB . -59.78 4.90 -20.94
O7 NAG AB . -58.59 0.26 -25.84
C1 NAG BB . 32.91 19.57 25.11
C2 NAG BB . 33.52 20.65 26.05
C3 NAG BB . 34.66 21.33 25.31
C4 NAG BB . 35.72 20.29 24.94
C5 NAG BB . 35.13 19.15 24.08
C6 NAG BB . 36.13 18.02 23.86
C7 NAG BB . 31.78 21.50 27.53
C8 NAG BB . 30.63 22.49 27.70
N2 NAG BB . 32.50 21.62 26.43
O3 NAG BB . 35.28 22.37 26.12
O4 NAG BB . 36.75 20.97 24.18
O5 NAG BB . 33.91 18.58 24.72
O6 NAG BB . 36.37 17.34 25.12
O7 NAG BB . 32.01 20.63 28.36
C1 NAG CB . 34.16 -1.40 24.02
C2 NAG CB . 35.30 -0.54 23.44
C3 NAG CB . 35.93 -1.32 22.28
C4 NAG CB . 36.51 -2.65 22.80
C5 NAG CB . 35.47 -3.48 23.58
C6 NAG CB . 36.15 -4.60 24.37
C7 NAG CB . 35.11 1.90 23.60
C8 NAG CB . 34.63 3.18 22.89
N2 NAG CB . 34.80 0.76 22.98
O3 NAG CB . 37.01 -0.56 21.68
O4 NAG CB . 36.96 -3.40 21.65
O5 NAG CB . 34.75 -2.63 24.57
O6 NAG CB . 36.81 -4.05 25.53
O7 NAG CB . 35.72 1.92 24.65
C1 NAG DB . 28.04 26.49 17.07
C2 NAG DB . 28.09 25.87 15.65
C3 NAG DB . 29.33 26.35 14.87
C4 NAG DB . 29.38 27.88 14.86
C5 NAG DB . 29.39 28.45 16.29
C6 NAG DB . 29.32 29.97 16.35
C7 NAG DB . 28.78 23.59 16.32
C8 NAG DB . 28.43 22.10 16.26
N2 NAG DB . 27.95 24.41 15.68
O3 NAG DB . 29.30 25.87 13.51
O4 NAG DB . 30.61 28.26 14.19
O5 NAG DB . 28.18 27.94 16.99
O6 NAG DB . 30.48 30.53 15.70
O7 NAG DB . 29.76 24.01 16.94
C1 NAG EB . 13.79 51.11 32.68
C2 NAG EB . 13.22 52.55 32.64
C3 NAG EB . 13.47 53.17 31.26
C4 NAG EB . 14.96 53.12 30.92
C5 NAG EB . 15.50 51.68 30.98
C6 NAG EB . 17.01 51.58 30.72
C7 NAG EB . 11.30 52.65 34.18
C8 NAG EB . 9.78 52.75 34.32
N2 NAG EB . 11.78 52.55 32.94
O3 NAG EB . 13.03 54.57 31.24
O4 NAG EB . 15.10 53.62 29.56
O5 NAG EB . 15.20 51.13 32.33
O6 NAG EB . 17.74 52.30 31.73
O7 NAG EB . 12.05 52.65 35.15
#